data_5FIF
#
_entry.id   5FIF
#
_cell.length_a   111.470
_cell.length_b   149.570
_cell.length_c   189.300
_cell.angle_alpha   90.00
_cell.angle_beta   90.00
_cell.angle_gamma   90.00
#
_symmetry.space_group_name_H-M   'P 21 21 21'
#
loop_
_entity.id
_entity.type
_entity.pdbx_description
1 polymer Carboxylase
2 non-polymer 1,2-ETHANEDIOL
3 water water
#
_entity_poly.entity_id   1
_entity_poly.type   'polypeptide(L)'
_entity_poly.pdbx_seq_one_letter_code
;MAHHHHHHHHHHKLTSLYKKAGLENLYFQGLAADEGADDAVAAEEERDLDALPASYADWQRRLRATTDEARPAAVEKRHA
AGKLTARENVAALLDAGSFNEHGALALAAQRGRRSEEELLALSPADGLITGVGTVNAGQFPDTAACAVAAYDYTVLAGTQ
GYFNHHKLDRLIALAGQWKWPLVLFAEGGGGRPGDTDMPVAAALVTPTFLNFAALSGQVPLVGVAAGACFAGNAALLGCC
DVVIATRDSSIGLGGPAMIEGGGLGVVAAGDIGPAEVLAQKGVVDLLAENDAEANELARRYLTYFQGDVTGWEAADQREL
RWVIPQVRKRAYDVRALLHLLADTGSVLELRRAFAPGLLTALVRIGGKAFGVIANDPAVLGGAIDAAGADKAARFLNLCD
THRLPVLSLVDTPGFMVGPASEAEGAVRHVSRLFVRAAKLTVPFFAVVTRRAYGLGAQAMAAGSLHAPALTVSWPGGEFG
PMGLEGAVRLGYRRELAAVSDPQEREALYQKLVAQAYAQGEAVNVAAHLEVDAVIDPAETRNWLLRALRVSPYSAQRREG
GLVDPW
;
_entity_poly.pdbx_strand_id   A,B,C,D,E,F
#
# COMPACT_ATOMS: atom_id res chain seq x y z
N LEU A 49 -41.84 -7.27 -42.08
CA LEU A 49 -40.71 -7.12 -42.98
C LEU A 49 -39.52 -6.47 -42.26
N ASP A 50 -38.53 -7.27 -41.89
CA ASP A 50 -37.35 -6.77 -41.20
C ASP A 50 -36.18 -6.74 -42.18
N ALA A 51 -36.05 -5.61 -42.87
CA ALA A 51 -34.88 -5.30 -43.68
C ALA A 51 -34.21 -4.07 -43.04
N LEU A 52 -33.49 -3.27 -43.84
CA LEU A 52 -32.80 -2.13 -43.26
C LEU A 52 -33.41 -0.81 -43.73
N PRO A 53 -33.48 0.19 -42.87
CA PRO A 53 -33.91 1.52 -43.31
C PRO A 53 -33.08 1.99 -44.51
N ALA A 54 -33.74 2.73 -45.40
CA ALA A 54 -33.07 3.23 -46.60
C ALA A 54 -31.92 4.18 -46.26
N SER A 55 -31.98 4.83 -45.09
CA SER A 55 -30.94 5.79 -44.72
C SER A 55 -29.61 5.12 -44.39
N TYR A 56 -29.60 3.80 -44.16
CA TYR A 56 -28.35 3.10 -43.89
C TYR A 56 -27.50 2.93 -45.15
N ALA A 57 -27.98 3.36 -46.31
CA ALA A 57 -27.33 3.06 -47.58
C ALA A 57 -25.95 3.70 -47.67
N ASP A 58 -25.86 4.98 -47.30
CA ASP A 58 -24.58 5.69 -47.38
C ASP A 58 -23.55 5.04 -46.48
N TRP A 59 -23.94 4.73 -45.23
CA TRP A 59 -23.05 4.04 -44.31
C TRP A 59 -22.65 2.68 -44.85
N GLN A 60 -23.61 1.91 -45.37
CA GLN A 60 -23.30 0.62 -45.96
C GLN A 60 -22.33 0.77 -47.14
N ARG A 61 -22.50 1.82 -47.93
CA ARG A 61 -21.64 2.04 -49.09
C ARG A 61 -20.20 2.26 -48.67
N ARG A 62 -19.97 3.18 -47.73
CA ARG A 62 -18.61 3.46 -47.30
C ARG A 62 -18.02 2.30 -46.49
N LEU A 63 -18.87 1.51 -45.84
CA LEU A 63 -18.39 0.34 -45.09
C LEU A 63 -17.98 -0.77 -46.04
N ARG A 64 -18.72 -0.97 -47.15
CA ARG A 64 -18.31 -1.94 -48.15
C ARG A 64 -16.97 -1.58 -48.77
N ALA A 65 -16.69 -0.28 -48.92
CA ALA A 65 -15.46 0.17 -49.56
C ALA A 65 -14.22 -0.25 -48.79
N THR A 66 -14.35 -0.56 -47.50
CA THR A 66 -13.22 -1.01 -46.69
C THR A 66 -12.94 -2.50 -46.85
N THR A 67 -13.86 -3.25 -47.46
CA THR A 67 -13.75 -4.70 -47.53
C THR A 67 -12.84 -5.11 -48.69
N ASP A 68 -12.22 -6.29 -48.54
CA ASP A 68 -11.45 -6.86 -49.63
C ASP A 68 -12.32 -7.11 -50.86
N GLU A 69 -13.59 -7.44 -50.63
CA GLU A 69 -14.50 -7.72 -51.75
C GLU A 69 -14.55 -6.55 -52.72
N ALA A 70 -14.58 -5.32 -52.20
CA ALA A 70 -14.67 -4.13 -53.03
C ALA A 70 -13.32 -3.72 -53.61
N ARG A 71 -12.26 -4.51 -53.39
CA ARG A 71 -10.91 -4.14 -53.82
C ARG A 71 -10.24 -5.34 -54.47
N PRO A 72 -10.79 -5.83 -55.59
CA PRO A 72 -10.17 -7.01 -56.24
C PRO A 72 -8.74 -6.77 -56.66
N ALA A 73 -8.45 -5.61 -57.22
CA ALA A 73 -7.08 -5.32 -57.68
C ALA A 73 -6.09 -5.46 -56.53
N ALA A 74 -6.45 -4.96 -55.34
CA ALA A 74 -5.55 -5.01 -54.20
C ALA A 74 -5.36 -6.44 -53.70
N VAL A 75 -6.43 -7.24 -53.72
CA VAL A 75 -6.33 -8.63 -53.30
C VAL A 75 -5.37 -9.39 -54.21
N GLU A 76 -5.50 -9.20 -55.52
CA GLU A 76 -4.68 -9.96 -56.46
C GLU A 76 -3.22 -9.54 -56.41
N LYS A 77 -2.96 -8.23 -56.38
CA LYS A 77 -1.59 -7.76 -56.18
C LYS A 77 -0.98 -8.40 -54.95
N ARG A 78 -1.80 -8.61 -53.92
CA ARG A 78 -1.35 -9.25 -52.68
C ARG A 78 -1.20 -10.75 -52.87
N HIS A 79 -2.26 -11.40 -53.35
CA HIS A 79 -2.23 -12.86 -53.48
C HIS A 79 -1.25 -13.33 -54.53
N ALA A 80 -1.02 -12.52 -55.57
CA ALA A 80 -0.03 -12.87 -56.57
C ALA A 80 1.33 -13.09 -55.94
N ALA A 81 1.64 -12.37 -54.87
CA ALA A 81 2.93 -12.46 -54.19
C ALA A 81 2.93 -13.48 -53.05
N GLY A 82 1.88 -14.28 -52.93
CA GLY A 82 1.78 -15.21 -51.83
C GLY A 82 1.57 -14.54 -50.48
N LYS A 83 0.96 -13.36 -50.48
CA LYS A 83 0.82 -12.55 -49.28
C LYS A 83 -0.65 -12.44 -48.87
N LEU A 84 -0.83 -12.02 -47.62
CA LEU A 84 -2.16 -11.79 -47.06
C LEU A 84 -2.45 -10.29 -47.06
N THR A 85 -3.74 -9.96 -47.16
CA THR A 85 -4.15 -8.57 -46.99
C THR A 85 -4.25 -8.25 -45.50
N ALA A 86 -4.31 -6.95 -45.20
CA ALA A 86 -4.49 -6.53 -43.82
C ALA A 86 -5.75 -7.14 -43.21
N ARG A 87 -6.85 -7.14 -43.98
CA ARG A 87 -8.09 -7.75 -43.49
C ARG A 87 -7.90 -9.23 -43.23
N GLU A 88 -7.14 -9.92 -44.09
CA GLU A 88 -6.95 -11.36 -43.92
C GLU A 88 -6.12 -11.66 -42.67
N ASN A 89 -5.14 -10.82 -42.36
CA ASN A 89 -4.36 -11.02 -41.15
C ASN A 89 -5.25 -10.89 -39.91
N VAL A 90 -6.17 -9.92 -39.91
CA VAL A 90 -7.08 -9.76 -38.78
C VAL A 90 -8.05 -10.95 -38.72
N ALA A 91 -8.52 -11.42 -39.87
CA ALA A 91 -9.42 -12.58 -39.88
C ALA A 91 -8.69 -13.83 -39.42
N ALA A 92 -7.40 -13.96 -39.76
CA ALA A 92 -6.62 -15.13 -39.39
C ALA A 92 -6.17 -15.09 -37.95
N LEU A 93 -5.98 -13.90 -37.38
CA LEU A 93 -5.52 -13.79 -36.00
C LEU A 93 -6.66 -13.98 -35.00
N LEU A 94 -7.77 -13.29 -35.22
CA LEU A 94 -8.84 -13.19 -34.24
C LEU A 94 -9.94 -14.21 -34.50
N ASP A 95 -10.66 -14.56 -33.45
CA ASP A 95 -11.81 -15.45 -33.55
C ASP A 95 -12.97 -14.75 -34.23
N ALA A 96 -13.73 -15.50 -35.03
CA ALA A 96 -14.79 -14.93 -35.84
C ALA A 96 -15.88 -14.32 -34.95
N GLY A 97 -16.31 -13.11 -35.31
CA GLY A 97 -17.40 -12.44 -34.63
C GLY A 97 -17.01 -11.67 -33.38
N SER A 98 -15.74 -11.67 -33.00
CA SER A 98 -15.30 -11.06 -31.75
C SER A 98 -14.77 -9.63 -31.93
N PHE A 99 -14.70 -9.14 -33.16
CA PHE A 99 -13.95 -7.92 -33.45
C PHE A 99 -14.83 -6.68 -33.26
N ASN A 100 -14.40 -5.81 -32.36
CA ASN A 100 -14.89 -4.43 -32.28
C ASN A 100 -13.89 -3.54 -33.00
N GLU A 101 -14.26 -3.05 -34.18
CA GLU A 101 -13.35 -2.26 -35.00
C GLU A 101 -13.52 -0.78 -34.69
N HIS A 102 -12.39 -0.09 -34.52
CA HIS A 102 -12.35 1.35 -34.29
C HIS A 102 -11.82 2.03 -35.54
N GLY A 103 -12.60 2.95 -36.09
CA GLY A 103 -12.11 3.78 -37.18
C GLY A 103 -12.18 3.16 -38.56
N ALA A 104 -13.08 2.20 -38.77
CA ALA A 104 -13.18 1.55 -40.08
C ALA A 104 -13.44 2.56 -41.19
N LEU A 105 -14.23 3.60 -40.90
CA LEU A 105 -14.65 4.54 -41.91
C LEU A 105 -13.65 5.67 -42.16
N ALA A 106 -12.48 5.63 -41.54
CA ALA A 106 -11.50 6.69 -41.70
C ALA A 106 -11.00 6.75 -43.14
N LEU A 107 -10.64 7.96 -43.58
CA LEU A 107 -10.04 8.20 -44.88
C LEU A 107 -8.83 9.11 -44.72
N ALA A 108 -8.05 9.23 -45.78
CA ALA A 108 -6.81 9.99 -45.73
C ALA A 108 -7.09 11.48 -45.57
N ALA A 109 -6.15 12.17 -44.92
CA ALA A 109 -6.27 13.61 -44.67
C ALA A 109 -5.89 14.40 -45.92
N GLN A 110 -6.63 14.12 -47.00
CA GLN A 110 -6.38 14.76 -48.28
C GLN A 110 -7.68 15.20 -48.93
N ARG A 111 -8.66 15.57 -48.11
CA ARG A 111 -9.97 15.97 -48.62
C ARG A 111 -9.92 17.28 -49.40
N GLY A 112 -8.91 18.11 -49.18
CA GLY A 112 -8.80 19.36 -49.90
C GLY A 112 -8.36 19.20 -51.34
N ARG A 113 -7.69 18.09 -51.65
CA ARG A 113 -7.13 17.86 -52.97
C ARG A 113 -7.81 16.73 -53.73
N ARG A 114 -8.75 16.00 -53.11
CA ARG A 114 -9.36 14.85 -53.73
C ARG A 114 -10.86 14.81 -53.44
N SER A 115 -11.61 14.22 -54.38
CA SER A 115 -13.03 14.00 -54.18
C SER A 115 -13.24 12.90 -53.14
N GLU A 116 -14.44 12.89 -52.55
CA GLU A 116 -14.75 11.89 -51.55
C GLU A 116 -14.72 10.48 -52.15
N GLU A 117 -15.12 10.35 -53.41
CA GLU A 117 -15.08 9.05 -54.08
C GLU A 117 -13.65 8.59 -54.31
N GLU A 118 -12.75 9.53 -54.60
CA GLU A 118 -11.35 9.18 -54.82
C GLU A 118 -10.68 8.74 -53.52
N LEU A 119 -10.98 9.45 -52.42
CA LEU A 119 -10.44 9.06 -51.12
C LEU A 119 -10.96 7.70 -50.68
N LEU A 120 -12.21 7.38 -51.03
CA LEU A 120 -12.80 6.12 -50.61
C LEU A 120 -12.07 4.93 -51.24
N ALA A 121 -11.64 5.08 -52.49
CA ALA A 121 -10.89 4.03 -53.16
C ALA A 121 -9.40 4.08 -52.84
N LEU A 122 -8.89 5.27 -52.53
CA LEU A 122 -7.46 5.46 -52.33
C LEU A 122 -7.02 5.05 -50.93
N SER A 123 -7.85 5.30 -49.92
CA SER A 123 -7.43 5.17 -48.52
C SER A 123 -8.58 4.67 -47.66
N PRO A 124 -9.04 3.44 -47.88
CA PRO A 124 -10.00 2.84 -46.95
C PRO A 124 -9.34 2.59 -45.60
N ALA A 125 -10.05 2.97 -44.53
CA ALA A 125 -9.54 2.87 -43.16
C ALA A 125 -8.25 3.66 -42.97
N ASP A 126 -7.94 4.54 -43.91
CA ASP A 126 -6.67 5.27 -43.94
C ASP A 126 -5.48 4.33 -43.84
N GLY A 127 -5.62 3.12 -44.37
CA GLY A 127 -4.52 2.19 -44.47
C GLY A 127 -4.16 1.47 -43.20
N LEU A 128 -4.99 1.52 -42.16
CA LEU A 128 -4.68 0.88 -40.88
C LEU A 128 -5.98 0.36 -40.26
N ILE A 129 -6.00 -0.94 -39.97
CA ILE A 129 -7.13 -1.58 -39.30
C ILE A 129 -6.80 -1.66 -37.81
N THR A 130 -7.64 -1.04 -36.98
CA THR A 130 -7.45 -1.04 -35.53
C THR A 130 -8.73 -1.50 -34.85
N GLY A 131 -8.59 -2.40 -33.87
CA GLY A 131 -9.73 -2.84 -33.09
C GLY A 131 -9.31 -3.86 -32.06
N VAL A 132 -10.30 -4.43 -31.37
CA VAL A 132 -10.06 -5.44 -30.35
C VAL A 132 -11.00 -6.62 -30.59
N GLY A 133 -10.45 -7.82 -30.45
CA GLY A 133 -11.21 -9.05 -30.54
C GLY A 133 -10.68 -10.08 -29.57
N THR A 134 -10.76 -11.36 -29.94
CA THR A 134 -10.23 -12.42 -29.11
C THR A 134 -9.34 -13.32 -29.95
N VAL A 135 -8.34 -13.91 -29.30
CA VAL A 135 -7.43 -14.85 -29.94
C VAL A 135 -7.37 -16.11 -29.10
N ASN A 136 -7.47 -17.27 -29.76
CA ASN A 136 -7.40 -18.57 -29.08
C ASN A 136 -8.47 -18.70 -28.00
N ALA A 137 -9.62 -18.04 -28.18
CA ALA A 137 -10.67 -18.07 -27.18
C ALA A 137 -11.23 -19.48 -26.98
N GLY A 138 -11.08 -20.36 -27.96
CA GLY A 138 -11.52 -21.74 -27.78
C GLY A 138 -10.79 -22.41 -26.63
N GLN A 139 -9.47 -22.26 -26.58
CA GLN A 139 -8.66 -22.86 -25.53
C GLN A 139 -8.59 -21.99 -24.27
N PHE A 140 -8.64 -20.66 -24.44
CA PHE A 140 -8.43 -19.73 -23.33
C PHE A 140 -9.59 -18.74 -23.29
N PRO A 141 -10.80 -19.22 -23.00
CA PRO A 141 -11.98 -18.34 -23.06
C PRO A 141 -11.92 -17.15 -22.11
N ASP A 142 -11.22 -17.27 -20.99
CA ASP A 142 -11.19 -16.22 -19.98
C ASP A 142 -9.98 -15.30 -20.09
N THR A 143 -9.09 -15.56 -21.04
CA THR A 143 -7.88 -14.75 -21.22
C THR A 143 -7.59 -14.55 -22.70
N ALA A 144 -8.63 -14.26 -23.48
CA ALA A 144 -8.53 -14.22 -24.93
C ALA A 144 -8.44 -12.82 -25.49
N ALA A 145 -8.51 -11.77 -24.67
CA ALA A 145 -8.47 -10.41 -25.17
C ALA A 145 -7.27 -10.21 -26.07
N CYS A 146 -7.47 -9.51 -27.18
CA CYS A 146 -6.38 -9.27 -28.13
C CYS A 146 -6.71 -8.06 -28.99
N ALA A 147 -5.90 -7.02 -28.89
CA ALA A 147 -5.96 -5.89 -29.81
C ALA A 147 -5.11 -6.16 -31.05
N VAL A 148 -5.52 -5.59 -32.18
CA VAL A 148 -4.73 -5.64 -33.41
C VAL A 148 -4.57 -4.25 -33.99
N ALA A 149 -3.43 -4.05 -34.65
CA ALA A 149 -3.23 -2.92 -35.55
C ALA A 149 -2.48 -3.44 -36.76
N ALA A 150 -3.15 -3.49 -37.91
CA ALA A 150 -2.57 -4.05 -39.14
C ALA A 150 -2.56 -2.99 -40.22
N TYR A 151 -1.37 -2.55 -40.62
CA TYR A 151 -1.23 -1.65 -41.75
C TYR A 151 -1.55 -2.38 -43.05
N ASP A 152 -2.13 -1.65 -44.00
CA ASP A 152 -2.47 -2.18 -45.31
C ASP A 152 -1.54 -1.56 -46.34
N TYR A 153 -0.56 -2.34 -46.81
CA TYR A 153 0.43 -1.82 -47.74
C TYR A 153 -0.17 -1.38 -49.08
N THR A 154 -1.37 -1.86 -49.41
CA THR A 154 -2.04 -1.44 -50.62
C THR A 154 -2.64 -0.04 -50.50
N VAL A 155 -2.68 0.52 -49.31
CA VAL A 155 -3.19 1.87 -49.07
C VAL A 155 -1.97 2.77 -48.84
N LEU A 156 -1.59 3.51 -49.88
CA LEU A 156 -0.51 4.49 -49.75
C LEU A 156 0.74 3.86 -49.15
N ALA A 157 1.06 2.65 -49.61
CA ALA A 157 2.28 1.96 -49.20
C ALA A 157 2.34 1.76 -47.69
N GLY A 158 1.18 1.64 -47.06
CA GLY A 158 1.13 1.43 -45.61
C GLY A 158 1.83 2.51 -44.83
N THR A 159 1.92 3.72 -45.37
CA THR A 159 2.58 4.80 -44.67
C THR A 159 1.72 5.30 -43.51
N GLN A 160 2.36 6.01 -42.59
CA GLN A 160 1.71 6.52 -41.39
C GLN A 160 1.23 7.95 -41.65
N GLY A 161 -0.09 8.13 -41.71
CA GLY A 161 -0.69 9.42 -41.97
C GLY A 161 -1.37 9.99 -40.73
N TYR A 162 -2.05 11.12 -40.95
CA TYR A 162 -2.66 11.85 -39.84
C TYR A 162 -3.69 10.99 -39.12
N PHE A 163 -4.64 10.41 -39.87
CA PHE A 163 -5.75 9.73 -39.22
C PHE A 163 -5.36 8.36 -38.67
N ASN A 164 -4.56 7.58 -39.40
CA ASN A 164 -4.19 6.28 -38.86
C ASN A 164 -3.26 6.41 -37.67
N HIS A 165 -2.58 7.55 -37.53
CA HIS A 165 -1.84 7.83 -36.30
C HIS A 165 -2.80 7.97 -35.12
N HIS A 166 -3.86 8.76 -35.29
CA HIS A 166 -4.84 8.92 -34.23
C HIS A 166 -5.58 7.61 -33.97
N LYS A 167 -5.85 6.83 -35.02
CA LYS A 167 -6.46 5.52 -34.82
C LYS A 167 -5.59 4.65 -33.92
N LEU A 168 -4.27 4.66 -34.16
CA LEU A 168 -3.36 3.88 -33.33
C LEU A 168 -3.23 4.49 -31.94
N ASP A 169 -3.25 5.82 -31.84
CA ASP A 169 -3.19 6.46 -30.53
C ASP A 169 -4.34 5.99 -29.65
N ARG A 170 -5.55 5.94 -30.20
CA ARG A 170 -6.70 5.52 -29.40
C ARG A 170 -6.62 4.06 -29.02
N LEU A 171 -6.10 3.20 -29.91
CA LEU A 171 -5.96 1.79 -29.58
C LEU A 171 -4.91 1.58 -28.49
N ILE A 172 -3.80 2.32 -28.57
CA ILE A 172 -2.76 2.21 -27.54
C ILE A 172 -3.30 2.64 -26.18
N ALA A 173 -4.01 3.77 -26.14
CA ALA A 173 -4.56 4.25 -24.88
C ALA A 173 -5.54 3.26 -24.28
N LEU A 174 -6.41 2.69 -25.11
CA LEU A 174 -7.35 1.69 -24.63
C LEU A 174 -6.64 0.42 -24.21
N ALA A 175 -5.62 0.00 -24.97
CA ALA A 175 -4.89 -1.22 -24.65
C ALA A 175 -4.20 -1.12 -23.30
N GLY A 176 -3.65 0.06 -22.98
CA GLY A 176 -2.98 0.23 -21.71
C GLY A 176 -3.94 0.27 -20.53
N GLN A 177 -5.08 0.94 -20.70
CA GLN A 177 -6.03 1.07 -19.61
C GLN A 177 -6.72 -0.26 -19.30
N TRP A 178 -7.06 -1.02 -20.34
CA TRP A 178 -7.81 -2.26 -20.18
C TRP A 178 -6.95 -3.50 -20.35
N LYS A 179 -5.63 -3.33 -20.51
CA LYS A 179 -4.67 -4.43 -20.51
C LYS A 179 -4.90 -5.40 -21.67
N TRP A 180 -4.90 -4.84 -22.89
CA TRP A 180 -5.07 -5.66 -24.09
C TRP A 180 -3.71 -6.04 -24.66
N PRO A 181 -3.41 -7.32 -24.86
CA PRO A 181 -2.29 -7.68 -25.74
C PRO A 181 -2.51 -7.09 -27.13
N LEU A 182 -1.42 -6.69 -27.77
CA LEU A 182 -1.49 -5.98 -29.04
C LEU A 182 -0.61 -6.70 -30.06
N VAL A 183 -1.22 -7.05 -31.20
CA VAL A 183 -0.50 -7.65 -32.33
C VAL A 183 -0.41 -6.58 -33.42
N LEU A 184 0.82 -6.27 -33.83
CA LEU A 184 1.09 -5.23 -34.81
C LEU A 184 1.60 -5.88 -36.10
N PHE A 185 0.88 -5.63 -37.21
CA PHE A 185 1.38 -5.95 -38.54
C PHE A 185 1.95 -4.64 -39.10
N ALA A 186 3.27 -4.50 -39.05
CA ALA A 186 3.93 -3.21 -39.18
C ALA A 186 4.32 -2.85 -40.61
N GLU A 187 4.02 -3.69 -41.58
CA GLU A 187 4.38 -3.43 -42.98
C GLU A 187 3.98 -2.02 -43.39
N GLY A 188 4.96 -1.25 -43.86
CA GLY A 188 4.71 0.11 -44.29
C GLY A 188 6.00 0.89 -44.42
N GLY A 189 5.89 2.02 -45.11
CA GLY A 189 7.06 2.80 -45.49
C GLY A 189 7.31 4.03 -44.63
N GLY A 190 6.67 4.11 -43.47
CA GLY A 190 6.92 5.19 -42.55
C GLY A 190 6.01 6.39 -42.72
N GLY A 191 6.49 7.55 -42.30
CA GLY A 191 5.70 8.78 -42.35
C GLY A 191 5.17 9.09 -43.73
N ARG A 192 3.87 9.46 -43.80
CA ARG A 192 3.22 9.67 -45.08
C ARG A 192 3.38 11.10 -45.54
N PRO A 193 3.82 11.35 -46.77
CA PRO A 193 3.83 12.70 -47.32
C PRO A 193 2.54 12.98 -48.08
N GLY A 194 2.08 14.23 -47.98
CA GLY A 194 0.95 14.68 -48.75
C GLY A 194 -0.38 14.74 -48.03
N ASP A 195 -0.42 14.56 -46.71
CA ASP A 195 -1.64 14.79 -45.93
C ASP A 195 -1.77 16.30 -45.73
N THR A 196 -2.22 16.97 -46.79
CA THR A 196 -2.22 18.41 -46.87
C THR A 196 -3.31 19.07 -46.03
N ASP A 197 -4.26 18.30 -45.50
CA ASP A 197 -5.38 18.89 -44.77
C ASP A 197 -4.96 19.66 -43.53
N MET A 198 -3.75 19.41 -43.01
CA MET A 198 -3.37 19.98 -41.72
C MET A 198 -3.21 21.52 -41.76
N PRO A 199 -1.98 22.07 -41.95
CA PRO A 199 -0.59 21.63 -42.10
C PRO A 199 0.12 21.45 -40.77
N VAL A 200 1.43 21.29 -40.85
CA VAL A 200 2.28 21.07 -39.68
C VAL A 200 3.55 21.89 -39.88
N ALA A 201 4.30 22.05 -38.80
CA ALA A 201 5.60 22.70 -38.88
C ALA A 201 6.67 21.64 -39.08
N ALA A 202 7.01 20.93 -38.00
CA ALA A 202 7.95 19.83 -38.05
C ALA A 202 7.30 18.48 -37.76
N ALA A 203 6.13 18.47 -37.13
CA ALA A 203 5.40 17.23 -36.87
C ALA A 203 6.25 16.25 -36.06
N LEU A 204 6.96 16.78 -35.06
CA LEU A 204 7.78 15.98 -34.15
C LEU A 204 7.15 15.86 -32.78
N VAL A 205 5.84 16.11 -32.67
CA VAL A 205 5.12 16.00 -31.41
C VAL A 205 4.33 14.70 -31.29
N THR A 206 4.21 13.95 -32.38
CA THR A 206 3.42 12.73 -32.43
C THR A 206 3.78 11.80 -31.26
N PRO A 207 2.86 11.52 -30.35
CA PRO A 207 3.18 10.66 -29.20
C PRO A 207 3.03 9.17 -29.45
N THR A 208 2.69 8.77 -30.68
CA THR A 208 2.40 7.36 -30.95
C THR A 208 3.54 6.45 -30.55
N PHE A 209 4.78 6.83 -30.88
CA PHE A 209 5.92 5.94 -30.66
C PHE A 209 6.27 5.86 -29.17
N LEU A 210 6.13 6.97 -28.45
CA LEU A 210 6.34 6.94 -27.01
C LEU A 210 5.24 6.15 -26.31
N ASN A 211 3.98 6.40 -26.69
CA ASN A 211 2.87 5.72 -26.05
C ASN A 211 2.81 4.23 -26.40
N PHE A 212 3.22 3.86 -27.61
CA PHE A 212 3.29 2.44 -27.94
C PHE A 212 4.38 1.75 -27.13
N ALA A 213 5.55 2.36 -27.05
CA ALA A 213 6.63 1.79 -26.24
C ALA A 213 6.22 1.70 -24.77
N ALA A 214 5.34 2.59 -24.33
CA ALA A 214 4.88 2.56 -22.93
C ALA A 214 4.07 1.31 -22.63
N LEU A 215 3.50 0.65 -23.64
CA LEU A 215 2.81 -0.61 -23.42
C LEU A 215 3.76 -1.73 -23.01
N SER A 216 5.05 -1.58 -23.29
CA SER A 216 6.03 -2.59 -22.92
C SER A 216 6.04 -2.80 -21.41
N GLY A 217 5.87 -4.04 -20.99
CA GLY A 217 5.77 -4.37 -19.58
C GLY A 217 4.36 -4.41 -19.04
N GLN A 218 3.40 -3.79 -19.72
CA GLN A 218 1.99 -3.82 -19.34
C GLN A 218 1.25 -4.97 -20.00
N VAL A 219 1.49 -5.19 -21.29
CA VAL A 219 0.79 -6.21 -22.06
C VAL A 219 1.76 -6.86 -23.02
N PRO A 220 1.47 -8.08 -23.46
CA PRO A 220 2.29 -8.70 -24.52
C PRO A 220 2.19 -7.88 -25.80
N LEU A 221 3.34 -7.67 -26.45
CA LEU A 221 3.42 -6.93 -27.70
C LEU A 221 4.03 -7.81 -28.77
N VAL A 222 3.27 -8.07 -29.83
CA VAL A 222 3.67 -8.95 -30.93
C VAL A 222 3.81 -8.12 -32.19
N GLY A 223 5.00 -8.13 -32.78
CA GLY A 223 5.27 -7.42 -34.02
C GLY A 223 5.45 -8.40 -35.17
N VAL A 224 4.69 -8.17 -36.24
CA VAL A 224 4.74 -8.99 -37.44
C VAL A 224 5.16 -8.09 -38.60
N ALA A 225 6.27 -8.43 -39.25
CA ALA A 225 6.77 -7.74 -40.43
C ALA A 225 6.64 -8.67 -41.63
N ALA A 226 5.84 -8.27 -42.60
CA ALA A 226 5.59 -9.07 -43.80
C ALA A 226 5.74 -8.16 -45.03
N GLY A 227 6.97 -7.74 -45.30
CA GLY A 227 7.26 -6.86 -46.42
C GLY A 227 8.19 -5.73 -46.05
N ALA A 228 7.99 -4.56 -46.64
CA ALA A 228 8.79 -3.39 -46.30
C ALA A 228 8.31 -2.79 -44.98
N CYS A 229 9.27 -2.39 -44.14
CA CYS A 229 8.95 -1.88 -42.81
C CYS A 229 10.03 -0.85 -42.46
N PHE A 230 9.72 0.43 -42.69
CA PHE A 230 10.72 1.49 -42.62
C PHE A 230 10.25 2.63 -41.72
N ALA A 231 11.23 3.28 -41.08
CA ALA A 231 11.04 4.51 -40.30
C ALA A 231 10.04 4.24 -39.18
N GLY A 232 8.98 5.05 -39.03
CA GLY A 232 8.09 4.89 -37.90
C GLY A 232 7.48 3.52 -37.81
N ASN A 233 7.26 2.85 -38.95
CA ASN A 233 6.73 1.49 -38.93
C ASN A 233 7.68 0.56 -38.20
N ALA A 234 8.98 0.68 -38.49
CA ALA A 234 9.98 -0.15 -37.83
C ALA A 234 10.23 0.31 -36.39
N ALA A 235 10.02 1.60 -36.12
CA ALA A 235 10.16 2.09 -34.75
C ALA A 235 9.18 1.41 -33.80
N LEU A 236 7.92 1.29 -34.23
CA LEU A 236 6.93 0.54 -33.45
C LEU A 236 7.34 -0.93 -33.36
N LEU A 237 7.76 -1.52 -34.47
CA LEU A 237 8.16 -2.93 -34.48
C LEU A 237 9.26 -3.20 -33.46
N GLY A 238 10.28 -2.34 -33.43
CA GLY A 238 11.41 -2.57 -32.56
C GLY A 238 11.09 -2.56 -31.08
N CYS A 239 9.94 -2.00 -30.70
CA CYS A 239 9.53 -1.91 -29.30
C CYS A 239 8.71 -3.09 -28.83
N CYS A 240 8.46 -4.07 -29.68
CA CYS A 240 7.61 -5.22 -29.33
C CYS A 240 8.41 -6.25 -28.54
N ASP A 241 7.67 -7.11 -27.82
CA ASP A 241 8.31 -8.20 -27.09
C ASP A 241 8.99 -9.19 -28.03
N VAL A 242 8.31 -9.52 -29.14
CA VAL A 242 8.84 -10.45 -30.13
C VAL A 242 8.61 -9.86 -31.51
N VAL A 243 9.58 -10.07 -32.40
CA VAL A 243 9.50 -9.60 -33.77
C VAL A 243 9.47 -10.82 -34.67
N ILE A 244 8.34 -11.02 -35.36
CA ILE A 244 8.18 -12.05 -36.36
C ILE A 244 8.31 -11.41 -37.72
N ALA A 245 9.19 -11.96 -38.57
CA ALA A 245 9.42 -11.38 -39.89
C ALA A 245 9.47 -12.49 -40.93
N THR A 246 8.82 -12.24 -42.06
CA THR A 246 8.94 -13.16 -43.20
C THR A 246 10.31 -12.96 -43.86
N ARG A 247 10.77 -14.01 -44.54
CA ARG A 247 12.08 -13.95 -45.20
C ARG A 247 12.15 -12.79 -46.19
N ASP A 248 11.05 -12.50 -46.86
CA ASP A 248 11.04 -11.45 -47.88
C ASP A 248 10.91 -10.06 -47.29
N SER A 249 11.02 -9.91 -45.97
CA SER A 249 10.87 -8.61 -45.33
C SER A 249 12.17 -7.82 -45.40
N SER A 250 12.02 -6.49 -45.32
CA SER A 250 13.15 -5.58 -45.21
C SER A 250 12.79 -4.52 -44.17
N ILE A 251 13.63 -4.40 -43.15
CA ILE A 251 13.33 -3.59 -41.98
C ILE A 251 14.48 -2.62 -41.74
N GLY A 252 14.15 -1.35 -41.51
CA GLY A 252 15.17 -0.37 -41.22
C GLY A 252 14.56 0.93 -40.75
N LEU A 253 15.40 1.75 -40.10
CA LEU A 253 14.98 3.05 -39.62
C LEU A 253 14.83 4.06 -40.75
N GLY A 254 15.30 3.74 -41.95
CA GLY A 254 15.18 4.65 -43.07
C GLY A 254 14.95 3.92 -44.38
N GLY A 255 13.94 4.36 -45.14
CA GLY A 255 13.69 3.80 -46.45
C GLY A 255 14.68 4.31 -47.47
N PRO A 256 14.55 3.78 -48.69
CA PRO A 256 15.49 4.20 -49.76
C PRO A 256 15.58 5.71 -49.91
N ALA A 257 14.46 6.41 -49.87
CA ALA A 257 14.48 7.86 -50.02
C ALA A 257 15.25 8.54 -48.90
N MET A 258 15.07 8.06 -47.67
CA MET A 258 15.79 8.63 -46.53
C MET A 258 17.29 8.33 -46.62
N ILE A 259 17.65 7.16 -47.16
CA ILE A 259 19.06 6.81 -47.30
C ILE A 259 19.71 7.68 -48.37
N GLU A 260 19.15 7.65 -49.58
CA GLU A 260 19.64 8.51 -50.65
C GLU A 260 19.50 9.98 -50.32
N GLY A 261 18.61 10.32 -49.38
CA GLY A 261 18.37 11.72 -49.06
C GLY A 261 19.53 12.42 -48.41
N GLY A 262 20.44 11.66 -47.79
CA GLY A 262 21.60 12.25 -47.17
C GLY A 262 22.85 11.40 -47.27
N GLY A 263 23.45 11.37 -48.45
CA GLY A 263 24.80 10.82 -48.63
C GLY A 263 24.95 9.38 -49.06
N LEU A 264 24.20 8.47 -48.43
CA LEU A 264 24.49 7.03 -48.50
C LEU A 264 24.03 6.37 -49.81
N GLY A 265 23.78 7.13 -50.87
CA GLY A 265 23.52 6.56 -52.18
C GLY A 265 22.24 5.72 -52.29
N VAL A 266 22.18 4.97 -53.38
CA VAL A 266 20.95 4.34 -53.86
C VAL A 266 20.97 2.88 -53.41
N VAL A 267 20.26 2.59 -52.33
CA VAL A 267 20.06 1.21 -51.89
C VAL A 267 18.65 0.77 -52.30
N ALA A 268 18.53 -0.50 -52.63
CA ALA A 268 17.22 -1.08 -52.92
C ALA A 268 16.50 -1.42 -51.63
N ALA A 269 15.17 -1.40 -51.70
CA ALA A 269 14.36 -1.61 -50.50
C ALA A 269 14.66 -2.96 -49.86
N GLY A 270 14.75 -4.02 -50.67
CA GLY A 270 15.01 -5.34 -50.13
C GLY A 270 16.37 -5.49 -49.48
N ASP A 271 17.33 -4.63 -49.82
CA ASP A 271 18.69 -4.74 -49.31
C ASP A 271 18.89 -4.01 -47.98
N ILE A 272 17.95 -3.17 -47.55
CA ILE A 272 18.17 -2.31 -46.38
C ILE A 272 18.36 -3.16 -45.13
N GLY A 273 17.45 -4.08 -44.87
CA GLY A 273 17.52 -4.91 -43.69
C GLY A 273 16.87 -6.25 -43.89
N PRO A 274 17.53 -7.13 -44.65
CA PRO A 274 16.95 -8.46 -44.91
C PRO A 274 16.69 -9.21 -43.63
N ALA A 275 15.50 -9.83 -43.55
CA ALA A 275 15.10 -10.56 -42.36
C ALA A 275 16.17 -11.58 -41.95
N GLU A 276 16.76 -12.28 -42.92
CA GLU A 276 17.78 -13.27 -42.63
C GLU A 276 18.96 -12.63 -41.90
N VAL A 277 19.41 -11.48 -42.39
CA VAL A 277 20.50 -10.76 -41.75
C VAL A 277 20.07 -10.30 -40.36
N LEU A 278 18.90 -9.67 -40.26
CA LEU A 278 18.45 -9.14 -38.99
C LEU A 278 18.17 -10.23 -37.97
N ALA A 279 17.82 -11.44 -38.44
CA ALA A 279 17.69 -12.56 -37.51
C ALA A 279 19.04 -12.93 -36.91
N GLN A 280 20.08 -12.94 -37.74
CA GLN A 280 21.43 -13.18 -37.24
C GLN A 280 21.90 -12.05 -36.33
N LYS A 281 21.50 -10.81 -36.62
CA LYS A 281 21.89 -9.65 -35.83
C LYS A 281 20.97 -9.39 -34.65
N GLY A 282 20.02 -10.29 -34.37
CA GLY A 282 19.22 -10.22 -33.16
C GLY A 282 18.04 -9.31 -33.20
N VAL A 283 17.69 -8.75 -34.38
CA VAL A 283 16.53 -7.88 -34.49
C VAL A 283 15.26 -8.70 -34.68
N VAL A 284 15.31 -9.73 -35.51
CA VAL A 284 14.17 -10.60 -35.78
C VAL A 284 14.26 -11.81 -34.87
N ASP A 285 13.18 -12.08 -34.14
CA ASP A 285 13.15 -13.19 -33.19
C ASP A 285 12.64 -14.48 -33.82
N LEU A 286 11.64 -14.37 -34.71
CA LEU A 286 11.06 -15.52 -35.37
C LEU A 286 10.99 -15.25 -36.86
N LEU A 287 11.54 -16.18 -37.65
CA LEU A 287 11.64 -16.03 -39.09
C LEU A 287 10.62 -16.94 -39.75
N ALA A 288 9.67 -16.35 -40.47
CA ALA A 288 8.59 -17.08 -41.11
C ALA A 288 8.82 -17.19 -42.62
N GLU A 289 8.24 -18.23 -43.22
CA GLU A 289 8.35 -18.44 -44.65
C GLU A 289 7.42 -17.51 -45.43
N ASN A 290 6.23 -17.23 -44.89
CA ASN A 290 5.24 -16.44 -45.61
C ASN A 290 4.33 -15.74 -44.61
N ASP A 291 3.49 -14.85 -45.14
CA ASP A 291 2.56 -14.10 -44.30
C ASP A 291 1.71 -15.01 -43.44
N ALA A 292 1.25 -16.12 -44.01
CA ALA A 292 0.34 -17.00 -43.27
C ALA A 292 1.03 -17.62 -42.06
N GLU A 293 2.27 -18.07 -42.23
CA GLU A 293 2.98 -18.68 -41.11
C GLU A 293 3.34 -17.62 -40.06
N ALA A 294 3.73 -16.43 -40.50
CA ALA A 294 4.02 -15.35 -39.57
C ALA A 294 2.80 -15.02 -38.71
N ASN A 295 1.61 -15.07 -39.33
CA ASN A 295 0.37 -14.86 -38.59
C ASN A 295 0.14 -16.00 -37.59
N GLU A 296 0.43 -17.23 -37.99
CA GLU A 296 0.24 -18.37 -37.10
C GLU A 296 1.22 -18.33 -35.93
N LEU A 297 2.47 -17.91 -36.19
CA LEU A 297 3.43 -17.78 -35.10
C LEU A 297 2.99 -16.74 -34.09
N ALA A 298 2.29 -15.69 -34.54
CA ALA A 298 1.75 -14.71 -33.61
C ALA A 298 0.73 -15.33 -32.68
N ARG A 299 -0.14 -16.20 -33.20
CA ARG A 299 -1.14 -16.85 -32.36
C ARG A 299 -0.49 -17.80 -31.35
N ARG A 300 0.43 -18.65 -31.80
CA ARG A 300 1.09 -19.57 -30.89
C ARG A 300 1.90 -18.82 -29.85
N TYR A 301 2.60 -17.77 -30.27
CA TYR A 301 3.36 -16.97 -29.30
C TYR A 301 2.49 -16.55 -28.13
N LEU A 302 1.25 -16.13 -28.41
CA LEU A 302 0.39 -15.61 -27.36
C LEU A 302 -0.08 -16.70 -26.41
N THR A 303 -0.22 -17.93 -26.88
CA THR A 303 -0.74 -19.01 -26.05
C THR A 303 0.05 -19.15 -24.75
N TYR A 304 1.38 -18.95 -24.81
CA TYR A 304 2.20 -19.10 -23.62
C TYR A 304 1.88 -18.08 -22.55
N PHE A 305 1.18 -17.00 -22.91
CA PHE A 305 0.83 -15.94 -21.97
C PHE A 305 -0.67 -15.92 -21.68
N GLN A 306 -1.39 -16.99 -22.02
CA GLN A 306 -2.84 -17.06 -21.84
C GLN A 306 -3.27 -18.07 -20.79
N GLY A 307 -2.35 -18.78 -20.16
CA GLY A 307 -2.66 -19.65 -19.03
C GLY A 307 -2.25 -21.09 -19.28
N ASP A 308 -2.62 -21.94 -18.34
CA ASP A 308 -2.28 -23.34 -18.39
C ASP A 308 -3.12 -24.08 -19.43
N VAL A 309 -2.69 -25.30 -19.74
CA VAL A 309 -3.28 -26.12 -20.79
C VAL A 309 -3.47 -27.53 -20.25
N THR A 310 -4.46 -28.24 -20.80
CA THR A 310 -4.68 -29.65 -20.49
C THR A 310 -4.64 -30.45 -21.78
N GLY A 311 -4.55 -31.78 -21.62
CA GLY A 311 -4.48 -32.66 -22.77
C GLY A 311 -3.10 -32.79 -23.38
N TRP A 312 -2.07 -32.29 -22.71
CA TRP A 312 -0.70 -32.37 -23.18
C TRP A 312 -0.24 -33.83 -23.22
N GLU A 313 0.79 -34.07 -24.05
CA GLU A 313 1.42 -35.37 -24.17
C GLU A 313 2.93 -35.21 -24.05
N ALA A 314 3.61 -36.33 -23.82
CA ALA A 314 5.06 -36.29 -23.65
C ALA A 314 5.66 -37.61 -24.08
N ALA A 315 6.85 -37.54 -24.67
CA ALA A 315 7.56 -38.73 -25.13
C ALA A 315 7.98 -39.58 -23.94
N ASP A 316 8.59 -40.73 -24.25
CA ASP A 316 9.15 -41.60 -23.23
C ASP A 316 10.37 -40.90 -22.62
N GLN A 317 10.25 -40.52 -21.34
CA GLN A 317 11.30 -39.74 -20.70
C GLN A 317 12.57 -40.55 -20.46
N ARG A 318 12.51 -41.88 -20.57
CA ARG A 318 13.68 -42.70 -20.34
C ARG A 318 14.77 -42.49 -21.38
N GLU A 319 14.40 -42.00 -22.57
CA GLU A 319 15.41 -41.71 -23.58
C GLU A 319 16.32 -40.55 -23.19
N LEU A 320 15.88 -39.70 -22.25
CA LEU A 320 16.73 -38.62 -21.76
C LEU A 320 18.01 -39.14 -21.13
N ARG A 321 18.03 -40.41 -20.70
CA ARG A 321 19.23 -41.01 -20.15
C ARG A 321 20.29 -41.26 -21.22
N TRP A 322 19.91 -41.21 -22.49
CA TRP A 322 20.78 -41.65 -23.58
C TRP A 322 21.05 -40.57 -24.60
N VAL A 323 20.58 -39.33 -24.39
CA VAL A 323 20.84 -38.28 -25.35
C VAL A 323 22.23 -37.68 -25.14
N ILE A 324 22.71 -37.61 -23.91
CA ILE A 324 24.03 -37.09 -23.61
C ILE A 324 24.99 -38.27 -23.49
N PRO A 325 25.98 -38.38 -24.37
CA PRO A 325 26.89 -39.54 -24.31
C PRO A 325 27.55 -39.68 -22.94
N GLN A 326 27.77 -40.94 -22.56
CA GLN A 326 28.60 -41.23 -21.39
C GLN A 326 30.04 -40.81 -21.64
N VAL A 327 30.44 -40.65 -22.89
CA VAL A 327 31.78 -40.21 -23.25
C VAL A 327 31.81 -38.69 -23.20
N ARG A 328 32.73 -38.13 -22.42
CA ARG A 328 32.90 -36.69 -22.39
C ARG A 328 33.28 -36.17 -23.78
N LYS A 329 33.03 -34.88 -23.99
CA LYS A 329 33.42 -34.17 -25.21
C LYS A 329 32.51 -34.51 -26.38
N ARG A 330 32.07 -35.76 -26.49
CA ARG A 330 31.16 -36.14 -27.57
C ARG A 330 29.86 -35.34 -27.44
N ALA A 331 29.57 -34.54 -28.46
CA ALA A 331 28.44 -33.63 -28.42
C ALA A 331 27.13 -34.37 -28.62
N TYR A 332 26.04 -33.62 -28.53
CA TYR A 332 24.70 -34.15 -28.70
C TYR A 332 23.83 -33.01 -29.19
N ASP A 333 22.61 -33.33 -29.62
CA ASP A 333 21.67 -32.32 -30.06
C ASP A 333 20.87 -31.86 -28.84
N VAL A 334 21.16 -30.64 -28.36
CA VAL A 334 20.45 -30.10 -27.22
C VAL A 334 18.98 -29.89 -27.54
N ARG A 335 18.68 -29.49 -28.79
CA ARG A 335 17.30 -29.32 -29.20
C ARG A 335 16.54 -30.63 -29.24
N ALA A 336 17.25 -31.75 -29.40
CA ALA A 336 16.61 -33.06 -29.25
C ALA A 336 16.26 -33.32 -27.78
N LEU A 337 17.19 -32.99 -26.87
CA LEU A 337 16.91 -33.11 -25.45
C LEU A 337 15.70 -32.30 -25.05
N LEU A 338 15.60 -31.06 -25.55
CA LEU A 338 14.52 -30.16 -25.16
C LEU A 338 13.17 -30.68 -25.64
N HIS A 339 13.09 -31.11 -26.89
CA HIS A 339 11.81 -31.59 -27.42
C HIS A 339 11.37 -32.87 -26.73
N LEU A 340 12.31 -33.71 -26.30
CA LEU A 340 11.95 -34.85 -25.46
C LEU A 340 11.35 -34.40 -24.14
N LEU A 341 11.97 -33.40 -23.51
CA LEU A 341 11.55 -32.96 -22.19
C LEU A 341 10.21 -32.23 -22.24
N ALA A 342 10.08 -31.30 -23.18
CA ALA A 342 8.89 -30.47 -23.25
C ALA A 342 7.70 -31.29 -23.72
N ASP A 343 6.50 -30.82 -23.38
CA ASP A 343 5.29 -31.42 -23.92
C ASP A 343 5.38 -31.46 -25.44
N THR A 344 4.83 -32.51 -26.03
CA THR A 344 4.94 -32.71 -27.47
C THR A 344 4.33 -31.52 -28.22
N GLY A 345 5.12 -30.93 -29.12
CA GLY A 345 4.65 -29.85 -29.95
C GLY A 345 4.59 -28.49 -29.28
N SER A 346 5.06 -28.37 -28.05
CA SER A 346 4.93 -27.13 -27.30
C SER A 346 6.13 -26.21 -27.45
N VAL A 347 7.16 -26.61 -28.16
CA VAL A 347 8.40 -25.85 -28.22
C VAL A 347 8.28 -24.77 -29.30
N LEU A 348 8.54 -23.52 -28.90
CA LEU A 348 8.67 -22.40 -29.83
C LEU A 348 9.98 -21.70 -29.49
N GLU A 349 11.04 -22.00 -30.25
CA GLU A 349 12.33 -21.38 -30.01
C GLU A 349 12.35 -19.96 -30.57
N LEU A 350 12.95 -19.05 -29.80
CA LEU A 350 13.02 -17.64 -30.17
C LEU A 350 14.47 -17.25 -30.46
N ARG A 351 14.66 -16.48 -31.52
CA ARG A 351 15.91 -15.77 -31.74
C ARG A 351 17.08 -16.74 -31.95
N ARG A 352 16.82 -17.87 -32.62
CA ARG A 352 17.83 -18.91 -32.74
C ARG A 352 19.06 -18.42 -33.49
N ALA A 353 18.87 -17.65 -34.57
CA ALA A 353 20.00 -17.23 -35.38
C ALA A 353 20.95 -16.29 -34.64
N PHE A 354 20.48 -15.64 -33.58
CA PHE A 354 21.29 -14.69 -32.83
C PHE A 354 21.89 -15.39 -31.62
N ALA A 355 23.18 -15.15 -31.38
CA ALA A 355 23.89 -15.71 -30.24
C ALA A 355 23.57 -17.20 -30.11
N PRO A 356 23.85 -17.99 -31.14
CA PRO A 356 23.41 -19.41 -31.13
C PRO A 356 23.99 -20.22 -30.00
N GLY A 357 25.03 -19.73 -29.33
CA GLY A 357 25.58 -20.45 -28.19
C GLY A 357 24.59 -20.64 -27.07
N LEU A 358 23.59 -19.78 -26.97
CA LEU A 358 22.60 -19.85 -25.89
C LEU A 358 21.21 -19.91 -26.49
N LEU A 359 20.49 -21.00 -26.19
CA LEU A 359 19.14 -21.21 -26.69
C LEU A 359 18.12 -20.56 -25.75
N THR A 360 17.08 -19.98 -26.35
CA THR A 360 15.91 -19.49 -25.64
C THR A 360 14.66 -20.02 -26.33
N ALA A 361 13.72 -20.55 -25.55
CA ALA A 361 12.51 -21.11 -26.13
C ALA A 361 11.36 -21.04 -25.14
N LEU A 362 10.16 -20.77 -25.66
CA LEU A 362 8.93 -20.93 -24.91
C LEU A 362 8.42 -22.35 -25.12
N VAL A 363 8.14 -23.05 -24.02
CA VAL A 363 7.70 -24.44 -24.06
C VAL A 363 6.57 -24.63 -23.04
N ARG A 364 6.07 -25.86 -22.97
CA ARG A 364 5.13 -26.25 -21.93
C ARG A 364 5.57 -27.58 -21.33
N ILE A 365 5.49 -27.68 -20.02
CA ILE A 365 5.76 -28.91 -19.28
C ILE A 365 4.54 -29.20 -18.42
N GLY A 366 3.91 -30.35 -18.65
CA GLY A 366 2.67 -30.66 -17.95
C GLY A 366 1.57 -29.66 -18.18
N GLY A 367 1.54 -29.03 -19.36
CA GLY A 367 0.58 -27.98 -19.65
C GLY A 367 0.95 -26.62 -19.09
N LYS A 368 2.03 -26.53 -18.32
CA LYS A 368 2.46 -25.28 -17.71
C LYS A 368 3.46 -24.57 -18.63
N ALA A 369 3.20 -23.29 -18.91
CA ALA A 369 4.09 -22.51 -19.76
C ALA A 369 5.41 -22.25 -19.04
N PHE A 370 6.51 -22.55 -19.72
CA PHE A 370 7.86 -22.33 -19.20
C PHE A 370 8.66 -21.51 -20.21
N GLY A 371 9.57 -20.69 -19.68
CA GLY A 371 10.67 -20.15 -20.45
C GLY A 371 11.91 -20.97 -20.16
N VAL A 372 12.67 -21.28 -21.22
CA VAL A 372 13.84 -22.15 -21.12
C VAL A 372 15.05 -21.43 -21.70
N ILE A 373 16.15 -21.43 -20.93
CA ILE A 373 17.46 -21.05 -21.43
C ILE A 373 18.36 -22.28 -21.36
N ALA A 374 19.20 -22.46 -22.37
CA ALA A 374 20.04 -23.64 -22.44
C ALA A 374 21.29 -23.35 -23.24
N ASN A 375 22.41 -23.91 -22.79
CA ASN A 375 23.65 -23.84 -23.54
C ASN A 375 23.64 -24.87 -24.65
N ASP A 376 24.08 -24.46 -25.85
CA ASP A 376 24.24 -25.39 -26.96
C ASP A 376 25.71 -25.82 -27.01
N PRO A 377 26.05 -27.05 -26.61
CA PRO A 377 27.46 -27.47 -26.62
C PRO A 377 28.08 -27.54 -28.00
N ALA A 378 27.28 -27.52 -29.05
CA ALA A 378 27.80 -27.56 -30.42
C ALA A 378 28.34 -26.22 -30.88
N VAL A 379 28.06 -25.13 -30.16
CA VAL A 379 28.45 -23.78 -30.55
C VAL A 379 29.39 -23.23 -29.49
N LEU A 380 30.62 -22.91 -29.88
CA LEU A 380 31.61 -22.35 -28.97
C LEU A 380 31.81 -23.25 -27.75
N GLY A 381 31.64 -24.56 -27.93
CA GLY A 381 31.74 -25.50 -26.83
C GLY A 381 30.69 -25.29 -25.75
N GLY A 382 29.65 -24.52 -26.06
CA GLY A 382 28.66 -24.16 -25.05
C GLY A 382 29.06 -23.01 -24.17
N ALA A 383 30.15 -22.32 -24.48
CA ALA A 383 30.58 -21.18 -23.68
C ALA A 383 29.60 -20.02 -23.82
N ILE A 384 29.59 -19.16 -22.81
CA ILE A 384 28.68 -18.03 -22.74
C ILE A 384 29.47 -16.77 -23.06
N ASP A 385 29.20 -16.17 -24.23
CA ASP A 385 29.91 -14.97 -24.66
C ASP A 385 29.02 -13.75 -24.44
N ALA A 386 29.50 -12.59 -24.90
CA ALA A 386 28.78 -11.34 -24.68
C ALA A 386 27.37 -11.40 -25.29
N ALA A 387 27.28 -11.88 -26.53
CA ALA A 387 25.98 -11.92 -27.19
C ALA A 387 25.03 -12.89 -26.51
N GLY A 388 25.54 -14.08 -26.15
CA GLY A 388 24.71 -15.03 -25.43
C GLY A 388 24.21 -14.50 -24.10
N ALA A 389 25.01 -13.64 -23.46
CA ALA A 389 24.58 -13.01 -22.22
C ALA A 389 23.43 -12.04 -22.46
N ASP A 390 23.53 -11.21 -23.51
CA ASP A 390 22.42 -10.32 -23.84
C ASP A 390 21.15 -11.13 -24.11
N LYS A 391 21.26 -12.17 -24.92
CA LYS A 391 20.10 -12.97 -25.30
C LYS A 391 19.44 -13.59 -24.07
N ALA A 392 20.24 -14.14 -23.16
CA ALA A 392 19.68 -14.76 -21.96
C ALA A 392 19.06 -13.72 -21.04
N ALA A 393 19.75 -12.60 -20.83
CA ALA A 393 19.24 -11.56 -19.94
C ALA A 393 17.90 -11.02 -20.44
N ARG A 394 17.81 -10.72 -21.73
CA ARG A 394 16.58 -10.17 -22.27
C ARG A 394 15.44 -11.17 -22.20
N PHE A 395 15.72 -12.46 -22.36
CA PHE A 395 14.68 -13.48 -22.25
C PHE A 395 14.22 -13.63 -20.81
N LEU A 396 15.14 -13.50 -19.84
CA LEU A 396 14.74 -13.43 -18.45
C LEU A 396 13.84 -12.22 -18.19
N ASN A 397 14.20 -11.07 -18.77
CA ASN A 397 13.33 -9.90 -18.69
C ASN A 397 11.94 -10.25 -19.17
N LEU A 398 11.84 -10.86 -20.36
CA LEU A 398 10.55 -11.21 -20.93
C LEU A 398 9.76 -12.11 -19.98
N CYS A 399 10.36 -13.22 -19.56
CA CYS A 399 9.64 -14.19 -18.75
C CYS A 399 9.23 -13.60 -17.40
N ASP A 400 10.15 -12.87 -16.75
CA ASP A 400 9.86 -12.33 -15.43
C ASP A 400 8.78 -11.26 -15.50
N THR A 401 8.81 -10.42 -16.55
CA THR A 401 7.82 -9.36 -16.67
C THR A 401 6.42 -9.94 -16.90
N HIS A 402 6.31 -10.96 -17.74
CA HIS A 402 5.02 -11.57 -18.04
C HIS A 402 4.74 -12.79 -17.18
N ARG A 403 5.50 -12.97 -16.10
CA ARG A 403 5.11 -13.85 -15.00
C ARG A 403 5.17 -15.32 -15.39
N LEU A 404 6.20 -15.72 -16.12
CA LEU A 404 6.38 -17.13 -16.46
C LEU A 404 7.53 -17.74 -15.66
N PRO A 405 7.38 -18.99 -15.20
CA PRO A 405 8.52 -19.67 -14.56
C PRO A 405 9.59 -19.98 -15.60
N VAL A 406 10.82 -20.17 -15.11
CA VAL A 406 11.98 -20.32 -15.97
C VAL A 406 12.73 -21.60 -15.63
N LEU A 407 13.10 -22.36 -16.65
CA LEU A 407 13.94 -23.54 -16.54
C LEU A 407 15.29 -23.27 -17.21
N SER A 408 16.36 -23.67 -16.55
CA SER A 408 17.71 -23.48 -17.06
C SER A 408 18.40 -24.82 -17.22
N LEU A 409 18.78 -25.16 -18.45
CA LEU A 409 19.47 -26.40 -18.77
C LEU A 409 20.95 -26.09 -18.91
N VAL A 410 21.74 -26.47 -17.91
CA VAL A 410 23.13 -26.05 -17.80
C VAL A 410 24.04 -27.14 -18.33
N ASP A 411 24.77 -26.83 -19.41
CA ASP A 411 25.84 -27.67 -19.92
C ASP A 411 26.90 -26.73 -20.52
N THR A 412 27.66 -26.06 -19.64
CA THR A 412 28.53 -25.00 -20.08
C THR A 412 29.93 -25.15 -19.50
N PRO A 413 30.97 -24.78 -20.27
CA PRO A 413 32.31 -24.65 -19.70
C PRO A 413 32.53 -23.33 -18.97
N GLY A 414 31.56 -22.44 -18.99
CA GLY A 414 31.63 -21.15 -18.33
C GLY A 414 31.62 -20.00 -19.32
N PHE A 415 32.04 -18.84 -18.83
CA PHE A 415 32.14 -17.67 -19.68
C PHE A 415 33.28 -17.82 -20.68
N MET A 416 33.06 -17.26 -21.88
CA MET A 416 34.13 -17.14 -22.86
C MET A 416 35.22 -16.22 -22.31
N VAL A 417 36.46 -16.50 -22.71
CA VAL A 417 37.62 -15.73 -22.26
C VAL A 417 38.52 -15.44 -23.46
N GLY A 418 39.56 -14.65 -23.20
CA GLY A 418 40.51 -14.26 -24.22
C GLY A 418 40.29 -12.83 -24.68
N PRO A 419 41.34 -12.21 -25.23
CA PRO A 419 41.24 -10.79 -25.60
C PRO A 419 40.12 -10.49 -26.60
N ALA A 420 39.85 -11.41 -27.53
CA ALA A 420 38.81 -11.16 -28.51
C ALA A 420 37.45 -11.04 -27.84
N SER A 421 37.17 -11.89 -26.85
CA SER A 421 35.91 -11.83 -26.13
C SER A 421 35.81 -10.54 -25.32
N GLU A 422 36.88 -10.16 -24.61
CA GLU A 422 36.85 -8.94 -23.83
C GLU A 422 36.61 -7.73 -24.71
N ALA A 423 37.08 -7.76 -25.96
CA ALA A 423 36.85 -6.68 -26.90
C ALA A 423 35.41 -6.64 -27.40
N GLU A 424 34.63 -7.70 -27.14
CA GLU A 424 33.19 -7.68 -27.36
C GLU A 424 32.43 -7.09 -26.19
N GLY A 425 33.12 -6.48 -25.23
CA GLY A 425 32.46 -5.94 -24.05
C GLY A 425 32.00 -6.99 -23.08
N ALA A 426 32.69 -8.13 -23.02
CA ALA A 426 32.20 -9.29 -22.29
C ALA A 426 31.96 -8.98 -20.82
N VAL A 427 32.82 -8.16 -20.20
CA VAL A 427 32.69 -7.92 -18.76
C VAL A 427 31.34 -7.29 -18.44
N ARG A 428 30.91 -6.33 -19.25
CA ARG A 428 29.62 -5.67 -19.00
C ARG A 428 28.46 -6.58 -19.38
N HIS A 429 28.52 -7.18 -20.57
CA HIS A 429 27.37 -7.91 -21.09
C HIS A 429 27.00 -9.10 -20.20
N VAL A 430 27.98 -9.83 -19.68
CA VAL A 430 27.66 -10.98 -18.83
C VAL A 430 27.20 -10.50 -17.46
N SER A 431 27.64 -9.31 -17.03
CA SER A 431 27.14 -8.76 -15.78
C SER A 431 25.64 -8.51 -15.82
N ARG A 432 25.07 -8.34 -17.02
CA ARG A 432 23.62 -8.20 -17.14
C ARG A 432 22.91 -9.39 -16.51
N LEU A 433 23.49 -10.59 -16.63
CA LEU A 433 22.87 -11.79 -16.09
C LEU A 433 22.71 -11.70 -14.59
N PHE A 434 23.80 -11.40 -13.87
CA PHE A 434 23.73 -11.33 -12.41
C PHE A 434 22.79 -10.23 -11.96
N VAL A 435 22.86 -9.06 -12.60
CA VAL A 435 22.00 -7.94 -12.22
C VAL A 435 20.55 -8.27 -12.50
N ARG A 436 20.27 -8.90 -13.64
CA ARG A 436 18.90 -9.27 -13.99
C ARG A 436 18.37 -10.34 -13.06
N ALA A 437 19.13 -11.40 -12.86
CA ALA A 437 18.65 -12.55 -12.09
C ALA A 437 18.43 -12.20 -10.63
N ALA A 438 19.15 -11.19 -10.12
CA ALA A 438 19.01 -10.82 -8.72
C ALA A 438 17.65 -10.19 -8.42
N LYS A 439 16.91 -9.77 -9.43
CA LYS A 439 15.63 -9.12 -9.25
C LYS A 439 14.45 -9.98 -9.71
N LEU A 440 14.68 -11.25 -10.02
CA LEU A 440 13.60 -12.11 -10.47
C LEU A 440 12.57 -12.30 -9.37
N THR A 441 11.30 -12.39 -9.79
CA THR A 441 10.20 -12.69 -8.88
C THR A 441 9.35 -13.84 -9.43
N VAL A 442 9.91 -14.64 -10.32
CA VAL A 442 9.25 -15.84 -10.83
C VAL A 442 10.04 -17.04 -10.34
N PRO A 443 9.43 -18.22 -10.25
CA PRO A 443 10.21 -19.41 -9.89
C PRO A 443 11.30 -19.65 -10.92
N PHE A 444 12.48 -20.04 -10.43
CA PHE A 444 13.60 -20.36 -11.30
C PHE A 444 14.12 -21.74 -10.92
N PHE A 445 14.21 -22.62 -11.91
CA PHE A 445 14.68 -24.00 -11.72
C PHE A 445 15.86 -24.27 -12.64
N ALA A 446 16.87 -24.92 -12.10
CA ALA A 446 18.10 -25.21 -12.84
C ALA A 446 18.36 -26.71 -12.84
N VAL A 447 18.56 -27.26 -14.04
CA VAL A 447 18.90 -28.67 -14.22
C VAL A 447 20.27 -28.71 -14.89
N VAL A 448 21.26 -29.22 -14.17
CA VAL A 448 22.59 -29.43 -14.75
C VAL A 448 22.57 -30.77 -15.47
N THR A 449 22.56 -30.72 -16.81
CA THR A 449 22.56 -31.95 -17.60
C THR A 449 23.96 -32.54 -17.74
N ARG A 450 25.00 -31.70 -17.72
CA ARG A 450 26.36 -32.21 -17.80
C ARG A 450 27.35 -31.23 -17.16
N ARG A 451 27.90 -30.32 -17.94
CA ARG A 451 28.97 -29.45 -17.44
C ARG A 451 28.41 -28.22 -16.72
N ALA A 452 29.12 -27.79 -15.68
CA ALA A 452 28.77 -26.58 -14.94
C ALA A 452 30.06 -26.02 -14.33
N TYR A 453 30.67 -25.08 -15.05
CA TYR A 453 31.99 -24.58 -14.69
C TYR A 453 32.00 -23.06 -14.56
N GLY A 454 32.51 -22.57 -13.44
CA GLY A 454 32.85 -21.18 -13.28
C GLY A 454 31.67 -20.26 -13.04
N LEU A 455 31.97 -18.96 -13.14
CA LEU A 455 30.94 -17.94 -12.96
C LEU A 455 29.83 -18.07 -14.00
N GLY A 456 30.17 -18.50 -15.22
CA GLY A 456 29.15 -18.68 -16.23
C GLY A 456 28.11 -19.70 -15.83
N ALA A 457 28.53 -20.75 -15.13
CA ALA A 457 27.56 -21.72 -14.60
C ALA A 457 26.72 -21.10 -13.49
N GLN A 458 27.34 -20.29 -12.63
CA GLN A 458 26.57 -19.59 -11.61
C GLN A 458 25.57 -18.64 -12.24
N ALA A 459 25.96 -17.99 -13.33
CA ALA A 459 25.04 -17.10 -14.04
C ALA A 459 23.90 -17.89 -14.66
N MET A 460 24.18 -19.06 -15.23
CA MET A 460 23.12 -19.91 -15.77
C MET A 460 22.15 -20.36 -14.70
N ALA A 461 22.61 -20.43 -13.44
CA ALA A 461 21.74 -20.81 -12.32
C ALA A 461 21.19 -19.60 -11.59
N ALA A 462 21.11 -18.45 -12.26
CA ALA A 462 20.51 -17.24 -11.70
C ALA A 462 21.33 -16.65 -10.56
N GLY A 463 22.66 -16.82 -10.60
CA GLY A 463 23.55 -16.17 -9.66
C GLY A 463 24.42 -17.13 -8.89
N SER A 464 23.85 -18.27 -8.51
CA SER A 464 24.57 -19.31 -7.79
C SER A 464 23.71 -20.56 -7.86
N LEU A 465 24.31 -21.69 -7.46
CA LEU A 465 23.59 -22.96 -7.50
C LEU A 465 22.47 -23.04 -6.48
N HIS A 466 22.38 -22.07 -5.55
CA HIS A 466 21.30 -22.01 -4.58
C HIS A 466 20.29 -20.92 -4.88
N ALA A 467 20.53 -20.07 -5.88
CA ALA A 467 19.53 -19.06 -6.23
C ALA A 467 18.22 -19.67 -6.73
N PRO A 468 18.22 -20.74 -7.51
CA PRO A 468 16.96 -21.31 -7.98
C PRO A 468 16.15 -21.91 -6.83
N ALA A 469 14.85 -22.05 -7.09
CA ALA A 469 13.99 -22.75 -6.14
C ALA A 469 14.33 -24.22 -6.06
N LEU A 470 14.92 -24.79 -7.11
CA LEU A 470 15.39 -26.17 -7.13
C LEU A 470 16.57 -26.25 -8.10
N THR A 471 17.63 -26.93 -7.66
CA THR A 471 18.81 -27.16 -8.49
C THR A 471 19.16 -28.65 -8.42
N VAL A 472 18.99 -29.35 -9.55
CA VAL A 472 19.31 -30.77 -9.61
C VAL A 472 20.36 -30.99 -10.69
N SER A 473 21.09 -32.10 -10.55
CA SER A 473 22.08 -32.52 -11.52
C SER A 473 21.73 -33.91 -12.02
N TRP A 474 21.95 -34.14 -13.32
CA TRP A 474 21.89 -35.49 -13.84
C TRP A 474 23.13 -36.26 -13.40
N PRO A 475 23.09 -37.60 -13.43
CA PRO A 475 24.21 -38.37 -12.85
C PRO A 475 25.55 -38.07 -13.50
N GLY A 476 25.56 -37.65 -14.76
CA GLY A 476 26.80 -37.32 -15.42
C GLY A 476 27.31 -35.92 -15.19
N GLY A 477 26.70 -35.19 -14.26
CA GLY A 477 27.08 -33.82 -13.99
C GLY A 477 28.52 -33.70 -13.52
N GLU A 478 29.26 -32.76 -14.12
CA GLU A 478 30.62 -32.46 -13.71
C GLU A 478 30.75 -30.98 -13.42
N PHE A 479 31.25 -30.65 -12.24
CA PHE A 479 31.31 -29.27 -11.77
C PHE A 479 32.74 -28.88 -11.48
N GLY A 480 32.95 -27.57 -11.35
CA GLY A 480 34.24 -27.02 -11.04
C GLY A 480 34.32 -25.55 -11.43
N PRO A 481 35.49 -24.95 -11.22
CA PRO A 481 35.71 -23.61 -11.77
C PRO A 481 36.45 -23.69 -13.10
N MET A 482 37.39 -24.63 -13.17
CA MET A 482 38.27 -24.81 -14.31
C MET A 482 39.07 -23.53 -14.60
N GLY A 483 40.15 -23.70 -15.35
CA GLY A 483 41.39 -23.05 -15.00
C GLY A 483 41.86 -23.92 -13.85
N LEU A 484 41.33 -25.16 -13.85
CA LEU A 484 41.55 -26.10 -12.76
C LEU A 484 42.98 -26.63 -12.78
N GLU A 485 43.54 -26.81 -13.98
CA GLU A 485 44.91 -27.27 -14.13
C GLU A 485 45.89 -26.18 -13.72
N ALA A 497 54.17 -29.12 -5.38
CA ALA A 497 54.93 -29.17 -6.63
C ALA A 497 56.39 -28.75 -6.40
N ALA A 498 56.89 -28.99 -5.19
CA ALA A 498 58.29 -28.75 -4.84
C ALA A 498 59.13 -30.01 -4.99
N VAL A 499 58.88 -30.79 -6.04
CA VAL A 499 59.55 -32.08 -6.24
C VAL A 499 60.64 -31.90 -7.28
N SER A 500 61.84 -32.41 -6.99
CA SER A 500 62.96 -32.26 -7.91
C SER A 500 62.76 -33.09 -9.16
N ASP A 501 62.16 -34.27 -9.04
CA ASP A 501 62.06 -35.19 -10.16
C ASP A 501 60.87 -34.82 -11.05
N PRO A 502 61.06 -34.55 -12.34
CA PRO A 502 59.91 -34.20 -13.20
C PRO A 502 58.94 -35.34 -13.40
N GLN A 503 59.41 -36.58 -13.37
CA GLN A 503 58.50 -37.71 -13.55
C GLN A 503 57.69 -37.97 -12.29
N GLU A 504 58.25 -37.68 -11.12
CA GLU A 504 57.48 -37.74 -9.89
C GLU A 504 56.50 -36.56 -9.82
N ARG A 505 56.88 -35.41 -10.36
CA ARG A 505 55.98 -34.25 -10.35
C ARG A 505 54.80 -34.47 -11.28
N GLU A 506 55.03 -35.03 -12.47
CA GLU A 506 53.95 -35.24 -13.41
C GLU A 506 52.94 -36.26 -12.89
N ALA A 507 53.42 -37.26 -12.15
CA ALA A 507 52.51 -38.23 -11.54
C ALA A 507 51.71 -37.57 -10.41
N LEU A 508 52.36 -36.69 -9.64
CA LEU A 508 51.66 -35.98 -8.57
C LEU A 508 50.64 -35.01 -9.16
N TYR A 509 51.00 -34.33 -10.24
CA TYR A 509 50.08 -33.40 -10.88
C TYR A 509 48.81 -34.11 -11.35
N GLN A 510 48.97 -35.18 -12.12
CA GLN A 510 47.83 -35.92 -12.62
C GLN A 510 47.07 -36.65 -11.52
N LYS A 511 47.73 -36.94 -10.40
CA LYS A 511 47.00 -37.43 -9.23
C LYS A 511 46.06 -36.35 -8.71
N LEU A 512 46.58 -35.12 -8.57
CA LEU A 512 45.77 -34.01 -8.09
C LEU A 512 44.64 -33.68 -9.08
N VAL A 513 44.90 -33.79 -10.38
CA VAL A 513 43.87 -33.54 -11.37
C VAL A 513 42.73 -34.53 -11.21
N ALA A 514 43.07 -35.81 -11.06
CA ALA A 514 42.05 -36.84 -10.89
C ALA A 514 41.27 -36.64 -9.60
N GLN A 515 41.93 -36.15 -8.55
CA GLN A 515 41.23 -35.84 -7.31
C GLN A 515 40.31 -34.64 -7.48
N ALA A 516 40.77 -33.63 -8.21
CA ALA A 516 39.95 -32.43 -8.42
C ALA A 516 38.72 -32.75 -9.26
N TYR A 517 38.89 -33.58 -10.29
CA TYR A 517 37.74 -34.03 -11.06
C TYR A 517 36.80 -34.89 -10.23
N ALA A 518 37.34 -35.66 -9.30
CA ALA A 518 36.52 -36.46 -8.40
C ALA A 518 35.69 -35.57 -7.48
N GLN A 519 36.22 -34.41 -7.10
CA GLN A 519 35.45 -33.48 -6.28
C GLN A 519 34.25 -32.93 -7.04
N GLY A 520 34.42 -32.71 -8.35
CA GLY A 520 33.39 -32.12 -9.17
C GLY A 520 32.36 -33.08 -9.68
N GLU A 521 32.48 -34.36 -9.35
CA GLU A 521 31.47 -35.33 -9.74
C GLU A 521 30.13 -34.95 -9.11
N ALA A 522 29.04 -35.24 -9.85
CA ALA A 522 27.71 -34.88 -9.40
C ALA A 522 27.45 -35.36 -7.98
N VAL A 523 27.82 -36.61 -7.66
CA VAL A 523 27.51 -37.18 -6.35
C VAL A 523 28.20 -36.39 -5.24
N ASN A 524 29.47 -36.02 -5.44
CA ASN A 524 30.19 -35.32 -4.38
C ASN A 524 29.72 -33.88 -4.26
N VAL A 525 29.39 -33.26 -5.38
CA VAL A 525 28.83 -31.90 -5.36
C VAL A 525 27.52 -31.89 -4.60
N ALA A 526 26.67 -32.89 -4.85
CA ALA A 526 25.41 -33.00 -4.13
C ALA A 526 25.62 -33.29 -2.65
N ALA A 527 26.62 -34.11 -2.33
CA ALA A 527 26.92 -34.42 -0.94
C ALA A 527 27.40 -33.18 -0.20
N HIS A 528 28.04 -32.25 -0.91
CA HIS A 528 28.39 -30.96 -0.34
C HIS A 528 27.26 -29.95 -0.49
N LEU A 529 26.07 -30.40 -0.90
CA LEU A 529 24.84 -29.62 -0.89
C LEU A 529 24.81 -28.52 -1.93
N GLU A 530 25.74 -28.50 -2.88
CA GLU A 530 25.73 -27.45 -3.90
C GLU A 530 24.59 -27.63 -4.89
N VAL A 531 24.10 -28.85 -5.04
CA VAL A 531 22.84 -29.12 -5.73
C VAL A 531 21.91 -29.79 -4.75
N ASP A 532 20.61 -29.65 -4.99
CA ASP A 532 19.63 -30.22 -4.08
C ASP A 532 19.61 -31.74 -4.16
N ALA A 533 19.81 -32.29 -5.36
CA ALA A 533 19.74 -33.73 -5.53
C ALA A 533 20.35 -34.12 -6.86
N VAL A 534 20.80 -35.36 -6.95
CA VAL A 534 21.08 -36.04 -8.21
C VAL A 534 19.83 -36.83 -8.57
N ILE A 535 19.35 -36.67 -9.80
CA ILE A 535 18.09 -37.27 -10.20
C ILE A 535 18.29 -38.09 -11.47
N ASP A 536 17.43 -39.08 -11.63
CA ASP A 536 17.31 -39.77 -12.91
C ASP A 536 16.79 -38.77 -13.94
N PRO A 537 17.47 -38.61 -15.08
CA PRO A 537 17.00 -37.65 -16.10
C PRO A 537 15.54 -37.85 -16.49
N ALA A 538 15.02 -39.08 -16.40
CA ALA A 538 13.64 -39.34 -16.75
C ALA A 538 12.65 -38.76 -15.75
N GLU A 539 13.11 -38.38 -14.56
CA GLU A 539 12.27 -37.81 -13.52
C GLU A 539 12.27 -36.29 -13.52
N THR A 540 12.91 -35.66 -14.52
CA THR A 540 13.04 -34.21 -14.52
C THR A 540 11.69 -33.53 -14.52
N ARG A 541 10.79 -33.94 -15.41
CA ARG A 541 9.46 -33.34 -15.45
C ARG A 541 8.77 -33.44 -14.10
N ASN A 542 8.84 -34.60 -13.45
CA ASN A 542 8.16 -34.81 -12.18
C ASN A 542 8.72 -33.88 -11.11
N TRP A 543 10.05 -33.80 -10.99
CA TRP A 543 10.65 -32.89 -10.03
C TRP A 543 10.26 -31.44 -10.30
N LEU A 544 10.29 -31.04 -11.58
CA LEU A 544 9.96 -29.67 -11.93
C LEU A 544 8.51 -29.35 -11.61
N LEU A 545 7.59 -30.25 -11.95
CA LEU A 545 6.17 -30.01 -11.73
C LEU A 545 5.83 -30.01 -10.25
N ARG A 546 6.44 -30.93 -9.49
CA ARG A 546 6.22 -30.93 -8.04
C ARG A 546 6.72 -29.64 -7.41
N ALA A 547 7.89 -29.15 -7.83
CA ALA A 547 8.41 -27.91 -7.29
C ALA A 547 7.50 -26.74 -7.65
N LEU A 548 7.11 -26.64 -8.92
CA LEU A 548 6.25 -25.55 -9.36
C LEU A 548 4.92 -25.55 -8.63
N ARG A 549 4.39 -26.75 -8.31
CA ARG A 549 3.11 -26.84 -7.62
C ARG A 549 3.16 -26.12 -6.27
N VAL A 550 4.31 -26.12 -5.60
CA VAL A 550 4.47 -25.49 -4.30
C VAL A 550 5.35 -24.25 -4.43
N SER A 551 5.27 -23.56 -5.57
CA SER A 551 6.02 -22.33 -5.81
C SER A 551 5.04 -21.20 -6.13
N PRO A 552 4.25 -20.78 -5.15
CA PRO A 552 3.29 -19.70 -5.38
C PRO A 552 3.99 -18.38 -5.62
N TYR A 553 3.45 -17.60 -6.57
CA TYR A 553 4.01 -16.28 -6.86
C TYR A 553 2.94 -15.43 -7.54
N SER A 554 3.18 -14.12 -7.54
CA SER A 554 2.17 -13.18 -8.01
C SER A 554 2.04 -13.23 -9.53
N ALA A 555 0.79 -13.23 -10.00
CA ALA A 555 0.49 -13.10 -11.42
C ALA A 555 0.39 -11.65 -11.85
N GLN A 556 0.52 -10.71 -10.92
CA GLN A 556 0.46 -9.29 -11.25
C GLN A 556 1.73 -8.84 -11.93
N ARG A 557 1.59 -7.99 -12.95
CA ARG A 557 2.73 -7.35 -13.56
C ARG A 557 3.14 -6.12 -12.77
N ARG A 558 4.45 -5.86 -12.72
CA ARG A 558 4.98 -4.78 -11.91
C ARG A 558 4.70 -3.43 -12.56
N GLU A 559 4.17 -2.50 -11.78
CA GLU A 559 3.77 -1.17 -12.27
C GLU A 559 5.02 -0.33 -12.48
N GLY A 560 5.40 -0.16 -13.74
CA GLY A 560 6.58 0.61 -14.09
C GLY A 560 7.66 -0.24 -14.71
N GLY A 561 7.40 -1.52 -14.92
CA GLY A 561 8.35 -2.40 -15.55
C GLY A 561 8.34 -2.25 -17.05
N LEU A 562 9.32 -2.88 -17.68
CA LEU A 562 9.46 -2.84 -19.12
C LEU A 562 10.20 -4.08 -19.59
N VAL A 563 10.07 -4.39 -20.86
CA VAL A 563 10.86 -5.41 -21.52
C VAL A 563 11.87 -4.68 -22.40
N ASP A 564 13.13 -4.70 -21.98
CA ASP A 564 14.15 -3.98 -22.71
C ASP A 564 14.30 -4.57 -24.12
N PRO A 565 14.25 -3.75 -25.18
CA PRO A 565 14.44 -4.29 -26.53
C PRO A 565 15.77 -5.00 -26.72
N TRP A 566 16.75 -4.79 -25.84
CA TRP A 566 18.04 -5.46 -25.95
C TRP A 566 18.48 -6.04 -24.62
N ASP B 48 16.86 -51.94 -24.37
CA ASP B 48 16.18 -51.89 -23.08
C ASP B 48 16.24 -50.48 -22.48
N LEU B 49 15.11 -49.79 -22.48
CA LEU B 49 15.02 -48.47 -21.88
C LEU B 49 14.81 -48.51 -20.38
N ASP B 50 14.54 -49.69 -19.82
CA ASP B 50 14.44 -49.87 -18.37
C ASP B 50 15.76 -50.32 -17.75
N ALA B 51 16.87 -49.90 -18.33
CA ALA B 51 18.20 -50.12 -17.79
C ALA B 51 18.84 -48.76 -17.55
N LEU B 52 19.90 -48.77 -16.78
CA LEU B 52 20.59 -47.53 -16.48
C LEU B 52 21.98 -47.54 -17.10
N PRO B 53 22.44 -46.41 -17.64
CA PRO B 53 23.86 -46.32 -18.01
C PRO B 53 24.71 -46.75 -16.84
N ALA B 54 25.80 -47.48 -17.14
CA ALA B 54 26.63 -48.02 -16.08
C ALA B 54 27.20 -46.92 -15.19
N SER B 55 27.19 -45.67 -15.65
CA SER B 55 27.74 -44.57 -14.87
C SER B 55 26.86 -44.18 -13.69
N TYR B 56 25.59 -44.62 -13.68
CA TYR B 56 24.71 -44.32 -12.55
C TYR B 56 25.05 -45.14 -11.30
N ALA B 57 26.06 -46.00 -11.38
CA ALA B 57 26.29 -47.00 -10.33
C ALA B 57 26.66 -46.34 -9.01
N ASP B 58 27.64 -45.43 -9.02
CA ASP B 58 28.08 -44.79 -7.78
C ASP B 58 26.92 -44.05 -7.12
N TRP B 59 26.19 -43.25 -7.91
CA TRP B 59 25.02 -42.55 -7.38
C TRP B 59 24.02 -43.53 -6.79
N GLN B 60 23.74 -44.63 -7.51
CA GLN B 60 22.82 -45.63 -7.00
C GLN B 60 23.31 -46.25 -5.70
N ARG B 61 24.62 -46.48 -5.59
CA ARG B 61 25.17 -47.05 -4.38
C ARG B 61 25.01 -46.10 -3.20
N ARG B 62 25.40 -44.83 -3.39
CA ARG B 62 25.29 -43.85 -2.31
CA ARG B 62 25.30 -43.85 -2.31
C ARG B 62 23.84 -43.55 -1.96
N LEU B 63 22.95 -43.66 -2.94
CA LEU B 63 21.54 -43.40 -2.68
C LEU B 63 20.90 -44.52 -1.87
N ARG B 64 21.27 -45.78 -2.16
CA ARG B 64 20.79 -46.90 -1.36
C ARG B 64 21.22 -46.76 0.09
N ALA B 65 22.44 -46.24 0.31
CA ALA B 65 22.99 -46.16 1.67
C ALA B 65 22.14 -45.29 2.58
N THR B 66 21.26 -44.45 2.03
CA THR B 66 20.41 -43.59 2.83
C THR B 66 19.13 -44.27 3.27
N THR B 67 18.75 -45.37 2.62
CA THR B 67 17.46 -46.00 2.85
C THR B 67 17.48 -46.86 4.11
N ASP B 68 16.30 -47.02 4.71
CA ASP B 68 16.16 -47.96 5.82
C ASP B 68 16.53 -49.37 5.39
N GLU B 69 16.19 -49.73 4.15
CA GLU B 69 16.43 -51.08 3.65
C GLU B 69 17.91 -51.45 3.74
N ALA B 70 18.80 -50.51 3.43
CA ALA B 70 20.24 -50.76 3.42
C ALA B 70 20.87 -50.64 4.80
N ARG B 71 20.07 -50.43 5.85
CA ARG B 71 20.58 -50.25 7.21
C ARG B 71 19.71 -51.04 8.18
N PRO B 72 19.74 -52.37 8.09
CA PRO B 72 18.86 -53.17 8.96
C PRO B 72 19.14 -52.99 10.44
N ALA B 73 20.41 -52.85 10.82
CA ALA B 73 20.75 -52.77 12.23
C ALA B 73 20.08 -51.58 12.90
N ALA B 74 20.13 -50.41 12.25
CA ALA B 74 19.53 -49.21 12.82
C ALA B 74 18.02 -49.36 12.95
N VAL B 75 17.39 -50.02 11.97
CA VAL B 75 15.94 -50.20 12.02
C VAL B 75 15.53 -51.05 13.21
N GLU B 76 16.31 -52.11 13.50
CA GLU B 76 15.96 -52.99 14.60
C GLU B 76 15.95 -52.23 15.92
N LYS B 77 16.98 -51.42 16.16
CA LYS B 77 17.04 -50.63 17.38
C LYS B 77 15.83 -49.71 17.51
N ARG B 78 15.38 -49.14 16.38
CA ARG B 78 14.21 -48.26 16.41
C ARG B 78 12.93 -49.07 16.63
N HIS B 79 12.74 -50.13 15.85
CA HIS B 79 11.51 -50.90 15.95
C HIS B 79 11.41 -51.67 17.26
N ALA B 80 12.55 -52.13 17.80
CA ALA B 80 12.53 -52.81 19.09
C ALA B 80 11.97 -51.93 20.19
N ALA B 81 12.23 -50.63 20.12
CA ALA B 81 11.75 -49.68 21.11
C ALA B 81 10.37 -49.12 20.78
N GLY B 82 9.70 -49.66 19.76
CA GLY B 82 8.42 -49.13 19.35
C GLY B 82 8.53 -47.75 18.74
N LYS B 83 9.68 -47.42 18.16
CA LYS B 83 9.95 -46.12 17.59
C LYS B 83 9.99 -46.20 16.07
N LEU B 84 9.85 -45.04 15.44
CA LEU B 84 9.95 -44.93 13.99
C LEU B 84 11.30 -44.36 13.59
N THR B 85 11.76 -44.74 12.40
CA THR B 85 12.94 -44.13 11.83
C THR B 85 12.59 -42.75 11.26
N ALA B 86 13.63 -41.97 10.96
CA ALA B 86 13.41 -40.68 10.31
C ALA B 86 12.71 -40.88 8.97
N ARG B 87 13.12 -41.89 8.22
CA ARG B 87 12.50 -42.17 6.93
C ARG B 87 11.02 -42.54 7.09
N GLU B 88 10.69 -43.31 8.12
CA GLU B 88 9.29 -43.68 8.32
C GLU B 88 8.44 -42.49 8.71
N ASN B 89 9.00 -41.53 9.45
CA ASN B 89 8.26 -40.32 9.78
C ASN B 89 7.92 -39.53 8.51
N VAL B 90 8.88 -39.40 7.60
CA VAL B 90 8.61 -38.70 6.35
C VAL B 90 7.60 -39.47 5.52
N ALA B 91 7.74 -40.80 5.45
CA ALA B 91 6.79 -41.61 4.70
C ALA B 91 5.40 -41.55 5.32
N ALA B 92 5.33 -41.53 6.66
CA ALA B 92 4.04 -41.49 7.34
C ALA B 92 3.39 -40.11 7.24
N LEU B 93 4.20 -39.05 7.20
CA LEU B 93 3.67 -37.70 7.16
C LEU B 93 3.20 -37.31 5.76
N LEU B 94 4.03 -37.55 4.75
CA LEU B 94 3.79 -37.05 3.41
C LEU B 94 3.10 -38.10 2.55
N ASP B 95 2.24 -37.61 1.64
CA ASP B 95 1.60 -38.49 0.68
C ASP B 95 2.65 -39.12 -0.23
N ALA B 96 2.41 -40.38 -0.61
CA ALA B 96 3.39 -41.13 -1.38
C ALA B 96 3.66 -40.47 -2.73
N GLY B 97 4.94 -40.35 -3.07
CA GLY B 97 5.36 -39.85 -4.36
C GLY B 97 5.47 -38.35 -4.49
N SER B 98 5.20 -37.61 -3.42
CA SER B 98 5.21 -36.15 -3.47
C SER B 98 6.53 -35.53 -3.03
N PHE B 99 7.49 -36.35 -2.59
CA PHE B 99 8.64 -35.85 -1.84
C PHE B 99 9.78 -35.47 -2.78
N ASN B 100 10.13 -34.18 -2.78
CA ASN B 100 11.38 -33.68 -3.35
C ASN B 100 12.38 -33.56 -2.22
N GLU B 101 13.35 -34.48 -2.18
CA GLU B 101 14.34 -34.51 -1.10
C GLU B 101 15.57 -33.69 -1.50
N HIS B 102 16.01 -32.84 -0.57
CA HIS B 102 17.19 -32.00 -0.76
C HIS B 102 18.32 -32.55 0.12
N GLY B 103 19.46 -32.85 -0.50
CA GLY B 103 20.64 -33.20 0.25
C GLY B 103 20.72 -34.63 0.73
N ALA B 104 20.04 -35.56 0.04
CA ALA B 104 20.04 -36.95 0.48
C ALA B 104 21.45 -37.53 0.53
N LEU B 105 22.30 -37.19 -0.45
CA LEU B 105 23.63 -37.76 -0.53
C LEU B 105 24.62 -37.11 0.43
N ALA B 106 24.15 -36.23 1.30
CA ALA B 106 25.04 -35.54 2.23
C ALA B 106 25.68 -36.54 3.20
N LEU B 107 26.91 -36.24 3.59
CA LEU B 107 27.63 -37.01 4.58
C LEU B 107 28.24 -36.06 5.61
N ALA B 108 28.66 -36.62 6.73
CA ALA B 108 29.20 -35.81 7.82
C ALA B 108 30.48 -35.11 7.40
N ALA B 109 30.72 -33.94 7.99
CA ALA B 109 31.92 -33.14 7.69
C ALA B 109 33.13 -33.75 8.40
N GLN B 110 33.43 -35.00 8.04
CA GLN B 110 34.49 -35.75 8.70
C GLN B 110 35.30 -36.55 7.69
N ARG B 111 35.46 -36.01 6.48
CA ARG B 111 36.23 -36.67 5.43
C ARG B 111 37.71 -36.73 5.75
N GLY B 112 38.19 -35.86 6.64
CA GLY B 112 39.60 -35.88 7.01
C GLY B 112 39.98 -37.05 7.88
N ARG B 113 39.03 -37.61 8.63
CA ARG B 113 39.33 -38.69 9.57
C ARG B 113 38.76 -40.04 9.17
N ARG B 114 37.90 -40.12 8.14
CA ARG B 114 37.21 -41.37 7.84
C ARG B 114 37.22 -41.64 6.34
N SER B 115 37.08 -42.91 6.00
CA SER B 115 36.88 -43.32 4.62
C SER B 115 35.57 -42.75 4.10
N GLU B 116 35.49 -42.59 2.78
CA GLU B 116 34.19 -42.32 2.16
C GLU B 116 33.24 -43.47 2.44
N GLU B 117 33.79 -44.69 2.58
CA GLU B 117 32.97 -45.86 2.85
C GLU B 117 32.45 -45.86 4.28
N GLU B 118 33.27 -45.39 5.23
CA GLU B 118 32.83 -45.32 6.62
C GLU B 118 31.79 -44.23 6.83
N LEU B 119 32.00 -43.07 6.19
CA LEU B 119 31.01 -41.99 6.27
C LEU B 119 29.67 -42.43 5.72
N LEU B 120 29.69 -43.22 4.64
CA LEU B 120 28.45 -43.68 4.03
C LEU B 120 27.66 -44.56 4.98
N ALA B 121 28.36 -45.35 5.80
CA ALA B 121 27.70 -46.16 6.82
C ALA B 121 27.43 -45.36 8.09
N LEU B 122 28.27 -44.36 8.37
CA LEU B 122 28.21 -43.64 9.63
C LEU B 122 27.16 -42.53 9.60
N SER B 123 27.03 -41.82 8.49
CA SER B 123 26.28 -40.56 8.45
C SER B 123 25.52 -40.42 7.14
N PRO B 124 24.54 -41.27 6.90
CA PRO B 124 23.64 -41.07 5.75
C PRO B 124 22.79 -39.83 5.94
N ALA B 125 22.72 -38.99 4.90
CA ALA B 125 22.02 -37.72 4.94
C ALA B 125 22.55 -36.80 6.04
N ASP B 126 23.72 -37.12 6.60
CA ASP B 126 24.26 -36.43 7.76
C ASP B 126 23.23 -36.32 8.89
N GLY B 127 22.37 -37.33 9.00
CA GLY B 127 21.47 -37.43 10.13
C GLY B 127 20.23 -36.56 10.06
N LEU B 128 19.93 -35.98 8.91
CA LEU B 128 18.78 -35.09 8.77
C LEU B 128 18.19 -35.27 7.39
N ILE B 129 16.91 -35.64 7.33
CA ILE B 129 16.18 -35.73 6.06
C ILE B 129 15.46 -34.40 5.86
N THR B 130 15.74 -33.75 4.72
CA THR B 130 15.11 -32.47 4.40
C THR B 130 14.52 -32.55 2.99
N GLY B 131 13.29 -32.07 2.84
CA GLY B 131 12.66 -32.03 1.54
C GLY B 131 11.28 -31.42 1.66
N VAL B 132 10.55 -31.43 0.55
CA VAL B 132 9.20 -30.89 0.49
C VAL B 132 8.30 -31.87 -0.25
N GLY B 133 7.09 -32.05 0.28
CA GLY B 133 6.10 -32.90 -0.36
C GLY B 133 4.72 -32.33 -0.18
N THR B 134 3.73 -33.20 0.00
CA THR B 134 2.37 -32.79 0.29
C THR B 134 1.87 -33.58 1.48
N VAL B 135 0.95 -32.97 2.24
CA VAL B 135 0.35 -33.61 3.41
C VAL B 135 -1.16 -33.45 3.30
N ASN B 136 -1.88 -34.55 3.51
CA ASN B 136 -3.34 -34.55 3.46
C ASN B 136 -3.85 -34.01 2.13
N ALA B 137 -3.11 -34.26 1.05
CA ALA B 137 -3.53 -33.78 -0.27
C ALA B 137 -4.84 -34.43 -0.70
N GLY B 138 -5.25 -35.51 -0.03
CA GLY B 138 -6.53 -36.12 -0.36
C GLY B 138 -7.70 -35.16 -0.16
N GLN B 139 -7.77 -34.52 1.00
CA GLN B 139 -8.84 -33.56 1.26
C GLN B 139 -8.50 -32.16 0.79
N PHE B 140 -7.21 -31.79 0.83
CA PHE B 140 -6.78 -30.41 0.60
C PHE B 140 -5.77 -30.39 -0.54
N PRO B 141 -6.19 -30.78 -1.74
CA PRO B 141 -5.24 -30.87 -2.87
C PRO B 141 -4.59 -29.55 -3.23
N ASP B 142 -5.27 -28.43 -2.99
CA ASP B 142 -4.76 -27.12 -3.40
C ASP B 142 -4.05 -26.38 -2.27
N THR B 143 -3.98 -26.97 -1.08
CA THR B 143 -3.30 -26.36 0.06
C THR B 143 -2.51 -27.42 0.82
N ALA B 144 -1.83 -28.30 0.08
CA ALA B 144 -1.22 -29.50 0.64
C ALA B 144 0.28 -29.38 0.82
N ALA B 145 0.90 -28.26 0.41
CA ALA B 145 2.35 -28.11 0.53
C ALA B 145 2.79 -28.38 1.97
N CYS B 146 3.88 -29.14 2.12
CA CYS B 146 4.41 -29.44 3.45
C CYS B 146 5.89 -29.79 3.34
N ALA B 147 6.74 -28.97 3.92
CA ALA B 147 8.15 -29.30 4.09
C ALA B 147 8.33 -30.13 5.35
N VAL B 148 9.41 -30.91 5.38
CA VAL B 148 9.72 -31.74 6.53
C VAL B 148 11.22 -31.73 6.75
N ALA B 149 11.62 -31.70 8.02
CA ALA B 149 13.02 -31.86 8.45
C ALA B 149 13.01 -32.84 9.61
N ALA B 150 13.48 -34.07 9.35
CA ALA B 150 13.40 -35.15 10.34
C ALA B 150 14.80 -35.61 10.68
N TYR B 151 15.20 -35.42 11.93
CA TYR B 151 16.48 -35.91 12.40
C TYR B 151 16.45 -37.43 12.56
N ASP B 152 17.59 -38.05 12.28
CA ASP B 152 17.76 -39.49 12.41
C ASP B 152 18.65 -39.75 13.63
N TYR B 153 18.03 -40.19 14.73
CA TYR B 153 18.79 -40.39 15.96
C TYR B 153 19.81 -41.50 15.85
N THR B 154 19.61 -42.44 14.91
CA THR B 154 20.59 -43.50 14.70
C THR B 154 21.85 -42.99 14.02
N VAL B 155 21.85 -41.75 13.55
CA VAL B 155 23.02 -41.13 12.93
C VAL B 155 23.60 -40.16 13.96
N LEU B 156 24.67 -40.58 14.62
CA LEU B 156 25.42 -39.72 15.53
C LEU B 156 24.50 -39.04 16.53
N ALA B 157 23.56 -39.82 17.07
CA ALA B 157 22.64 -39.33 18.12
C ALA B 157 21.82 -38.15 17.66
N GLY B 158 21.53 -38.08 16.35
CA GLY B 158 20.74 -36.99 15.81
C GLY B 158 21.32 -35.61 16.09
N THR B 159 22.63 -35.51 16.27
CA THR B 159 23.25 -34.24 16.59
C THR B 159 23.33 -33.34 15.36
N GLN B 160 23.47 -32.04 15.61
CA GLN B 160 23.48 -31.03 14.57
C GLN B 160 24.92 -30.77 14.15
N GLY B 161 25.25 -31.13 12.91
CA GLY B 161 26.58 -30.97 12.38
C GLY B 161 26.66 -29.88 11.32
N TYR B 162 27.84 -29.79 10.70
CA TYR B 162 28.08 -28.73 9.73
C TYR B 162 27.10 -28.82 8.56
N PHE B 163 26.98 -30.00 7.96
CA PHE B 163 26.22 -30.11 6.73
C PHE B 163 24.72 -30.10 6.97
N ASN B 164 24.23 -30.79 8.02
CA ASN B 164 22.79 -30.80 8.25
C ASN B 164 22.28 -29.46 8.76
N HIS B 165 23.16 -28.62 9.31
CA HIS B 165 22.80 -27.22 9.53
C HIS B 165 22.50 -26.53 8.20
N HIS B 166 23.40 -26.68 7.22
CA HIS B 166 23.20 -26.08 5.91
C HIS B 166 22.01 -26.69 5.18
N LYS B 167 21.76 -27.99 5.37
CA LYS B 167 20.56 -28.59 4.80
C LYS B 167 19.32 -27.92 5.35
N LEU B 168 19.25 -27.76 6.67
CA LEU B 168 18.10 -27.11 7.29
C LEU B 168 18.02 -25.63 6.90
N ASP B 169 19.18 -24.98 6.78
CA ASP B 169 19.21 -23.58 6.37
C ASP B 169 18.55 -23.39 5.00
N ARG B 170 18.84 -24.29 4.05
CA ARG B 170 18.24 -24.16 2.73
C ARG B 170 16.75 -24.45 2.76
N LEU B 171 16.33 -25.44 3.55
CA LEU B 171 14.91 -25.74 3.65
C LEU B 171 14.15 -24.57 4.25
N ILE B 172 14.70 -23.97 5.31
CA ILE B 172 14.07 -22.81 5.94
C ILE B 172 13.91 -21.68 4.93
N ALA B 173 14.98 -21.40 4.17
CA ALA B 173 14.94 -20.30 3.22
C ALA B 173 13.87 -20.52 2.15
N LEU B 174 13.76 -21.74 1.64
CA LEU B 174 12.74 -22.03 0.64
C LEU B 174 11.34 -22.00 1.26
N ALA B 175 11.22 -22.50 2.49
CA ALA B 175 9.90 -22.53 3.14
C ALA B 175 9.37 -21.14 3.38
N GLY B 176 10.25 -20.19 3.75
CA GLY B 176 9.81 -18.83 3.98
C GLY B 176 9.49 -18.09 2.69
N GLN B 177 10.23 -18.38 1.62
CA GLN B 177 9.99 -17.71 0.34
C GLN B 177 8.73 -18.23 -0.33
N TRP B 178 8.54 -19.55 -0.34
CA TRP B 178 7.41 -20.17 -1.04
C TRP B 178 6.29 -20.58 -0.10
N LYS B 179 6.40 -20.23 1.19
CA LYS B 179 5.31 -20.41 2.16
C LYS B 179 4.98 -21.89 2.38
N TRP B 180 6.00 -22.67 2.67
CA TRP B 180 5.82 -24.07 3.00
C TRP B 180 5.60 -24.23 4.50
N PRO B 181 4.53 -24.87 4.95
CA PRO B 181 4.49 -25.36 6.32
C PRO B 181 5.67 -26.30 6.54
N LEU B 182 6.19 -26.32 7.76
CA LEU B 182 7.37 -27.12 8.07
C LEU B 182 7.09 -27.96 9.31
N VAL B 183 7.25 -29.28 9.16
CA VAL B 183 7.16 -30.21 10.27
C VAL B 183 8.57 -30.63 10.66
N LEU B 184 8.90 -30.46 11.94
CA LEU B 184 10.24 -30.76 12.45
C LEU B 184 10.15 -31.93 13.42
N PHE B 185 10.87 -33.00 13.11
CA PHE B 185 11.10 -34.09 14.06
C PHE B 185 12.46 -33.82 14.71
N ALA B 186 12.42 -33.29 15.92
CA ALA B 186 13.58 -32.63 16.52
C ALA B 186 14.46 -33.56 17.33
N GLU B 187 14.11 -34.85 17.42
CA GLU B 187 14.92 -35.80 18.19
C GLU B 187 16.39 -35.66 17.85
N GLY B 188 17.21 -35.44 18.87
CA GLY B 188 18.63 -35.27 18.71
C GLY B 188 19.32 -34.69 19.93
N GLY B 189 20.64 -34.81 20.00
CA GLY B 189 21.40 -34.40 21.15
C GLY B 189 22.09 -33.05 21.05
N GLY B 190 21.75 -32.24 20.05
CA GLY B 190 22.35 -30.92 19.94
C GLY B 190 23.63 -30.89 19.11
N GLY B 191 24.47 -29.90 19.38
CA GLY B 191 25.67 -29.67 18.60
C GLY B 191 26.62 -30.85 18.53
N ARG B 192 27.11 -31.14 17.33
CA ARG B 192 28.00 -32.27 17.07
C ARG B 192 29.45 -31.86 17.28
N PRO B 193 30.24 -32.60 18.07
CA PRO B 193 31.61 -32.18 18.35
C PRO B 193 32.67 -32.72 17.39
N GLY B 194 32.33 -33.63 16.49
CA GLY B 194 33.31 -34.30 15.66
C GLY B 194 33.41 -33.85 14.22
N ASP B 195 32.80 -32.72 13.85
CA ASP B 195 32.89 -32.23 12.47
C ASP B 195 34.19 -31.45 12.32
N THR B 196 35.26 -32.21 12.11
CA THR B 196 36.60 -31.63 12.04
C THR B 196 36.93 -31.02 10.69
N ASP B 197 36.15 -31.30 9.64
CA ASP B 197 36.47 -30.79 8.31
C ASP B 197 36.47 -29.26 8.27
N MET B 198 35.68 -28.62 9.12
CA MET B 198 35.60 -27.17 9.12
C MET B 198 36.28 -26.61 10.36
N PRO B 199 37.32 -25.78 10.22
CA PRO B 199 37.85 -25.06 11.38
C PRO B 199 36.94 -23.92 11.80
N VAL B 200 36.95 -23.65 13.09
CA VAL B 200 35.90 -22.88 13.71
C VAL B 200 36.47 -22.33 15.00
N ALA B 201 36.05 -21.11 15.36
CA ALA B 201 36.54 -20.46 16.59
C ALA B 201 35.54 -20.72 17.68
N ALA B 202 34.43 -19.99 17.66
CA ALA B 202 33.32 -20.24 18.57
C ALA B 202 32.09 -20.80 17.87
N ALA B 203 31.95 -20.57 16.55
CA ALA B 203 30.84 -21.11 15.78
C ALA B 203 29.50 -20.59 16.30
N LEU B 204 29.45 -19.31 16.64
CA LEU B 204 28.25 -18.67 17.16
C LEU B 204 27.59 -17.76 16.12
N VAL B 205 27.94 -17.95 14.85
CA VAL B 205 27.33 -17.20 13.74
C VAL B 205 26.23 -17.99 13.05
N THR B 206 26.04 -19.25 13.40
CA THR B 206 25.05 -20.09 12.78
C THR B 206 23.69 -19.38 12.73
N PRO B 207 23.14 -19.13 11.55
CA PRO B 207 21.85 -18.43 11.45
C PRO B 207 20.62 -19.34 11.51
N THR B 208 20.83 -20.64 11.70
CA THR B 208 19.72 -21.60 11.62
C THR B 208 18.61 -21.25 12.61
N PHE B 209 18.97 -20.99 13.86
CA PHE B 209 17.96 -20.81 14.90
C PHE B 209 17.19 -19.52 14.70
N LEU B 210 17.89 -18.46 14.25
CA LEU B 210 17.22 -17.20 13.95
C LEU B 210 16.32 -17.34 12.72
N ASN B 211 16.83 -17.97 11.66
CA ASN B 211 16.05 -18.09 10.43
C ASN B 211 14.85 -19.01 10.63
N PHE B 212 15.01 -20.08 11.41
CA PHE B 212 13.87 -20.94 11.72
C PHE B 212 12.83 -20.18 12.52
N ALA B 213 13.26 -19.48 13.57
CA ALA B 213 12.34 -18.68 14.37
C ALA B 213 11.62 -17.64 13.53
N ALA B 214 12.25 -17.18 12.44
CA ALA B 214 11.63 -16.17 11.60
C ALA B 214 10.42 -16.71 10.83
N LEU B 215 10.32 -18.03 10.65
CA LEU B 215 9.15 -18.59 9.98
C LEU B 215 7.88 -18.44 10.81
N SER B 216 8.01 -18.21 12.12
CA SER B 216 6.84 -18.02 12.97
C SER B 216 6.05 -16.81 12.51
N GLY B 217 4.77 -17.01 12.23
CA GLY B 217 3.91 -15.99 11.68
C GLY B 217 3.80 -16.02 10.17
N GLN B 218 4.68 -16.76 9.50
CA GLN B 218 4.64 -16.92 8.05
C GLN B 218 4.01 -18.24 7.63
N VAL B 219 4.31 -19.32 8.35
CA VAL B 219 3.82 -20.64 7.99
C VAL B 219 3.55 -21.45 9.26
N PRO B 220 2.70 -22.47 9.21
CA PRO B 220 2.57 -23.36 10.36
C PRO B 220 3.89 -24.08 10.63
N LEU B 221 4.26 -24.13 11.91
CA LEU B 221 5.47 -24.82 12.35
C LEU B 221 5.08 -25.87 13.38
N VAL B 222 5.34 -27.14 13.05
CA VAL B 222 4.98 -28.26 13.90
C VAL B 222 6.26 -28.91 14.40
N GLY B 223 6.41 -29.01 15.72
CA GLY B 223 7.55 -29.64 16.35
C GLY B 223 7.16 -30.98 16.95
N VAL B 224 7.91 -32.01 16.59
CA VAL B 224 7.66 -33.37 17.06
C VAL B 224 8.91 -33.85 17.78
N ALA B 225 8.78 -34.15 19.06
CA ALA B 225 9.86 -34.69 19.87
C ALA B 225 9.51 -36.13 20.24
N ALA B 226 10.31 -37.09 19.74
CA ALA B 226 10.11 -38.50 20.01
C ALA B 226 11.44 -39.08 20.51
N GLY B 227 11.79 -38.73 21.74
CA GLY B 227 13.04 -39.19 22.34
C GLY B 227 13.82 -38.07 23.00
N ALA B 228 15.14 -38.16 22.96
CA ALA B 228 15.99 -37.12 23.51
C ALA B 228 16.04 -35.91 22.58
N CYS B 229 15.93 -34.72 23.15
CA CYS B 229 15.85 -33.49 22.35
C CYS B 229 16.50 -32.37 23.17
N PHE B 230 17.78 -32.12 22.93
CA PHE B 230 18.58 -31.26 23.77
C PHE B 230 19.26 -30.16 22.95
N ALA B 231 19.53 -29.05 23.62
CA ALA B 231 20.35 -27.94 23.08
C ALA B 231 19.69 -27.41 21.79
N GLY B 232 20.43 -27.31 20.69
CA GLY B 232 19.88 -26.69 19.49
C GLY B 232 18.64 -27.38 18.96
N ASN B 233 18.54 -28.70 19.15
CA ASN B 233 17.34 -29.42 18.73
C ASN B 233 16.12 -28.90 19.48
N ALA B 234 16.27 -28.63 20.78
CA ALA B 234 15.16 -28.11 21.57
C ALA B 234 14.89 -26.65 21.26
N ALA B 235 15.93 -25.88 20.91
CA ALA B 235 15.75 -24.49 20.54
C ALA B 235 14.84 -24.37 19.33
N LEU B 236 15.11 -25.17 18.29
CA LEU B 236 14.21 -25.21 17.14
C LEU B 236 12.81 -25.63 17.55
N LEU B 237 12.72 -26.67 18.40
CA LEU B 237 11.42 -27.16 18.85
C LEU B 237 10.64 -26.06 19.55
N GLY B 238 11.30 -25.32 20.44
CA GLY B 238 10.62 -24.29 21.22
C GLY B 238 10.05 -23.16 20.39
N CYS B 239 10.48 -23.02 19.14
CA CYS B 239 10.01 -21.96 18.26
C CYS B 239 8.80 -22.34 17.43
N CYS B 240 8.29 -23.57 17.57
CA CYS B 240 7.20 -24.04 16.74
C CYS B 240 5.85 -23.56 17.28
N ASP B 241 4.85 -23.56 16.39
CA ASP B 241 3.50 -23.21 16.81
C ASP B 241 2.98 -24.18 17.85
N VAL B 242 3.22 -25.48 17.64
CA VAL B 242 2.75 -26.54 18.52
C VAL B 242 3.89 -27.50 18.74
N VAL B 243 3.98 -28.04 19.96
CA VAL B 243 5.00 -29.01 20.33
C VAL B 243 4.30 -30.33 20.63
N ILE B 244 4.58 -31.34 19.82
CA ILE B 244 4.11 -32.70 20.05
C ILE B 244 5.25 -33.49 20.65
N ALA B 245 4.98 -34.20 21.75
CA ALA B 245 6.01 -34.97 22.43
C ALA B 245 5.46 -36.31 22.87
N THR B 246 6.26 -37.36 22.69
CA THR B 246 5.94 -38.66 23.25
C THR B 246 6.26 -38.68 24.73
N ARG B 247 5.56 -39.57 25.46
CA ARG B 247 5.78 -39.64 26.90
C ARG B 247 7.21 -40.02 27.25
N ASP B 248 7.87 -40.80 26.39
CA ASP B 248 9.24 -41.23 26.63
C ASP B 248 10.27 -40.19 26.19
N SER B 249 9.83 -38.97 25.85
CA SER B 249 10.74 -37.94 25.40
C SER B 249 11.32 -37.16 26.58
N SER B 250 12.48 -36.54 26.34
CA SER B 250 13.12 -35.68 27.30
C SER B 250 13.67 -34.46 26.58
N ILE B 251 13.28 -33.27 27.02
CA ILE B 251 13.56 -32.03 26.31
C ILE B 251 14.20 -31.05 27.28
N GLY B 252 15.28 -30.41 26.85
CA GLY B 252 15.94 -29.40 27.67
C GLY B 252 16.96 -28.64 26.85
N LEU B 253 17.35 -27.48 27.40
CA LEU B 253 18.36 -26.65 26.75
C LEU B 253 19.76 -27.23 26.87
N GLY B 254 19.95 -28.22 27.73
CA GLY B 254 21.24 -28.85 27.89
C GLY B 254 21.11 -30.35 28.07
N GLY B 255 21.90 -31.11 27.32
CA GLY B 255 21.92 -32.55 27.47
C GLY B 255 22.69 -32.98 28.71
N PRO B 256 22.72 -34.29 28.95
CA PRO B 256 23.43 -34.79 30.13
C PRO B 256 24.85 -34.25 30.24
N ALA B 257 25.61 -34.26 29.15
CA ALA B 257 26.97 -33.74 29.18
C ALA B 257 26.98 -32.24 29.49
N MET B 258 26.02 -31.50 28.94
CA MET B 258 26.01 -30.05 29.11
C MET B 258 25.64 -29.63 30.53
N ILE B 259 24.76 -30.40 31.19
CA ILE B 259 24.44 -30.13 32.59
C ILE B 259 25.64 -30.45 33.47
N GLU B 260 26.15 -31.69 33.37
CA GLU B 260 27.38 -32.08 34.04
C GLU B 260 28.51 -31.08 33.84
N GLY B 261 28.42 -30.23 32.81
CA GLY B 261 29.53 -29.36 32.45
C GLY B 261 29.63 -28.09 33.28
N GLY B 262 28.56 -27.70 33.97
CA GLY B 262 28.58 -26.46 34.72
C GLY B 262 28.08 -26.57 36.15
N GLY B 263 28.54 -27.58 36.88
CA GLY B 263 28.30 -27.67 38.30
C GLY B 263 27.04 -28.40 38.70
N LEU B 264 26.03 -28.44 37.83
CA LEU B 264 24.76 -29.10 38.12
C LEU B 264 24.82 -30.61 37.86
N GLY B 265 26.03 -31.16 37.81
CA GLY B 265 26.33 -32.58 37.74
C GLY B 265 25.44 -33.53 36.96
N VAL B 266 25.20 -34.68 37.56
CA VAL B 266 24.82 -35.91 36.85
C VAL B 266 23.31 -36.06 36.93
N VAL B 267 22.62 -35.58 35.91
CA VAL B 267 21.22 -35.88 35.71
C VAL B 267 21.11 -36.93 34.61
N ALA B 268 20.07 -37.74 34.67
CA ALA B 268 19.83 -38.70 33.62
C ALA B 268 19.19 -38.01 32.41
N ALA B 269 19.36 -38.64 31.25
CA ALA B 269 18.82 -38.04 30.03
C ALA B 269 17.31 -37.90 30.10
N GLY B 270 16.62 -38.94 30.59
CA GLY B 270 15.18 -38.90 30.69
C GLY B 270 14.66 -37.92 31.73
N ASP B 271 15.48 -37.61 32.74
CA ASP B 271 15.04 -36.78 33.85
C ASP B 271 15.23 -35.28 33.62
N ILE B 272 15.89 -34.88 32.53
CA ILE B 272 16.15 -33.46 32.31
C ILE B 272 14.84 -32.70 32.13
N GLY B 273 14.00 -33.18 31.21
CA GLY B 273 12.72 -32.55 30.96
C GLY B 273 11.70 -33.55 30.45
N PRO B 274 11.20 -34.40 31.35
CA PRO B 274 10.22 -35.41 30.93
C PRO B 274 8.95 -34.78 30.37
N ALA B 275 8.47 -35.37 29.26
CA ALA B 275 7.37 -34.78 28.51
C ALA B 275 6.16 -34.47 29.39
N GLU B 276 5.84 -35.37 30.33
CA GLU B 276 4.67 -35.14 31.17
C GLU B 276 4.84 -33.91 32.06
N VAL B 277 6.02 -33.74 32.64
CA VAL B 277 6.28 -32.54 33.43
C VAL B 277 6.19 -31.31 32.54
N LEU B 278 6.92 -31.33 31.41
CA LEU B 278 6.92 -30.19 30.50
C LEU B 278 5.53 -29.90 29.97
N ALA B 279 4.68 -30.93 29.83
CA ALA B 279 3.30 -30.69 29.45
C ALA B 279 2.57 -29.91 30.53
N GLN B 280 2.80 -30.26 31.80
CA GLN B 280 2.22 -29.52 32.91
C GLN B 280 2.74 -28.09 32.93
N LYS B 281 4.00 -27.89 32.55
CA LYS B 281 4.64 -26.59 32.60
C LYS B 281 4.44 -25.78 31.32
N GLY B 282 3.61 -26.26 30.39
CA GLY B 282 3.23 -25.49 29.22
C GLY B 282 4.22 -25.54 28.07
N VAL B 283 5.22 -26.42 28.12
CA VAL B 283 6.15 -26.55 27.01
C VAL B 283 5.65 -27.52 25.95
N VAL B 284 5.03 -28.63 26.38
CA VAL B 284 4.45 -29.61 25.48
C VAL B 284 2.97 -29.32 25.32
N ASP B 285 2.51 -29.23 24.07
CA ASP B 285 1.12 -28.93 23.77
C ASP B 285 0.29 -30.19 23.52
N LEU B 286 0.88 -31.20 22.88
CA LEU B 286 0.21 -32.47 22.61
C LEU B 286 1.11 -33.60 23.06
N LEU B 287 0.59 -34.46 23.92
CA LEU B 287 1.35 -35.55 24.52
C LEU B 287 0.90 -36.86 23.86
N ALA B 288 1.83 -37.52 23.18
CA ALA B 288 1.53 -38.73 22.42
C ALA B 288 2.03 -39.97 23.14
N GLU B 289 1.38 -41.10 22.84
CA GLU B 289 1.76 -42.37 23.48
C GLU B 289 3.03 -42.94 22.86
N ASN B 290 3.21 -42.79 21.55
CA ASN B 290 4.35 -43.38 20.87
C ASN B 290 4.65 -42.58 19.61
N ASP B 291 5.74 -42.96 18.94
CA ASP B 291 6.19 -42.25 17.75
C ASP B 291 5.09 -42.20 16.68
N ALA B 292 4.35 -43.30 16.54
CA ALA B 292 3.35 -43.37 15.47
C ALA B 292 2.22 -42.38 15.69
N GLU B 293 1.72 -42.27 16.93
CA GLU B 293 0.63 -41.34 17.19
C GLU B 293 1.11 -39.89 17.06
N ALA B 294 2.33 -39.60 17.50
CA ALA B 294 2.86 -38.25 17.38
C ALA B 294 2.89 -37.81 15.92
N ASN B 295 3.22 -38.73 15.02
CA ASN B 295 3.21 -38.42 13.59
C ASN B 295 1.78 -38.16 13.11
N GLU B 296 0.83 -38.97 13.57
CA GLU B 296 -0.56 -38.77 13.17
C GLU B 296 -1.10 -37.45 13.72
N LEU B 297 -0.70 -37.07 14.92
CA LEU B 297 -1.13 -35.80 15.49
C LEU B 297 -0.61 -34.63 14.66
N ALA B 298 0.57 -34.78 14.05
CA ALA B 298 1.09 -33.73 13.18
C ALA B 298 0.22 -33.54 11.94
N ARG B 299 -0.23 -34.65 11.33
CA ARG B 299 -1.14 -34.54 10.19
C ARG B 299 -2.49 -33.98 10.61
N ARG B 300 -3.03 -34.48 11.72
CA ARG B 300 -4.31 -33.97 12.22
C ARG B 300 -4.21 -32.47 12.48
N TYR B 301 -3.13 -32.04 13.14
CA TYR B 301 -2.97 -30.63 13.47
C TYR B 301 -3.00 -29.76 12.23
N LEU B 302 -2.34 -30.20 11.16
CA LEU B 302 -2.20 -29.35 9.97
C LEU B 302 -3.52 -29.16 9.23
N THR B 303 -4.44 -30.14 9.31
CA THR B 303 -5.69 -30.04 8.57
C THR B 303 -6.46 -28.77 8.93
N TYR B 304 -6.43 -28.35 10.20
CA TYR B 304 -7.19 -27.19 10.62
C TYR B 304 -6.72 -25.92 9.93
N PHE B 305 -5.54 -25.95 9.32
CA PHE B 305 -4.99 -24.79 8.62
C PHE B 305 -4.97 -24.98 7.10
N GLN B 306 -5.73 -25.96 6.60
CA GLN B 306 -5.73 -26.31 5.19
C GLN B 306 -7.06 -26.05 4.48
N GLY B 307 -8.07 -25.56 5.18
CA GLY B 307 -9.30 -25.12 4.56
C GLY B 307 -10.50 -25.89 5.05
N ASP B 308 -11.64 -25.61 4.41
CA ASP B 308 -12.90 -26.19 4.83
C ASP B 308 -12.95 -27.68 4.51
N VAL B 309 -13.95 -28.35 5.08
CA VAL B 309 -14.11 -29.79 4.96
C VAL B 309 -15.58 -30.09 4.68
N THR B 310 -15.82 -31.22 4.02
CA THR B 310 -17.16 -31.72 3.76
C THR B 310 -17.30 -33.13 4.32
N GLY B 311 -18.56 -33.57 4.46
CA GLY B 311 -18.84 -34.90 4.97
C GLY B 311 -18.91 -35.00 6.48
N TRP B 312 -18.93 -33.87 7.18
CA TRP B 312 -18.95 -33.84 8.63
C TRP B 312 -20.30 -34.30 9.17
N GLU B 313 -20.29 -34.72 10.45
CA GLU B 313 -21.49 -35.07 11.18
C GLU B 313 -21.45 -34.43 12.56
N ALA B 314 -22.61 -34.37 13.20
CA ALA B 314 -22.72 -33.74 14.50
C ALA B 314 -23.82 -34.43 15.30
N ALA B 315 -23.59 -34.56 16.61
CA ALA B 315 -24.54 -35.23 17.50
C ALA B 315 -25.85 -34.45 17.56
N ASP B 316 -26.83 -35.02 18.27
CA ASP B 316 -28.11 -34.34 18.49
C ASP B 316 -27.89 -33.11 19.37
N GLN B 317 -28.04 -31.92 18.78
CA GLN B 317 -27.73 -30.69 19.51
C GLN B 317 -28.69 -30.41 20.65
N ARG B 318 -29.84 -31.09 20.70
CA ARG B 318 -30.77 -30.87 21.80
C ARG B 318 -30.20 -31.34 23.14
N GLU B 319 -29.19 -32.22 23.12
CA GLU B 319 -28.54 -32.63 24.35
C GLU B 319 -27.74 -31.51 24.98
N LEU B 320 -27.41 -30.45 24.22
CA LEU B 320 -26.76 -29.28 24.79
C LEU B 320 -27.64 -28.56 25.79
N ARG B 321 -28.95 -28.81 25.74
CA ARG B 321 -29.87 -28.24 26.71
C ARG B 321 -29.72 -28.86 28.09
N TRP B 322 -29.07 -30.01 28.20
CA TRP B 322 -29.04 -30.78 29.43
C TRP B 322 -27.62 -30.99 29.95
N VAL B 323 -26.62 -30.34 29.36
CA VAL B 323 -25.25 -30.56 29.79
C VAL B 323 -24.90 -29.74 31.03
N ILE B 324 -25.48 -28.55 31.18
CA ILE B 324 -25.15 -27.66 32.29
C ILE B 324 -26.24 -27.77 33.35
N PRO B 325 -25.90 -28.05 34.61
CA PRO B 325 -26.93 -28.20 35.65
C PRO B 325 -27.76 -26.94 35.83
N GLN B 326 -29.03 -27.15 36.18
CA GLN B 326 -29.87 -26.07 36.67
C GLN B 326 -29.39 -25.55 38.02
N VAL B 327 -28.67 -26.38 38.77
CA VAL B 327 -28.13 -25.98 40.08
C VAL B 327 -26.91 -25.09 39.84
N ARG B 328 -26.92 -23.89 40.40
CA ARG B 328 -25.79 -22.99 40.25
C ARG B 328 -24.55 -23.58 40.91
N LYS B 329 -23.39 -23.26 40.34
CA LYS B 329 -22.11 -23.66 40.88
C LYS B 329 -21.85 -25.15 40.72
N ARG B 330 -22.90 -25.95 40.59
CA ARG B 330 -22.74 -27.37 40.31
C ARG B 330 -21.94 -27.55 39.03
N ALA B 331 -20.81 -28.26 39.13
CA ALA B 331 -19.91 -28.38 38.00
C ALA B 331 -20.40 -29.44 37.02
N TYR B 332 -19.72 -29.50 35.87
CA TYR B 332 -20.08 -30.38 34.77
C TYR B 332 -18.84 -30.62 33.94
N ASP B 333 -18.95 -31.53 32.97
CA ASP B 333 -17.87 -31.82 32.05
C ASP B 333 -17.98 -30.87 30.85
N VAL B 334 -17.08 -29.88 30.80
CA VAL B 334 -17.09 -28.92 29.71
C VAL B 334 -16.63 -29.59 28.42
N ARG B 335 -15.74 -30.57 28.51
CA ARG B 335 -15.25 -31.25 27.32
C ARG B 335 -16.36 -32.07 26.66
N ALA B 336 -17.34 -32.55 27.43
CA ALA B 336 -18.49 -33.20 26.84
C ALA B 336 -19.32 -32.19 26.04
N LEU B 337 -19.52 -31.00 26.61
CA LEU B 337 -20.22 -29.94 25.88
C LEU B 337 -19.54 -29.65 24.55
N LEU B 338 -18.21 -29.48 24.57
CA LEU B 338 -17.49 -29.18 23.35
C LEU B 338 -17.70 -30.26 22.30
N HIS B 339 -17.55 -31.53 22.69
CA HIS B 339 -17.66 -32.62 21.73
C HIS B 339 -19.07 -32.74 21.17
N LEU B 340 -20.08 -32.36 21.95
CA LEU B 340 -21.44 -32.30 21.42
C LEU B 340 -21.59 -31.18 20.40
N LEU B 341 -20.96 -30.02 20.69
CA LEU B 341 -21.07 -28.87 19.81
C LEU B 341 -20.27 -29.06 18.53
N ALA B 342 -19.04 -29.53 18.67
CA ALA B 342 -18.14 -29.65 17.52
C ALA B 342 -18.56 -30.78 16.61
N ASP B 343 -18.13 -30.69 15.35
CA ASP B 343 -18.33 -31.80 14.43
C ASP B 343 -17.74 -33.08 15.04
N THR B 344 -18.41 -34.20 14.81
CA THR B 344 -18.00 -35.45 15.42
C THR B 344 -16.56 -35.78 15.04
N GLY B 345 -15.71 -35.96 16.04
CA GLY B 345 -14.33 -36.35 15.81
C GLY B 345 -13.40 -35.22 15.41
N SER B 346 -13.86 -33.97 15.45
CA SER B 346 -13.07 -32.84 14.97
C SER B 346 -12.29 -32.13 16.08
N VAL B 347 -12.43 -32.55 17.33
CA VAL B 347 -11.86 -31.82 18.46
C VAL B 347 -10.41 -32.27 18.67
N LEU B 348 -9.49 -31.30 18.71
CA LEU B 348 -8.10 -31.55 19.07
C LEU B 348 -7.70 -30.52 20.13
N GLU B 349 -7.78 -30.90 21.39
CA GLU B 349 -7.42 -30.00 22.49
C GLU B 349 -5.91 -29.87 22.59
N LEU B 350 -5.45 -28.65 22.79
CA LEU B 350 -4.03 -28.32 22.89
C LEU B 350 -3.68 -27.90 24.31
N ARG B 351 -2.53 -28.38 24.80
CA ARG B 351 -1.91 -27.82 26.00
C ARG B 351 -2.77 -28.05 27.24
N ARG B 352 -3.42 -29.22 27.32
CA ARG B 352 -4.40 -29.47 28.38
C ARG B 352 -3.75 -29.47 29.76
N ALA B 353 -2.57 -30.06 29.89
CA ALA B 353 -1.95 -30.19 31.20
C ALA B 353 -1.55 -28.84 31.79
N PHE B 354 -1.37 -27.82 30.95
CA PHE B 354 -0.97 -26.49 31.38
C PHE B 354 -2.20 -25.61 31.55
N ALA B 355 -2.26 -24.91 32.67
CA ALA B 355 -3.39 -24.02 32.99
C ALA B 355 -4.71 -24.71 32.68
N PRO B 356 -4.97 -25.86 33.31
CA PRO B 356 -6.19 -26.62 32.98
C PRO B 356 -7.47 -25.86 33.26
N GLY B 357 -7.41 -24.79 34.04
CA GLY B 357 -8.58 -23.97 34.25
C GLY B 357 -9.15 -23.38 32.98
N LEU B 358 -8.34 -23.28 31.93
CA LEU B 358 -8.76 -22.71 30.66
C LEU B 358 -8.45 -23.71 29.55
N LEU B 359 -9.49 -24.15 28.85
CA LEU B 359 -9.35 -25.10 27.75
C LEU B 359 -9.09 -24.36 26.43
N THR B 360 -8.15 -24.90 25.64
CA THR B 360 -7.91 -24.43 24.28
C THR B 360 -7.94 -25.63 23.34
N ALA B 361 -8.69 -25.51 22.24
CA ALA B 361 -8.83 -26.62 21.32
C ALA B 361 -9.09 -26.12 19.91
N LEU B 362 -8.53 -26.84 18.93
CA LEU B 362 -8.90 -26.69 17.53
C LEU B 362 -10.04 -27.66 17.22
N VAL B 363 -11.11 -27.16 16.61
CA VAL B 363 -12.29 -27.96 16.29
C VAL B 363 -12.78 -27.56 14.89
N ARG B 364 -13.85 -28.21 14.47
CA ARG B 364 -14.58 -27.82 13.27
C ARG B 364 -16.07 -27.77 13.58
N ILE B 365 -16.74 -26.77 13.02
CA ILE B 365 -18.18 -26.64 13.12
C ILE B 365 -18.72 -26.43 11.72
N GLY B 366 -19.57 -27.34 11.26
CA GLY B 366 -20.05 -27.30 9.89
C GLY B 366 -18.95 -27.41 8.86
N GLY B 367 -17.88 -28.14 9.18
CA GLY B 367 -16.72 -28.23 8.31
C GLY B 367 -15.76 -27.07 8.43
N LYS B 368 -16.12 -26.02 9.16
CA LYS B 368 -15.30 -24.82 9.29
C LYS B 368 -14.36 -24.96 10.47
N ALA B 369 -13.07 -24.70 10.25
CA ALA B 369 -12.10 -24.77 11.32
C ALA B 369 -12.31 -23.61 12.30
N PHE B 370 -12.44 -23.94 13.58
CA PHE B 370 -12.56 -22.97 14.66
C PHE B 370 -11.46 -23.21 15.69
N GLY B 371 -11.01 -22.13 16.31
CA GLY B 371 -10.27 -22.21 17.56
C GLY B 371 -11.23 -21.94 18.70
N VAL B 372 -11.08 -22.70 19.79
CA VAL B 372 -12.00 -22.61 20.92
C VAL B 372 -11.21 -22.32 22.19
N ILE B 373 -11.68 -21.34 22.95
CA ILE B 373 -11.26 -21.13 24.33
C ILE B 373 -12.48 -21.37 25.21
N ALA B 374 -12.26 -21.97 26.37
CA ALA B 374 -13.37 -22.31 27.25
C ALA B 374 -12.87 -22.42 28.68
N ASN B 375 -13.68 -21.94 29.62
CA ASN B 375 -13.39 -22.10 31.03
C ASN B 375 -13.81 -23.49 31.49
N ASP B 376 -12.95 -24.14 32.26
CA ASP B 376 -13.26 -25.44 32.85
C ASP B 376 -13.74 -25.22 34.28
N PRO B 377 -15.04 -25.32 34.57
CA PRO B 377 -15.51 -25.05 35.93
C PRO B 377 -14.98 -26.02 36.97
N ALA B 378 -14.47 -27.18 36.55
CA ALA B 378 -13.95 -28.18 37.48
C ALA B 378 -12.58 -27.82 38.04
N VAL B 379 -11.91 -26.83 37.47
CA VAL B 379 -10.57 -26.43 37.89
C VAL B 379 -10.64 -24.99 38.39
N LEU B 380 -10.33 -24.79 39.67
CA LEU B 380 -10.34 -23.46 40.27
C LEU B 380 -11.69 -22.77 40.07
N GLY B 381 -12.76 -23.57 40.01
CA GLY B 381 -14.09 -23.03 39.79
C GLY B 381 -14.30 -22.39 38.44
N GLY B 382 -13.40 -22.60 37.48
CA GLY B 382 -13.45 -21.90 36.22
C GLY B 382 -12.86 -20.50 36.26
N ALA B 383 -12.08 -20.18 37.30
CA ALA B 383 -11.47 -18.88 37.40
C ALA B 383 -10.31 -18.75 36.42
N ILE B 384 -10.04 -17.51 36.03
CA ILE B 384 -8.96 -17.20 35.10
C ILE B 384 -7.79 -16.66 35.92
N ASP B 385 -6.70 -17.41 35.97
CA ASP B 385 -5.49 -17.02 36.66
C ASP B 385 -4.42 -16.62 35.63
N ALA B 386 -3.24 -16.26 36.13
CA ALA B 386 -2.16 -15.80 35.26
C ALA B 386 -1.85 -16.83 34.19
N ALA B 387 -1.74 -18.10 34.57
CA ALA B 387 -1.43 -19.14 33.59
C ALA B 387 -2.54 -19.29 32.57
N GLY B 388 -3.80 -19.21 33.02
CA GLY B 388 -4.92 -19.30 32.08
C GLY B 388 -4.93 -18.15 31.09
N ALA B 389 -4.48 -16.97 31.50
CA ALA B 389 -4.40 -15.85 30.56
C ALA B 389 -3.30 -16.08 29.54
N ASP B 390 -2.12 -16.54 29.99
CA ASP B 390 -1.05 -16.87 29.05
C ASP B 390 -1.51 -17.90 28.04
N LYS B 391 -2.16 -18.97 28.51
CA LYS B 391 -2.61 -20.03 27.62
C LYS B 391 -3.59 -19.49 26.59
N ALA B 392 -4.57 -18.70 27.05
CA ALA B 392 -5.58 -18.15 26.14
C ALA B 392 -4.98 -17.14 25.18
N ALA B 393 -4.19 -16.20 25.72
CA ALA B 393 -3.63 -15.15 24.88
C ALA B 393 -2.78 -15.75 23.75
N ARG B 394 -1.90 -16.70 24.08
CA ARG B 394 -1.04 -17.28 23.06
C ARG B 394 -1.86 -18.07 22.05
N PHE B 395 -3.00 -18.61 22.46
CA PHE B 395 -3.85 -19.34 21.54
C PHE B 395 -4.55 -18.37 20.59
N LEU B 396 -4.97 -17.21 21.10
CA LEU B 396 -5.51 -16.17 20.24
C LEU B 396 -4.47 -15.71 19.22
N ASN B 397 -3.23 -15.52 19.68
CA ASN B 397 -2.14 -15.21 18.78
C ASN B 397 -2.06 -16.23 17.65
N LEU B 398 -2.10 -17.51 18.00
CA LEU B 398 -2.01 -18.56 16.99
C LEU B 398 -3.15 -18.46 15.99
N CYS B 399 -4.39 -18.41 16.48
CA CYS B 399 -5.55 -18.40 15.58
C CYS B 399 -5.58 -17.14 14.75
N ASP B 400 -5.33 -15.98 15.36
CA ASP B 400 -5.33 -14.73 14.62
C ASP B 400 -4.22 -14.71 13.58
N THR B 401 -3.03 -15.20 13.95
CA THR B 401 -1.91 -15.23 13.02
C THR B 401 -2.21 -16.13 11.82
N HIS B 402 -2.72 -17.33 12.09
CA HIS B 402 -3.02 -18.28 11.03
C HIS B 402 -4.47 -18.20 10.57
N ARG B 403 -5.17 -17.12 10.92
CA ARG B 403 -6.41 -16.71 10.25
C ARG B 403 -7.57 -17.66 10.55
N LEU B 404 -7.67 -18.13 11.79
CA LEU B 404 -8.81 -18.96 12.17
C LEU B 404 -9.82 -18.16 12.98
N PRO B 405 -11.12 -18.36 12.78
CA PRO B 405 -12.10 -17.74 13.68
C PRO B 405 -12.04 -18.39 15.06
N VAL B 406 -12.50 -17.64 16.06
CA VAL B 406 -12.38 -18.06 17.45
C VAL B 406 -13.77 -18.11 18.07
N LEU B 407 -14.02 -19.18 18.83
CA LEU B 407 -15.23 -19.34 19.62
C LEU B 407 -14.85 -19.33 21.10
N SER B 408 -15.62 -18.59 21.90
CA SER B 408 -15.39 -18.49 23.33
C SER B 408 -16.61 -19.02 24.08
N LEU B 409 -16.40 -20.05 24.91
CA LEU B 409 -17.45 -20.63 25.75
C LEU B 409 -17.23 -20.12 27.17
N VAL B 410 -18.08 -19.18 27.60
CA VAL B 410 -17.85 -18.43 28.84
C VAL B 410 -18.65 -19.07 29.97
N ASP B 411 -17.95 -19.54 30.99
CA ASP B 411 -18.54 -20.02 32.23
C ASP B 411 -17.52 -19.78 33.34
N THR B 412 -17.36 -18.51 33.71
CA THR B 412 -16.30 -18.15 34.65
C THR B 412 -16.81 -17.20 35.71
N PRO B 413 -16.30 -17.31 36.95
CA PRO B 413 -16.57 -16.28 37.95
C PRO B 413 -15.71 -15.03 37.78
N GLY B 414 -14.76 -15.04 36.85
CA GLY B 414 -13.89 -13.90 36.62
C GLY B 414 -12.44 -14.21 36.87
N PHE B 415 -11.61 -13.17 37.00
CA PHE B 415 -10.21 -13.37 37.27
C PHE B 415 -10.01 -13.89 38.69
N MET B 416 -9.04 -14.79 38.86
CA MET B 416 -8.61 -15.20 40.18
C MET B 416 -8.14 -13.98 40.97
N VAL B 417 -8.29 -14.02 42.29
CA VAL B 417 -7.93 -12.91 43.16
C VAL B 417 -7.19 -13.45 44.38
N GLY B 418 -6.64 -12.52 45.17
CA GLY B 418 -5.94 -12.88 46.39
C GLY B 418 -4.44 -12.65 46.29
N PRO B 419 -3.77 -12.53 47.44
CA PRO B 419 -2.33 -12.21 47.41
C PRO B 419 -1.48 -13.26 46.72
N ALA B 420 -1.85 -14.54 46.81
CA ALA B 420 -1.09 -15.57 46.12
C ALA B 420 -1.20 -15.41 44.61
N SER B 421 -2.40 -15.08 44.12
CA SER B 421 -2.58 -14.86 42.69
C SER B 421 -1.77 -13.64 42.23
N GLU B 422 -1.83 -12.54 42.99
CA GLU B 422 -1.10 -11.34 42.59
C GLU B 422 0.40 -11.60 42.53
N ALA B 423 0.90 -12.52 43.37
CA ALA B 423 2.32 -12.85 43.35
C ALA B 423 2.72 -13.68 42.15
N GLU B 424 1.75 -14.24 41.42
CA GLU B 424 2.02 -14.91 40.15
C GLU B 424 2.05 -13.93 38.98
N GLY B 425 2.04 -12.62 39.26
CA GLY B 425 2.07 -11.63 38.20
C GLY B 425 0.74 -11.45 37.50
N ALA B 426 -0.37 -11.73 38.19
CA ALA B 426 -1.67 -11.79 37.54
C ALA B 426 -2.01 -10.50 36.80
N VAL B 427 -1.67 -9.34 37.39
CA VAL B 427 -2.05 -8.08 36.77
C VAL B 427 -1.45 -7.95 35.37
N ARG B 428 -0.17 -8.33 35.23
CA ARG B 428 0.47 -8.28 33.92
C ARG B 428 -0.03 -9.41 33.03
N HIS B 429 -0.16 -10.61 33.57
CA HIS B 429 -0.48 -11.76 32.73
C HIS B 429 -1.90 -11.67 32.16
N VAL B 430 -2.88 -11.22 32.95
CA VAL B 430 -4.24 -11.10 32.43
C VAL B 430 -4.39 -9.90 31.51
N SER B 431 -3.53 -8.89 31.64
CA SER B 431 -3.56 -7.77 30.71
C SER B 431 -3.25 -8.20 29.29
N ARG B 432 -2.55 -9.32 29.12
CA ARG B 432 -2.26 -9.84 27.79
C ARG B 432 -3.53 -10.09 26.99
N LEU B 433 -4.61 -10.49 27.67
CA LEU B 433 -5.86 -10.80 26.99
C LEU B 433 -6.45 -9.56 26.34
N PHE B 434 -6.53 -8.46 27.09
CA PHE B 434 -7.08 -7.24 26.52
C PHE B 434 -6.19 -6.70 25.40
N VAL B 435 -4.87 -6.70 25.62
CA VAL B 435 -3.95 -6.21 24.60
C VAL B 435 -4.01 -7.09 23.36
N ARG B 436 -4.09 -8.40 23.56
CA ARG B 436 -4.16 -9.32 22.42
C ARG B 436 -5.48 -9.16 21.67
N ALA B 437 -6.60 -9.22 22.40
CA ALA B 437 -7.90 -9.24 21.76
C ALA B 437 -8.20 -7.95 21.02
N ALA B 438 -7.61 -6.83 21.45
CA ALA B 438 -7.86 -5.54 20.80
C ALA B 438 -7.28 -5.47 19.40
N LYS B 439 -6.37 -6.37 19.05
CA LYS B 439 -5.72 -6.35 17.74
C LYS B 439 -6.13 -7.52 16.86
N LEU B 440 -7.16 -8.26 17.25
CA LEU B 440 -7.62 -9.37 16.44
C LEU B 440 -8.20 -8.87 15.13
N THR B 441 -7.99 -9.64 14.07
CA THR B 441 -8.57 -9.37 12.76
C THR B 441 -9.25 -10.62 12.21
N VAL B 442 -9.63 -11.55 13.07
CA VAL B 442 -10.43 -12.71 12.69
C VAL B 442 -11.80 -12.58 13.36
N PRO B 443 -12.82 -13.28 12.88
CA PRO B 443 -14.11 -13.27 13.58
C PRO B 443 -13.98 -13.89 14.96
N PHE B 444 -14.65 -13.26 15.93
CA PHE B 444 -14.67 -13.73 17.31
C PHE B 444 -16.12 -13.83 17.77
N PHE B 445 -16.51 -15.01 18.26
CA PHE B 445 -17.86 -15.25 18.73
C PHE B 445 -17.82 -15.69 20.19
N ALA B 446 -18.76 -15.19 20.98
CA ALA B 446 -18.83 -15.49 22.41
C ALA B 446 -20.18 -16.13 22.73
N VAL B 447 -20.14 -17.31 23.34
CA VAL B 447 -21.34 -18.00 23.80
C VAL B 447 -21.22 -18.15 25.31
N VAL B 448 -22.05 -17.41 26.05
CA VAL B 448 -22.10 -17.55 27.50
C VAL B 448 -22.96 -18.75 27.82
N THR B 449 -22.32 -19.84 28.25
CA THR B 449 -23.05 -21.06 28.59
C THR B 449 -23.69 -20.97 29.97
N ARG B 450 -23.04 -20.27 30.90
CA ARG B 450 -23.60 -20.06 32.23
C ARG B 450 -23.07 -18.77 32.86
N ARG B 451 -21.98 -18.85 33.61
CA ARG B 451 -21.50 -17.71 34.39
C ARG B 451 -20.67 -16.77 33.54
N ALA B 452 -20.81 -15.46 33.81
CA ALA B 452 -20.02 -14.42 33.14
C ALA B 452 -19.90 -13.25 34.12
N TYR B 453 -18.84 -13.27 34.92
CA TYR B 453 -18.68 -12.32 36.02
C TYR B 453 -17.39 -11.53 35.87
N GLY B 454 -17.51 -10.20 35.99
CA GLY B 454 -16.36 -9.33 36.18
C GLY B 454 -15.51 -9.09 34.94
N LEU B 455 -14.34 -8.49 35.19
CA LEU B 455 -13.39 -8.24 34.11
C LEU B 455 -12.99 -9.51 33.39
N GLY B 456 -12.95 -10.63 34.12
CA GLY B 456 -12.56 -11.89 33.50
C GLY B 456 -13.51 -12.31 32.40
N ALA B 457 -14.81 -12.12 32.61
CA ALA B 457 -15.78 -12.45 31.57
C ALA B 457 -15.60 -11.54 30.36
N GLN B 458 -15.35 -10.25 30.59
CA GLN B 458 -15.08 -9.34 29.49
C GLN B 458 -13.86 -9.79 28.69
N ALA B 459 -12.82 -10.25 29.38
CA ALA B 459 -11.63 -10.73 28.68
C ALA B 459 -11.95 -11.96 27.85
N MET B 460 -12.80 -12.86 28.37
CA MET B 460 -13.20 -14.04 27.61
C MET B 460 -13.96 -13.67 26.36
N ALA B 461 -14.65 -12.53 26.37
CA ALA B 461 -15.34 -12.01 25.20
C ALA B 461 -14.50 -11.03 24.41
N ALA B 462 -13.17 -11.19 24.45
CA ALA B 462 -12.24 -10.40 23.65
C ALA B 462 -12.25 -8.92 24.04
N GLY B 463 -12.55 -8.62 25.29
CA GLY B 463 -12.45 -7.26 25.79
C GLY B 463 -13.71 -6.71 26.39
N SER B 464 -14.85 -7.06 25.79
CA SER B 464 -16.15 -6.66 26.31
C SER B 464 -17.20 -7.52 25.62
N LEU B 465 -18.42 -7.49 26.14
CA LEU B 465 -19.50 -8.30 25.58
C LEU B 465 -19.90 -7.86 24.18
N HIS B 466 -19.48 -6.68 23.75
CA HIS B 466 -19.75 -6.19 22.40
C HIS B 466 -18.56 -6.31 21.47
N ALA B 467 -17.42 -6.78 21.97
CA ALA B 467 -16.23 -6.97 21.14
C ALA B 467 -16.45 -8.09 20.11
N PRO B 468 -17.08 -9.21 20.48
CA PRO B 468 -17.31 -10.26 19.49
C PRO B 468 -18.28 -9.80 18.39
N ALA B 469 -18.16 -10.46 17.24
CA ALA B 469 -19.09 -10.22 16.15
C ALA B 469 -20.49 -10.70 16.50
N LEU B 470 -20.59 -11.67 17.40
CA LEU B 470 -21.87 -12.15 17.91
C LEU B 470 -21.66 -12.60 19.34
N THR B 471 -22.51 -12.11 20.24
CA THR B 471 -22.49 -12.49 21.64
C THR B 471 -23.88 -13.00 22.00
N VAL B 472 -23.98 -14.28 22.33
CA VAL B 472 -25.24 -14.89 22.73
C VAL B 472 -25.05 -15.54 24.10
N SER B 473 -26.17 -15.71 24.80
CA SER B 473 -26.20 -16.38 26.08
C SER B 473 -27.20 -17.53 26.03
N TRP B 474 -26.86 -18.64 26.67
CA TRP B 474 -27.83 -19.69 26.89
C TRP B 474 -28.82 -19.23 27.96
N PRO B 475 -30.00 -19.86 28.02
CA PRO B 475 -31.03 -19.36 28.95
C PRO B 475 -30.58 -19.32 30.40
N GLY B 476 -29.65 -20.19 30.79
CA GLY B 476 -29.15 -20.23 32.14
C GLY B 476 -28.03 -19.26 32.44
N GLY B 477 -27.75 -18.32 31.54
CA GLY B 477 -26.68 -17.37 31.74
C GLY B 477 -26.92 -16.47 32.94
N GLU B 478 -25.93 -16.39 33.83
CA GLU B 478 -25.98 -15.52 35.00
C GLU B 478 -24.83 -14.53 34.92
N PHE B 479 -25.14 -13.25 34.99
CA PHE B 479 -24.16 -12.19 34.79
C PHE B 479 -24.07 -11.32 36.02
N GLY B 480 -22.98 -10.56 36.08
CA GLY B 480 -22.76 -9.60 37.13
C GLY B 480 -21.28 -9.37 37.31
N PRO B 481 -20.90 -8.52 38.25
CA PRO B 481 -19.50 -8.53 38.71
C PRO B 481 -19.40 -9.35 40.00
N MET B 482 -18.23 -9.91 40.27
CA MET B 482 -17.97 -10.44 41.60
C MET B 482 -18.82 -11.65 41.95
N GLY B 483 -18.41 -12.36 43.01
CA GLY B 483 -19.24 -13.43 43.54
C GLY B 483 -20.50 -12.86 44.14
N LEU B 484 -21.66 -13.24 43.60
CA LEU B 484 -22.91 -12.59 43.96
C LEU B 484 -23.23 -12.78 45.44
N GLU B 485 -23.11 -14.01 45.95
CA GLU B 485 -23.42 -14.26 47.35
C GLU B 485 -22.50 -13.46 48.27
N GLY B 486 -21.20 -13.44 47.96
CA GLY B 486 -20.29 -12.63 48.74
C GLY B 486 -20.57 -11.15 48.62
N ALA B 487 -21.02 -10.70 47.44
CA ALA B 487 -21.27 -9.29 47.22
C ALA B 487 -22.35 -8.76 48.16
N VAL B 488 -23.48 -9.47 48.24
CA VAL B 488 -24.58 -9.01 49.09
C VAL B 488 -24.16 -9.04 50.56
N ARG B 489 -23.56 -10.15 51.00
CA ARG B 489 -23.17 -10.28 52.40
C ARG B 489 -22.18 -9.20 52.80
N LEU B 490 -21.20 -8.92 51.94
CA LEU B 490 -20.21 -7.89 52.24
C LEU B 490 -20.71 -6.49 51.95
N GLY B 491 -21.66 -6.35 51.02
CA GLY B 491 -22.20 -5.03 50.72
C GLY B 491 -23.09 -4.51 51.83
N TYR B 492 -23.91 -5.39 52.41
CA TYR B 492 -24.81 -5.00 53.50
C TYR B 492 -24.35 -5.64 54.81
N ARG B 493 -23.05 -5.54 55.10
CA ARG B 493 -22.42 -6.24 56.24
C ARG B 493 -22.86 -5.67 57.58
N ARG B 494 -21.96 -4.97 58.28
CA ARG B 494 -22.26 -4.46 59.61
C ARG B 494 -23.38 -3.43 59.56
N GLU B 495 -23.39 -2.60 58.53
CA GLU B 495 -24.54 -1.77 58.25
C GLU B 495 -25.67 -2.64 57.74
N LEU B 496 -26.90 -2.15 57.90
CA LEU B 496 -28.04 -2.74 57.21
C LEU B 496 -28.44 -4.07 57.86
N ALA B 497 -27.56 -5.06 57.83
CA ALA B 497 -27.85 -6.36 58.45
C ALA B 497 -28.04 -6.26 59.96
N ALA B 498 -27.69 -5.16 60.60
CA ALA B 498 -28.10 -4.97 61.98
C ALA B 498 -29.62 -5.11 62.07
N VAL B 499 -30.10 -6.35 61.98
CA VAL B 499 -31.54 -6.64 61.97
C VAL B 499 -32.03 -6.96 63.37
N SER B 500 -31.32 -7.86 64.06
CA SER B 500 -31.77 -8.48 65.30
C SER B 500 -32.75 -9.59 64.96
N ASP B 501 -32.75 -10.66 65.77
CA ASP B 501 -33.41 -11.93 65.44
C ASP B 501 -32.61 -12.61 64.33
N PRO B 502 -32.02 -13.78 64.60
CA PRO B 502 -31.20 -14.43 63.56
C PRO B 502 -31.99 -14.85 62.33
N GLN B 503 -33.29 -15.11 62.48
CA GLN B 503 -34.08 -15.68 61.39
C GLN B 503 -34.60 -14.61 60.44
N GLU B 504 -34.76 -13.37 60.89
CA GLU B 504 -35.19 -12.29 60.01
C GLU B 504 -34.06 -11.83 59.11
N ARG B 505 -32.83 -11.86 59.61
CA ARG B 505 -31.68 -11.38 58.85
C ARG B 505 -31.33 -12.31 57.70
N GLU B 506 -31.54 -13.61 57.87
CA GLU B 506 -31.32 -14.56 56.78
C GLU B 506 -32.33 -14.38 55.66
N ALA B 507 -33.53 -13.89 55.99
CA ALA B 507 -34.55 -13.66 54.98
C ALA B 507 -34.22 -12.42 54.15
N LEU B 508 -33.64 -11.39 54.79
CA LEU B 508 -33.26 -10.19 54.07
C LEU B 508 -32.09 -10.46 53.14
N TYR B 509 -31.12 -11.28 53.59
CA TYR B 509 -29.98 -11.63 52.76
C TYR B 509 -30.42 -12.42 51.53
N GLN B 510 -31.20 -13.49 51.73
CA GLN B 510 -31.64 -14.31 50.62
C GLN B 510 -32.51 -13.54 49.64
N LYS B 511 -33.16 -12.47 50.11
CA LYS B 511 -33.95 -11.62 49.22
C LYS B 511 -33.04 -10.73 48.36
N LEU B 512 -32.05 -10.09 48.99
CA LEU B 512 -31.14 -9.21 48.25
C LEU B 512 -30.30 -9.99 47.25
N VAL B 513 -29.91 -11.21 47.60
CA VAL B 513 -29.19 -12.06 46.65
C VAL B 513 -30.09 -12.41 45.47
N ALA B 514 -31.36 -12.74 45.75
CA ALA B 514 -32.29 -13.09 44.69
C ALA B 514 -32.60 -11.90 43.80
N GLN B 515 -32.69 -10.70 44.39
CA GLN B 515 -32.88 -9.50 43.58
C GLN B 515 -31.68 -9.29 42.65
N ALA B 516 -30.48 -9.58 43.15
CA ALA B 516 -29.28 -9.36 42.37
C ALA B 516 -29.05 -10.45 41.32
N TYR B 517 -29.46 -11.69 41.60
CA TYR B 517 -29.47 -12.70 40.55
C TYR B 517 -30.45 -12.31 39.44
N ALA B 518 -31.59 -11.74 39.82
CA ALA B 518 -32.59 -11.34 38.83
C ALA B 518 -32.06 -10.23 37.94
N GLN B 519 -31.24 -9.33 38.51
CA GLN B 519 -30.63 -8.28 37.72
C GLN B 519 -29.63 -8.85 36.72
N GLY B 520 -28.98 -9.96 37.06
CA GLY B 520 -28.02 -10.62 36.21
C GLY B 520 -28.56 -11.75 35.36
N GLU B 521 -29.87 -11.93 35.31
CA GLU B 521 -30.46 -13.00 34.51
C GLU B 521 -30.19 -12.75 33.02
N ALA B 522 -30.05 -13.85 32.28
CA ALA B 522 -29.81 -13.76 30.84
C ALA B 522 -30.84 -12.86 30.16
N VAL B 523 -32.12 -13.04 30.47
CA VAL B 523 -33.17 -12.28 29.79
C VAL B 523 -33.03 -10.79 30.05
N ASN B 524 -32.69 -10.43 31.29
CA ASN B 524 -32.56 -9.01 31.62
C ASN B 524 -31.28 -8.42 31.05
N VAL B 525 -30.22 -9.23 30.99
CA VAL B 525 -28.98 -8.80 30.36
C VAL B 525 -29.19 -8.59 28.86
N ALA B 526 -29.92 -9.51 28.21
CA ALA B 526 -30.22 -9.35 26.80
C ALA B 526 -31.18 -8.18 26.59
N ALA B 527 -32.11 -7.97 27.53
CA ALA B 527 -33.04 -6.85 27.42
C ALA B 527 -32.31 -5.51 27.51
N HIS B 528 -31.21 -5.46 28.25
CA HIS B 528 -30.34 -4.29 28.29
C HIS B 528 -29.31 -4.31 27.17
N LEU B 529 -29.42 -5.23 26.22
CA LEU B 529 -28.61 -5.29 25.00
C LEU B 529 -27.16 -5.67 25.24
N GLU B 530 -26.81 -6.10 26.45
CA GLU B 530 -25.42 -6.47 26.71
C GLU B 530 -25.02 -7.72 25.96
N VAL B 531 -25.98 -8.57 25.60
CA VAL B 531 -25.77 -9.68 24.68
C VAL B 531 -26.74 -9.53 23.52
N ASP B 532 -26.37 -10.07 22.37
CA ASP B 532 -27.20 -9.92 21.18
C ASP B 532 -28.51 -10.69 21.31
N ALA B 533 -28.47 -11.87 21.92
CA ALA B 533 -29.67 -12.68 22.03
C ALA B 533 -29.46 -13.76 23.08
N VAL B 534 -30.58 -14.22 23.64
CA VAL B 534 -30.64 -15.48 24.36
C VAL B 534 -31.14 -16.53 23.38
N ILE B 535 -30.44 -17.66 23.29
CA ILE B 535 -30.72 -18.64 22.27
C ILE B 535 -30.95 -20.00 22.91
N ASP B 536 -31.68 -20.84 22.18
CA ASP B 536 -31.79 -22.25 22.49
C ASP B 536 -30.41 -22.90 22.32
N PRO B 537 -29.86 -23.55 23.35
CA PRO B 537 -28.54 -24.18 23.20
C PRO B 537 -28.43 -25.09 21.98
N ALA B 538 -29.52 -25.73 21.56
CA ALA B 538 -29.48 -26.58 20.37
C ALA B 538 -29.25 -25.79 19.10
N GLU B 539 -29.42 -24.47 19.13
CA GLU B 539 -29.23 -23.61 17.98
C GLU B 539 -27.84 -22.99 17.93
N THR B 540 -26.94 -23.35 18.84
CA THR B 540 -25.63 -22.72 18.89
C THR B 540 -24.91 -22.83 17.54
N ARG B 541 -24.79 -24.06 17.02
CA ARG B 541 -24.11 -24.25 15.75
C ARG B 541 -24.70 -23.38 14.66
N ASN B 542 -26.03 -23.30 14.59
CA ASN B 542 -26.68 -22.54 13.52
C ASN B 542 -26.35 -21.06 13.60
N TRP B 543 -26.46 -20.47 14.80
CA TRP B 543 -26.16 -19.05 14.95
C TRP B 543 -24.71 -18.76 14.57
N LEU B 544 -23.79 -19.61 15.00
CA LEU B 544 -22.37 -19.39 14.72
C LEU B 544 -22.08 -19.49 13.22
N LEU B 545 -22.62 -20.52 12.57
CA LEU B 545 -22.38 -20.68 11.13
C LEU B 545 -23.07 -19.58 10.34
N ARG B 546 -24.25 -19.16 10.77
CA ARG B 546 -24.91 -18.03 10.11
C ARG B 546 -24.09 -16.75 10.26
N ALA B 547 -23.54 -16.51 11.45
CA ALA B 547 -22.71 -15.33 11.65
C ALA B 547 -21.42 -15.43 10.83
N LEU B 548 -20.77 -16.59 10.88
CA LEU B 548 -19.51 -16.77 10.17
C LEU B 548 -19.69 -16.59 8.67
N ARG B 549 -20.83 -17.01 8.13
CA ARG B 549 -21.09 -16.88 6.71
C ARG B 549 -20.99 -15.42 6.26
N VAL B 550 -21.39 -14.48 7.12
CA VAL B 550 -21.40 -13.07 6.78
C VAL B 550 -20.28 -12.34 7.54
N SER B 551 -19.18 -13.04 7.82
CA SER B 551 -18.02 -12.48 8.51
C SER B 551 -16.80 -12.56 7.59
N PRO B 552 -16.80 -11.81 6.50
CA PRO B 552 -15.65 -11.84 5.59
C PRO B 552 -14.42 -11.19 6.21
N TYR B 553 -13.27 -11.82 5.99
CA TYR B 553 -12.00 -11.27 6.47
C TYR B 553 -10.87 -11.80 5.61
N SER B 554 -9.72 -11.14 5.71
CA SER B 554 -8.58 -11.49 4.86
C SER B 554 -7.97 -12.79 5.31
N ALA B 555 -7.66 -13.65 4.34
CA ALA B 555 -6.92 -14.88 4.59
C ALA B 555 -5.41 -14.66 4.56
N GLN B 556 -4.96 -13.45 4.19
CA GLN B 556 -3.53 -13.17 4.14
C GLN B 556 -2.96 -13.03 5.54
N ARG B 557 -1.76 -13.58 5.74
CA ARG B 557 -1.07 -13.43 7.01
C ARG B 557 -0.35 -12.08 7.07
N ARG B 558 -0.25 -11.54 8.28
CA ARG B 558 0.41 -10.26 8.48
C ARG B 558 1.90 -10.42 8.26
N GLU B 559 2.49 -9.50 7.49
CA GLU B 559 3.85 -9.68 7.00
C GLU B 559 4.85 -9.73 8.15
N GLY B 560 4.79 -8.78 9.06
CA GLY B 560 5.72 -8.74 10.17
C GLY B 560 5.27 -9.49 11.40
N GLY B 561 4.25 -10.32 11.29
CA GLY B 561 3.68 -10.98 12.44
C GLY B 561 4.46 -12.19 12.89
N LEU B 562 4.15 -12.65 14.10
CA LEU B 562 4.80 -13.81 14.67
C LEU B 562 3.86 -14.46 15.66
N VAL B 563 4.15 -15.71 15.99
CA VAL B 563 3.46 -16.43 17.06
C VAL B 563 4.41 -16.48 18.25
N ASP B 564 4.06 -15.75 19.31
CA ASP B 564 4.92 -15.70 20.48
C ASP B 564 5.00 -17.08 21.12
N PRO B 565 6.20 -17.60 21.39
CA PRO B 565 6.30 -18.92 22.04
C PRO B 565 5.59 -18.99 23.39
N TRP B 566 5.27 -17.85 24.00
CA TRP B 566 4.56 -17.84 25.28
C TRP B 566 3.40 -16.86 25.25
N ARG C 47 31.59 39.16 -32.78
CA ARG C 47 31.23 38.62 -31.47
C ARG C 47 31.26 39.71 -30.40
N ASP C 48 30.14 40.42 -30.25
CA ASP C 48 29.96 41.42 -29.21
C ASP C 48 29.00 40.85 -28.16
N LEU C 49 29.46 40.76 -26.92
CA LEU C 49 28.63 40.19 -25.86
C LEU C 49 27.56 41.15 -25.37
N ASP C 50 27.64 42.42 -25.76
CA ASP C 50 26.62 43.39 -25.40
C ASP C 50 25.55 43.51 -26.48
N ALA C 51 25.63 42.70 -27.53
CA ALA C 51 24.67 42.71 -28.63
C ALA C 51 24.13 41.30 -28.85
N LEU C 52 23.13 41.21 -29.71
CA LEU C 52 22.53 39.93 -30.06
C LEU C 52 22.90 39.55 -31.49
N PRO C 53 23.05 38.25 -31.79
CA PRO C 53 23.23 37.86 -33.18
C PRO C 53 22.09 38.37 -34.04
N ALA C 54 22.42 38.78 -35.27
CA ALA C 54 21.43 39.37 -36.16
C ALA C 54 20.31 38.41 -36.50
N SER C 55 20.55 37.10 -36.40
CA SER C 55 19.51 36.13 -36.73
C SER C 55 18.37 36.11 -35.73
N TYR C 56 18.54 36.74 -34.56
CA TYR C 56 17.49 36.81 -33.55
C TYR C 56 16.38 37.79 -33.91
N ALA C 57 16.50 38.50 -35.04
CA ALA C 57 15.61 39.62 -35.32
C ALA C 57 14.16 39.15 -35.52
N ASP C 58 13.97 38.11 -36.32
CA ASP C 58 12.61 37.63 -36.60
C ASP C 58 11.92 37.16 -35.33
N TRP C 59 12.64 36.37 -34.52
CA TRP C 59 12.09 35.91 -33.24
C TRP C 59 11.74 37.08 -32.33
N GLN C 60 12.63 38.06 -32.24
CA GLN C 60 12.36 39.23 -31.40
C GLN C 60 11.17 40.02 -31.92
N ARG C 61 11.01 40.08 -33.25
CA ARG C 61 9.87 40.78 -33.83
C ARG C 61 8.56 40.11 -33.45
N ARG C 62 8.46 38.80 -33.69
CA ARG C 62 7.24 38.08 -33.34
C ARG C 62 6.96 38.12 -31.85
N LEU C 63 8.01 38.15 -31.03
CA LEU C 63 7.83 38.18 -29.59
C LEU C 63 7.31 39.54 -29.11
N ARG C 64 7.77 40.62 -29.74
CA ARG C 64 7.27 41.94 -29.41
C ARG C 64 5.79 42.09 -29.77
N ALA C 65 5.35 41.41 -30.83
CA ALA C 65 3.96 41.53 -31.26
C ALA C 65 2.99 41.01 -30.23
N THR C 66 3.45 40.21 -29.27
CA THR C 66 2.58 39.68 -28.22
C THR C 66 2.46 40.63 -27.02
N THR C 67 3.30 41.65 -26.94
CA THR C 67 3.34 42.51 -25.76
C THR C 67 2.25 43.57 -25.80
N ASP C 68 1.84 44.01 -24.60
CA ASP C 68 0.90 45.13 -24.51
C ASP C 68 1.47 46.37 -25.17
N GLU C 69 2.79 46.56 -25.11
CA GLU C 69 3.40 47.75 -25.69
C GLU C 69 3.16 47.84 -27.19
N ALA C 70 3.15 46.69 -27.87
CA ALA C 70 3.00 46.65 -29.31
C ALA C 70 1.55 46.72 -29.76
N ARG C 71 0.60 46.85 -28.82
CA ARG C 71 -0.83 46.87 -29.15
C ARG C 71 -1.48 47.98 -28.32
N PRO C 72 -1.06 49.23 -28.54
CA PRO C 72 -1.60 50.33 -27.73
C PRO C 72 -3.09 50.51 -27.86
N ALA C 73 -3.63 50.36 -29.07
CA ALA C 73 -5.06 50.53 -29.28
C ALA C 73 -5.86 49.57 -28.40
N ALA C 74 -5.44 48.31 -28.34
CA ALA C 74 -6.15 47.32 -27.53
C ALA C 74 -6.04 47.65 -26.04
N VAL C 75 -4.84 48.03 -25.59
CA VAL C 75 -4.65 48.35 -24.18
C VAL C 75 -5.50 49.54 -23.78
N GLU C 76 -5.59 50.55 -24.65
CA GLU C 76 -6.34 51.77 -24.32
C GLU C 76 -7.83 51.47 -24.14
N LYS C 77 -8.43 50.77 -25.11
CA LYS C 77 -9.83 50.37 -24.97
C LYS C 77 -10.02 49.59 -23.68
N ARG C 78 -9.05 48.76 -23.32
CA ARG C 78 -9.13 47.98 -22.09
C ARG C 78 -9.07 48.89 -20.86
N HIS C 79 -8.08 49.77 -20.78
CA HIS C 79 -7.93 50.65 -19.63
C HIS C 79 -9.04 51.70 -19.56
N ALA C 80 -9.59 52.08 -20.71
CA ALA C 80 -10.71 53.02 -20.71
C ALA C 80 -11.89 52.47 -19.92
N ALA C 81 -12.06 51.16 -19.90
CA ALA C 81 -13.11 50.50 -19.14
C ALA C 81 -12.69 50.16 -17.72
N GLY C 82 -11.54 50.67 -17.27
CA GLY C 82 -11.07 50.34 -15.93
C GLY C 82 -10.66 48.90 -15.77
N LYS C 83 -10.23 48.24 -16.85
CA LYS C 83 -9.93 46.82 -16.85
C LYS C 83 -8.44 46.56 -17.06
N LEU C 84 -8.04 45.32 -16.78
CA LEU C 84 -6.67 44.86 -16.95
C LEU C 84 -6.57 44.00 -18.21
N THR C 85 -5.42 44.07 -18.87
CA THR C 85 -5.14 43.19 -19.99
C THR C 85 -4.77 41.80 -19.46
N ALA C 86 -4.81 40.81 -20.37
CA ALA C 86 -4.38 39.47 -20.00
C ALA C 86 -2.95 39.49 -19.47
N ARG C 87 -2.06 40.21 -20.17
CA ARG C 87 -0.68 40.31 -19.72
C ARG C 87 -0.59 40.96 -18.35
N GLU C 88 -1.41 41.98 -18.10
CA GLU C 88 -1.38 42.66 -16.81
C GLU C 88 -1.87 41.76 -15.68
N ASN C 89 -2.80 40.85 -15.96
CA ASN C 89 -3.25 39.92 -14.94
C ASN C 89 -2.13 38.94 -14.55
N VAL C 90 -1.36 38.49 -15.53
CA VAL C 90 -0.23 37.60 -15.24
C VAL C 90 0.83 38.34 -14.45
N ALA C 91 1.07 39.62 -14.78
CA ALA C 91 2.09 40.40 -14.08
C ALA C 91 1.66 40.68 -12.65
N ALA C 92 0.36 40.90 -12.43
CA ALA C 92 -0.13 41.18 -11.08
C ALA C 92 -0.21 39.93 -10.23
N LEU C 93 -0.49 38.77 -10.84
CA LEU C 93 -0.60 37.52 -10.11
C LEU C 93 0.77 36.98 -9.70
N LEU C 94 1.68 36.87 -10.66
CA LEU C 94 2.93 36.16 -10.45
C LEU C 94 4.05 37.11 -10.04
N ASP C 95 5.01 36.56 -9.30
CA ASP C 95 6.17 37.33 -8.88
C ASP C 95 7.06 37.63 -10.08
N ALA C 96 7.66 38.82 -10.08
CA ALA C 96 8.43 39.29 -11.22
C ALA C 96 9.62 38.38 -11.49
N GLY C 97 9.81 38.02 -12.76
CA GLY C 97 10.96 37.24 -13.19
C GLY C 97 10.80 35.73 -13.08
N SER C 98 9.64 35.25 -12.62
CA SER C 98 9.44 33.84 -12.34
C SER C 98 8.74 33.08 -13.46
N PHE C 99 8.28 33.77 -14.50
CA PHE C 99 7.33 33.22 -15.45
C PHE C 99 8.06 32.47 -16.57
N ASN C 100 7.77 31.17 -16.69
CA ASN C 100 8.13 30.37 -17.87
C ASN C 100 6.90 30.25 -18.75
N GLU C 101 6.91 30.96 -19.88
CA GLU C 101 5.74 31.02 -20.74
C GLU C 101 5.78 29.93 -21.81
N HIS C 102 4.67 29.24 -21.99
CA HIS C 102 4.51 28.21 -23.00
C HIS C 102 3.59 28.76 -24.10
N GLY C 103 4.07 28.72 -25.34
CA GLY C 103 3.22 29.04 -26.48
C GLY C 103 2.99 30.51 -26.73
N ALA C 104 3.96 31.37 -26.40
CA ALA C 104 3.79 32.80 -26.62
C ALA C 104 3.67 33.13 -28.11
N LEU C 105 4.44 32.47 -28.96
CA LEU C 105 4.49 32.77 -30.38
C LEU C 105 3.32 32.15 -31.16
N ALA C 106 2.38 31.50 -30.48
CA ALA C 106 1.26 30.88 -31.15
C ALA C 106 0.40 31.92 -31.86
N LEU C 107 -0.21 31.51 -32.96
CA LEU C 107 -1.13 32.34 -33.73
C LEU C 107 -2.40 31.56 -34.05
N ALA C 108 -3.42 32.28 -34.49
CA ALA C 108 -4.69 31.66 -34.80
C ALA C 108 -4.55 30.73 -36.00
N ALA C 109 -5.34 29.65 -35.98
CA ALA C 109 -5.32 28.63 -37.03
C ALA C 109 -6.08 29.11 -38.26
N GLN C 110 -5.61 30.23 -38.81
CA GLN C 110 -6.26 30.85 -39.96
C GLN C 110 -5.22 31.30 -40.98
N ARG C 111 -4.15 30.52 -41.12
CA ARG C 111 -3.09 30.86 -42.06
C ARG C 111 -3.56 30.74 -43.51
N GLY C 112 -4.55 29.89 -43.77
CA GLY C 112 -5.08 29.75 -45.11
C GLY C 112 -5.91 30.93 -45.57
N ARG C 113 -6.43 31.72 -44.63
CA ARG C 113 -7.26 32.88 -44.94
C ARG C 113 -6.53 34.20 -44.78
N ARG C 114 -5.40 34.23 -44.09
CA ARG C 114 -4.80 35.48 -43.64
C ARG C 114 -3.31 35.46 -43.86
N SER C 115 -2.76 36.64 -44.08
CA SER C 115 -1.31 36.80 -44.17
C SER C 115 -0.67 36.55 -42.81
N GLU C 116 0.64 36.31 -42.83
CA GLU C 116 1.38 36.16 -41.58
C GLU C 116 1.33 37.44 -40.75
N GLU C 117 1.35 38.59 -41.42
CA GLU C 117 1.31 39.87 -40.70
C GLU C 117 -0.07 40.15 -40.13
N GLU C 118 -1.12 39.70 -40.80
CA GLU C 118 -2.47 39.92 -40.30
C GLU C 118 -2.76 39.04 -39.09
N LEU C 119 -2.31 37.79 -39.12
CA LEU C 119 -2.47 36.92 -37.96
C LEU C 119 -1.72 37.46 -36.76
N LEU C 120 -0.52 38.00 -36.98
CA LEU C 120 0.28 38.50 -35.88
C LEU C 120 -0.40 39.68 -35.18
N ALA C 121 -1.11 40.50 -35.94
CA ALA C 121 -1.88 41.59 -35.36
C ALA C 121 -3.19 41.11 -34.77
N LEU C 122 -3.76 40.05 -35.34
CA LEU C 122 -5.08 39.58 -34.96
C LEU C 122 -5.05 38.70 -33.71
N SER C 123 -4.04 37.82 -33.61
CA SER C 123 -4.07 36.73 -32.64
C SER C 123 -2.69 36.49 -32.03
N PRO C 124 -2.15 37.48 -31.31
CA PRO C 124 -0.94 37.21 -30.51
C PRO C 124 -1.25 36.21 -29.41
N ALA C 125 -0.40 35.19 -29.30
CA ALA C 125 -0.57 34.09 -28.35
C ALA C 125 -1.84 33.30 -28.61
N ASP C 126 -2.49 33.51 -29.76
CA ASP C 126 -3.83 32.97 -30.03
C ASP C 126 -4.79 33.25 -28.89
N GLY C 127 -4.62 34.40 -28.22
CA GLY C 127 -5.59 34.87 -27.24
C GLY C 127 -5.54 34.22 -25.89
N LEU C 128 -4.52 33.42 -25.59
CA LEU C 128 -4.41 32.76 -24.28
C LEU C 128 -2.95 32.76 -23.85
N ILE C 129 -2.69 33.30 -22.66
CA ILE C 129 -1.35 33.32 -22.07
C ILE C 129 -1.26 32.13 -21.11
N THR C 130 -0.28 31.25 -21.35
CA THR C 130 -0.08 30.06 -20.54
C THR C 130 1.37 29.97 -20.08
N GLY C 131 1.56 29.62 -18.81
CA GLY C 131 2.89 29.42 -18.28
C GLY C 131 2.83 29.08 -16.81
N VAL C 132 4.00 29.04 -16.19
CA VAL C 132 4.12 28.76 -14.76
C VAL C 132 5.11 29.74 -14.15
N GLY C 133 4.80 30.21 -12.96
CA GLY C 133 5.68 31.09 -12.20
C GLY C 133 5.53 30.81 -10.73
N THR C 134 5.64 31.86 -9.91
CA THR C 134 5.42 31.76 -8.48
C THR C 134 4.44 32.82 -8.02
N VAL C 135 3.69 32.50 -6.96
CA VAL C 135 2.70 33.41 -6.38
C VAL C 135 3.00 33.54 -4.89
N ASN C 136 3.01 34.77 -4.39
CA ASN C 136 3.24 35.03 -2.97
C ASN C 136 4.53 34.36 -2.49
N ALA C 137 5.55 34.34 -3.35
CA ALA C 137 6.81 33.70 -2.98
C ALA C 137 7.55 34.46 -1.89
N GLY C 138 7.24 35.74 -1.70
CA GLY C 138 7.86 36.48 -0.61
C GLY C 138 7.55 35.88 0.75
N GLN C 139 6.30 35.47 0.95
CA GLN C 139 5.88 34.88 2.21
C GLN C 139 5.99 33.37 2.21
N PHE C 140 5.86 32.73 1.06
CA PHE C 140 5.81 31.27 0.94
C PHE C 140 6.82 30.80 -0.10
N PRO C 141 8.12 30.98 0.16
CA PRO C 141 9.12 30.66 -0.87
C PRO C 141 9.13 29.21 -1.29
N ASP C 142 8.70 28.30 -0.43
CA ASP C 142 8.80 26.88 -0.69
C ASP C 142 7.51 26.27 -1.22
N THR C 143 6.44 27.05 -1.32
CA THR C 143 5.14 26.55 -1.79
C THR C 143 4.48 27.55 -2.72
N ALA C 144 5.27 28.17 -3.59
CA ALA C 144 4.82 29.31 -4.39
C ALA C 144 4.50 28.95 -5.84
N ALA C 145 4.72 27.70 -6.25
CA ALA C 145 4.42 27.31 -7.62
C ALA C 145 3.01 27.73 -8.00
N CYS C 146 2.86 28.27 -9.20
CA CYS C 146 1.54 28.71 -9.66
C CYS C 146 1.51 28.71 -11.17
N ALA C 147 0.64 27.89 -11.75
CA ALA C 147 0.34 27.96 -13.17
C ALA C 147 -0.76 28.99 -13.40
N VAL C 148 -0.76 29.58 -14.60
CA VAL C 148 -1.75 30.58 -14.96
C VAL C 148 -2.20 30.35 -16.39
N ALA C 149 -3.51 30.53 -16.63
CA ALA C 149 -4.10 30.53 -17.95
C ALA C 149 -5.00 31.76 -18.04
N ALA C 150 -4.64 32.72 -18.89
CA ALA C 150 -5.35 33.99 -18.96
C ALA C 150 -5.76 34.28 -20.39
N TYR C 151 -7.06 34.19 -20.65
CA TYR C 151 -7.58 34.55 -21.97
C TYR C 151 -7.48 36.05 -22.19
N ASP C 152 -7.21 36.45 -23.42
CA ASP C 152 -7.11 37.86 -23.80
C ASP C 152 -8.34 38.21 -24.64
N TYR C 153 -9.26 38.97 -24.04
CA TYR C 153 -10.52 39.29 -24.71
C TYR C 153 -10.32 40.18 -25.93
N THR C 154 -9.20 40.91 -26.02
CA THR C 154 -8.91 41.74 -27.18
C THR C 154 -8.47 40.91 -28.38
N VAL C 155 -8.26 39.61 -28.20
CA VAL C 155 -7.92 38.69 -29.27
C VAL C 155 -9.15 37.83 -29.52
N LEU C 156 -9.91 38.14 -30.57
CA LEU C 156 -11.01 37.30 -31.00
C LEU C 156 -11.96 36.97 -29.86
N ALA C 157 -12.28 37.99 -29.05
CA ALA C 157 -13.29 37.89 -28.00
C ALA C 157 -12.94 36.81 -26.98
N GLY C 158 -11.65 36.57 -26.76
CA GLY C 158 -11.24 35.55 -25.82
C GLY C 158 -11.82 34.18 -26.12
N THR C 159 -12.08 33.88 -27.40
CA THR C 159 -12.67 32.61 -27.78
C THR C 159 -11.64 31.49 -27.74
N GLN C 160 -12.15 30.26 -27.68
CA GLN C 160 -11.32 29.06 -27.59
C GLN C 160 -11.11 28.52 -29.00
N GLY C 161 -9.87 28.60 -29.48
CA GLY C 161 -9.51 28.14 -30.79
C GLY C 161 -8.67 26.87 -30.76
N TYR C 162 -8.27 26.44 -31.95
CA TYR C 162 -7.53 25.19 -32.07
C TYR C 162 -6.24 25.23 -31.27
N PHE C 163 -5.44 26.28 -31.44
CA PHE C 163 -4.12 26.30 -30.82
C PHE C 163 -4.19 26.62 -29.33
N ASN C 164 -5.01 27.59 -28.91
CA ASN C 164 -5.06 27.90 -27.50
C ASN C 164 -5.71 26.78 -26.70
N HIS C 165 -6.52 25.93 -27.35
CA HIS C 165 -6.97 24.69 -26.72
C HIS C 165 -5.78 23.79 -26.41
N HIS C 166 -4.90 23.60 -27.39
CA HIS C 166 -3.71 22.79 -27.17
C HIS C 166 -2.77 23.43 -26.16
N LYS C 167 -2.69 24.77 -26.16
CA LYS C 167 -1.90 25.45 -25.15
C LYS C 167 -2.39 25.11 -23.75
N LEU C 168 -3.70 25.20 -23.54
CA LEU C 168 -4.26 24.91 -22.21
C LEU C 168 -4.12 23.42 -21.90
N ASP C 169 -4.29 22.56 -22.90
CA ASP C 169 -4.12 21.12 -22.69
C ASP C 169 -2.73 20.81 -22.14
N ARG C 170 -1.69 21.42 -22.71
CA ARG C 170 -0.34 21.14 -22.24
C ARG C 170 -0.13 21.64 -20.82
N LEU C 171 -0.68 22.81 -20.49
CA LEU C 171 -0.56 23.34 -19.14
C LEU C 171 -1.30 22.46 -18.14
N ILE C 172 -2.49 21.99 -18.52
CA ILE C 172 -3.24 21.08 -17.65
C ILE C 172 -2.43 19.81 -17.37
N ALA C 173 -1.82 19.24 -18.42
CA ALA C 173 -1.05 18.01 -18.25
C ALA C 173 0.13 18.23 -17.31
N LEU C 174 0.87 19.32 -17.50
CA LEU C 174 1.99 19.62 -16.61
C LEU C 174 1.51 19.92 -15.20
N ALA C 175 0.42 20.68 -15.07
CA ALA C 175 -0.08 21.04 -13.74
C ALA C 175 -0.47 19.79 -12.94
N GLY C 176 -1.03 18.79 -13.60
CA GLY C 176 -1.41 17.57 -12.89
C GLY C 176 -0.22 16.72 -12.52
N GLN C 177 0.80 16.69 -13.37
CA GLN C 177 1.97 15.88 -13.09
C GLN C 177 2.86 16.51 -12.02
N TRP C 178 3.06 17.82 -12.10
CA TRP C 178 3.98 18.53 -11.20
C TRP C 178 3.24 19.25 -10.08
N LYS C 179 1.92 19.09 -9.98
CA LYS C 179 1.12 19.62 -8.88
C LYS C 179 1.18 21.14 -8.83
N TRP C 180 0.90 21.77 -9.96
CA TRP C 180 0.85 23.23 -10.00
C TRP C 180 -0.56 23.71 -9.66
N PRO C 181 -0.72 24.61 -8.70
CA PRO C 181 -1.97 25.36 -8.61
C PRO C 181 -2.18 26.10 -9.91
N LEU C 182 -3.46 26.23 -10.30
CA LEU C 182 -3.79 26.82 -11.59
C LEU C 182 -4.80 27.94 -11.40
N VAL C 183 -4.46 29.12 -11.89
CA VAL C 183 -5.34 30.29 -11.87
C VAL C 183 -5.82 30.54 -13.29
N LEU C 184 -7.14 30.55 -13.49
CA LEU C 184 -7.76 30.70 -14.79
C LEU C 184 -8.48 32.04 -14.86
N PHE C 185 -8.06 32.89 -15.79
CA PHE C 185 -8.80 34.12 -16.13
C PHE C 185 -9.62 33.77 -17.36
N ALA C 186 -10.90 33.49 -17.13
CA ALA C 186 -11.74 32.79 -18.09
C ALA C 186 -12.49 33.71 -19.06
N GLU C 187 -12.28 35.02 -18.97
CA GLU C 187 -13.00 35.95 -19.83
C GLU C 187 -12.92 35.52 -21.29
N GLY C 188 -14.08 35.33 -21.91
CA GLY C 188 -14.12 34.90 -23.30
C GLY C 188 -15.48 34.41 -23.74
N GLY C 189 -15.68 34.29 -25.06
CA GLY C 189 -16.99 34.04 -25.61
C GLY C 189 -17.23 32.62 -26.09
N GLY C 190 -16.41 31.67 -25.67
CA GLY C 190 -16.64 30.29 -26.01
C GLY C 190 -15.93 29.85 -27.28
N GLY C 191 -16.47 28.79 -27.88
CA GLY C 191 -15.84 28.21 -29.06
C GLY C 191 -15.67 29.23 -30.16
N ARG C 192 -14.51 29.18 -30.82
CA ARG C 192 -14.16 30.19 -31.84
C ARG C 192 -14.67 29.76 -33.20
N PRO C 193 -15.35 30.63 -33.94
CA PRO C 193 -15.71 30.31 -35.32
C PRO C 193 -14.66 30.77 -36.31
N GLY C 194 -14.17 29.86 -37.15
CA GLY C 194 -13.30 30.25 -38.24
C GLY C 194 -11.86 29.77 -38.18
N ASP C 195 -11.52 28.84 -37.28
CA ASP C 195 -10.21 28.18 -37.33
C ASP C 195 -10.27 27.13 -38.42
N THR C 196 -10.19 27.61 -39.67
CA THR C 196 -10.42 26.79 -40.84
C THR C 196 -9.25 25.88 -41.20
N ASP C 197 -8.08 26.09 -40.61
CA ASP C 197 -6.89 25.36 -41.03
C ASP C 197 -7.05 23.86 -40.78
N MET C 198 -7.72 23.47 -39.69
CA MET C 198 -7.70 22.06 -39.32
C MET C 198 -9.02 21.38 -39.69
N PRO C 199 -8.95 20.15 -40.18
CA PRO C 199 -10.18 19.47 -40.59
C PRO C 199 -10.96 19.01 -39.36
N VAL C 200 -12.28 19.24 -39.33
CA VAL C 200 -13.10 18.60 -38.29
C VAL C 200 -14.51 18.37 -38.83
N ALA C 201 -15.23 17.52 -38.10
CA ALA C 201 -16.62 17.17 -38.30
C ALA C 201 -17.48 17.90 -37.28
N ALA C 202 -17.45 17.43 -36.03
CA ALA C 202 -18.21 18.03 -34.94
C ALA C 202 -17.35 18.61 -33.83
N ALA C 203 -16.10 18.16 -33.68
CA ALA C 203 -15.17 18.69 -32.69
C ALA C 203 -15.67 18.44 -31.26
N LEU C 204 -16.20 17.25 -31.02
CA LEU C 204 -16.66 16.86 -29.69
C LEU C 204 -15.69 15.88 -29.02
N VAL C 205 -14.45 15.83 -29.50
CA VAL C 205 -13.42 15.00 -28.89
C VAL C 205 -12.53 15.80 -27.96
N THR C 206 -12.58 17.13 -28.01
CA THR C 206 -11.71 18.00 -27.26
C THR C 206 -11.65 17.57 -25.79
N PRO C 207 -10.49 17.16 -25.28
CA PRO C 207 -10.40 16.71 -23.88
C PRO C 207 -10.14 17.82 -22.87
N THR C 208 -10.07 19.07 -23.31
CA THR C 208 -9.66 20.16 -22.41
C THR C 208 -10.54 20.22 -21.16
N PHE C 209 -11.85 20.10 -21.31
CA PHE C 209 -12.76 20.31 -20.20
C PHE C 209 -12.71 19.14 -19.22
N LEU C 210 -12.51 17.93 -19.73
CA LEU C 210 -12.35 16.77 -18.85
C LEU C 210 -11.02 16.80 -18.11
N ASN C 211 -9.94 17.12 -18.81
CA ASN C 211 -8.63 17.11 -18.16
C ASN C 211 -8.51 18.25 -17.16
N PHE C 212 -9.13 19.39 -17.46
CA PHE C 212 -9.16 20.49 -16.50
C PHE C 212 -9.99 20.09 -15.27
N ALA C 213 -11.16 19.49 -15.49
CA ALA C 213 -11.98 19.03 -14.38
C ALA C 213 -11.26 17.99 -13.54
N ALA C 214 -10.36 17.22 -14.16
CA ALA C 214 -9.60 16.20 -13.43
C ALA C 214 -8.64 16.81 -12.44
N LEU C 215 -8.24 18.07 -12.63
CA LEU C 215 -7.36 18.73 -11.67
C LEU C 215 -8.04 18.96 -10.33
N SER C 216 -9.36 18.95 -10.29
CA SER C 216 -10.09 19.12 -9.02
C SER C 216 -9.70 18.01 -8.06
N GLY C 217 -9.26 18.40 -6.86
CA GLY C 217 -8.80 17.47 -5.87
C GLY C 217 -7.31 17.23 -5.88
N GLN C 218 -6.62 17.58 -6.97
CA GLN C 218 -5.17 17.44 -7.05
C GLN C 218 -4.46 18.73 -6.64
N VAL C 219 -4.96 19.87 -7.13
CA VAL C 219 -4.33 21.17 -6.90
C VAL C 219 -5.41 22.21 -6.69
N PRO C 220 -5.06 23.33 -6.04
CA PRO C 220 -6.01 24.44 -5.97
C PRO C 220 -6.32 24.98 -7.36
N LEU C 221 -7.61 25.21 -7.61
CA LEU C 221 -8.09 25.75 -8.88
C LEU C 221 -8.83 27.05 -8.59
N VAL C 222 -8.32 28.15 -9.14
CA VAL C 222 -8.88 29.48 -8.93
C VAL C 222 -9.40 29.99 -10.27
N GLY C 223 -10.69 30.31 -10.31
CA GLY C 223 -11.33 30.85 -11.50
C GLY C 223 -11.65 32.32 -11.33
N VAL C 224 -11.26 33.12 -12.32
CA VAL C 224 -11.50 34.56 -12.31
C VAL C 224 -12.24 34.91 -13.59
N ALA C 225 -13.43 35.50 -13.44
CA ALA C 225 -14.23 35.98 -14.56
C ALA C 225 -14.32 37.50 -14.45
N ALA C 226 -13.73 38.21 -15.43
CA ALA C 226 -13.73 39.67 -15.44
C ALA C 226 -14.31 40.14 -16.79
N GLY C 227 -15.61 39.98 -16.95
CA GLY C 227 -16.28 40.34 -18.18
C GLY C 227 -17.17 39.24 -18.68
N ALA C 228 -17.27 39.08 -20.00
CA ALA C 228 -18.07 38.02 -20.59
C ALA C 228 -17.36 36.68 -20.44
N CYS C 229 -18.12 35.66 -20.08
CA CYS C 229 -17.55 34.32 -19.87
C CYS C 229 -18.63 33.29 -20.21
N PHE C 230 -18.57 32.77 -21.44
CA PHE C 230 -19.65 31.95 -21.98
C PHE C 230 -19.14 30.61 -22.50
N ALA C 231 -20.00 29.61 -22.43
CA ALA C 231 -19.80 28.29 -23.06
C ALA C 231 -18.52 27.67 -22.49
N GLY C 232 -17.60 27.18 -23.33
CA GLY C 232 -16.46 26.45 -22.83
C GLY C 232 -15.63 27.24 -21.85
N ASN C 233 -15.58 28.56 -21.99
CA ASN C 233 -14.93 29.39 -20.99
C ASN C 233 -15.62 29.26 -19.65
N ALA C 234 -16.95 29.21 -19.66
CA ALA C 234 -17.71 29.05 -18.41
C ALA C 234 -17.62 27.63 -17.88
N ALA C 235 -17.48 26.64 -18.76
CA ALA C 235 -17.33 25.25 -18.33
C ALA C 235 -16.08 25.09 -17.48
N LEU C 236 -14.95 25.63 -17.95
CA LEU C 236 -13.72 25.57 -17.16
C LEU C 236 -13.90 26.29 -15.82
N LEU C 237 -14.51 27.48 -15.85
CA LEU C 237 -14.72 28.24 -14.62
C LEU C 237 -15.49 27.42 -13.59
N GLY C 238 -16.56 26.75 -14.02
CA GLY C 238 -17.40 26.01 -13.09
C GLY C 238 -16.70 24.87 -12.39
N CYS C 239 -15.54 24.43 -12.88
CA CYS C 239 -14.80 23.33 -12.29
C CYS C 239 -13.76 23.78 -11.28
N CYS C 240 -13.68 25.07 -10.98
CA CYS C 240 -12.66 25.58 -10.09
C CYS C 240 -13.11 25.47 -8.63
N ASP C 241 -12.12 25.48 -7.73
CA ASP C 241 -12.43 25.45 -6.30
C ASP C 241 -13.19 26.71 -5.89
N VAL C 242 -12.80 27.86 -6.42
CA VAL C 242 -13.42 29.13 -6.09
C VAL C 242 -13.64 29.90 -7.38
N VAL C 243 -14.76 30.61 -7.46
CA VAL C 243 -15.10 31.44 -8.61
C VAL C 243 -15.09 32.89 -8.18
N ILE C 244 -14.16 33.66 -8.73
CA ILE C 244 -14.11 35.11 -8.53
C ILE C 244 -14.68 35.77 -9.77
N ALA C 245 -15.59 36.71 -9.57
CA ALA C 245 -16.23 37.39 -10.69
C ALA C 245 -16.36 38.88 -10.38
N THR C 246 -16.02 39.71 -11.35
CA THR C 246 -16.25 41.14 -11.20
C THR C 246 -17.74 41.44 -11.33
N ARG C 247 -18.15 42.56 -10.74
CA ARG C 247 -19.57 42.91 -10.75
C ARG C 247 -20.09 43.09 -12.17
N ASP C 248 -19.23 43.53 -13.09
CA ASP C 248 -19.62 43.76 -14.47
C ASP C 248 -19.61 42.49 -15.33
N SER C 249 -19.50 41.31 -14.72
CA SER C 249 -19.36 40.08 -15.47
C SER C 249 -20.71 39.51 -15.87
N SER C 250 -20.68 38.72 -16.94
CA SER C 250 -21.84 37.97 -17.42
C SER C 250 -21.36 36.56 -17.73
N ILE C 251 -21.95 35.56 -17.08
CA ILE C 251 -21.46 34.18 -17.13
C ILE C 251 -22.62 33.25 -17.45
N GLY C 252 -22.41 32.34 -18.40
CA GLY C 252 -23.41 31.34 -18.69
C GLY C 252 -22.86 30.26 -19.59
N LEU C 253 -23.59 29.14 -19.64
CA LEU C 253 -23.24 28.05 -20.54
C LEU C 253 -23.52 28.39 -21.99
N GLY C 254 -24.23 29.48 -22.25
CA GLY C 254 -24.52 29.92 -23.60
C GLY C 254 -24.50 31.44 -23.68
N GLY C 255 -23.79 31.97 -24.67
CA GLY C 255 -23.74 33.39 -24.86
C GLY C 255 -24.99 33.91 -25.52
N PRO C 256 -25.06 35.23 -25.67
CA PRO C 256 -26.23 35.84 -26.32
C PRO C 256 -26.57 35.21 -27.67
N ALA C 257 -25.56 34.91 -28.49
CA ALA C 257 -25.81 34.32 -29.80
C ALA C 257 -26.41 32.92 -29.67
N MET C 258 -25.93 32.14 -28.70
CA MET C 258 -26.43 30.79 -28.51
C MET C 258 -27.85 30.78 -27.96
N ILE C 259 -28.20 31.80 -27.16
CA ILE C 259 -29.54 31.89 -26.59
C ILE C 259 -30.55 32.23 -27.67
N GLU C 260 -30.26 33.27 -28.46
CA GLU C 260 -31.17 33.74 -29.50
C GLU C 260 -32.49 34.23 -28.91
N GLY C 261 -32.47 34.69 -27.66
CA GLY C 261 -33.63 35.38 -27.13
C GLY C 261 -33.92 36.68 -27.85
N GLY C 262 -32.99 37.15 -28.65
CA GLY C 262 -33.20 38.27 -29.53
C GLY C 262 -32.84 39.59 -28.89
N GLY C 263 -33.02 40.64 -29.67
CA GLY C 263 -33.10 41.97 -29.09
C GLY C 263 -34.36 42.09 -28.25
N LEU C 264 -34.23 42.75 -27.10
CA LEU C 264 -35.32 42.92 -26.14
C LEU C 264 -35.59 41.66 -25.33
N GLY C 265 -35.02 40.53 -25.71
CA GLY C 265 -35.16 39.34 -24.88
C GLY C 265 -34.75 39.60 -23.44
N VAL C 266 -33.95 40.65 -23.26
CA VAL C 266 -33.34 40.96 -21.96
C VAL C 266 -34.25 41.79 -21.05
N VAL C 267 -35.26 42.47 -21.60
CA VAL C 267 -36.16 43.28 -20.78
C VAL C 267 -36.97 42.37 -19.86
N ALA C 268 -37.44 41.24 -20.37
CA ALA C 268 -38.23 40.28 -19.60
C ALA C 268 -37.34 39.26 -18.90
N ALA C 269 -36.46 38.60 -19.65
CA ALA C 269 -35.65 37.52 -19.09
C ALA C 269 -34.58 38.04 -18.16
N GLY C 270 -33.98 39.18 -18.48
CA GLY C 270 -32.83 39.68 -17.75
C GLY C 270 -31.55 39.29 -18.46
N ASP C 271 -30.43 39.77 -17.92
CA ASP C 271 -29.16 39.46 -18.55
C ASP C 271 -28.76 38.03 -18.24
N ILE C 272 -27.80 37.52 -19.02
CA ILE C 272 -27.54 36.08 -19.06
C ILE C 272 -27.16 35.57 -17.66
N GLY C 273 -26.12 36.13 -17.08
CA GLY C 273 -25.68 35.69 -15.79
C GLY C 273 -24.95 36.77 -15.04
N PRO C 274 -25.66 37.82 -14.64
CA PRO C 274 -25.02 38.90 -13.89
C PRO C 274 -24.37 38.35 -12.63
N ALA C 275 -23.15 38.84 -12.37
CA ALA C 275 -22.37 38.32 -11.24
C ALA C 275 -23.15 38.45 -9.94
N GLU C 276 -23.91 39.52 -9.78
CA GLU C 276 -24.67 39.72 -8.55
C GLU C 276 -25.73 38.65 -8.37
N VAL C 277 -26.43 38.28 -9.44
CA VAL C 277 -27.42 37.20 -9.36
C VAL C 277 -26.71 35.88 -9.12
N LEU C 278 -25.67 35.59 -9.91
CA LEU C 278 -24.97 34.32 -9.79
C LEU C 278 -24.32 34.15 -8.42
N ALA C 279 -23.99 35.25 -7.74
CA ALA C 279 -23.51 35.16 -6.37
C ALA C 279 -24.61 34.69 -5.44
N GLN C 280 -25.82 35.23 -5.60
CA GLN C 280 -26.97 34.80 -4.80
C GLN C 280 -27.33 33.35 -5.09
N LYS C 281 -27.18 32.91 -6.34
CA LYS C 281 -27.53 31.55 -6.73
C LYS C 281 -26.40 30.57 -6.50
N GLY C 282 -25.29 31.01 -5.89
CA GLY C 282 -24.24 30.10 -5.47
C GLY C 282 -23.23 29.75 -6.53
N VAL C 283 -23.24 30.44 -7.67
CA VAL C 283 -22.26 30.18 -8.71
C VAL C 283 -20.98 30.97 -8.47
N VAL C 284 -21.10 32.22 -8.04
CA VAL C 284 -19.97 33.11 -7.78
C VAL C 284 -19.68 33.09 -6.29
N ASP C 285 -18.43 32.80 -5.92
CA ASP C 285 -18.02 32.72 -4.53
C ASP C 285 -17.46 34.05 -4.01
N LEU C 286 -16.76 34.80 -4.86
CA LEU C 286 -16.19 36.08 -4.49
C LEU C 286 -16.58 37.11 -5.53
N LEU C 287 -17.17 38.22 -5.08
CA LEU C 287 -17.66 39.28 -5.95
C LEU C 287 -16.71 40.48 -5.84
N ALA C 288 -16.00 40.77 -6.91
CA ALA C 288 -15.04 41.86 -6.95
C ALA C 288 -15.61 43.07 -7.67
N GLU C 289 -15.14 44.26 -7.29
CA GLU C 289 -15.62 45.48 -7.90
C GLU C 289 -14.92 45.79 -9.22
N ASN C 290 -13.67 45.34 -9.39
CA ASN C 290 -12.93 45.62 -10.60
C ASN C 290 -11.88 44.54 -10.83
N ASP C 291 -11.28 44.56 -12.01
CA ASP C 291 -10.30 43.54 -12.38
C ASP C 291 -9.16 43.45 -11.37
N ALA C 292 -8.64 44.60 -10.93
CA ALA C 292 -7.52 44.59 -10.01
C ALA C 292 -7.87 43.89 -8.70
N GLU C 293 -9.07 44.16 -8.17
CA GLU C 293 -9.49 43.52 -6.94
C GLU C 293 -9.70 42.02 -7.14
N ALA C 294 -10.28 41.64 -8.28
CA ALA C 294 -10.45 40.22 -8.59
C ALA C 294 -9.10 39.53 -8.69
N ASN C 295 -8.09 40.22 -9.23
CA ASN C 295 -6.75 39.67 -9.31
C ASN C 295 -6.16 39.50 -7.91
N GLU C 296 -6.30 40.51 -7.06
CA GLU C 296 -5.78 40.42 -5.70
C GLU C 296 -6.47 39.30 -4.93
N LEU C 297 -7.77 39.09 -5.17
CA LEU C 297 -8.50 38.05 -4.46
C LEU C 297 -7.97 36.67 -4.82
N ALA C 298 -7.50 36.49 -6.05
CA ALA C 298 -6.85 35.23 -6.42
C ALA C 298 -5.60 35.01 -5.60
N ARG C 299 -4.75 36.04 -5.49
CA ARG C 299 -3.54 35.93 -4.67
C ARG C 299 -3.89 35.68 -3.21
N ARG C 300 -4.85 36.42 -2.67
CA ARG C 300 -5.26 36.22 -1.29
C ARG C 300 -5.75 34.80 -1.06
N TYR C 301 -6.66 34.34 -1.93
CA TYR C 301 -7.22 33.00 -1.77
C TYR C 301 -6.13 31.93 -1.67
N LEU C 302 -5.09 32.04 -2.49
CA LEU C 302 -4.08 30.99 -2.54
C LEU C 302 -3.27 30.91 -1.24
N THR C 303 -3.09 32.03 -0.54
CA THR C 303 -2.26 32.04 0.66
C THR C 303 -2.69 30.99 1.68
N TYR C 304 -4.01 30.76 1.80
CA TYR C 304 -4.51 29.83 2.79
C TYR C 304 -4.06 28.40 2.51
N PHE C 305 -3.57 28.13 1.31
CA PHE C 305 -3.14 26.78 0.92
C PHE C 305 -1.62 26.68 0.77
N GLN C 306 -0.89 27.68 1.23
CA GLN C 306 0.56 27.72 1.05
C GLN C 306 1.33 27.55 2.36
N GLY C 307 0.65 27.35 3.48
CA GLY C 307 1.29 27.01 4.73
C GLY C 307 1.03 28.04 5.81
N ASP C 308 1.67 27.81 6.95
CA ASP C 308 1.48 28.64 8.13
C ASP C 308 2.08 30.04 7.91
N VAL C 309 1.71 30.95 8.80
CA VAL C 309 2.11 32.34 8.76
C VAL C 309 2.68 32.71 10.13
N THR C 310 3.62 33.65 10.13
CA THR C 310 4.20 34.20 11.34
C THR C 310 3.97 35.70 11.38
N GLY C 311 4.04 36.26 12.58
CA GLY C 311 3.82 37.69 12.78
C GLY C 311 2.37 38.08 12.93
N TRP C 312 1.49 37.11 13.15
CA TRP C 312 0.05 37.36 13.19
C TRP C 312 -0.33 38.25 14.37
N GLU C 313 -1.52 38.82 14.28
CA GLU C 313 -2.09 39.68 15.30
C GLU C 313 -3.45 39.14 15.73
N ALA C 314 -3.92 39.61 16.89
CA ALA C 314 -5.24 39.23 17.38
C ALA C 314 -5.80 40.37 18.22
N ALA C 315 -7.09 40.63 18.06
CA ALA C 315 -7.77 41.64 18.85
C ALA C 315 -7.77 41.26 20.32
N ASP C 316 -8.27 42.18 21.16
CA ASP C 316 -8.49 41.90 22.57
C ASP C 316 -9.62 40.86 22.67
N GLN C 317 -9.26 39.65 23.09
CA GLN C 317 -10.23 38.55 23.09
C GLN C 317 -11.29 38.70 24.17
N ARG C 318 -11.09 39.60 25.15
CA ARG C 318 -12.12 39.82 26.16
C ARG C 318 -13.38 40.41 25.56
N GLU C 319 -13.29 41.06 24.40
CA GLU C 319 -14.49 41.58 23.75
C GLU C 319 -15.45 40.47 23.36
N LEU C 320 -14.96 39.24 23.17
CA LEU C 320 -15.83 38.13 22.81
C LEU C 320 -16.84 37.80 23.89
N ARG C 321 -16.60 38.25 25.13
CA ARG C 321 -17.56 38.02 26.22
C ARG C 321 -18.81 38.86 26.06
N TRP C 322 -18.76 39.91 25.23
CA TRP C 322 -19.83 40.90 25.15
C TRP C 322 -20.41 41.01 23.74
N VAL C 323 -20.03 40.11 22.84
CA VAL C 323 -20.57 40.18 21.47
C VAL C 323 -21.98 39.62 21.43
N ILE C 324 -22.26 38.58 22.21
CA ILE C 324 -23.57 37.94 22.25
C ILE C 324 -24.32 38.47 23.45
N PRO C 325 -25.50 39.09 23.26
CA PRO C 325 -26.24 39.62 24.41
C PRO C 325 -26.60 38.53 25.41
N GLN C 326 -26.55 38.90 26.69
CA GLN C 326 -27.05 38.02 27.74
C GLN C 326 -28.56 37.83 27.69
N VAL C 327 -29.29 38.76 27.06
CA VAL C 327 -30.70 38.53 26.77
C VAL C 327 -30.83 37.49 25.67
N ARG C 328 -31.69 36.52 25.89
CA ARG C 328 -32.00 35.57 24.83
C ARG C 328 -32.61 36.29 23.63
N LYS C 329 -32.47 35.65 22.47
CA LYS C 329 -33.11 36.08 21.22
C LYS C 329 -32.44 37.33 20.63
N ARG C 330 -32.01 38.27 21.47
CA ARG C 330 -31.40 39.50 20.97
C ARG C 330 -30.20 39.17 20.09
N ALA C 331 -30.29 39.53 18.81
CA ALA C 331 -29.31 39.10 17.83
C ALA C 331 -28.02 39.91 17.95
N TYR C 332 -27.03 39.49 17.17
CA TYR C 332 -25.71 40.07 17.19
C TYR C 332 -25.10 39.87 15.81
N ASP C 333 -23.99 40.58 15.56
CA ASP C 333 -23.29 40.45 14.29
C ASP C 333 -22.28 39.30 14.42
N VAL C 334 -22.58 38.17 13.76
CA VAL C 334 -21.69 37.03 13.79
C VAL C 334 -20.37 37.37 13.12
N ARG C 335 -20.41 38.19 12.07
CA ARG C 335 -19.18 38.58 11.39
C ARG C 335 -18.29 39.42 12.28
N ALA C 336 -18.89 40.17 13.21
CA ALA C 336 -18.09 40.87 14.20
C ALA C 336 -17.40 39.88 15.14
N LEU C 337 -18.12 38.84 15.56
CA LEU C 337 -17.53 37.80 16.40
C LEU C 337 -16.36 37.12 15.68
N LEU C 338 -16.56 36.78 14.40
CA LEU C 338 -15.52 36.07 13.66
C LEU C 338 -14.27 36.92 13.52
N HIS C 339 -14.42 38.21 13.19
CA HIS C 339 -13.25 39.07 13.01
C HIS C 339 -12.50 39.28 14.31
N LEU C 340 -13.20 39.27 15.44
CA LEU C 340 -12.53 39.31 16.74
C LEU C 340 -11.75 38.04 16.99
N LEU C 341 -12.34 36.88 16.66
CA LEU C 341 -11.72 35.60 16.97
C LEU C 341 -10.55 35.30 16.05
N ALA C 342 -10.68 35.64 14.77
CA ALA C 342 -9.67 35.32 13.78
C ALA C 342 -8.51 36.31 13.87
N ASP C 343 -7.36 35.89 13.34
CA ASP C 343 -6.21 36.79 13.23
C ASP C 343 -6.62 38.07 12.51
N THR C 344 -6.04 39.18 12.94
CA THR C 344 -6.39 40.47 12.36
C THR C 344 -6.09 40.48 10.87
N GLY C 345 -7.12 40.74 10.06
CA GLY C 345 -6.97 40.85 8.63
C GLY C 345 -6.97 39.54 7.88
N SER C 346 -7.19 38.41 8.55
CA SER C 346 -7.08 37.09 7.92
C SER C 346 -8.41 36.56 7.39
N VAL C 347 -9.50 37.28 7.56
CA VAL C 347 -10.82 36.75 7.22
C VAL C 347 -11.08 36.97 5.73
N LEU C 348 -11.37 35.88 5.02
CA LEU C 348 -11.83 35.93 3.64
C LEU C 348 -13.12 35.11 3.58
N GLU C 349 -14.26 35.78 3.68
CA GLU C 349 -15.53 35.08 3.60
C GLU C 349 -15.81 34.67 2.15
N LEU C 350 -16.35 33.46 1.99
CA LEU C 350 -16.68 32.93 0.67
C LEU C 350 -18.18 32.72 0.55
N ARG C 351 -18.74 33.10 -0.61
CA ARG C 351 -20.08 32.69 -0.99
C ARG C 351 -21.13 33.31 -0.06
N ARG C 352 -20.93 34.57 0.32
CA ARG C 352 -21.80 35.18 1.33
C ARG C 352 -23.24 35.31 0.84
N ALA C 353 -23.44 35.72 -0.41
CA ALA C 353 -24.79 35.98 -0.91
C ALA C 353 -25.62 34.70 -1.03
N PHE C 354 -24.98 33.54 -1.12
CA PHE C 354 -25.68 32.27 -1.25
C PHE C 354 -25.86 31.65 0.12
N ALA C 355 -27.08 31.18 0.41
CA ALA C 355 -27.45 30.54 1.67
C ALA C 355 -26.88 31.35 2.83
N PRO C 356 -27.21 32.64 2.93
CA PRO C 356 -26.56 33.51 3.92
C PRO C 356 -26.81 33.07 5.36
N GLY C 357 -27.77 32.19 5.60
CA GLY C 357 -27.97 31.68 6.94
C GLY C 357 -26.78 30.94 7.51
N LEU C 358 -25.89 30.46 6.65
CA LEU C 358 -24.69 29.74 7.07
C LEU C 358 -23.48 30.40 6.43
N LEU C 359 -22.59 30.93 7.27
CA LEU C 359 -21.38 31.59 6.81
C LEU C 359 -20.27 30.58 6.58
N THR C 360 -19.49 30.80 5.53
CA THR C 360 -18.27 30.04 5.27
C THR C 360 -17.13 31.02 5.04
N ALA C 361 -15.99 30.78 5.68
CA ALA C 361 -14.86 31.69 5.53
C ALA C 361 -13.55 30.95 5.73
N LEU C 362 -12.56 31.34 4.93
CA LEU C 362 -11.17 30.98 5.18
C LEU C 362 -10.56 32.06 6.09
N VAL C 363 -9.93 31.63 7.17
CA VAL C 363 -9.36 32.54 8.16
C VAL C 363 -8.01 31.99 8.62
N ARG C 364 -7.37 32.73 9.51
CA ARG C 364 -6.20 32.25 10.22
C ARG C 364 -6.39 32.46 11.71
N ILE C 365 -5.94 31.48 12.49
CA ILE C 365 -5.92 31.55 13.94
C ILE C 365 -4.51 31.17 14.37
N GLY C 366 -3.80 32.10 15.00
CA GLY C 366 -2.40 31.87 15.32
C GLY C 366 -1.54 31.62 14.12
N GLY C 367 -1.86 32.24 12.99
CA GLY C 367 -1.14 32.01 11.75
C GLY C 367 -1.53 30.73 11.03
N LYS C 368 -2.35 29.88 11.65
CA LYS C 368 -2.77 28.63 11.06
C LYS C 368 -4.04 28.84 10.24
N ALA C 369 -4.04 28.36 9.01
CA ALA C 369 -5.20 28.51 8.14
C ALA C 369 -6.33 27.61 8.62
N PHE C 370 -7.51 28.20 8.78
CA PHE C 370 -8.72 27.49 9.18
C PHE C 370 -9.83 27.76 8.17
N GLY C 371 -10.68 26.76 7.97
CA GLY C 371 -12.00 26.98 7.40
C GLY C 371 -13.02 27.10 8.52
N VAL C 372 -13.93 28.06 8.39
CA VAL C 372 -14.92 28.36 9.41
C VAL C 372 -16.32 28.20 8.81
N ILE C 373 -17.19 27.48 9.54
CA ILE C 373 -18.63 27.50 9.29
C ILE C 373 -19.31 28.09 10.51
N ALA C 374 -20.35 28.89 10.28
CA ALA C 374 -21.02 29.56 11.38
C ALA C 374 -22.45 29.89 10.97
N ASN C 375 -23.38 29.70 11.89
CA ASN C 375 -24.77 30.10 11.69
C ASN C 375 -24.90 31.60 11.88
N ASP C 376 -25.62 32.25 10.98
CA ASP C 376 -25.95 33.66 11.16
C ASP C 376 -27.33 33.77 11.79
N PRO C 377 -27.43 34.13 13.08
CA PRO C 377 -28.75 34.16 13.71
C PRO C 377 -29.67 35.23 13.15
N ALA C 378 -29.13 36.19 12.41
CA ALA C 378 -29.93 37.25 11.80
C ALA C 378 -30.67 36.77 10.55
N VAL C 379 -30.39 35.58 10.06
CA VAL C 379 -31.02 35.05 8.86
C VAL C 379 -31.74 33.76 9.25
N LEU C 380 -33.06 33.76 9.18
CA LEU C 380 -33.88 32.59 9.53
C LEU C 380 -33.61 32.11 10.94
N GLY C 381 -33.29 33.04 11.85
CA GLY C 381 -32.95 32.66 13.21
C GLY C 381 -31.73 31.79 13.31
N GLY C 382 -30.90 31.71 12.28
CA GLY C 382 -29.77 30.82 12.26
C GLY C 382 -30.08 29.39 11.87
N ALA C 383 -31.30 29.13 11.37
CA ALA C 383 -31.68 27.78 11.01
C ALA C 383 -30.90 27.30 9.79
N ILE C 384 -30.79 25.99 9.68
CA ILE C 384 -30.06 25.34 8.60
C ILE C 384 -31.08 24.79 7.60
N ASP C 385 -31.11 25.37 6.40
CA ASP C 385 -32.01 24.94 5.35
C ASP C 385 -31.23 24.13 4.30
N ALA C 386 -31.94 23.75 3.23
CA ALA C 386 -31.33 22.92 2.20
C ALA C 386 -30.10 23.59 1.60
N ALA C 387 -30.19 24.88 1.30
CA ALA C 387 -29.08 25.58 0.68
C ALA C 387 -27.91 25.72 1.65
N GLY C 388 -28.21 25.99 2.92
CA GLY C 388 -27.15 26.08 3.92
C GLY C 388 -26.37 24.78 4.04
N ALA C 389 -27.06 23.64 3.90
CA ALA C 389 -26.38 22.35 3.97
C ALA C 389 -25.46 22.14 2.77
N ASP C 390 -25.93 22.47 1.58
CA ASP C 390 -25.07 22.39 0.39
C ASP C 390 -23.82 23.25 0.58
N LYS C 391 -24.01 24.49 1.03
CA LYS C 391 -22.89 25.40 1.22
C LYS C 391 -21.90 24.84 2.23
N ALA C 392 -22.41 24.34 3.35
CA ALA C 392 -21.53 23.77 4.38
C ALA C 392 -20.85 22.52 3.88
N ALA C 393 -21.61 21.63 3.22
CA ALA C 393 -21.05 20.35 2.77
C ALA C 393 -19.92 20.58 1.76
N ARG C 394 -20.14 21.45 0.79
CA ARG C 394 -19.11 21.69 -0.22
C ARG C 394 -17.89 22.36 0.37
N PHE C 395 -18.08 23.20 1.39
CA PHE C 395 -16.95 23.86 2.04
C PHE C 395 -16.13 22.86 2.85
N LEU C 396 -16.79 21.90 3.51
CA LEU C 396 -16.07 20.80 4.14
C LEU C 396 -15.32 19.98 3.10
N ASN C 397 -15.95 19.71 1.95
CA ASN C 397 -15.25 19.06 0.86
C ASN C 397 -13.98 19.83 0.52
N LEU C 398 -14.09 21.14 0.36
CA LEU C 398 -12.94 21.96 0.01
C LEU C 398 -11.82 21.83 1.05
N CYS C 399 -12.15 22.05 2.32
CA CYS C 399 -11.14 22.05 3.37
C CYS C 399 -10.53 20.66 3.57
N ASP C 400 -11.37 19.62 3.56
CA ASP C 400 -10.85 18.27 3.77
C ASP C 400 -9.96 17.85 2.61
N THR C 401 -10.33 18.22 1.38
CA THR C 401 -9.52 17.85 0.23
C THR C 401 -8.17 18.58 0.26
N HIS C 402 -8.17 19.87 0.56
CA HIS C 402 -6.94 20.65 0.59
C HIS C 402 -6.32 20.71 1.98
N ARG C 403 -6.78 19.88 2.90
CA ARG C 403 -6.04 19.55 4.14
C ARG C 403 -6.00 20.72 5.11
N LEU C 404 -7.12 21.44 5.23
CA LEU C 404 -7.21 22.51 6.21
C LEU C 404 -8.08 22.08 7.39
N PRO C 405 -7.74 22.48 8.61
CA PRO C 405 -8.65 22.23 9.74
C PRO C 405 -9.90 23.08 9.62
N VAL C 406 -10.95 22.64 10.31
CA VAL C 406 -12.26 23.29 10.24
C VAL C 406 -12.68 23.69 11.65
N LEU C 407 -13.15 24.93 11.79
CA LEU C 407 -13.75 25.44 13.01
C LEU C 407 -15.23 25.71 12.75
N SER C 408 -16.09 25.27 13.68
CA SER C 408 -17.53 25.44 13.56
C SER C 408 -18.04 26.28 14.73
N LEU C 409 -18.66 27.41 14.42
CA LEU C 409 -19.26 28.30 15.42
C LEU C 409 -20.76 28.03 15.42
N VAL C 410 -21.25 27.39 16.48
CA VAL C 410 -22.61 26.88 16.54
C VAL C 410 -23.48 27.88 17.30
N ASP C 411 -24.51 28.38 16.61
CA ASP C 411 -25.60 29.16 17.22
C ASP C 411 -26.83 28.96 16.34
N THR C 412 -27.44 27.78 16.43
CA THR C 412 -28.54 27.43 15.55
C THR C 412 -29.70 26.82 16.33
N PRO C 413 -30.94 27.10 15.93
CA PRO C 413 -32.09 26.37 16.47
C PRO C 413 -32.29 25.00 15.84
N GLY C 414 -31.50 24.65 14.84
CA GLY C 414 -31.58 23.36 14.19
C GLY C 414 -31.94 23.49 12.73
N PHE C 415 -32.30 22.34 12.13
CA PHE C 415 -32.72 22.32 10.75
C PHE C 415 -34.03 23.07 10.57
N MET C 416 -34.16 23.77 9.44
CA MET C 416 -35.44 24.33 9.05
C MET C 416 -36.47 23.21 8.91
N VAL C 417 -37.73 23.55 9.17
CA VAL C 417 -38.82 22.59 9.13
C VAL C 417 -40.01 23.21 8.42
N GLY C 418 -40.99 22.37 8.09
CA GLY C 418 -42.20 22.82 7.44
C GLY C 418 -42.29 22.35 6.00
N PRO C 419 -43.51 22.30 5.45
CA PRO C 419 -43.68 21.78 4.09
C PRO C 419 -42.91 22.57 3.03
N ALA C 420 -42.72 23.88 3.22
CA ALA C 420 -41.94 24.66 2.27
C ALA C 420 -40.49 24.21 2.26
N SER C 421 -39.94 23.92 3.44
CA SER C 421 -38.56 23.44 3.53
C SER C 421 -38.41 22.07 2.87
N GLU C 422 -39.34 21.15 3.14
CA GLU C 422 -39.25 19.81 2.57
C GLU C 422 -39.35 19.84 1.06
N ALA C 423 -40.10 20.80 0.51
CA ALA C 423 -40.21 20.94 -0.94
C ALA C 423 -38.95 21.48 -1.58
N GLU C 424 -38.01 21.99 -0.78
CA GLU C 424 -36.68 22.32 -1.26
C GLU C 424 -35.75 21.11 -1.26
N GLY C 425 -36.29 19.93 -0.98
CA GLY C 425 -35.47 18.73 -0.90
C GLY C 425 -34.68 18.63 0.38
N ALA C 426 -35.15 19.26 1.45
CA ALA C 426 -34.34 19.43 2.66
C ALA C 426 -33.85 18.09 3.21
N VAL C 427 -34.64 17.03 3.09
CA VAL C 427 -34.25 15.74 3.67
C VAL C 427 -32.93 15.27 3.06
N ARG C 428 -32.77 15.41 1.75
CA ARG C 428 -31.55 14.97 1.09
C ARG C 428 -30.41 15.96 1.30
N HIS C 429 -30.69 17.26 1.18
CA HIS C 429 -29.62 18.25 1.21
C HIS C 429 -28.93 18.32 2.57
N VAL C 430 -29.68 18.17 3.66
CA VAL C 430 -29.04 18.19 4.98
C VAL C 430 -28.27 16.89 5.20
N SER C 431 -28.68 15.80 4.54
CA SER C 431 -27.95 14.55 4.66
C SER C 431 -26.55 14.64 4.09
N ARG C 432 -26.30 15.63 3.21
CA ARG C 432 -24.93 15.86 2.74
C ARG C 432 -23.97 16.00 3.90
N LEU C 433 -24.40 16.68 4.97
CA LEU C 433 -23.52 16.99 6.08
C LEU C 433 -23.06 15.73 6.81
N PHE C 434 -24.00 14.86 7.17
CA PHE C 434 -23.65 13.66 7.90
C PHE C 434 -22.74 12.76 7.06
N VAL C 435 -23.06 12.61 5.78
CA VAL C 435 -22.26 11.78 4.89
C VAL C 435 -20.86 12.35 4.72
N ARG C 436 -20.76 13.67 4.52
CA ARG C 436 -19.45 14.30 4.36
C ARG C 436 -18.68 14.31 5.67
N ALA C 437 -19.33 14.70 6.77
CA ALA C 437 -18.64 14.82 8.05
C ALA C 437 -18.12 13.46 8.52
N ALA C 438 -18.79 12.38 8.13
CA ALA C 438 -18.34 11.04 8.51
C ALA C 438 -17.04 10.66 7.83
N LYS C 439 -16.63 11.37 6.78
CA LYS C 439 -15.44 11.02 6.01
C LYS C 439 -14.33 12.04 6.14
N LEU C 440 -14.45 13.01 7.05
CA LEU C 440 -13.41 13.99 7.24
C LEU C 440 -12.15 13.33 7.77
N THR C 441 -11.00 13.80 7.29
CA THR C 441 -9.71 13.37 7.80
C THR C 441 -8.86 14.56 8.21
N VAL C 442 -9.49 15.70 8.48
CA VAL C 442 -8.79 16.88 9.00
C VAL C 442 -9.31 17.13 10.42
N PRO C 443 -8.56 17.87 11.25
CA PRO C 443 -9.09 18.23 12.57
C PRO C 443 -10.36 19.05 12.44
N PHE C 444 -11.32 18.77 13.32
CA PHE C 444 -12.59 19.49 13.37
C PHE C 444 -12.85 19.97 14.79
N PHE C 445 -13.08 21.27 14.96
CA PHE C 445 -13.33 21.87 16.26
C PHE C 445 -14.65 22.61 16.25
N ALA C 446 -15.43 22.45 17.31
CA ALA C 446 -16.76 23.04 17.42
C ALA C 446 -16.84 23.90 18.67
N VAL C 447 -17.25 25.15 18.49
CA VAL C 447 -17.46 26.09 19.61
C VAL C 447 -18.93 26.49 19.60
N VAL C 448 -19.66 26.08 20.63
CA VAL C 448 -21.07 26.48 20.79
C VAL C 448 -21.09 27.86 21.44
N THR C 449 -21.39 28.89 20.66
CA THR C 449 -21.41 30.26 21.17
C THR C 449 -22.70 30.57 21.89
N ARG C 450 -23.81 29.99 21.45
CA ARG C 450 -25.10 30.21 22.13
C ARG C 450 -26.02 29.00 21.94
N ARG C 451 -26.84 29.01 20.89
CA ARG C 451 -27.87 27.99 20.72
C ARG C 451 -27.32 26.75 20.03
N ALA C 452 -27.80 25.58 20.45
CA ALA C 452 -27.42 24.32 19.82
C ALA C 452 -28.59 23.35 20.01
N TYR C 453 -29.46 23.28 19.01
CA TYR C 453 -30.69 22.49 19.12
C TYR C 453 -30.79 21.49 17.98
N GLY C 454 -31.08 20.23 18.33
CA GLY C 454 -31.51 19.23 17.37
C GLY C 454 -30.40 18.66 16.49
N LEU C 455 -30.87 17.94 15.46
CA LEU C 455 -29.96 17.32 14.51
C LEU C 455 -29.13 18.37 13.77
N GLY C 456 -29.70 19.56 13.56
CA GLY C 456 -28.93 20.62 12.93
C GLY C 456 -27.69 20.98 13.73
N ALA C 457 -27.81 21.06 15.05
CA ALA C 457 -26.66 21.34 15.88
C ALA C 457 -25.65 20.20 15.81
N GLN C 458 -26.12 18.96 15.81
CA GLN C 458 -25.22 17.82 15.66
C GLN C 458 -24.49 17.87 14.33
N ALA C 459 -25.19 18.24 13.26
CA ALA C 459 -24.56 18.36 11.95
C ALA C 459 -23.52 19.47 11.95
N MET C 460 -23.79 20.57 12.64
CA MET C 460 -22.82 21.65 12.75
C MET C 460 -21.56 21.19 13.48
N ALA C 461 -21.68 20.18 14.34
CA ALA C 461 -20.54 19.59 15.04
C ALA C 461 -20.06 18.31 14.37
N ALA C 462 -20.27 18.20 13.06
CA ALA C 462 -19.75 17.09 12.25
C ALA C 462 -20.39 15.75 12.62
N GLY C 463 -21.63 15.77 13.09
CA GLY C 463 -22.38 14.53 13.32
C GLY C 463 -22.90 14.39 14.72
N SER C 464 -22.14 14.88 15.69
CA SER C 464 -22.55 14.88 17.09
C SER C 464 -21.57 15.76 17.86
N LEU C 465 -21.94 16.09 19.10
CA LEU C 465 -21.10 16.96 19.91
C LEU C 465 -19.79 16.28 20.30
N HIS C 466 -19.63 14.98 20.06
CA HIS C 466 -18.39 14.29 20.32
C HIS C 466 -17.60 13.94 19.05
N ALA C 467 -18.16 14.23 17.88
CA ALA C 467 -17.39 14.02 16.65
C ALA C 467 -16.16 14.91 16.57
N PRO C 468 -16.20 16.19 16.96
CA PRO C 468 -15.01 17.03 16.86
C PRO C 468 -13.91 16.53 17.78
N ALA C 469 -12.67 16.93 17.44
CA ALA C 469 -11.53 16.67 18.31
C ALA C 469 -11.62 17.48 19.59
N LEU C 470 -12.33 18.61 19.56
CA LEU C 470 -12.58 19.41 20.74
C LEU C 470 -13.90 20.14 20.55
N THR C 471 -14.78 20.04 21.55
CA THR C 471 -16.07 20.72 21.54
C THR C 471 -16.21 21.48 22.85
N VAL C 472 -16.29 22.81 22.77
CA VAL C 472 -16.42 23.66 23.93
C VAL C 472 -17.69 24.49 23.80
N SER C 473 -18.22 24.91 24.95
CA SER C 473 -19.36 25.81 25.01
C SER C 473 -18.98 27.08 25.75
N TRP C 474 -19.47 28.21 25.26
CA TRP C 474 -19.40 29.43 26.04
C TRP C 474 -20.43 29.37 27.17
N PRO C 475 -20.26 30.19 28.22
CA PRO C 475 -21.15 30.06 29.38
C PRO C 475 -22.62 30.22 29.06
N GLY C 476 -22.96 31.01 28.04
CA GLY C 476 -24.35 31.21 27.67
C GLY C 476 -24.96 30.13 26.81
N GLY C 477 -24.28 29.01 26.63
CA GLY C 477 -24.78 27.96 25.76
C GLY C 477 -26.09 27.36 26.24
N GLU C 478 -27.04 27.22 25.33
CA GLU C 478 -28.33 26.60 25.63
C GLU C 478 -28.55 25.46 24.64
N PHE C 479 -28.77 24.25 25.16
CA PHE C 479 -28.89 23.05 24.35
C PHE C 479 -30.27 22.43 24.53
N GLY C 480 -30.61 21.53 23.61
CA GLY C 480 -31.82 20.77 23.68
C GLY C 480 -32.25 20.34 22.29
N PRO C 481 -33.44 19.73 22.17
CA PRO C 481 -34.05 19.65 20.84
C PRO C 481 -35.12 20.71 20.63
N MET C 482 -35.14 21.29 19.43
CA MET C 482 -36.17 22.22 18.96
C MET C 482 -36.46 23.39 19.91
N GLY C 483 -37.26 24.34 19.42
CA GLY C 483 -37.72 25.47 20.19
C GLY C 483 -38.26 25.06 21.54
N LEU C 484 -37.52 25.39 22.59
CA LEU C 484 -37.80 24.85 23.92
C LEU C 484 -39.14 25.32 24.46
N GLU C 485 -39.49 26.58 24.21
CA GLU C 485 -40.78 27.09 24.69
C GLU C 485 -41.94 26.34 24.05
N GLY C 486 -41.90 26.20 22.72
CA GLY C 486 -42.98 25.51 22.02
C GLY C 486 -43.03 24.03 22.31
N ALA C 487 -41.85 23.42 22.55
CA ALA C 487 -41.80 21.98 22.78
C ALA C 487 -42.56 21.60 24.05
N VAL C 488 -42.30 22.29 25.15
CA VAL C 488 -42.80 21.87 26.45
C VAL C 488 -44.33 21.99 26.50
N ARG C 489 -44.86 23.14 26.08
CA ARG C 489 -46.30 23.36 26.24
C ARG C 489 -47.11 22.44 25.34
N LEU C 490 -46.63 22.19 24.12
CA LEU C 490 -47.30 21.24 23.25
C LEU C 490 -47.10 19.80 23.74
N GLY C 491 -46.04 19.53 24.49
CA GLY C 491 -45.80 18.21 25.04
C GLY C 491 -46.74 17.87 26.17
N ARG C 505 -52.43 28.96 35.22
CA ARG C 505 -51.98 28.47 33.93
C ARG C 505 -50.54 28.91 33.65
N GLU C 506 -50.20 30.11 34.12
CA GLU C 506 -48.85 30.65 33.90
C GLU C 506 -47.81 29.97 34.77
N ALA C 507 -48.21 29.43 35.93
CA ALA C 507 -47.24 28.97 36.91
C ALA C 507 -46.64 27.62 36.54
N LEU C 508 -47.44 26.69 36.02
CA LEU C 508 -46.91 25.37 35.68
C LEU C 508 -46.08 25.43 34.40
N TYR C 509 -46.51 26.24 33.44
CA TYR C 509 -45.77 26.38 32.18
C TYR C 509 -44.38 26.98 32.44
N GLN C 510 -44.32 28.07 33.20
CA GLN C 510 -43.04 28.68 33.52
C GLN C 510 -42.17 27.79 34.40
N LYS C 511 -42.78 26.86 35.15
CA LYS C 511 -42.01 25.89 35.91
C LYS C 511 -41.35 24.89 34.97
N LEU C 512 -42.11 24.34 34.02
CA LEU C 512 -41.58 23.37 33.09
C LEU C 512 -40.59 24.00 32.12
N VAL C 513 -40.82 25.25 31.72
CA VAL C 513 -39.87 25.94 30.84
C VAL C 513 -38.55 26.15 31.57
N ALA C 514 -38.60 26.59 32.83
CA ALA C 514 -37.38 26.90 33.55
C ALA C 514 -36.55 25.65 33.81
N GLN C 515 -37.21 24.52 34.06
CA GLN C 515 -36.47 23.28 34.29
C GLN C 515 -35.84 22.78 33.01
N ALA C 516 -36.52 22.97 31.88
CA ALA C 516 -35.97 22.52 30.59
C ALA C 516 -34.80 23.37 30.16
N TYR C 517 -34.87 24.69 30.40
CA TYR C 517 -33.72 25.55 30.15
C TYR C 517 -32.58 25.21 31.10
N ALA C 518 -32.90 24.90 32.36
CA ALA C 518 -31.87 24.54 33.33
C ALA C 518 -31.22 23.21 32.97
N GLN C 519 -31.99 22.27 32.42
CA GLN C 519 -31.43 21.01 31.97
C GLN C 519 -30.56 21.19 30.74
N GLY C 520 -30.86 22.19 29.91
CA GLY C 520 -30.09 22.48 28.72
C GLY C 520 -28.99 23.50 28.90
N GLU C 521 -28.75 23.95 30.14
CA GLU C 521 -27.71 24.93 30.39
C GLU C 521 -26.33 24.36 30.10
N ALA C 522 -25.43 25.24 29.68
CA ALA C 522 -24.07 24.84 29.36
C ALA C 522 -23.42 24.03 30.49
N VAL C 523 -23.55 24.50 31.73
CA VAL C 523 -22.89 23.82 32.85
C VAL C 523 -23.42 22.40 33.01
N ASN C 524 -24.72 22.20 32.84
CA ASN C 524 -25.29 20.87 33.03
C ASN C 524 -24.99 19.97 31.83
N VAL C 525 -25.00 20.53 30.62
CA VAL C 525 -24.62 19.77 29.44
C VAL C 525 -23.16 19.33 29.55
N ALA C 526 -22.29 20.21 30.02
CA ALA C 526 -20.89 19.85 30.20
C ALA C 526 -20.73 18.83 31.31
N ALA C 527 -21.51 18.98 32.40
CA ALA C 527 -21.43 18.01 33.50
C ALA C 527 -21.84 16.61 33.04
N HIS C 528 -22.73 16.53 32.05
CA HIS C 528 -23.07 15.26 31.42
C HIS C 528 -22.14 14.92 30.26
N LEU C 529 -21.02 15.64 30.15
CA LEU C 529 -19.92 15.31 29.24
C LEU C 529 -20.28 15.48 27.77
N GLU C 530 -21.40 16.14 27.45
CA GLU C 530 -21.78 16.29 26.05
C GLU C 530 -20.88 17.28 25.32
N VAL C 531 -20.29 18.22 26.05
CA VAL C 531 -19.22 19.05 25.53
C VAL C 531 -17.99 18.82 26.42
N ASP C 532 -16.83 19.09 25.86
CA ASP C 532 -15.59 18.85 26.59
C ASP C 532 -15.42 19.83 27.75
N ALA C 533 -15.86 21.07 27.56
CA ALA C 533 -15.68 22.07 28.59
C ALA C 533 -16.57 23.27 28.33
N VAL C 534 -16.86 24.00 29.40
CA VAL C 534 -17.34 25.37 29.32
C VAL C 534 -16.13 26.27 29.50
N ILE C 535 -15.94 27.22 28.58
CA ILE C 535 -14.75 28.04 28.59
C ILE C 535 -15.12 29.51 28.55
N ASP C 536 -14.23 30.33 29.09
CA ASP C 536 -14.28 31.77 28.92
C ASP C 536 -14.14 32.08 27.44
N PRO C 537 -15.10 32.79 26.83
CA PRO C 537 -14.97 33.10 25.39
C PRO C 537 -13.62 33.71 25.04
N ALA C 538 -13.00 34.45 25.95
CA ALA C 538 -11.71 35.07 25.67
C ALA C 538 -10.59 34.05 25.53
N GLU C 539 -10.81 32.81 25.99
CA GLU C 539 -9.83 31.75 25.90
C GLU C 539 -10.04 30.83 24.70
N THR C 540 -10.97 31.19 23.82
CA THR C 540 -11.30 30.34 22.68
C THR C 540 -10.07 30.04 21.85
N ARG C 541 -9.35 31.09 21.43
CA ARG C 541 -8.17 30.90 20.60
C ARG C 541 -7.16 29.96 21.24
N ASN C 542 -6.90 30.13 22.55
CA ASN C 542 -5.93 29.29 23.23
C ASN C 542 -6.34 27.82 23.19
N TRP C 543 -7.61 27.55 23.52
CA TRP C 543 -8.10 26.17 23.46
C TRP C 543 -7.96 25.59 22.07
N LEU C 544 -8.32 26.36 21.04
CA LEU C 544 -8.23 25.88 19.67
C LEU C 544 -6.80 25.64 19.26
N LEU C 545 -5.89 26.57 19.58
CA LEU C 545 -4.50 26.43 19.16
C LEU C 545 -3.81 25.30 19.91
N ARG C 546 -4.08 25.18 21.21
CA ARG C 546 -3.52 24.06 21.99
C ARG C 546 -3.98 22.73 21.43
N ALA C 547 -5.25 22.63 21.05
CA ALA C 547 -5.77 21.38 20.50
C ALA C 547 -5.17 21.10 19.13
N LEU C 548 -5.12 22.10 18.26
CA LEU C 548 -4.55 21.90 16.93
C LEU C 548 -3.09 21.49 17.02
N ARG C 549 -2.36 22.07 17.99
CA ARG C 549 -0.95 21.73 18.16
C ARG C 549 -0.75 20.24 18.34
N VAL C 550 -1.71 19.55 18.96
CA VAL C 550 -1.59 18.12 19.22
C VAL C 550 -2.55 17.34 18.34
N SER C 551 -2.84 17.85 17.14
CA SER C 551 -3.76 17.22 16.19
C SER C 551 -3.03 16.89 14.90
N PRO C 552 -2.16 15.89 14.92
CA PRO C 552 -1.40 15.54 13.71
C PRO C 552 -2.28 14.85 12.66
N TYR C 553 -2.04 15.21 11.39
CA TYR C 553 -2.75 14.61 10.29
C TYR C 553 -1.94 14.79 9.01
N SER C 554 -2.27 13.99 8.01
CA SER C 554 -1.49 13.94 6.78
C SER C 554 -1.74 15.18 5.92
N ALA C 555 -0.66 15.72 5.36
CA ALA C 555 -0.71 16.81 4.39
C ALA C 555 -0.93 16.31 2.97
N GLN C 556 -0.93 15.00 2.75
CA GLN C 556 -1.13 14.46 1.42
C GLN C 556 -2.59 14.58 1.01
N ARG C 557 -2.82 14.93 -0.25
CA ARG C 557 -4.16 14.88 -0.81
C ARG C 557 -4.47 13.46 -1.25
N ARG C 558 -5.72 13.05 -1.06
CA ARG C 558 -6.09 11.68 -1.40
C ARG C 558 -6.14 11.53 -2.92
N GLU C 559 -5.53 10.46 -3.42
CA GLU C 559 -5.54 10.21 -4.85
C GLU C 559 -6.96 9.84 -5.29
N GLY C 560 -7.36 10.35 -6.45
CA GLY C 560 -8.70 10.12 -6.94
C GLY C 560 -9.76 10.91 -6.21
N GLY C 561 -9.38 11.84 -5.34
CA GLY C 561 -10.34 12.72 -4.70
C GLY C 561 -10.72 13.88 -5.59
N LEU C 562 -11.75 14.61 -5.17
CA LEU C 562 -12.26 15.69 -6.00
C LEU C 562 -13.00 16.69 -5.12
N VAL C 563 -13.12 17.91 -5.62
CA VAL C 563 -13.93 18.95 -4.99
C VAL C 563 -15.21 19.07 -5.82
N ASP C 564 -16.32 18.62 -5.26
CA ASP C 564 -17.59 18.67 -5.98
C ASP C 564 -17.96 20.11 -6.27
N PRO C 565 -18.28 20.47 -7.52
CA PRO C 565 -18.72 21.83 -7.82
C PRO C 565 -19.99 22.26 -7.08
N TRP C 566 -20.72 21.33 -6.49
CA TRP C 566 -21.89 21.69 -5.68
C TRP C 566 -21.88 20.95 -4.35
N GLU D 24 -55.06 -53.88 20.56
CA GLU D 24 -54.46 -54.28 21.83
C GLU D 24 -53.41 -53.27 22.26
N ASN D 25 -53.37 -53.00 23.57
CA ASN D 25 -52.58 -51.91 24.13
C ASN D 25 -51.76 -52.39 25.32
N LEU D 26 -51.07 -53.53 25.14
CA LEU D 26 -50.39 -54.16 26.26
C LEU D 26 -49.15 -53.39 26.70
N TYR D 27 -48.44 -52.75 25.77
CA TYR D 27 -47.25 -52.00 26.14
C TYR D 27 -47.60 -50.79 27.00
N PHE D 28 -48.48 -49.92 26.49
CA PHE D 28 -48.85 -48.74 27.26
C PHE D 28 -49.43 -49.13 28.62
N GLN D 29 -50.20 -50.21 28.67
CA GLN D 29 -50.68 -50.71 29.97
C GLN D 29 -49.51 -51.02 30.89
N GLY D 30 -48.44 -51.62 30.35
CA GLY D 30 -47.27 -51.89 31.16
C GLY D 30 -46.54 -50.64 31.60
N LEU D 31 -46.48 -49.63 30.72
CA LEU D 31 -45.83 -48.37 31.09
C LEU D 31 -46.57 -47.67 32.22
N ALA D 32 -47.91 -47.63 32.13
CA ALA D 32 -48.70 -47.03 33.20
C ALA D 32 -48.50 -47.76 34.51
N ALA D 33 -48.37 -49.09 34.44
CA ALA D 33 -48.16 -49.90 35.63
C ALA D 33 -46.79 -49.66 36.27
N ASP D 34 -45.83 -49.15 35.51
CA ASP D 34 -44.45 -49.00 35.98
C ASP D 34 -44.07 -47.55 36.23
N GLU D 35 -45.06 -46.70 36.51
CA GLU D 35 -44.78 -45.30 36.80
C GLU D 35 -44.28 -45.15 38.23
N GLY D 36 -43.23 -45.88 38.59
CA GLY D 36 -42.71 -45.84 39.94
C GLY D 36 -41.20 -45.89 40.05
N ALA D 37 -40.62 -44.82 40.60
CA ALA D 37 -39.20 -44.80 40.99
C ALA D 37 -38.26 -44.71 39.79
N ASP D 38 -37.01 -44.30 40.06
CA ASP D 38 -35.99 -44.18 39.03
C ASP D 38 -36.47 -43.32 37.86
N GLU D 46 -32.17 -41.21 29.15
CA GLU D 46 -33.30 -41.53 30.03
C GLU D 46 -34.30 -40.37 30.00
N ARG D 47 -34.68 -39.93 28.80
CA ARG D 47 -35.28 -38.59 28.69
C ARG D 47 -35.92 -38.38 27.33
N ASP D 48 -36.88 -37.44 27.31
CA ASP D 48 -37.53 -36.93 26.11
C ASP D 48 -36.82 -35.67 25.63
N LEU D 49 -36.23 -35.72 24.44
CA LEU D 49 -35.48 -34.58 23.91
C LEU D 49 -36.34 -33.59 23.13
N ASP D 50 -37.66 -33.79 23.08
CA ASP D 50 -38.57 -32.84 22.47
C ASP D 50 -39.19 -31.91 23.52
N ALA D 51 -38.50 -31.72 24.64
CA ALA D 51 -38.99 -30.88 25.72
C ALA D 51 -37.92 -29.86 26.07
N LEU D 52 -38.33 -28.80 26.77
CA LEU D 52 -37.43 -27.76 27.20
C LEU D 52 -37.34 -27.75 28.71
N PRO D 53 -36.16 -27.47 29.28
CA PRO D 53 -36.09 -27.25 30.73
C PRO D 53 -37.11 -26.20 31.14
N ALA D 54 -37.73 -26.41 32.30
CA ALA D 54 -38.75 -25.48 32.77
C ALA D 54 -38.22 -24.07 32.92
N SER D 55 -36.90 -23.92 33.08
CA SER D 55 -36.30 -22.61 33.27
C SER D 55 -36.37 -21.74 32.02
N TYR D 56 -36.59 -22.33 30.85
CA TYR D 56 -36.69 -21.56 29.62
C TYR D 56 -37.97 -20.76 29.53
N ALA D 57 -38.87 -20.90 30.52
CA ALA D 57 -40.22 -20.37 30.38
C ALA D 57 -40.22 -18.85 30.28
N ASP D 58 -39.55 -18.17 31.21
CA ASP D 58 -39.57 -16.71 31.21
C ASP D 58 -39.03 -16.16 29.89
N TRP D 59 -37.90 -16.71 29.43
CA TRP D 59 -37.35 -16.29 28.15
C TRP D 59 -38.34 -16.52 27.02
N GLN D 60 -38.99 -17.69 27.00
CA GLN D 60 -39.94 -17.99 25.95
C GLN D 60 -41.12 -17.03 25.94
N ARG D 61 -41.61 -16.65 27.13
CA ARG D 61 -42.72 -15.72 27.19
C ARG D 61 -42.33 -14.34 26.68
N ARG D 62 -41.18 -13.83 27.14
CA ARG D 62 -40.69 -12.55 26.64
C ARG D 62 -40.41 -12.60 25.14
N LEU D 63 -39.96 -13.75 24.64
CA LEU D 63 -39.67 -13.89 23.22
C LEU D 63 -40.97 -13.91 22.40
N ARG D 64 -42.02 -14.51 22.96
CA ARG D 64 -43.33 -14.52 22.29
C ARG D 64 -43.93 -13.12 22.20
N ALA D 65 -43.67 -12.26 23.20
CA ALA D 65 -44.30 -10.95 23.24
C ALA D 65 -43.88 -10.07 22.08
N THR D 66 -42.77 -10.39 21.42
CA THR D 66 -42.30 -9.61 20.29
C THR D 66 -42.97 -10.00 18.97
N THR D 67 -43.70 -11.11 18.94
CA THR D 67 -44.28 -11.61 17.71
C THR D 67 -45.57 -10.89 17.37
N ASP D 68 -45.89 -10.86 16.07
CA ASP D 68 -47.18 -10.33 15.63
C ASP D 68 -48.32 -11.13 16.22
N GLU D 69 -48.14 -12.46 16.36
CA GLU D 69 -49.20 -13.31 16.88
C GLU D 69 -49.65 -12.84 18.26
N ALA D 70 -48.70 -12.48 19.13
CA ALA D 70 -49.02 -12.07 20.48
C ALA D 70 -49.57 -10.65 20.56
N ARG D 71 -49.75 -9.97 19.43
CA ARG D 71 -50.19 -8.57 19.40
C ARG D 71 -51.24 -8.42 18.30
N PRO D 72 -52.40 -9.04 18.48
CA PRO D 72 -53.43 -8.97 17.43
C PRO D 72 -53.90 -7.56 17.14
N ALA D 73 -54.09 -6.75 18.19
CA ALA D 73 -54.59 -5.40 18.00
C ALA D 73 -53.65 -4.58 17.11
N ALA D 74 -52.35 -4.69 17.33
CA ALA D 74 -51.39 -3.91 16.56
C ALA D 74 -51.35 -4.37 15.10
N VAL D 75 -51.41 -5.68 14.87
CA VAL D 75 -51.37 -6.21 13.50
C VAL D 75 -52.59 -5.73 12.72
N GLU D 76 -53.78 -5.81 13.33
CA GLU D 76 -55.00 -5.48 12.60
C GLU D 76 -55.06 -4.00 12.25
N LYS D 77 -54.61 -3.14 13.16
CA LYS D 77 -54.56 -1.71 12.86
C LYS D 77 -53.76 -1.45 11.59
N ARG D 78 -52.65 -2.17 11.41
CA ARG D 78 -51.84 -2.00 10.21
C ARG D 78 -52.46 -2.71 9.02
N HIS D 79 -52.87 -3.97 9.19
CA HIS D 79 -53.49 -4.70 8.08
C HIS D 79 -54.78 -4.02 7.62
N ALA D 80 -55.54 -3.43 8.55
CA ALA D 80 -56.74 -2.71 8.17
C ALA D 80 -56.43 -1.57 7.22
N ALA D 81 -55.24 -0.98 7.34
CA ALA D 81 -54.79 0.10 6.47
C ALA D 81 -54.05 -0.40 5.24
N GLY D 82 -54.00 -1.71 5.03
CA GLY D 82 -53.27 -2.25 3.89
C GLY D 82 -51.77 -2.16 4.04
N LYS D 83 -51.27 -2.12 5.27
CA LYS D 83 -49.85 -1.96 5.55
C LYS D 83 -49.28 -3.23 6.16
N LEU D 84 -47.96 -3.34 6.13
CA LEU D 84 -47.26 -4.46 6.71
C LEU D 84 -46.67 -4.08 8.07
N THR D 85 -46.55 -5.07 8.95
CA THR D 85 -45.86 -4.88 10.21
C THR D 85 -44.35 -4.92 10.00
N ALA D 86 -43.61 -4.46 11.01
CA ALA D 86 -42.16 -4.54 10.96
C ALA D 86 -41.69 -5.98 10.81
N ARG D 87 -42.33 -6.91 11.52
CA ARG D 87 -41.96 -8.33 11.41
C ARG D 87 -42.23 -8.86 10.02
N GLU D 88 -43.33 -8.42 9.38
CA GLU D 88 -43.64 -8.87 8.03
C GLU D 88 -42.64 -8.33 7.03
N ASN D 89 -42.15 -7.10 7.23
CA ASN D 89 -41.12 -6.56 6.36
C ASN D 89 -39.84 -7.38 6.44
N VAL D 90 -39.43 -7.76 7.65
CA VAL D 90 -38.24 -8.61 7.79
C VAL D 90 -38.48 -9.97 7.16
N ALA D 91 -39.68 -10.52 7.35
CA ALA D 91 -40.00 -11.83 6.79
C ALA D 91 -40.05 -11.77 5.26
N ALA D 92 -40.57 -10.67 4.71
CA ALA D 92 -40.66 -10.53 3.26
C ALA D 92 -39.29 -10.23 2.64
N LEU D 93 -38.42 -9.53 3.36
CA LEU D 93 -37.11 -9.16 2.83
C LEU D 93 -36.14 -10.32 2.85
N LEU D 94 -36.00 -10.98 3.98
CA LEU D 94 -34.94 -11.95 4.21
C LEU D 94 -35.44 -13.37 3.96
N ASP D 95 -34.53 -14.22 3.51
CA ASP D 95 -34.85 -15.62 3.27
C ASP D 95 -35.14 -16.34 4.59
N ALA D 96 -36.10 -17.26 4.56
CA ALA D 96 -36.55 -17.91 5.78
C ALA D 96 -35.41 -18.66 6.45
N GLY D 97 -35.31 -18.50 7.77
CA GLY D 97 -34.33 -19.22 8.56
C GLY D 97 -32.95 -18.61 8.60
N SER D 98 -32.74 -17.47 7.94
CA SER D 98 -31.42 -16.85 7.85
C SER D 98 -31.18 -15.77 8.89
N PHE D 99 -32.19 -15.42 9.69
CA PHE D 99 -32.17 -14.20 10.50
C PHE D 99 -31.50 -14.46 11.85
N ASN D 100 -30.40 -13.75 12.09
CA ASN D 100 -29.81 -13.61 13.43
C ASN D 100 -30.26 -12.27 13.98
N GLU D 101 -31.14 -12.29 14.97
CA GLU D 101 -31.72 -11.06 15.51
C GLU D 101 -30.92 -10.58 16.72
N HIS D 102 -30.67 -9.27 16.75
CA HIS D 102 -29.95 -8.64 17.86
C HIS D 102 -30.92 -7.72 18.60
N GLY D 103 -31.06 -7.94 19.90
CA GLY D 103 -31.84 -7.06 20.74
C GLY D 103 -33.34 -7.30 20.74
N ALA D 104 -33.77 -8.54 20.51
CA ALA D 104 -35.20 -8.82 20.45
C ALA D 104 -35.88 -8.56 21.79
N LEU D 105 -35.23 -8.90 22.90
CA LEU D 105 -35.82 -8.78 24.22
C LEU D 105 -35.77 -7.38 24.78
N ALA D 106 -35.32 -6.40 24.01
CA ALA D 106 -35.20 -5.04 24.49
C ALA D 106 -36.58 -4.43 24.77
N LEU D 107 -36.61 -3.55 25.77
CA LEU D 107 -37.82 -2.81 26.13
C LEU D 107 -37.46 -1.35 26.32
N ALA D 108 -38.49 -0.51 26.38
CA ALA D 108 -38.28 0.93 26.50
C ALA D 108 -37.63 1.28 27.84
N ALA D 109 -36.90 2.40 27.83
CA ALA D 109 -36.19 2.89 29.02
C ALA D 109 -37.15 3.66 29.94
N GLN D 110 -38.19 2.97 30.37
CA GLN D 110 -39.20 3.56 31.24
C GLN D 110 -39.55 2.61 32.38
N ARG D 111 -38.57 1.81 32.81
CA ARG D 111 -38.79 0.90 33.93
C ARG D 111 -39.09 1.62 35.22
N GLY D 112 -38.74 2.91 35.32
CA GLY D 112 -39.04 3.67 36.51
C GLY D 112 -40.50 4.07 36.62
N ARG D 113 -41.19 4.18 35.49
CA ARG D 113 -42.60 4.58 35.46
C ARG D 113 -43.55 3.44 35.16
N ARG D 114 -43.05 2.29 34.69
CA ARG D 114 -43.92 1.23 34.20
C ARG D 114 -43.45 -0.13 34.70
N SER D 115 -44.39 -1.04 34.86
CA SER D 115 -44.07 -2.42 35.22
C SER D 115 -43.39 -3.13 34.05
N GLU D 116 -42.73 -4.25 34.37
CA GLU D 116 -42.11 -5.06 33.33
C GLU D 116 -43.16 -5.60 32.37
N GLU D 117 -44.35 -5.93 32.89
CA GLU D 117 -45.45 -6.40 32.04
C GLU D 117 -46.05 -5.26 31.21
N GLU D 118 -46.12 -4.07 31.79
CA GLU D 118 -46.65 -2.94 31.03
C GLU D 118 -45.71 -2.55 29.90
N LEU D 119 -44.40 -2.65 30.15
CA LEU D 119 -43.41 -2.41 29.10
C LEU D 119 -43.46 -3.49 28.03
N LEU D 120 -43.64 -4.75 28.44
CA LEU D 120 -43.66 -5.85 27.49
C LEU D 120 -44.80 -5.71 26.49
N ALA D 121 -45.93 -5.16 26.92
CA ALA D 121 -47.03 -4.90 25.99
C ALA D 121 -46.81 -3.60 25.22
N LEU D 122 -46.11 -2.64 25.82
CA LEU D 122 -45.98 -1.31 25.24
C LEU D 122 -44.86 -1.23 24.21
N SER D 123 -43.73 -1.92 24.44
CA SER D 123 -42.51 -1.67 23.69
C SER D 123 -41.72 -2.97 23.47
N PRO D 124 -42.29 -3.92 22.72
CA PRO D 124 -41.51 -5.09 22.33
C PRO D 124 -40.40 -4.70 21.37
N ALA D 125 -39.19 -5.22 21.62
CA ALA D 125 -38.01 -4.90 20.82
C ALA D 125 -37.71 -3.40 20.83
N ASP D 126 -38.31 -2.68 21.78
CA ASP D 126 -38.23 -1.23 21.86
C ASP D 126 -38.52 -0.57 20.50
N GLY D 127 -39.41 -1.18 19.72
CA GLY D 127 -39.91 -0.56 18.51
C GLY D 127 -38.99 -0.61 17.32
N LEU D 128 -37.92 -1.42 17.38
CA LEU D 128 -36.99 -1.53 16.27
C LEU D 128 -36.48 -2.96 16.21
N ILE D 129 -36.61 -3.60 15.04
CA ILE D 129 -36.10 -4.95 14.81
C ILE D 129 -34.77 -4.81 14.10
N THR D 130 -33.70 -5.33 14.72
CA THR D 130 -32.36 -5.29 14.15
C THR D 130 -31.78 -6.68 14.07
N GLY D 131 -31.17 -6.99 12.93
CA GLY D 131 -30.49 -8.26 12.75
C GLY D 131 -29.88 -8.34 11.37
N VAL D 132 -29.32 -9.51 11.07
CA VAL D 132 -28.70 -9.76 9.78
C VAL D 132 -29.16 -11.12 9.28
N GLY D 133 -29.43 -11.20 7.98
CA GLY D 133 -29.81 -12.45 7.34
C GLY D 133 -29.28 -12.52 5.92
N THR D 134 -30.05 -13.12 5.01
CA THR D 134 -29.69 -13.16 3.60
C THR D 134 -30.87 -12.67 2.77
N VAL D 135 -30.56 -12.10 1.61
CA VAL D 135 -31.58 -11.62 0.66
C VAL D 135 -31.26 -12.20 -0.71
N ASN D 136 -32.28 -12.75 -1.38
CA ASN D 136 -32.13 -13.31 -2.72
C ASN D 136 -31.04 -14.38 -2.78
N ALA D 137 -30.86 -15.12 -1.67
CA ALA D 137 -29.82 -16.12 -1.61
C ALA D 137 -30.06 -17.28 -2.58
N GLY D 138 -31.31 -17.49 -3.00
CA GLY D 138 -31.57 -18.49 -4.02
C GLY D 138 -30.83 -18.20 -5.30
N GLN D 139 -30.81 -16.93 -5.71
CA GLN D 139 -30.12 -16.50 -6.92
C GLN D 139 -28.67 -16.12 -6.67
N PHE D 140 -28.35 -15.62 -5.47
CA PHE D 140 -27.02 -15.09 -5.15
C PHE D 140 -26.53 -15.71 -3.84
N PRO D 141 -26.26 -17.02 -3.83
CA PRO D 141 -25.89 -17.68 -2.57
C PRO D 141 -24.62 -17.15 -1.93
N ASP D 142 -23.69 -16.61 -2.72
CA ASP D 142 -22.39 -16.19 -2.19
C ASP D 142 -22.32 -14.71 -1.90
N THR D 143 -23.36 -13.94 -2.22
CA THR D 143 -23.37 -12.49 -2.02
C THR D 143 -24.71 -12.04 -1.49
N ALA D 144 -25.25 -12.79 -0.51
CA ALA D 144 -26.63 -12.61 -0.07
C ALA D 144 -26.75 -11.89 1.26
N ALA D 145 -25.65 -11.58 1.94
CA ALA D 145 -25.72 -10.92 3.24
C ALA D 145 -26.59 -9.68 3.15
N CYS D 146 -27.44 -9.49 4.16
CA CYS D 146 -28.30 -8.31 4.21
C CYS D 146 -28.69 -8.03 5.66
N ALA D 147 -28.28 -6.88 6.16
CA ALA D 147 -28.73 -6.40 7.46
C ALA D 147 -30.02 -5.62 7.30
N VAL D 148 -30.82 -5.60 8.35
CA VAL D 148 -32.12 -4.92 8.31
C VAL D 148 -32.35 -4.22 9.64
N ALA D 149 -32.89 -3.00 9.56
CA ALA D 149 -33.35 -2.24 10.72
C ALA D 149 -34.75 -1.74 10.39
N ALA D 150 -35.76 -2.30 11.06
CA ALA D 150 -37.16 -2.01 10.76
C ALA D 150 -37.82 -1.43 12.00
N TYR D 151 -38.21 -0.16 11.92
CA TYR D 151 -38.96 0.46 13.01
C TYR D 151 -40.39 -0.04 12.99
N ASP D 152 -40.96 -0.18 14.20
CA ASP D 152 -42.34 -0.64 14.38
C ASP D 152 -43.17 0.54 14.82
N TYR D 153 -44.01 1.05 13.91
CA TYR D 153 -44.81 2.24 14.20
C TYR D 153 -45.87 1.98 15.26
N THR D 154 -46.27 0.72 15.47
CA THR D 154 -47.23 0.41 16.52
C THR D 154 -46.62 0.49 17.91
N VAL D 155 -45.30 0.63 18.02
CA VAL D 155 -44.60 0.77 19.30
C VAL D 155 -44.21 2.24 19.42
N LEU D 156 -45.00 3.00 20.17
CA LEU D 156 -44.66 4.39 20.50
C LEU D 156 -44.36 5.20 19.24
N ALA D 157 -45.16 4.97 18.19
CA ALA D 157 -45.05 5.75 16.96
C ALA D 157 -43.69 5.56 16.28
N GLY D 158 -43.08 4.40 16.46
CA GLY D 158 -41.79 4.13 15.86
C GLY D 158 -40.73 5.14 16.20
N THR D 159 -40.83 5.76 17.38
CA THR D 159 -39.89 6.79 17.77
C THR D 159 -38.53 6.19 18.13
N GLN D 160 -37.51 7.05 18.13
CA GLN D 160 -36.14 6.65 18.43
C GLN D 160 -35.88 6.89 19.91
N GLY D 161 -35.72 5.79 20.66
CA GLY D 161 -35.47 5.85 22.08
C GLY D 161 -34.06 5.40 22.45
N TYR D 162 -33.83 5.37 23.75
CA TYR D 162 -32.49 5.07 24.26
C TYR D 162 -31.99 3.72 23.76
N PHE D 163 -32.80 2.68 23.97
CA PHE D 163 -32.33 1.33 23.65
C PHE D 163 -32.33 1.05 22.15
N ASN D 164 -33.37 1.47 21.42
CA ASN D 164 -33.36 1.20 19.98
C ASN D 164 -32.33 2.06 19.25
N HIS D 165 -31.87 3.15 19.86
CA HIS D 165 -30.69 3.85 19.34
C HIS D 165 -29.46 2.97 19.45
N HIS D 166 -29.28 2.32 20.61
CA HIS D 166 -28.13 1.44 20.79
C HIS D 166 -28.25 0.20 19.91
N LYS D 167 -29.44 -0.35 19.77
CA LYS D 167 -29.63 -1.49 18.87
C LYS D 167 -29.13 -1.16 17.47
N LEU D 168 -29.54 0.00 16.95
CA LEU D 168 -29.12 0.41 15.61
C LEU D 168 -27.61 0.69 15.57
N ASP D 169 -27.05 1.22 16.66
CA ASP D 169 -25.61 1.50 16.69
C ASP D 169 -24.80 0.22 16.53
N ARG D 170 -25.23 -0.87 17.18
CA ARG D 170 -24.49 -2.12 17.07
C ARG D 170 -24.63 -2.70 15.67
N LEU D 171 -25.81 -2.58 15.06
CA LEU D 171 -25.99 -3.08 13.71
C LEU D 171 -25.18 -2.27 12.71
N ILE D 172 -25.10 -0.95 12.91
CA ILE D 172 -24.27 -0.11 12.06
C ILE D 172 -22.81 -0.54 12.17
N ALA D 173 -22.31 -0.69 13.40
CA ALA D 173 -20.91 -1.02 13.59
C ALA D 173 -20.55 -2.36 12.97
N LEU D 174 -21.40 -3.37 13.16
CA LEU D 174 -21.17 -4.67 12.56
C LEU D 174 -21.27 -4.60 11.04
N ALA D 175 -22.24 -3.84 10.54
CA ALA D 175 -22.40 -3.71 9.09
C ALA D 175 -21.17 -3.10 8.44
N GLY D 176 -20.55 -2.11 9.09
CA GLY D 176 -19.37 -1.48 8.53
C GLY D 176 -18.14 -2.37 8.58
N GLN D 177 -18.02 -3.16 9.64
CA GLN D 177 -16.85 -4.03 9.79
C GLN D 177 -16.97 -5.25 8.89
N TRP D 178 -18.16 -5.85 8.81
CA TRP D 178 -18.35 -7.08 8.05
C TRP D 178 -19.03 -6.84 6.71
N LYS D 179 -19.21 -5.57 6.33
CA LYS D 179 -19.65 -5.20 4.98
C LYS D 179 -21.02 -5.80 4.65
N TRP D 180 -21.98 -5.57 5.55
CA TRP D 180 -23.36 -5.98 5.33
C TRP D 180 -24.11 -4.88 4.60
N PRO D 181 -24.78 -5.16 3.49
CA PRO D 181 -25.80 -4.23 3.00
C PRO D 181 -26.86 -4.05 4.06
N LEU D 182 -27.48 -2.87 4.09
CA LEU D 182 -28.42 -2.53 5.15
C LEU D 182 -29.69 -1.97 4.55
N VAL D 183 -30.82 -2.60 4.85
CA VAL D 183 -32.14 -2.12 4.44
C VAL D 183 -32.81 -1.49 5.66
N LEU D 184 -33.21 -0.23 5.53
CA LEU D 184 -33.81 0.53 6.62
C LEU D 184 -35.27 0.81 6.32
N PHE D 185 -36.16 0.31 7.19
CA PHE D 185 -37.57 0.71 7.18
C PHE D 185 -37.71 1.82 8.21
N ALA D 186 -37.73 3.07 7.74
CA ALA D 186 -37.52 4.23 8.58
C ALA D 186 -38.80 4.79 9.19
N GLU D 187 -39.93 4.13 8.99
CA GLU D 187 -41.21 4.61 9.51
C GLU D 187 -41.11 4.95 11.00
N GLY D 188 -41.41 6.20 11.34
CA GLY D 188 -41.35 6.62 12.72
C GLY D 188 -41.44 8.13 12.83
N GLY D 189 -41.65 8.58 14.06
CA GLY D 189 -41.86 9.98 14.37
C GLY D 189 -40.69 10.69 15.01
N GLY D 190 -39.50 10.10 14.98
CA GLY D 190 -38.32 10.79 15.48
C GLY D 190 -38.04 10.51 16.95
N GLY D 191 -37.35 11.44 17.59
CA GLY D 191 -36.90 11.21 18.95
C GLY D 191 -38.07 10.98 19.90
N ARG D 192 -37.88 10.03 20.82
CA ARG D 192 -38.88 9.66 21.82
C ARG D 192 -38.73 10.53 23.07
N PRO D 193 -39.82 11.04 23.64
CA PRO D 193 -39.68 12.00 24.75
C PRO D 193 -39.72 11.39 26.15
N GLY D 194 -40.22 10.17 26.30
CA GLY D 194 -40.53 9.64 27.61
C GLY D 194 -39.56 8.65 28.21
N ASP D 195 -38.35 8.52 27.67
CA ASP D 195 -37.37 7.54 28.19
C ASP D 195 -36.69 8.15 29.42
N THR D 196 -37.40 8.06 30.55
CA THR D 196 -37.00 8.74 31.77
C THR D 196 -35.89 8.01 32.52
N ASP D 197 -35.64 6.74 32.21
CA ASP D 197 -34.72 5.96 33.03
C ASP D 197 -33.29 6.46 32.95
N MET D 198 -32.92 7.14 31.87
CA MET D 198 -31.52 7.45 31.65
C MET D 198 -31.24 8.93 31.88
N PRO D 199 -30.14 9.27 32.57
CA PRO D 199 -29.82 10.68 32.81
C PRO D 199 -29.27 11.33 31.54
N VAL D 200 -29.84 12.48 31.18
CA VAL D 200 -29.44 13.19 29.96
C VAL D 200 -29.59 14.68 30.19
N ALA D 201 -28.81 15.44 29.42
CA ALA D 201 -28.93 16.89 29.40
C ALA D 201 -29.65 17.32 28.12
N ALA D 202 -28.92 17.27 27.01
CA ALA D 202 -29.48 17.56 25.69
C ALA D 202 -29.53 16.35 24.77
N ALA D 203 -28.73 15.32 25.06
CA ALA D 203 -28.72 14.10 24.26
C ALA D 203 -28.34 14.38 22.81
N LEU D 204 -27.37 15.28 22.62
CA LEU D 204 -26.85 15.61 21.30
C LEU D 204 -25.51 14.93 21.03
N VAL D 205 -25.17 13.91 21.81
CA VAL D 205 -23.95 13.13 21.59
C VAL D 205 -24.22 11.88 20.77
N THR D 206 -25.49 11.55 20.54
CA THR D 206 -25.90 10.35 19.83
C THR D 206 -25.14 10.19 18.52
N PRO D 207 -24.32 9.14 18.38
CA PRO D 207 -23.54 8.95 17.15
C PRO D 207 -24.27 8.20 16.06
N THR D 208 -25.53 7.81 16.29
CA THR D 208 -26.27 6.96 15.35
C THR D 208 -26.31 7.57 13.95
N PHE D 209 -26.60 8.87 13.87
CA PHE D 209 -26.79 9.50 12.57
C PHE D 209 -25.47 9.62 11.82
N LEU D 210 -24.39 9.93 12.54
CA LEU D 210 -23.09 9.99 11.90
C LEU D 210 -22.62 8.60 11.48
N ASN D 211 -22.72 7.61 12.38
CA ASN D 211 -22.24 6.27 12.06
C ASN D 211 -23.06 5.63 10.96
N PHE D 212 -24.36 5.91 10.89
CA PHE D 212 -25.16 5.40 9.79
C PHE D 212 -24.73 6.02 8.47
N ALA D 213 -24.53 7.34 8.46
CA ALA D 213 -24.08 8.02 7.24
C ALA D 213 -22.70 7.54 6.81
N ALA D 214 -21.88 7.08 7.75
CA ALA D 214 -20.55 6.59 7.41
C ALA D 214 -20.58 5.31 6.61
N LEU D 215 -21.66 4.53 6.71
CA LEU D 215 -21.76 3.32 5.90
C LEU D 215 -21.86 3.64 4.41
N SER D 216 -22.25 4.86 4.06
CA SER D 216 -22.33 5.26 2.66
C SER D 216 -20.97 5.15 2.00
N GLY D 217 -20.92 4.46 0.86
CA GLY D 217 -19.67 4.17 0.18
C GLY D 217 -19.04 2.85 0.57
N GLN D 218 -19.46 2.29 1.70
CA GLN D 218 -18.96 1.00 2.17
C GLN D 218 -19.86 -0.15 1.75
N VAL D 219 -21.17 0.05 1.83
CA VAL D 219 -22.16 -0.98 1.53
C VAL D 219 -23.38 -0.33 0.92
N PRO D 220 -24.19 -1.13 0.21
CA PRO D 220 -25.49 -0.62 -0.25
C PRO D 220 -26.38 -0.27 0.94
N LEU D 221 -27.02 0.89 0.86
CA LEU D 221 -27.96 1.35 1.89
C LEU D 221 -29.29 1.60 1.24
N VAL D 222 -30.32 0.86 1.66
CA VAL D 222 -31.66 0.96 1.08
C VAL D 222 -32.58 1.57 2.14
N GLY D 223 -33.21 2.68 1.80
CA GLY D 223 -34.16 3.35 2.66
C GLY D 223 -35.59 3.13 2.18
N VAL D 224 -36.43 2.65 3.09
CA VAL D 224 -37.85 2.41 2.81
C VAL D 224 -38.66 3.23 3.81
N ALA D 225 -39.48 4.14 3.29
CA ALA D 225 -40.41 4.93 4.10
C ALA D 225 -41.82 4.49 3.75
N ALA D 226 -42.52 3.87 4.71
CA ALA D 226 -43.88 3.39 4.52
C ALA D 226 -44.77 4.00 5.61
N GLY D 227 -45.04 5.28 5.48
CA GLY D 227 -45.87 5.99 6.44
C GLY D 227 -45.28 7.33 6.84
N ALA D 228 -45.43 7.69 8.11
CA ALA D 228 -44.84 8.92 8.62
C ALA D 228 -43.36 8.68 8.94
N CYS D 229 -42.53 9.66 8.55
CA CYS D 229 -41.08 9.52 8.70
C CYS D 229 -40.51 10.91 8.97
N PHE D 230 -40.30 11.22 10.25
CA PHE D 230 -39.95 12.57 10.66
C PHE D 230 -38.67 12.59 11.50
N ALA D 231 -37.97 13.72 11.43
CA ALA D 231 -36.84 14.04 12.31
C ALA D 231 -35.76 12.98 12.14
N GLY D 232 -35.26 12.36 13.23
CA GLY D 232 -34.15 11.43 13.12
C GLY D 232 -34.46 10.25 12.20
N ASN D 233 -35.73 9.84 12.14
CA ASN D 233 -36.11 8.78 11.21
C ASN D 233 -35.87 9.21 9.77
N ALA D 234 -36.18 10.47 9.45
CA ALA D 234 -35.95 10.98 8.10
C ALA D 234 -34.48 11.24 7.85
N ALA D 235 -33.71 11.58 8.89
CA ALA D 235 -32.28 11.81 8.75
C ALA D 235 -31.58 10.54 8.27
N LEU D 236 -31.88 9.41 8.90
CA LEU D 236 -31.32 8.13 8.46
C LEU D 236 -31.73 7.85 7.02
N LEU D 237 -33.01 8.04 6.70
CA LEU D 237 -33.51 7.77 5.36
C LEU D 237 -32.75 8.58 4.32
N GLY D 238 -32.53 9.87 4.59
CA GLY D 238 -31.89 10.75 3.63
C GLY D 238 -30.46 10.37 3.31
N CYS D 239 -29.81 9.57 4.15
CA CYS D 239 -28.43 9.16 3.95
C CYS D 239 -28.30 7.87 3.15
N CYS D 240 -29.40 7.28 2.72
CA CYS D 240 -29.36 6.01 2.02
C CYS D 240 -29.02 6.20 0.54
N ASP D 241 -28.56 5.13 -0.10
CA ASP D 241 -28.30 5.17 -1.53
C ASP D 241 -29.57 5.43 -2.32
N VAL D 242 -30.66 4.77 -1.95
CA VAL D 242 -31.94 4.91 -2.63
C VAL D 242 -33.01 5.10 -1.58
N VAL D 243 -34.02 5.91 -1.89
CA VAL D 243 -35.16 6.14 -1.01
C VAL D 243 -36.41 5.61 -1.69
N ILE D 244 -37.02 4.59 -1.09
CA ILE D 244 -38.29 4.03 -1.54
C ILE D 244 -39.38 4.54 -0.61
N ALA D 245 -40.46 5.06 -1.19
CA ALA D 245 -41.56 5.59 -0.39
C ALA D 245 -42.90 5.15 -0.98
N THR D 246 -43.82 4.77 -0.10
CA THR D 246 -45.20 4.56 -0.49
C THR D 246 -45.88 5.91 -0.72
N ARG D 247 -46.90 5.91 -1.58
CA ARG D 247 -47.55 7.17 -1.94
C ARG D 247 -48.17 7.86 -0.73
N ASP D 248 -48.62 7.09 0.27
CA ASP D 248 -49.25 7.66 1.45
C ASP D 248 -48.23 8.12 2.50
N SER D 249 -46.94 8.12 2.18
CA SER D 249 -45.90 8.49 3.13
C SER D 249 -45.74 10.00 3.20
N SER D 250 -45.26 10.46 4.36
CA SER D 250 -44.92 11.87 4.55
C SER D 250 -43.58 11.94 5.27
N ILE D 251 -42.64 12.66 4.67
CA ILE D 251 -41.24 12.66 5.12
C ILE D 251 -40.80 14.10 5.32
N GLY D 252 -40.14 14.35 6.45
CA GLY D 252 -39.64 15.69 6.74
C GLY D 252 -38.72 15.66 7.93
N LEU D 253 -37.95 16.75 8.07
CA LEU D 253 -37.04 16.89 9.18
C LEU D 253 -37.73 17.31 10.47
N GLY D 254 -39.00 17.69 10.40
CA GLY D 254 -39.76 18.06 11.58
C GLY D 254 -41.20 17.58 11.51
N GLY D 255 -41.68 17.00 12.59
CA GLY D 255 -43.07 16.61 12.68
C GLY D 255 -43.97 17.78 13.00
N PRO D 256 -45.28 17.53 12.97
CA PRO D 256 -46.25 18.62 13.24
C PRO D 256 -45.96 19.40 14.52
N ALA D 257 -45.66 18.70 15.62
CA ALA D 257 -45.36 19.39 16.86
C ALA D 257 -44.12 20.25 16.72
N MET D 258 -43.10 19.74 16.01
CA MET D 258 -41.89 20.51 15.77
C MET D 258 -42.16 21.72 14.89
N ILE D 259 -43.14 21.63 13.98
CA ILE D 259 -43.43 22.73 13.08
C ILE D 259 -44.13 23.87 13.82
N GLU D 260 -45.19 23.55 14.58
CA GLU D 260 -45.80 24.56 15.43
C GLU D 260 -44.87 24.98 16.56
N GLY D 261 -43.90 24.14 16.92
CA GLY D 261 -42.98 24.49 17.98
C GLY D 261 -42.20 25.75 17.70
N GLY D 262 -42.09 26.13 16.43
CA GLY D 262 -41.40 27.35 16.06
C GLY D 262 -42.01 28.02 14.85
N GLY D 263 -43.11 28.72 15.04
CA GLY D 263 -43.62 29.67 14.07
C GLY D 263 -44.57 29.21 12.98
N LEU D 264 -44.24 28.12 12.29
CA LEU D 264 -44.91 27.74 11.05
C LEU D 264 -46.28 27.08 11.26
N GLY D 265 -46.92 27.33 12.40
CA GLY D 265 -48.28 26.91 12.65
C GLY D 265 -48.71 25.52 12.19
N VAL D 266 -49.99 25.40 11.84
CA VAL D 266 -50.70 24.12 11.82
C VAL D 266 -50.48 23.42 10.49
N VAL D 267 -49.98 22.19 10.56
CA VAL D 267 -49.84 21.30 9.40
C VAL D 267 -50.04 19.88 9.89
N ALA D 268 -50.85 19.10 9.17
CA ALA D 268 -51.00 17.71 9.50
C ALA D 268 -49.81 16.91 8.97
N ALA D 269 -49.65 15.70 9.50
CA ALA D 269 -48.51 14.87 9.09
C ALA D 269 -48.53 14.64 7.59
N GLY D 270 -49.68 14.21 7.06
CA GLY D 270 -49.89 14.07 5.63
C GLY D 270 -49.26 15.14 4.77
N ASP D 271 -49.43 16.41 5.14
CA ASP D 271 -49.05 17.53 4.28
C ASP D 271 -47.61 17.98 4.43
N ILE D 272 -46.83 17.39 5.35
CA ILE D 272 -45.47 17.88 5.59
C ILE D 272 -44.57 17.61 4.39
N GLY D 273 -44.55 16.36 3.93
CA GLY D 273 -43.73 15.99 2.80
C GLY D 273 -44.29 14.81 2.03
N PRO D 274 -45.35 15.05 1.27
CA PRO D 274 -45.99 13.96 0.54
C PRO D 274 -45.02 13.26 -0.42
N ALA D 275 -45.06 11.93 -0.41
CA ALA D 275 -44.12 11.15 -1.21
C ALA D 275 -44.15 11.59 -2.68
N GLU D 276 -45.34 11.86 -3.22
CA GLU D 276 -45.44 12.27 -4.61
C GLU D 276 -44.72 13.59 -4.85
N VAL D 277 -44.83 14.53 -3.90
CA VAL D 277 -44.11 15.79 -4.02
C VAL D 277 -42.61 15.56 -3.92
N LEU D 278 -42.18 14.82 -2.90
CA LEU D 278 -40.76 14.59 -2.69
C LEU D 278 -40.15 13.78 -3.83
N ALA D 279 -40.97 12.97 -4.52
CA ALA D 279 -40.49 12.30 -5.73
C ALA D 279 -40.14 13.32 -6.80
N GLN D 280 -40.97 14.36 -6.95
CA GLN D 280 -40.68 15.39 -7.94
C GLN D 280 -39.48 16.23 -7.54
N LYS D 281 -39.26 16.41 -6.24
CA LYS D 281 -38.18 17.26 -5.74
C LYS D 281 -36.89 16.50 -5.50
N GLY D 282 -36.82 15.23 -5.91
CA GLY D 282 -35.58 14.49 -5.88
C GLY D 282 -35.24 13.84 -4.56
N VAL D 283 -36.15 13.84 -3.59
CA VAL D 283 -35.90 13.16 -2.33
C VAL D 283 -36.28 11.68 -2.42
N VAL D 284 -37.38 11.37 -3.08
CA VAL D 284 -37.84 10.00 -3.27
C VAL D 284 -37.36 9.53 -4.62
N ASP D 285 -36.68 8.37 -4.65
CA ASP D 285 -36.17 7.79 -5.88
C ASP D 285 -37.13 6.76 -6.46
N LEU D 286 -37.83 6.01 -5.61
CA LEU D 286 -38.80 5.02 -6.06
C LEU D 286 -40.10 5.24 -5.31
N LEU D 287 -41.19 5.39 -6.06
CA LEU D 287 -42.51 5.67 -5.52
C LEU D 287 -43.34 4.40 -5.60
N ALA D 288 -43.68 3.83 -4.44
CA ALA D 288 -44.42 2.58 -4.37
C ALA D 288 -45.89 2.85 -4.06
N GLU D 289 -46.75 1.94 -4.49
CA GLU D 289 -48.18 2.06 -4.22
C GLU D 289 -48.54 1.57 -2.82
N ASN D 290 -47.82 0.58 -2.29
CA ASN D 290 -48.13 0.03 -0.98
C ASN D 290 -46.88 -0.54 -0.34
N ASP D 291 -47.02 -0.94 0.93
CA ASP D 291 -45.89 -1.47 1.70
C ASP D 291 -45.30 -2.70 1.03
N ALA D 292 -46.14 -3.59 0.52
CA ALA D 292 -45.64 -4.83 -0.07
C ALA D 292 -44.80 -4.55 -1.31
N GLU D 293 -45.23 -3.61 -2.14
CA GLU D 293 -44.43 -3.24 -3.31
C GLU D 293 -43.15 -2.54 -2.89
N ALA D 294 -43.24 -1.67 -1.88
CA ALA D 294 -42.04 -1.03 -1.36
C ALA D 294 -41.02 -2.06 -0.91
N ASN D 295 -41.49 -3.15 -0.29
CA ASN D 295 -40.60 -4.21 0.16
C ASN D 295 -40.00 -4.95 -1.02
N GLU D 296 -40.80 -5.21 -2.06
CA GLU D 296 -40.28 -5.89 -3.25
C GLU D 296 -39.23 -5.04 -3.96
N LEU D 297 -39.42 -3.73 -4.00
CA LEU D 297 -38.47 -2.85 -4.64
C LEU D 297 -37.11 -2.86 -3.93
N ALA D 298 -37.10 -3.09 -2.62
CA ALA D 298 -35.84 -3.24 -1.91
C ALA D 298 -35.12 -4.50 -2.35
N ARG D 299 -35.83 -5.63 -2.41
CA ARG D 299 -35.23 -6.87 -2.90
C ARG D 299 -34.77 -6.71 -4.35
N ARG D 300 -35.64 -6.14 -5.20
CA ARG D 300 -35.28 -5.91 -6.59
C ARG D 300 -34.05 -5.03 -6.71
N TYR D 301 -34.03 -3.92 -5.98
CA TYR D 301 -32.92 -2.98 -6.08
C TYR D 301 -31.59 -3.66 -5.74
N LEU D 302 -31.59 -4.54 -4.74
CA LEU D 302 -30.33 -5.11 -4.25
C LEU D 302 -29.72 -6.09 -5.25
N THR D 303 -30.55 -6.76 -6.06
CA THR D 303 -30.02 -7.76 -6.98
C THR D 303 -28.95 -7.18 -7.91
N TYR D 304 -29.10 -5.92 -8.31
CA TYR D 304 -28.16 -5.33 -9.26
C TYR D 304 -26.75 -5.21 -8.67
N PHE D 305 -26.62 -5.29 -7.34
CA PHE D 305 -25.33 -5.21 -6.68
C PHE D 305 -24.87 -6.57 -6.14
N GLN D 306 -25.51 -7.65 -6.56
CA GLN D 306 -25.19 -8.99 -6.08
C GLN D 306 -24.55 -9.87 -7.12
N GLY D 307 -24.29 -9.35 -8.32
CA GLY D 307 -23.49 -10.05 -9.31
C GLY D 307 -24.24 -10.32 -10.59
N ASP D 308 -23.60 -11.09 -11.46
CA ASP D 308 -24.14 -11.40 -12.78
C ASP D 308 -25.30 -12.40 -12.65
N VAL D 309 -26.05 -12.56 -13.75
CA VAL D 309 -27.25 -13.36 -13.78
C VAL D 309 -27.23 -14.24 -15.02
N THR D 310 -27.92 -15.38 -14.94
CA THR D 310 -28.13 -16.28 -16.06
C THR D 310 -29.62 -16.43 -16.33
N GLY D 311 -29.94 -16.98 -17.50
CA GLY D 311 -31.32 -17.19 -17.89
C GLY D 311 -32.01 -15.98 -18.47
N TRP D 312 -31.24 -14.94 -18.80
CA TRP D 312 -31.80 -13.71 -19.33
C TRP D 312 -32.35 -13.90 -20.74
N GLU D 313 -33.28 -13.02 -21.11
CA GLU D 313 -33.89 -13.01 -22.44
C GLU D 313 -33.85 -11.59 -22.98
N ALA D 314 -34.04 -11.47 -24.30
CA ALA D 314 -33.99 -10.17 -24.95
C ALA D 314 -34.95 -10.14 -26.15
N ALA D 315 -35.58 -9.00 -26.34
CA ALA D 315 -36.48 -8.81 -27.47
C ALA D 315 -35.72 -8.88 -28.79
N ASP D 316 -36.47 -8.83 -29.88
CA ASP D 316 -35.86 -8.78 -31.22
C ASP D 316 -35.17 -7.45 -31.38
N GLN D 317 -33.83 -7.47 -31.40
CA GLN D 317 -33.05 -6.24 -31.44
C GLN D 317 -33.17 -5.48 -32.75
N ARG D 318 -33.70 -6.11 -33.80
CA ARG D 318 -33.97 -5.38 -35.03
C ARG D 318 -35.02 -4.29 -34.83
N GLU D 319 -35.82 -4.40 -33.77
CA GLU D 319 -36.79 -3.35 -33.46
C GLU D 319 -36.11 -2.03 -33.15
N LEU D 320 -34.85 -2.07 -32.69
CA LEU D 320 -34.14 -0.84 -32.37
C LEU D 320 -33.90 0.03 -33.59
N ARG D 321 -34.00 -0.55 -34.80
CA ARG D 321 -33.83 0.22 -36.03
C ARG D 321 -35.00 1.14 -36.30
N TRP D 322 -36.14 0.92 -35.65
CA TRP D 322 -37.38 1.60 -36.00
C TRP D 322 -37.98 2.37 -34.84
N VAL D 323 -37.35 2.36 -33.67
CA VAL D 323 -37.90 3.10 -32.54
C VAL D 323 -37.69 4.59 -32.72
N ILE D 324 -36.56 5.00 -33.28
CA ILE D 324 -36.26 6.41 -33.50
C ILE D 324 -36.64 6.76 -34.93
N PRO D 325 -37.58 7.70 -35.14
CA PRO D 325 -37.99 8.02 -36.51
C PRO D 325 -36.82 8.48 -37.36
N GLN D 326 -36.88 8.13 -38.66
CA GLN D 326 -35.94 8.66 -39.63
C GLN D 326 -36.11 10.15 -39.84
N VAL D 327 -37.30 10.68 -39.55
CA VAL D 327 -37.56 12.11 -39.68
C VAL D 327 -36.98 12.82 -38.46
N ARG D 328 -36.13 13.82 -38.70
CA ARG D 328 -35.57 14.59 -37.60
C ARG D 328 -36.68 15.23 -36.78
N LYS D 329 -36.42 15.42 -35.49
CA LYS D 329 -37.31 16.14 -34.58
C LYS D 329 -38.56 15.32 -34.25
N ARG D 330 -38.95 14.40 -35.13
CA ARG D 330 -40.03 13.46 -34.82
C ARG D 330 -39.67 12.68 -33.56
N ALA D 331 -40.51 12.80 -32.54
CA ALA D 331 -40.19 12.29 -31.21
C ALA D 331 -40.46 10.79 -31.12
N TYR D 332 -40.04 10.21 -30.00
CA TYR D 332 -40.17 8.77 -29.75
C TYR D 332 -40.17 8.53 -28.26
N ASP D 333 -40.47 7.29 -27.88
CA ASP D 333 -40.46 6.88 -26.47
C ASP D 333 -39.10 6.28 -26.13
N VAL D 334 -38.32 7.02 -25.34
CA VAL D 334 -36.98 6.55 -24.97
C VAL D 334 -37.08 5.32 -24.07
N ARG D 335 -38.09 5.28 -23.20
CA ARG D 335 -38.26 4.14 -22.32
C ARG D 335 -38.63 2.88 -23.09
N ALA D 336 -39.23 3.03 -24.27
CA ALA D 336 -39.46 1.88 -25.13
C ALA D 336 -38.15 1.37 -25.70
N LEU D 337 -37.28 2.30 -26.13
CA LEU D 337 -35.95 1.93 -26.60
C LEU D 337 -35.19 1.16 -25.53
N LEU D 338 -35.20 1.66 -24.29
CA LEU D 338 -34.42 1.04 -23.23
C LEU D 338 -34.91 -0.37 -22.93
N HIS D 339 -36.24 -0.55 -22.83
CA HIS D 339 -36.77 -1.87 -22.54
C HIS D 339 -36.51 -2.85 -23.66
N LEU D 340 -36.44 -2.37 -24.90
CA LEU D 340 -36.04 -3.22 -26.02
C LEU D 340 -34.57 -3.63 -25.89
N LEU D 341 -33.72 -2.70 -25.47
CA LEU D 341 -32.28 -2.96 -25.40
C LEU D 341 -31.92 -3.83 -24.20
N ALA D 342 -32.55 -3.58 -23.05
CA ALA D 342 -32.21 -4.28 -21.83
C ALA D 342 -32.80 -5.69 -21.82
N ASP D 343 -32.20 -6.55 -21.00
CA ASP D 343 -32.78 -7.87 -20.76
C ASP D 343 -34.24 -7.71 -20.35
N THR D 344 -35.07 -8.64 -20.78
CA THR D 344 -36.50 -8.54 -20.51
C THR D 344 -36.75 -8.49 -19.01
N GLY D 345 -37.41 -7.43 -18.56
CA GLY D 345 -37.82 -7.31 -17.17
C GLY D 345 -36.74 -6.84 -16.22
N SER D 346 -35.57 -6.47 -16.71
CA SER D 346 -34.44 -6.12 -15.86
C SER D 346 -34.36 -4.62 -15.57
N VAL D 347 -35.25 -3.81 -16.14
CA VAL D 347 -35.16 -2.37 -16.01
C VAL D 347 -35.80 -1.94 -14.69
N LEU D 348 -35.06 -1.19 -13.89
CA LEU D 348 -35.57 -0.53 -12.69
C LEU D 348 -35.16 0.93 -12.77
N GLU D 349 -36.04 1.77 -13.29
CA GLU D 349 -35.75 3.19 -13.39
C GLU D 349 -35.84 3.85 -12.02
N LEU D 350 -34.86 4.69 -11.73
CA LEU D 350 -34.78 5.40 -10.45
C LEU D 350 -35.01 6.88 -10.66
N ARG D 351 -35.78 7.49 -9.75
CA ARG D 351 -35.85 8.94 -9.65
C ARG D 351 -36.52 9.57 -10.88
N ARG D 352 -37.50 8.88 -11.46
CA ARG D 352 -38.07 9.35 -12.72
C ARG D 352 -38.72 10.72 -12.58
N ALA D 353 -39.39 10.98 -11.45
CA ALA D 353 -40.14 12.23 -11.31
C ALA D 353 -39.23 13.45 -11.20
N PHE D 354 -37.99 13.27 -10.76
CA PHE D 354 -37.07 14.38 -10.59
C PHE D 354 -36.22 14.53 -11.84
N ALA D 355 -36.06 15.77 -12.30
CA ALA D 355 -35.27 16.09 -13.48
C ALA D 355 -35.62 15.09 -14.59
N PRO D 356 -36.89 15.00 -14.98
CA PRO D 356 -37.29 13.95 -15.94
C PRO D 356 -36.62 14.07 -17.30
N GLY D 357 -35.96 15.20 -17.59
CA GLY D 357 -35.23 15.32 -18.83
C GLY D 357 -34.12 14.31 -18.99
N LEU D 358 -33.62 13.76 -17.88
CA LEU D 358 -32.53 12.80 -17.91
C LEU D 358 -32.95 11.55 -17.14
N LEU D 359 -32.94 10.42 -17.84
CA LEU D 359 -33.33 9.14 -17.26
C LEU D 359 -32.13 8.48 -16.57
N THR D 360 -32.39 7.87 -15.42
CA THR D 360 -31.41 7.05 -14.71
C THR D 360 -32.06 5.72 -14.38
N ALA D 361 -31.40 4.61 -14.70
CA ALA D 361 -31.98 3.30 -14.50
C ALA D 361 -30.91 2.25 -14.28
N LEU D 362 -31.22 1.28 -13.41
CA LEU D 362 -30.46 0.04 -13.30
C LEU D 362 -31.09 -0.98 -14.23
N VAL D 363 -30.27 -1.66 -15.02
CA VAL D 363 -30.73 -2.64 -15.98
C VAL D 363 -29.75 -3.82 -15.98
N ARG D 364 -30.05 -4.80 -16.82
CA ARG D 364 -29.13 -5.88 -17.11
C ARG D 364 -29.04 -6.08 -18.62
N ILE D 365 -27.82 -6.31 -19.10
CA ILE D 365 -27.57 -6.63 -20.50
C ILE D 365 -26.73 -7.89 -20.51
N GLY D 366 -27.26 -8.95 -21.13
CA GLY D 366 -26.59 -10.23 -21.10
C GLY D 366 -26.36 -10.75 -19.70
N GLY D 367 -27.25 -10.44 -18.77
CA GLY D 367 -27.08 -10.81 -17.39
C GLY D 367 -26.16 -9.90 -16.61
N LYS D 368 -25.50 -8.95 -17.26
CA LYS D 368 -24.56 -8.05 -16.62
C LYS D 368 -25.30 -6.80 -16.14
N ALA D 369 -25.12 -6.47 -14.85
CA ALA D 369 -25.77 -5.29 -14.29
C ALA D 369 -25.15 -4.01 -14.86
N PHE D 370 -26.00 -3.12 -15.35
CA PHE D 370 -25.58 -1.83 -15.87
C PHE D 370 -26.32 -0.71 -15.18
N GLY D 371 -25.65 0.42 -15.04
CA GLY D 371 -26.31 1.70 -14.80
C GLY D 371 -26.46 2.41 -16.13
N VAL D 372 -27.60 3.05 -16.33
CA VAL D 372 -27.93 3.69 -17.60
C VAL D 372 -28.32 5.13 -17.34
N ILE D 373 -27.76 6.05 -18.12
CA ILE D 373 -28.24 7.42 -18.21
C ILE D 373 -28.69 7.67 -19.65
N ALA D 374 -29.76 8.43 -19.82
CA ALA D 374 -30.31 8.67 -21.15
C ALA D 374 -31.11 9.96 -21.14
N ASN D 375 -30.98 10.74 -22.20
CA ASN D 375 -31.78 11.94 -22.37
C ASN D 375 -33.18 11.57 -22.86
N ASP D 376 -34.20 12.16 -22.26
CA ASP D 376 -35.55 12.00 -22.75
C ASP D 376 -35.87 13.17 -23.68
N PRO D 377 -35.89 12.97 -25.00
CA PRO D 377 -36.15 14.10 -25.91
C PRO D 377 -37.54 14.69 -25.75
N ALA D 378 -38.45 13.99 -25.08
CA ALA D 378 -39.79 14.51 -24.86
C ALA D 378 -39.83 15.61 -23.80
N VAL D 379 -38.78 15.77 -23.01
CA VAL D 379 -38.74 16.74 -21.92
C VAL D 379 -37.67 17.76 -22.25
N LEU D 380 -38.07 19.01 -22.42
CA LEU D 380 -37.13 20.11 -22.68
C LEU D 380 -36.26 19.79 -23.90
N GLY D 381 -36.80 19.03 -24.85
CA GLY D 381 -36.06 18.66 -26.03
C GLY D 381 -34.85 17.78 -25.76
N GLY D 382 -34.79 17.16 -24.58
CA GLY D 382 -33.62 16.38 -24.20
C GLY D 382 -32.45 17.19 -23.71
N ALA D 383 -32.63 18.48 -23.47
CA ALA D 383 -31.54 19.33 -23.02
C ALA D 383 -31.18 19.01 -21.58
N ILE D 384 -29.94 19.35 -21.22
CA ILE D 384 -29.40 19.07 -19.89
C ILE D 384 -29.42 20.37 -19.10
N ASP D 385 -30.22 20.41 -18.04
CA ASP D 385 -30.29 21.54 -17.14
C ASP D 385 -29.60 21.19 -15.81
N ALA D 386 -29.62 22.14 -14.88
CA ALA D 386 -28.93 21.97 -13.61
C ALA D 386 -29.42 20.72 -12.87
N ALA D 387 -30.73 20.50 -12.82
CA ALA D 387 -31.26 19.35 -12.12
C ALA D 387 -30.89 18.05 -12.82
N GLY D 388 -30.91 18.03 -14.15
CA GLY D 388 -30.50 16.83 -14.87
C GLY D 388 -29.04 16.49 -14.61
N ALA D 389 -28.20 17.51 -14.50
CA ALA D 389 -26.79 17.27 -14.20
C ALA D 389 -26.62 16.66 -12.81
N ASP D 390 -27.29 17.23 -11.80
CA ASP D 390 -27.24 16.67 -10.46
C ASP D 390 -27.63 15.20 -10.48
N LYS D 391 -28.78 14.91 -11.10
CA LYS D 391 -29.30 13.55 -11.15
C LYS D 391 -28.28 12.61 -11.79
N ALA D 392 -27.72 13.00 -12.92
CA ALA D 392 -26.75 12.14 -13.60
C ALA D 392 -25.48 12.00 -12.77
N ALA D 393 -24.94 13.11 -12.28
CA ALA D 393 -23.72 13.05 -11.48
C ALA D 393 -23.89 12.15 -10.26
N ARG D 394 -24.99 12.32 -9.53
CA ARG D 394 -25.20 11.50 -8.34
C ARG D 394 -25.33 10.04 -8.71
N PHE D 395 -25.93 9.74 -9.88
CA PHE D 395 -26.07 8.36 -10.32
C PHE D 395 -24.74 7.78 -10.75
N LEU D 396 -23.87 8.59 -11.37
CA LEU D 396 -22.51 8.13 -11.64
C LEU D 396 -21.77 7.82 -10.36
N ASN D 397 -21.96 8.66 -9.32
CA ASN D 397 -21.37 8.36 -8.02
C ASN D 397 -21.82 7.01 -7.51
N LEU D 398 -23.12 6.71 -7.60
CA LEU D 398 -23.62 5.43 -7.10
C LEU D 398 -23.00 4.26 -7.86
N CYS D 399 -23.00 4.33 -9.19
CA CYS D 399 -22.50 3.21 -9.99
C CYS D 399 -21.01 3.02 -9.81
N ASP D 400 -20.24 4.11 -9.84
CA ASP D 400 -18.79 3.99 -9.69
C ASP D 400 -18.43 3.49 -8.29
N THR D 401 -19.15 3.96 -7.28
CA THR D 401 -18.86 3.53 -5.91
C THR D 401 -19.10 2.04 -5.74
N HIS D 402 -20.25 1.56 -6.23
CA HIS D 402 -20.60 0.15 -6.09
C HIS D 402 -20.15 -0.69 -7.28
N ARG D 403 -19.30 -0.13 -8.15
CA ARG D 403 -18.54 -0.90 -9.13
C ARG D 403 -19.42 -1.46 -10.25
N LEU D 404 -20.36 -0.65 -10.75
CA LEU D 404 -21.17 -1.05 -11.88
C LEU D 404 -20.75 -0.30 -13.13
N PRO D 405 -20.70 -0.98 -14.28
CA PRO D 405 -20.43 -0.27 -15.55
C PRO D 405 -21.60 0.63 -15.90
N VAL D 406 -21.30 1.67 -16.68
CA VAL D 406 -22.28 2.68 -17.04
C VAL D 406 -22.44 2.70 -18.56
N LEU D 407 -23.70 2.76 -19.00
CA LEU D 407 -24.06 2.97 -20.39
C LEU D 407 -24.71 4.33 -20.52
N SER D 408 -24.33 5.07 -21.57
CA SER D 408 -24.89 6.40 -21.83
C SER D 408 -25.58 6.38 -23.19
N LEU D 409 -26.88 6.66 -23.21
CA LEU D 409 -27.67 6.76 -24.42
C LEU D 409 -27.83 8.23 -24.75
N VAL D 410 -27.17 8.69 -25.81
CA VAL D 410 -27.03 10.11 -26.10
C VAL D 410 -28.04 10.51 -27.17
N ASP D 411 -28.94 11.43 -26.81
CA ASP D 411 -29.84 12.09 -27.76
C ASP D 411 -30.18 13.46 -27.18
N THR D 412 -29.20 14.37 -27.23
CA THR D 412 -29.35 15.67 -26.58
C THR D 412 -28.96 16.82 -27.50
N PRO D 413 -29.68 17.95 -27.43
CA PRO D 413 -29.23 19.17 -28.11
C PRO D 413 -28.13 19.90 -27.36
N GLY D 414 -27.77 19.44 -26.16
CA GLY D 414 -26.73 20.05 -25.37
C GLY D 414 -27.24 20.63 -24.06
N PHE D 415 -26.42 21.47 -23.43
CA PHE D 415 -26.80 22.09 -22.17
C PHE D 415 -27.93 23.09 -22.37
N MET D 416 -28.83 23.15 -21.39
CA MET D 416 -29.80 24.24 -21.32
C MET D 416 -29.08 25.57 -21.23
N VAL D 417 -29.68 26.62 -21.81
CA VAL D 417 -29.09 27.95 -21.84
C VAL D 417 -30.17 28.98 -21.51
N GLY D 418 -29.74 30.23 -21.30
CA GLY D 418 -30.63 31.32 -21.02
C GLY D 418 -30.55 31.82 -19.59
N PRO D 419 -31.02 33.05 -19.35
CA PRO D 419 -30.89 33.63 -18.00
C PRO D 419 -31.57 32.81 -16.92
N ALA D 420 -32.73 32.23 -17.21
CA ALA D 420 -33.40 31.40 -16.20
C ALA D 420 -32.55 30.20 -15.84
N SER D 421 -31.94 29.56 -16.84
CA SER D 421 -31.08 28.41 -16.59
C SER D 421 -29.86 28.78 -15.76
N GLU D 422 -29.24 29.92 -16.06
CA GLU D 422 -28.11 30.39 -15.26
C GLU D 422 -28.54 30.72 -13.83
N ALA D 423 -29.79 31.18 -13.66
CA ALA D 423 -30.28 31.49 -12.33
C ALA D 423 -30.55 30.23 -11.51
N GLU D 424 -30.62 29.07 -12.16
CA GLU D 424 -30.69 27.79 -11.48
C GLU D 424 -29.31 27.26 -11.09
N GLY D 425 -28.26 28.04 -11.30
CA GLY D 425 -26.92 27.60 -10.97
C GLY D 425 -26.29 26.67 -11.99
N ALA D 426 -26.65 26.82 -13.26
CA ALA D 426 -26.27 25.85 -14.28
C ALA D 426 -24.77 25.68 -14.36
N VAL D 427 -24.01 26.78 -14.28
CA VAL D 427 -22.56 26.68 -14.49
C VAL D 427 -21.94 25.73 -13.47
N ARG D 428 -22.40 25.81 -12.21
CA ARG D 428 -21.84 24.92 -11.19
C ARG D 428 -22.38 23.51 -11.33
N HIS D 429 -23.69 23.37 -11.57
CA HIS D 429 -24.31 22.04 -11.51
C HIS D 429 -23.83 21.13 -12.65
N VAL D 430 -23.65 21.67 -13.86
CA VAL D 430 -23.22 20.81 -14.96
C VAL D 430 -21.75 20.46 -14.81
N SER D 431 -20.95 21.33 -14.19
CA SER D 431 -19.55 21.02 -13.97
C SER D 431 -19.38 19.79 -13.09
N ARG D 432 -20.39 19.44 -12.29
CA ARG D 432 -20.34 18.20 -11.53
C ARG D 432 -20.13 17.00 -12.45
N LEU D 433 -20.66 17.07 -13.67
CA LEU D 433 -20.52 15.97 -14.61
C LEU D 433 -19.07 15.78 -15.03
N PHE D 434 -18.39 16.86 -15.43
CA PHE D 434 -16.99 16.76 -15.82
C PHE D 434 -16.12 16.34 -14.66
N VAL D 435 -16.34 16.92 -13.48
CA VAL D 435 -15.51 16.60 -12.32
C VAL D 435 -15.73 15.15 -11.88
N ARG D 436 -16.98 14.69 -11.86
CA ARG D 436 -17.26 13.32 -11.46
C ARG D 436 -16.68 12.34 -12.49
N ALA D 437 -16.89 12.64 -13.77
CA ALA D 437 -16.51 11.70 -14.83
C ALA D 437 -15.01 11.56 -14.95
N ALA D 438 -14.26 12.60 -14.60
CA ALA D 438 -12.81 12.53 -14.66
C ALA D 438 -12.25 11.54 -13.66
N LYS D 439 -13.04 11.15 -12.66
CA LYS D 439 -12.59 10.28 -11.57
C LYS D 439 -13.22 8.90 -11.62
N LEU D 440 -13.86 8.54 -12.72
CA LEU D 440 -14.45 7.21 -12.84
C LEU D 440 -13.38 6.15 -12.91
N THR D 441 -13.65 5.01 -12.28
CA THR D 441 -12.81 3.82 -12.42
C THR D 441 -13.64 2.61 -12.80
N VAL D 442 -14.81 2.83 -13.39
CA VAL D 442 -15.65 1.76 -13.92
C VAL D 442 -15.70 1.88 -15.44
N PRO D 443 -15.98 0.81 -16.16
CA PRO D 443 -16.15 0.94 -17.62
C PRO D 443 -17.30 1.87 -17.94
N PHE D 444 -17.11 2.70 -18.96
CA PHE D 444 -18.12 3.64 -19.41
C PHE D 444 -18.29 3.49 -20.91
N PHE D 445 -19.52 3.27 -21.36
CA PHE D 445 -19.84 3.07 -22.76
C PHE D 445 -20.88 4.09 -23.19
N ALA D 446 -20.70 4.66 -24.38
CA ALA D 446 -21.56 5.71 -24.91
C ALA D 446 -22.12 5.30 -26.27
N VAL D 447 -23.44 5.38 -26.41
CA VAL D 447 -24.12 5.09 -27.67
C VAL D 447 -24.89 6.33 -28.08
N VAL D 448 -24.46 6.98 -29.17
CA VAL D 448 -25.20 8.11 -29.72
C VAL D 448 -26.33 7.55 -30.59
N THR D 449 -27.56 7.63 -30.08
CA THR D 449 -28.71 7.14 -30.83
C THR D 449 -29.17 8.14 -31.87
N ARG D 450 -29.02 9.44 -31.61
CA ARG D 450 -29.41 10.46 -32.59
C ARG D 450 -28.58 11.73 -32.41
N ARG D 451 -29.08 12.68 -31.61
CA ARG D 451 -28.43 13.98 -31.50
C ARG D 451 -27.28 13.96 -30.50
N ALA D 452 -26.23 14.72 -30.82
CA ALA D 452 -25.09 14.90 -29.92
C ALA D 452 -24.48 16.26 -30.24
N TYR D 453 -24.87 17.28 -29.47
CA TYR D 453 -24.48 18.66 -29.73
C TYR D 453 -23.84 19.29 -28.50
N GLY D 454 -22.67 19.91 -28.71
CA GLY D 454 -22.07 20.78 -27.72
C GLY D 454 -21.46 20.07 -26.52
N LEU D 455 -21.10 20.89 -25.53
CA LEU D 455 -20.49 20.40 -24.30
C LEU D 455 -21.42 19.44 -23.57
N GLY D 456 -22.74 19.64 -23.67
CA GLY D 456 -23.67 18.74 -23.03
C GLY D 456 -23.55 17.32 -23.55
N ALA D 457 -23.32 17.17 -24.85
CA ALA D 457 -23.09 15.84 -25.41
C ALA D 457 -21.79 15.26 -24.90
N GLN D 458 -20.72 16.06 -24.86
CA GLN D 458 -19.46 15.60 -24.30
C GLN D 458 -19.63 15.17 -22.85
N ALA D 459 -20.42 15.94 -22.08
CA ALA D 459 -20.68 15.56 -20.70
C ALA D 459 -21.41 14.23 -20.63
N MET D 460 -22.38 14.01 -21.53
CA MET D 460 -23.08 12.72 -21.56
C MET D 460 -22.12 11.58 -21.86
N ALA D 461 -21.03 11.86 -22.57
CA ALA D 461 -20.03 10.86 -22.91
C ALA D 461 -18.86 10.85 -21.92
N ALA D 462 -19.10 11.30 -20.69
CA ALA D 462 -18.10 11.27 -19.62
C ALA D 462 -16.93 12.21 -19.89
N GLY D 463 -17.17 13.32 -20.58
CA GLY D 463 -16.15 14.35 -20.74
C GLY D 463 -15.84 14.67 -22.19
N SER D 464 -15.85 13.65 -23.04
CA SER D 464 -15.61 13.82 -24.48
C SER D 464 -15.99 12.52 -25.16
N LEU D 465 -16.07 12.56 -26.49
CA LEU D 465 -16.43 11.37 -27.24
C LEU D 465 -15.34 10.31 -27.21
N HIS D 466 -14.16 10.62 -26.69
CA HIS D 466 -13.10 9.64 -26.51
C HIS D 466 -12.91 9.23 -25.05
N ALA D 467 -13.59 9.87 -24.11
CA ALA D 467 -13.49 9.43 -22.72
C ALA D 467 -14.00 8.02 -22.51
N PRO D 468 -15.11 7.59 -23.09
CA PRO D 468 -15.59 6.23 -22.85
C PRO D 468 -14.64 5.18 -23.39
N ALA D 469 -14.76 3.97 -22.85
CA ALA D 469 -14.03 2.82 -23.40
C ALA D 469 -14.53 2.44 -24.78
N LEU D 470 -15.77 2.80 -25.11
CA LEU D 470 -16.33 2.57 -26.43
C LEU D 470 -17.37 3.66 -26.68
N THR D 471 -17.28 4.30 -27.85
CA THR D 471 -18.26 5.30 -28.27
C THR D 471 -18.73 4.92 -29.66
N VAL D 472 -20.02 4.62 -29.79
CA VAL D 472 -20.60 4.24 -31.08
C VAL D 472 -21.78 5.15 -31.37
N SER D 473 -22.07 5.30 -32.66
CA SER D 473 -23.23 6.04 -33.14
C SER D 473 -24.09 5.13 -33.99
N TRP D 474 -25.41 5.27 -33.86
CA TRP D 474 -26.33 4.66 -34.79
C TRP D 474 -26.31 5.44 -36.11
N PRO D 475 -26.75 4.82 -37.21
CA PRO D 475 -26.61 5.48 -38.51
C PRO D 475 -27.27 6.85 -38.57
N GLY D 476 -28.31 7.07 -37.76
CA GLY D 476 -28.99 8.35 -37.72
C GLY D 476 -28.33 9.40 -36.85
N GLY D 477 -27.11 9.15 -36.39
CA GLY D 477 -26.43 10.11 -35.54
C GLY D 477 -26.14 11.42 -36.23
N GLU D 478 -26.46 12.53 -35.57
CA GLU D 478 -26.18 13.86 -36.06
C GLU D 478 -25.44 14.64 -34.99
N PHE D 479 -24.29 15.20 -35.35
CA PHE D 479 -23.39 15.83 -34.41
C PHE D 479 -23.17 17.29 -34.80
N GLY D 480 -22.64 18.06 -33.85
CA GLY D 480 -22.40 19.47 -34.08
C GLY D 480 -21.89 20.19 -32.85
N PRO D 481 -21.63 21.48 -32.99
CA PRO D 481 -21.10 22.26 -31.87
C PRO D 481 -22.20 22.89 -31.02
N MET D 482 -23.34 23.19 -31.64
CA MET D 482 -24.43 23.87 -30.95
C MET D 482 -25.67 23.91 -31.84
N GLY D 483 -26.11 25.11 -32.21
CA GLY D 483 -27.18 25.26 -33.17
C GLY D 483 -26.55 25.54 -34.52
N LEU D 484 -26.60 24.55 -35.40
CA LEU D 484 -25.96 24.69 -36.70
C LEU D 484 -26.35 26.01 -37.35
N GLU D 485 -27.63 26.37 -37.26
CA GLU D 485 -28.08 27.63 -37.82
C GLU D 485 -27.34 28.81 -37.18
N GLY D 486 -27.25 28.82 -35.85
CA GLY D 486 -26.46 29.85 -35.19
C GLY D 486 -24.99 29.79 -35.56
N ALA D 487 -24.43 28.57 -35.61
CA ALA D 487 -23.05 28.41 -36.01
C ALA D 487 -22.80 28.98 -37.40
N VAL D 488 -23.68 28.66 -38.36
CA VAL D 488 -23.50 29.14 -39.73
C VAL D 488 -23.51 30.66 -39.78
N ARG D 489 -24.42 31.29 -39.04
CA ARG D 489 -24.57 32.74 -39.14
C ARG D 489 -23.32 33.46 -38.65
N LEU D 490 -22.66 32.92 -37.62
CA LEU D 490 -21.43 33.51 -37.13
C LEU D 490 -20.25 33.20 -38.06
N GLY D 491 -20.20 31.98 -38.60
CA GLY D 491 -19.07 31.60 -39.41
C GLY D 491 -19.06 32.29 -40.77
N TYR D 492 -20.20 32.26 -41.46
CA TYR D 492 -20.34 32.87 -42.78
C TYR D 492 -21.06 34.21 -42.72
N ARG D 493 -20.83 34.94 -41.62
CA ARG D 493 -21.47 36.22 -41.40
C ARG D 493 -21.03 37.26 -42.43
N ARG D 494 -19.76 37.24 -42.83
CA ARG D 494 -19.25 38.25 -43.74
C ARG D 494 -19.73 38.02 -45.16
N GLU D 495 -19.79 36.76 -45.61
CA GLU D 495 -20.24 36.50 -46.98
C GLU D 495 -21.74 36.70 -47.11
N LEU D 496 -22.52 36.21 -46.13
CA LEU D 496 -23.95 36.47 -46.15
C LEU D 496 -24.23 37.97 -46.15
N ALA D 497 -23.41 38.75 -45.44
CA ALA D 497 -23.61 40.18 -45.39
C ALA D 497 -23.38 40.85 -46.74
N ALA D 498 -22.44 40.33 -47.53
CA ALA D 498 -22.07 40.94 -48.79
C ALA D 498 -22.85 40.39 -49.98
N VAL D 499 -23.98 39.71 -49.74
CA VAL D 499 -24.84 39.23 -50.80
C VAL D 499 -25.99 40.22 -50.92
N SER D 500 -26.02 40.97 -52.02
CA SER D 500 -27.03 42.00 -52.20
C SER D 500 -28.42 41.41 -52.11
N ASP D 501 -28.81 40.66 -53.12
CA ASP D 501 -30.18 40.18 -53.26
C ASP D 501 -30.62 39.34 -52.07
N PRO D 502 -31.61 39.79 -51.27
CA PRO D 502 -32.09 38.97 -50.15
C PRO D 502 -32.43 37.53 -50.50
N GLN D 503 -32.93 37.25 -51.71
CA GLN D 503 -33.22 35.87 -52.08
C GLN D 503 -31.98 35.10 -52.48
N GLU D 504 -30.93 35.79 -52.92
CA GLU D 504 -29.64 35.13 -53.14
C GLU D 504 -28.96 34.84 -51.80
N ARG D 505 -29.08 35.76 -50.84
CA ARG D 505 -28.54 35.52 -49.51
C ARG D 505 -29.29 34.41 -48.79
N GLU D 506 -30.62 34.40 -48.93
CA GLU D 506 -31.44 33.36 -48.31
C GLU D 506 -31.16 32.00 -48.93
N ALA D 507 -30.83 31.96 -50.22
CA ALA D 507 -30.51 30.69 -50.87
C ALA D 507 -29.15 30.18 -50.42
N LEU D 508 -28.19 31.09 -50.22
CA LEU D 508 -26.87 30.68 -49.75
C LEU D 508 -26.91 30.28 -48.28
N TYR D 509 -27.69 31.00 -47.46
CA TYR D 509 -27.81 30.66 -46.05
C TYR D 509 -28.38 29.26 -45.87
N GLN D 510 -29.53 28.98 -46.52
CA GLN D 510 -30.11 27.66 -46.43
C GLN D 510 -29.17 26.60 -47.00
N LYS D 511 -28.31 27.00 -47.93
CA LYS D 511 -27.31 26.08 -48.47
C LYS D 511 -26.24 25.77 -47.43
N LEU D 512 -25.66 26.81 -46.83
CA LEU D 512 -24.60 26.63 -45.84
C LEU D 512 -25.09 25.82 -44.65
N VAL D 513 -26.35 26.00 -44.26
CA VAL D 513 -26.92 25.24 -43.17
C VAL D 513 -26.98 23.75 -43.53
N ALA D 514 -27.38 23.46 -44.77
CA ALA D 514 -27.49 22.06 -45.20
C ALA D 514 -26.12 21.43 -45.32
N GLN D 515 -25.11 22.18 -45.77
CA GLN D 515 -23.78 21.62 -45.93
C GLN D 515 -23.20 21.19 -44.59
N ALA D 516 -23.44 21.98 -43.54
CA ALA D 516 -22.89 21.64 -42.23
C ALA D 516 -23.63 20.49 -41.58
N TYR D 517 -24.93 20.33 -41.86
CA TYR D 517 -25.64 19.14 -41.39
C TYR D 517 -25.00 17.89 -41.94
N ALA D 518 -24.56 17.94 -43.20
CA ALA D 518 -23.83 16.83 -43.79
C ALA D 518 -22.47 16.64 -43.12
N GLN D 519 -21.85 17.73 -42.67
CA GLN D 519 -20.60 17.65 -41.94
C GLN D 519 -20.77 16.94 -40.60
N GLY D 520 -21.96 17.04 -39.99
CA GLY D 520 -22.25 16.40 -38.74
C GLY D 520 -22.85 15.02 -38.84
N GLU D 521 -22.93 14.46 -40.05
CA GLU D 521 -23.48 13.13 -40.23
C GLU D 521 -22.61 12.07 -39.57
N ALA D 522 -23.26 11.01 -39.09
CA ALA D 522 -22.56 9.95 -38.38
C ALA D 522 -21.36 9.43 -39.17
N VAL D 523 -21.54 9.22 -40.48
CA VAL D 523 -20.44 8.66 -41.28
C VAL D 523 -19.26 9.60 -41.31
N ASN D 524 -19.51 10.90 -41.48
CA ASN D 524 -18.41 11.85 -41.55
C ASN D 524 -17.78 12.05 -40.17
N VAL D 525 -18.62 12.02 -39.12
CA VAL D 525 -18.10 12.12 -37.76
C VAL D 525 -17.23 10.91 -37.44
N ALA D 526 -17.66 9.73 -37.88
CA ALA D 526 -16.87 8.52 -37.63
C ALA D 526 -15.58 8.53 -38.44
N ALA D 527 -15.62 9.04 -39.68
CA ALA D 527 -14.43 9.08 -40.51
C ALA D 527 -13.37 9.99 -39.91
N HIS D 528 -13.79 11.04 -39.20
CA HIS D 528 -12.88 11.89 -38.45
C HIS D 528 -12.58 11.33 -37.07
N LEU D 529 -12.99 10.09 -36.79
CA LEU D 529 -12.59 9.32 -35.62
C LEU D 529 -13.20 9.83 -34.33
N GLU D 530 -14.19 10.73 -34.40
CA GLU D 530 -14.80 11.26 -33.18
C GLU D 530 -15.69 10.22 -32.50
N VAL D 531 -16.14 9.20 -33.22
CA VAL D 531 -16.72 8.00 -32.63
C VAL D 531 -15.94 6.81 -33.17
N ASP D 532 -15.99 5.70 -32.43
CA ASP D 532 -15.23 4.53 -32.81
C ASP D 532 -15.82 3.84 -34.03
N ALA D 533 -17.15 3.82 -34.14
CA ALA D 533 -17.77 3.11 -35.26
C ALA D 533 -19.23 3.55 -35.38
N VAL D 534 -19.75 3.40 -36.60
CA VAL D 534 -21.18 3.40 -36.85
C VAL D 534 -21.64 1.95 -36.88
N ILE D 535 -22.71 1.64 -36.16
CA ILE D 535 -23.16 0.27 -35.99
C ILE D 535 -24.64 0.17 -36.32
N ASP D 536 -25.04 -1.04 -36.71
CA ASP D 536 -26.45 -1.41 -36.79
C ASP D 536 -27.06 -1.35 -35.40
N PRO D 537 -28.11 -0.54 -35.18
CA PRO D 537 -28.72 -0.49 -33.85
C PRO D 537 -29.04 -1.86 -33.26
N ALA D 538 -29.30 -2.85 -34.12
CA ALA D 538 -29.61 -4.18 -33.63
C ALA D 538 -28.40 -4.86 -32.99
N GLU D 539 -27.20 -4.36 -33.26
CA GLU D 539 -25.96 -4.94 -32.74
C GLU D 539 -25.48 -4.26 -31.46
N THR D 540 -26.27 -3.34 -30.90
CA THR D 540 -25.81 -2.58 -29.74
C THR D 540 -25.43 -3.49 -28.58
N ARG D 541 -26.31 -4.43 -28.22
CA ARG D 541 -26.03 -5.34 -27.10
C ARG D 541 -24.71 -6.07 -27.32
N ASN D 542 -24.49 -6.57 -28.54
CA ASN D 542 -23.27 -7.34 -28.83
C ASN D 542 -22.02 -6.49 -28.63
N TRP D 543 -21.99 -5.31 -29.26
CA TRP D 543 -20.82 -4.44 -29.13
C TRP D 543 -20.53 -4.12 -27.67
N LEU D 544 -21.56 -3.82 -26.90
CA LEU D 544 -21.37 -3.49 -25.48
C LEU D 544 -20.82 -4.68 -24.71
N LEU D 545 -21.42 -5.85 -24.89
CA LEU D 545 -20.98 -7.03 -24.15
C LEU D 545 -19.58 -7.47 -24.55
N ARG D 546 -19.24 -7.34 -25.84
CA ARG D 546 -17.89 -7.65 -26.28
C ARG D 546 -16.88 -6.70 -25.66
N ALA D 547 -17.21 -5.40 -25.60
CA ALA D 547 -16.33 -4.43 -24.99
C ALA D 547 -16.20 -4.66 -23.49
N LEU D 548 -17.33 -4.86 -22.81
CA LEU D 548 -17.29 -5.12 -21.38
C LEU D 548 -16.50 -6.38 -21.07
N ARG D 549 -16.57 -7.39 -21.95
CA ARG D 549 -15.84 -8.62 -21.74
C ARG D 549 -14.34 -8.37 -21.61
N VAL D 550 -13.82 -7.34 -22.29
CA VAL D 550 -12.40 -7.03 -22.28
C VAL D 550 -12.16 -5.72 -21.53
N SER D 551 -13.01 -5.39 -20.56
CA SER D 551 -12.90 -4.17 -19.77
C SER D 551 -12.70 -4.55 -18.30
N PRO D 552 -11.52 -5.05 -17.94
CA PRO D 552 -11.27 -5.42 -16.54
C PRO D 552 -11.18 -4.18 -15.65
N TYR D 553 -11.72 -4.31 -14.44
CA TYR D 553 -11.62 -3.25 -13.45
C TYR D 553 -11.74 -3.88 -12.06
N SER D 554 -11.32 -3.12 -11.05
CA SER D 554 -11.34 -3.61 -9.68
C SER D 554 -12.77 -3.63 -9.14
N ALA D 555 -13.14 -4.74 -8.52
CA ALA D 555 -14.41 -4.87 -7.81
C ALA D 555 -14.34 -4.35 -6.38
N GLN D 556 -13.17 -3.92 -5.93
CA GLN D 556 -13.01 -3.40 -4.58
C GLN D 556 -13.57 -1.99 -4.49
N ARG D 557 -14.22 -1.69 -3.37
CA ARG D 557 -14.72 -0.35 -3.12
C ARG D 557 -13.61 0.53 -2.55
N ARG D 558 -13.65 1.81 -2.92
CA ARG D 558 -12.67 2.76 -2.44
C ARG D 558 -12.89 3.04 -0.96
N GLU D 559 -11.82 2.92 -0.16
CA GLU D 559 -11.91 3.26 1.25
C GLU D 559 -12.03 4.76 1.43
N GLY D 560 -12.88 5.17 2.37
CA GLY D 560 -13.16 6.58 2.53
C GLY D 560 -14.00 7.18 1.43
N GLY D 561 -14.55 6.36 0.54
CA GLY D 561 -15.48 6.86 -0.45
C GLY D 561 -16.88 7.03 0.11
N LEU D 562 -17.73 7.69 -0.67
CA LEU D 562 -19.08 7.98 -0.21
C LEU D 562 -19.99 8.18 -1.40
N VAL D 563 -21.29 7.99 -1.16
CA VAL D 563 -22.32 8.30 -2.14
C VAL D 563 -23.01 9.56 -1.66
N ASP D 564 -22.77 10.66 -2.37
CA ASP D 564 -23.31 11.94 -1.96
C ASP D 564 -24.84 11.93 -2.08
N PRO D 565 -25.58 12.28 -1.01
CA PRO D 565 -27.04 12.28 -1.11
C PRO D 565 -27.61 13.20 -2.19
N TRP D 566 -26.82 14.13 -2.74
CA TRP D 566 -27.32 14.97 -3.82
C TRP D 566 -26.34 15.03 -4.99
N ALA E 51 -13.81 42.62 33.73
CA ALA E 51 -14.72 41.85 34.56
C ALA E 51 -15.49 40.84 33.72
N LEU E 52 -16.33 40.04 34.39
CA LEU E 52 -17.06 38.98 33.73
C LEU E 52 -18.56 39.22 33.78
N PRO E 53 -19.30 38.84 32.73
CA PRO E 53 -20.76 38.94 32.79
C PRO E 53 -21.31 38.15 33.98
N ALA E 54 -22.38 38.70 34.57
CA ALA E 54 -22.94 38.10 35.78
C ALA E 54 -23.42 36.68 35.56
N SER E 55 -23.74 36.31 34.31
CA SER E 55 -24.21 34.96 34.03
C SER E 55 -23.12 33.90 34.20
N TYR E 56 -21.84 34.31 34.22
CA TYR E 56 -20.74 33.37 34.44
C TYR E 56 -20.65 32.89 35.89
N ALA E 57 -21.50 33.41 36.78
CA ALA E 57 -21.36 33.14 38.20
C ALA E 57 -21.53 31.65 38.50
N ASP E 58 -22.57 31.03 37.95
CA ASP E 58 -22.82 29.62 38.21
C ASP E 58 -21.68 28.76 37.71
N TRP E 59 -21.24 29.00 36.47
CA TRP E 59 -20.13 28.23 35.90
C TRP E 59 -18.88 28.38 36.76
N GLN E 60 -18.53 29.61 37.13
CA GLN E 60 -17.34 29.84 37.95
C GLN E 60 -17.44 29.14 39.30
N ARG E 61 -18.65 29.09 39.87
CA ARG E 61 -18.83 28.46 41.18
C ARG E 61 -18.53 26.96 41.10
N ARG E 62 -19.13 26.27 40.13
CA ARG E 62 -18.89 24.84 39.99
C ARG E 62 -17.46 24.53 39.60
N LEU E 63 -16.80 25.45 38.89
CA LEU E 63 -15.42 25.24 38.47
C LEU E 63 -14.46 25.36 39.64
N ARG E 64 -14.72 26.28 40.57
CA ARG E 64 -13.89 26.38 41.76
C ARG E 64 -13.98 25.11 42.59
N ALA E 65 -15.14 24.46 42.60
CA ALA E 65 -15.33 23.28 43.44
C ALA E 65 -14.43 22.12 43.04
N THR E 66 -13.86 22.14 41.83
CA THR E 66 -12.95 21.09 41.40
C THR E 66 -11.52 21.33 41.86
N THR E 67 -11.20 22.54 42.31
CA THR E 67 -9.82 22.91 42.60
C THR E 67 -9.42 22.47 44.00
N ASP E 68 -8.12 22.21 44.18
CA ASP E 68 -7.59 21.88 45.49
C ASP E 68 -7.81 23.02 46.48
N GLU E 69 -7.81 24.26 46.00
CA GLU E 69 -8.03 25.41 46.87
C GLU E 69 -9.34 25.29 47.62
N ALA E 70 -10.37 24.77 46.96
CA ALA E 70 -11.70 24.66 47.55
C ALA E 70 -11.86 23.42 48.43
N ARG E 71 -10.83 22.61 48.59
CA ARG E 71 -10.90 21.36 49.36
C ARG E 71 -9.65 21.23 50.22
N PRO E 72 -9.50 22.12 51.20
CA PRO E 72 -8.26 22.09 52.01
C PRO E 72 -8.02 20.76 52.70
N ALA E 73 -9.08 20.15 53.24
CA ALA E 73 -8.92 18.91 53.98
C ALA E 73 -8.35 17.80 53.10
N ALA E 74 -8.83 17.70 51.85
CA ALA E 74 -8.34 16.64 50.97
C ALA E 74 -6.87 16.81 50.65
N VAL E 75 -6.44 18.04 50.38
CA VAL E 75 -5.02 18.31 50.17
C VAL E 75 -4.22 17.95 51.41
N GLU E 76 -4.72 18.35 52.58
CA GLU E 76 -4.01 18.13 53.83
C GLU E 76 -3.88 16.65 54.16
N LYS E 77 -5.00 15.90 54.05
CA LYS E 77 -4.93 14.45 54.22
C LYS E 77 -3.89 13.85 53.29
N ARG E 78 -3.78 14.39 52.09
CA ARG E 78 -2.85 13.86 51.09
C ARG E 78 -1.41 14.17 51.47
N HIS E 79 -1.12 15.42 51.82
CA HIS E 79 0.24 15.82 52.17
C HIS E 79 0.68 15.20 53.49
N ALA E 80 -0.24 14.94 54.40
CA ALA E 80 0.14 14.30 55.65
C ALA E 80 0.81 12.96 55.40
N ALA E 81 0.41 12.27 54.32
CA ALA E 81 0.98 10.98 53.95
C ALA E 81 2.14 11.10 52.98
N GLY E 82 2.61 12.32 52.71
CA GLY E 82 3.66 12.51 51.73
C GLY E 82 3.22 12.22 50.31
N LYS E 83 1.95 12.43 50.00
CA LYS E 83 1.38 12.11 48.70
C LYS E 83 0.91 13.38 47.99
N LEU E 84 0.71 13.25 46.69
CA LEU E 84 0.21 14.34 45.86
C LEU E 84 -1.26 14.12 45.56
N THR E 85 -2.00 15.22 45.42
CA THR E 85 -3.37 15.14 44.94
C THR E 85 -3.37 14.89 43.43
N ALA E 86 -4.54 14.49 42.91
CA ALA E 86 -4.66 14.28 41.48
C ALA E 86 -4.34 15.56 40.70
N ARG E 87 -4.81 16.71 41.20
CA ARG E 87 -4.51 17.97 40.53
C ARG E 87 -3.01 18.26 40.55
N GLU E 88 -2.34 17.91 41.64
CA GLU E 88 -0.90 18.17 41.75
C GLU E 88 -0.12 17.29 40.79
N ASN E 89 -0.58 16.05 40.57
CA ASN E 89 0.08 15.18 39.61
C ASN E 89 0.03 15.77 38.22
N VAL E 90 -1.12 16.32 37.83
CA VAL E 90 -1.26 16.95 36.52
C VAL E 90 -0.34 18.17 36.42
N ALA E 91 -0.31 18.98 37.47
CA ALA E 91 0.52 20.18 37.45
C ALA E 91 2.00 19.83 37.39
N ALA E 92 2.40 18.75 38.05
CA ALA E 92 3.81 18.35 38.05
C ALA E 92 4.20 17.67 36.75
N LEU E 93 3.28 16.97 36.09
CA LEU E 93 3.60 16.27 34.84
C LEU E 93 3.63 17.23 33.66
N LEU E 94 2.61 18.06 33.52
CA LEU E 94 2.40 18.86 32.34
C LEU E 94 2.98 20.26 32.51
N ASP E 95 3.34 20.86 31.37
CA ASP E 95 3.86 22.22 31.38
C ASP E 95 2.74 23.22 31.65
N ALA E 96 3.07 24.26 32.41
CA ALA E 96 2.07 25.23 32.84
C ALA E 96 1.42 25.90 31.63
N GLY E 97 0.09 25.99 31.67
CA GLY E 97 -0.67 26.66 30.63
C GLY E 97 -0.99 25.82 29.42
N SER E 98 -0.59 24.54 29.40
CA SER E 98 -0.77 23.69 28.23
C SER E 98 -2.01 22.80 28.31
N PHE E 99 -2.71 22.77 29.43
CA PHE E 99 -3.69 21.72 29.71
C PHE E 99 -5.06 22.08 29.15
N ASN E 100 -5.57 21.24 28.25
CA ASN E 100 -6.96 21.24 27.84
C ASN E 100 -7.67 20.15 28.63
N GLU E 101 -8.52 20.55 29.58
CA GLU E 101 -9.23 19.58 30.41
C GLU E 101 -10.60 19.27 29.83
N HIS E 102 -10.93 17.98 29.77
CA HIS E 102 -12.22 17.50 29.30
C HIS E 102 -13.00 16.94 30.48
N GLY E 103 -14.19 17.48 30.71
CA GLY E 103 -15.07 16.92 31.73
C GLY E 103 -14.82 17.39 33.14
N ALA E 104 -14.27 18.59 33.31
CA ALA E 104 -13.98 19.09 34.66
C ALA E 104 -15.27 19.22 35.49
N LEU E 105 -16.35 19.66 34.88
CA LEU E 105 -17.59 19.92 35.61
C LEU E 105 -18.40 18.65 35.90
N ALA E 106 -17.90 17.48 35.52
CA ALA E 106 -18.64 16.24 35.73
C ALA E 106 -18.83 15.98 37.22
N LEU E 107 -19.93 15.31 37.55
CA LEU E 107 -20.24 14.88 38.90
C LEU E 107 -20.68 13.42 38.87
N ALA E 108 -20.76 12.83 40.06
CA ALA E 108 -21.14 11.43 40.16
C ALA E 108 -22.58 11.22 39.72
N ALA E 109 -22.85 10.03 39.16
CA ALA E 109 -24.18 9.66 38.69
C ALA E 109 -25.07 9.25 39.86
N GLN E 110 -25.26 10.21 40.78
CA GLN E 110 -26.09 10.00 41.96
C GLN E 110 -26.98 11.21 42.23
N ARG E 111 -27.43 11.88 41.17
CA ARG E 111 -28.28 13.05 41.34
C ARG E 111 -29.64 12.71 41.94
N GLY E 112 -30.09 11.47 41.81
CA GLY E 112 -31.34 11.07 42.44
C GLY E 112 -31.24 10.86 43.94
N ARG E 113 -30.03 10.63 44.45
CA ARG E 113 -29.81 10.40 45.88
C ARG E 113 -29.29 11.60 46.63
N ARG E 114 -28.76 12.60 45.93
CA ARG E 114 -28.01 13.67 46.58
C ARG E 114 -28.37 15.01 45.94
N SER E 115 -28.25 16.06 46.74
CA SER E 115 -28.38 17.40 46.21
C SER E 115 -27.22 17.70 45.25
N GLU E 116 -27.43 18.67 44.37
CA GLU E 116 -26.33 19.12 43.52
C GLU E 116 -25.19 19.68 44.36
N GLU E 117 -25.52 20.32 45.49
CA GLU E 117 -24.49 20.86 46.38
C GLU E 117 -23.72 19.73 47.05
N GLU E 118 -24.39 18.63 47.37
CA GLU E 118 -23.73 17.49 47.99
C GLU E 118 -22.83 16.77 46.99
N LEU E 119 -23.30 16.61 45.75
CA LEU E 119 -22.46 16.03 44.71
C LEU E 119 -21.24 16.89 44.45
N LEU E 120 -21.43 18.21 44.47
CA LEU E 120 -20.34 19.14 44.19
C LEU E 120 -19.23 18.98 45.22
N ALA E 121 -19.59 18.72 46.47
CA ALA E 121 -18.59 18.49 47.51
C ALA E 121 -18.09 17.06 47.51
N LEU E 122 -18.92 16.11 47.08
CA LEU E 122 -18.60 14.69 47.15
C LEU E 122 -17.79 14.20 45.96
N SER E 123 -18.07 14.73 44.76
CA SER E 123 -17.56 14.14 43.51
C SER E 123 -17.18 15.22 42.51
N PRO E 124 -16.23 16.08 42.83
CA PRO E 124 -15.69 17.00 41.81
C PRO E 124 -14.99 16.23 40.71
N ALA E 125 -15.29 16.58 39.47
CA ALA E 125 -14.76 15.91 38.28
C ALA E 125 -15.12 14.43 38.24
N ASP E 126 -16.06 14.00 39.07
CA ASP E 126 -16.39 12.59 39.25
C ASP E 126 -15.15 11.75 39.55
N GLY E 127 -14.19 12.35 40.26
CA GLY E 127 -13.03 11.61 40.74
C GLY E 127 -11.98 11.28 39.70
N LEU E 128 -12.02 11.90 38.52
CA LEU E 128 -11.02 11.61 37.50
C LEU E 128 -10.75 12.87 36.69
N ILE E 129 -9.46 13.24 36.62
CA ILE E 129 -9.01 14.38 35.83
C ILE E 129 -8.52 13.85 34.49
N THR E 130 -9.11 14.32 33.39
CA THR E 130 -8.74 13.88 32.05
C THR E 130 -8.48 15.08 31.17
N GLY E 131 -7.40 15.01 30.39
CA GLY E 131 -7.10 16.07 29.44
C GLY E 131 -5.78 15.82 28.74
N VAL E 132 -5.40 16.79 27.92
CA VAL E 132 -4.17 16.73 27.15
C VAL E 132 -3.43 18.04 27.30
N GLY E 133 -2.12 17.95 27.51
CA GLY E 133 -1.26 19.12 27.60
C GLY E 133 0.05 18.82 26.91
N THR E 134 1.15 19.35 27.44
CA THR E 134 2.48 19.03 26.93
C THR E 134 3.36 18.59 28.09
N VAL E 135 4.32 17.73 27.77
CA VAL E 135 5.32 17.26 28.74
C VAL E 135 6.69 17.50 28.15
N ASN E 136 7.60 18.04 28.96
CA ASN E 136 8.99 18.29 28.54
C ASN E 136 9.05 19.14 27.27
N ALA E 137 8.07 20.03 27.08
CA ALA E 137 8.05 20.86 25.89
C ALA E 137 9.24 21.81 25.84
N GLY E 138 9.85 22.10 26.98
CA GLY E 138 11.04 22.94 26.97
C GLY E 138 12.14 22.36 26.10
N GLN E 139 12.39 21.06 26.24
CA GLN E 139 13.43 20.38 25.49
C GLN E 139 12.91 19.77 24.20
N PHE E 140 11.62 19.44 24.14
CA PHE E 140 11.03 18.73 23.00
C PHE E 140 9.79 19.48 22.51
N PRO E 141 9.97 20.69 21.99
CA PRO E 141 8.79 21.50 21.62
C PRO E 141 7.91 20.87 20.55
N ASP E 142 8.49 20.07 19.66
CA ASP E 142 7.74 19.50 18.55
C ASP E 142 7.22 18.09 18.84
N THR E 143 7.51 17.54 20.00
CA THR E 143 7.09 16.17 20.35
C THR E 143 6.67 16.12 21.82
N ALA E 144 5.87 17.10 22.25
CA ALA E 144 5.55 17.29 23.66
C ALA E 144 4.13 16.88 24.04
N ALA E 145 3.30 16.49 23.08
CA ALA E 145 1.93 16.10 23.38
C ALA E 145 1.89 15.07 24.49
N CYS E 146 0.95 15.23 25.43
CA CYS E 146 0.82 14.27 26.52
C CYS E 146 -0.60 14.33 27.08
N ALA E 147 -1.33 13.23 26.97
CA ALA E 147 -2.62 13.08 27.62
C ALA E 147 -2.41 12.51 29.03
N VAL E 148 -3.31 12.87 29.93
CA VAL E 148 -3.21 12.42 31.32
C VAL E 148 -4.60 12.07 31.82
N ALA E 149 -4.68 10.99 32.60
CA ALA E 149 -5.90 10.58 33.29
C ALA E 149 -5.50 10.23 34.71
N ALA E 150 -5.92 11.06 35.67
CA ALA E 150 -5.48 10.93 37.06
C ALA E 150 -6.70 10.77 37.97
N TYR E 151 -6.83 9.61 38.59
CA TYR E 151 -7.89 9.38 39.55
C TYR E 151 -7.60 10.13 40.84
N ASP E 152 -8.66 10.62 41.49
CA ASP E 152 -8.55 11.35 42.74
C ASP E 152 -9.07 10.45 43.85
N TYR E 153 -8.16 9.91 44.67
CA TYR E 153 -8.54 8.97 45.71
C TYR E 153 -9.39 9.60 46.79
N THR E 154 -9.31 10.92 46.98
CA THR E 154 -10.15 11.60 47.96
C THR E 154 -11.59 11.74 47.48
N VAL E 155 -11.87 11.36 46.24
CA VAL E 155 -13.22 11.42 45.66
C VAL E 155 -13.69 9.98 45.49
N LEU E 156 -14.49 9.50 46.45
CA LEU E 156 -15.08 8.17 46.34
C LEU E 156 -14.02 7.11 46.11
N ALA E 157 -12.90 7.23 46.82
CA ALA E 157 -11.83 6.21 46.78
C ALA E 157 -11.32 5.97 45.36
N GLY E 158 -11.34 7.02 44.54
CA GLY E 158 -10.85 6.90 43.18
C GLY E 158 -11.50 5.79 42.40
N THR E 159 -12.73 5.43 42.74
CA THR E 159 -13.42 4.35 42.06
C THR E 159 -13.85 4.79 40.66
N GLN E 160 -14.16 3.80 39.83
CA GLN E 160 -14.57 4.01 38.45
C GLN E 160 -16.09 4.03 38.40
N GLY E 161 -16.67 5.20 38.15
CA GLY E 161 -18.10 5.36 38.06
C GLY E 161 -18.57 5.53 36.63
N TYR E 162 -19.87 5.81 36.50
CA TYR E 162 -20.48 5.91 35.17
C TYR E 162 -19.86 7.04 34.36
N PHE E 163 -19.77 8.25 34.94
CA PHE E 163 -19.33 9.39 34.16
C PHE E 163 -17.83 9.40 33.93
N ASN E 164 -17.03 9.07 34.95
CA ASN E 164 -15.58 9.08 34.73
C ASN E 164 -15.15 7.95 33.82
N HIS E 165 -15.96 6.89 33.69
CA HIS E 165 -15.73 5.89 32.66
C HIS E 165 -15.83 6.51 31.27
N HIS E 166 -16.91 7.27 31.03
CA HIS E 166 -17.08 7.94 29.74
C HIS E 166 -16.04 9.02 29.54
N LYS E 167 -15.62 9.70 30.61
CA LYS E 167 -14.55 10.67 30.50
C LYS E 167 -13.29 10.01 29.94
N LEU E 168 -12.92 8.87 30.53
CA LEU E 168 -11.74 8.15 30.06
C LEU E 168 -11.94 7.54 28.69
N ASP E 169 -13.18 7.15 28.35
CA ASP E 169 -13.46 6.62 27.02
C ASP E 169 -13.15 7.67 25.96
N ARG E 170 -13.58 8.91 26.19
CA ARG E 170 -13.35 9.97 25.21
C ARG E 170 -11.86 10.30 25.10
N LEU E 171 -11.13 10.22 26.22
CA LEU E 171 -9.70 10.46 26.18
C LEU E 171 -8.96 9.37 25.42
N ILE E 172 -9.39 8.12 25.59
CA ILE E 172 -8.77 7.02 24.87
C ILE E 172 -9.02 7.16 23.37
N ALA E 173 -10.25 7.50 22.98
CA ALA E 173 -10.56 7.65 21.57
C ALA E 173 -9.76 8.79 20.94
N LEU E 174 -9.66 9.92 21.63
CA LEU E 174 -8.87 11.03 21.11
C LEU E 174 -7.38 10.69 21.09
N ALA E 175 -6.89 10.02 22.14
CA ALA E 175 -5.47 9.67 22.18
C ALA E 175 -5.09 8.74 21.03
N GLY E 176 -5.97 7.80 20.70
CA GLY E 176 -5.66 6.86 19.63
C GLY E 176 -5.74 7.49 18.26
N GLN E 177 -6.64 8.45 18.08
CA GLN E 177 -6.81 9.10 16.79
C GLN E 177 -5.70 10.13 16.55
N TRP E 178 -5.32 10.87 17.58
CA TRP E 178 -4.35 11.95 17.45
C TRP E 178 -2.98 11.57 18.01
N LYS E 179 -2.80 10.31 18.39
CA LYS E 179 -1.48 9.78 18.76
C LYS E 179 -0.89 10.51 19.98
N TRP E 180 -1.68 10.61 21.03
CA TRP E 180 -1.23 11.20 22.28
C TRP E 180 -0.58 10.13 23.15
N PRO E 181 0.63 10.34 23.67
CA PRO E 181 1.05 9.53 24.81
C PRO E 181 0.09 9.77 25.96
N LEU E 182 -0.15 8.71 26.74
CA LEU E 182 -1.11 8.78 27.82
C LEU E 182 -0.45 8.32 29.11
N VAL E 183 -0.53 9.17 30.13
CA VAL E 183 -0.05 8.88 31.48
C VAL E 183 -1.27 8.65 32.36
N LEU E 184 -1.33 7.48 32.98
CA LEU E 184 -2.44 7.09 33.84
C LEU E 184 -1.95 7.02 35.29
N PHE E 185 -2.56 7.83 36.15
CA PHE E 185 -2.42 7.67 37.59
C PHE E 185 -3.62 6.82 38.02
N ALA E 186 -3.37 5.52 38.23
CA ALA E 186 -4.43 4.53 38.30
C ALA E 186 -4.97 4.32 39.71
N GLU E 187 -4.46 5.05 40.70
CA GLU E 187 -4.92 4.87 42.08
C GLU E 187 -6.43 4.85 42.14
N GLY E 188 -6.98 3.82 42.76
CA GLY E 188 -8.42 3.69 42.90
C GLY E 188 -8.83 2.28 43.24
N GLY E 189 -10.06 2.17 43.72
CA GLY E 189 -10.60 0.90 44.21
C GLY E 189 -11.47 0.14 43.23
N GLY E 190 -11.48 0.51 41.96
CA GLY E 190 -12.23 -0.23 40.97
C GLY E 190 -13.65 0.28 40.78
N GLY E 191 -14.50 -0.62 40.29
CA GLY E 191 -15.87 -0.24 39.98
C GLY E 191 -16.57 0.36 41.19
N ARG E 192 -17.32 1.43 40.94
CA ARG E 192 -17.96 2.18 42.01
C ARG E 192 -19.31 1.58 42.34
N PRO E 193 -19.59 1.27 43.61
CA PRO E 193 -20.94 0.84 44.00
C PRO E 193 -21.81 2.01 44.43
N GLY E 194 -22.84 2.33 43.66
CA GLY E 194 -23.77 3.36 44.08
C GLY E 194 -24.12 4.41 43.05
N ASP E 195 -23.71 4.21 41.79
CA ASP E 195 -24.11 5.11 40.71
C ASP E 195 -25.52 4.71 40.26
N THR E 196 -26.50 5.17 41.03
CA THR E 196 -27.88 4.73 40.85
C THR E 196 -28.62 5.44 39.71
N ASP E 197 -28.09 6.55 39.20
CA ASP E 197 -28.81 7.30 38.17
C ASP E 197 -29.01 6.47 36.91
N MET E 198 -28.12 5.51 36.66
CA MET E 198 -28.16 4.69 35.46
C MET E 198 -28.55 3.26 35.84
N PRO E 199 -29.66 2.72 35.33
CA PRO E 199 -29.93 1.30 35.56
C PRO E 199 -29.13 0.44 34.61
N VAL E 200 -28.64 -0.69 35.13
CA VAL E 200 -27.83 -1.63 34.37
C VAL E 200 -28.20 -3.04 34.79
N ALA E 201 -27.78 -4.01 33.98
CA ALA E 201 -27.95 -5.41 34.30
C ALA E 201 -26.66 -5.97 34.88
N ALA E 202 -25.67 -6.20 34.00
CA ALA E 202 -24.36 -6.65 34.42
C ALA E 202 -23.25 -5.63 34.15
N ALA E 203 -23.48 -4.69 33.24
CA ALA E 203 -22.52 -3.63 32.95
C ALA E 203 -21.17 -4.18 32.49
N LEU E 204 -21.22 -5.23 31.66
CA LEU E 204 -20.03 -5.87 31.14
C LEU E 204 -19.78 -5.54 29.67
N VAL E 205 -20.46 -4.52 29.14
CA VAL E 205 -20.19 -4.02 27.80
C VAL E 205 -19.17 -2.88 27.80
N THR E 206 -18.88 -2.32 28.97
CA THR E 206 -17.96 -1.20 29.12
C THR E 206 -16.69 -1.43 28.32
N PRO E 207 -16.44 -0.66 27.27
CA PRO E 207 -15.27 -0.88 26.42
C PRO E 207 -13.99 -0.22 26.91
N THR E 208 -14.02 0.47 28.06
CA THR E 208 -12.88 1.26 28.51
C THR E 208 -11.59 0.44 28.52
N PHE E 209 -11.65 -0.78 29.06
CA PHE E 209 -10.43 -1.56 29.25
C PHE E 209 -9.90 -2.09 27.92
N LEU E 210 -10.81 -2.46 27.01
CA LEU E 210 -10.39 -2.92 25.69
C LEU E 210 -9.83 -1.76 24.87
N ASN E 211 -10.46 -0.59 24.96
CA ASN E 211 -10.00 0.55 24.17
C ASN E 211 -8.69 1.10 24.69
N PHE E 212 -8.50 1.10 26.02
CA PHE E 212 -7.22 1.51 26.58
C PHE E 212 -6.12 0.56 26.15
N ALA E 213 -6.37 -0.75 26.27
CA ALA E 213 -5.40 -1.74 25.84
C ALA E 213 -5.09 -1.62 24.36
N ALA E 214 -6.05 -1.14 23.57
CA ALA E 214 -5.83 -0.96 22.14
C ALA E 214 -4.80 0.13 21.85
N LEU E 215 -4.60 1.06 22.78
CA LEU E 215 -3.58 2.09 22.58
C LEU E 215 -2.17 1.50 22.61
N SER E 216 -2.01 0.31 23.17
CA SER E 216 -0.70 -0.33 23.20
C SER E 216 -0.20 -0.57 21.78
N GLY E 217 1.02 -0.10 21.50
CA GLY E 217 1.58 -0.17 20.17
C GLY E 217 1.33 1.05 19.33
N GLN E 218 0.35 1.88 19.70
CA GLN E 218 0.05 3.12 19.00
C GLN E 218 0.77 4.31 19.63
N VAL E 219 0.80 4.37 20.96
CA VAL E 219 1.39 5.48 21.70
C VAL E 219 2.05 4.95 22.96
N PRO E 220 2.96 5.73 23.54
CA PRO E 220 3.51 5.36 24.85
C PRO E 220 2.43 5.40 25.93
N LEU E 221 2.41 4.37 26.77
CA LEU E 221 1.46 4.28 27.87
C LEU E 221 2.23 4.15 29.17
N VAL E 222 2.04 5.11 30.08
CA VAL E 222 2.76 5.17 31.34
C VAL E 222 1.76 5.01 32.47
N GLY E 223 1.96 4.00 33.30
CA GLY E 223 1.09 3.73 34.43
C GLY E 223 1.76 4.11 35.74
N VAL E 224 1.07 4.92 36.53
CA VAL E 224 1.55 5.37 37.83
C VAL E 224 0.55 4.91 38.89
N ALA E 225 1.03 4.09 39.84
CA ALA E 225 0.23 3.63 40.96
C ALA E 225 0.80 4.24 42.24
N ALA E 226 0.00 5.07 42.92
CA ALA E 226 0.43 5.74 44.15
C ALA E 226 -0.63 5.46 45.24
N GLY E 227 -0.71 4.20 45.66
CA GLY E 227 -1.68 3.80 46.66
C GLY E 227 -2.42 2.53 46.31
N ALA E 228 -3.71 2.48 46.64
CA ALA E 228 -4.53 1.32 46.34
C ALA E 228 -4.94 1.33 44.88
N CYS E 229 -4.80 0.20 44.21
CA CYS E 229 -5.09 0.10 42.78
C CYS E 229 -5.68 -1.29 42.52
N PHE E 230 -7.01 -1.37 42.48
CA PHE E 230 -7.70 -2.66 42.46
C PHE E 230 -8.68 -2.73 41.30
N ALA E 231 -8.92 -3.96 40.85
CA ALA E 231 -9.97 -4.29 39.87
C ALA E 231 -9.74 -3.49 38.59
N GLY E 232 -10.74 -2.77 38.06
CA GLY E 232 -10.57 -2.08 36.80
C GLY E 232 -9.42 -1.09 36.79
N ASN E 233 -9.16 -0.45 37.93
CA ASN E 233 -8.01 0.44 38.03
C ASN E 233 -6.72 -0.32 37.76
N ALA E 234 -6.60 -1.54 38.29
CA ALA E 234 -5.41 -2.35 38.07
C ALA E 234 -5.38 -2.91 36.66
N ALA E 235 -6.55 -3.15 36.06
CA ALA E 235 -6.60 -3.63 34.69
C ALA E 235 -5.98 -2.63 33.72
N LEU E 236 -6.35 -1.36 33.85
CA LEU E 236 -5.76 -0.32 33.03
C LEU E 236 -4.24 -0.26 33.24
N LEU E 237 -3.82 -0.27 34.49
CA LEU E 237 -2.39 -0.18 34.83
C LEU E 237 -1.60 -1.29 34.14
N GLY E 238 -2.11 -2.53 34.19
CA GLY E 238 -1.39 -3.66 33.66
C GLY E 238 -1.18 -3.62 32.16
N CYS E 239 -1.95 -2.80 31.44
CA CYS E 239 -1.83 -2.71 30.00
C CYS E 239 -0.83 -1.65 29.54
N CYS E 240 -0.15 -0.98 30.47
CA CYS E 240 0.76 0.10 30.11
C CYS E 240 2.13 -0.46 29.70
N ASP E 241 2.87 0.37 28.98
CA ASP E 241 4.24 0.01 28.64
C ASP E 241 5.09 -0.14 29.89
N VAL E 242 4.94 0.78 30.83
CA VAL E 242 5.73 0.81 32.05
C VAL E 242 4.78 1.05 33.22
N VAL E 243 5.03 0.35 34.32
CA VAL E 243 4.26 0.52 35.55
C VAL E 243 5.19 1.13 36.59
N ILE E 244 4.85 2.34 37.03
CA ILE E 244 5.54 3.01 38.12
C ILE E 244 4.66 2.89 39.36
N ALA E 245 5.24 2.45 40.47
CA ALA E 245 4.47 2.26 41.70
C ALA E 245 5.28 2.73 42.89
N THR E 246 4.63 3.45 43.80
CA THR E 246 5.24 3.82 45.06
C THR E 246 5.28 2.61 45.98
N ARG E 247 6.21 2.64 46.94
CA ARG E 247 6.36 1.53 47.87
C ARG E 247 5.08 1.28 48.66
N ASP E 248 4.30 2.32 48.93
CA ASP E 248 3.07 2.19 49.71
C ASP E 248 1.89 1.74 48.86
N SER E 249 2.12 1.29 47.63
CA SER E 249 1.04 0.88 46.76
C SER E 249 0.70 -0.60 46.98
N SER E 250 -0.56 -0.94 46.70
CA SER E 250 -1.01 -2.32 46.69
C SER E 250 -1.88 -2.51 45.47
N ILE E 251 -1.54 -3.48 44.64
CA ILE E 251 -2.13 -3.63 43.31
C ILE E 251 -2.67 -5.04 43.18
N GLY E 252 -3.90 -5.17 42.70
CA GLY E 252 -4.48 -6.47 42.49
C GLY E 252 -5.73 -6.41 41.63
N LEU E 253 -6.09 -7.57 41.09
CA LEU E 253 -7.32 -7.70 40.31
C LEU E 253 -8.56 -7.77 41.19
N GLY E 254 -8.39 -7.92 42.50
CA GLY E 254 -9.51 -7.94 43.42
C GLY E 254 -9.20 -7.24 44.73
N GLY E 255 -10.13 -6.40 45.19
CA GLY E 255 -9.96 -5.72 46.45
C GLY E 255 -10.34 -6.60 47.63
N PRO E 256 -10.11 -6.08 48.84
CA PRO E 256 -10.43 -6.87 50.05
C PRO E 256 -11.83 -7.46 50.04
N ALA E 257 -12.84 -6.68 49.68
CA ALA E 257 -14.20 -7.20 49.60
C ALA E 257 -14.30 -8.31 48.57
N MET E 258 -13.65 -8.13 47.42
CA MET E 258 -13.67 -9.15 46.38
C MET E 258 -12.97 -10.42 46.82
N ILE E 259 -11.92 -10.29 47.63
CA ILE E 259 -11.20 -11.48 48.11
C ILE E 259 -12.04 -12.23 49.13
N GLU E 260 -12.45 -11.55 50.20
CA GLU E 260 -13.30 -12.19 51.20
C GLU E 260 -14.63 -12.63 50.60
N GLY E 261 -15.11 -11.92 49.59
CA GLY E 261 -16.36 -12.29 48.94
C GLY E 261 -16.26 -13.53 48.08
N GLY E 262 -15.06 -13.87 47.62
CA GLY E 262 -14.81 -15.10 46.90
C GLY E 262 -14.28 -16.23 47.75
N GLY E 263 -14.34 -16.10 49.07
CA GLY E 263 -13.98 -17.17 49.97
C GLY E 263 -12.55 -17.19 50.43
N LEU E 264 -11.69 -16.35 49.87
CA LEU E 264 -10.26 -16.37 50.19
C LEU E 264 -9.92 -15.54 51.44
N GLY E 265 -10.90 -15.21 52.28
CA GLY E 265 -10.61 -14.69 53.60
C GLY E 265 -10.33 -13.20 53.64
N VAL E 266 -9.80 -12.79 54.81
CA VAL E 266 -9.73 -11.39 55.22
C VAL E 266 -8.30 -10.91 54.95
N VAL E 267 -8.10 -10.29 53.80
CA VAL E 267 -6.82 -9.64 53.50
C VAL E 267 -6.99 -8.14 53.66
N ALA E 268 -5.97 -7.49 54.20
CA ALA E 268 -5.93 -6.04 54.25
C ALA E 268 -5.48 -5.51 52.89
N ALA E 269 -5.92 -4.29 52.57
CA ALA E 269 -5.58 -3.70 51.28
C ALA E 269 -4.07 -3.67 51.10
N GLY E 270 -3.34 -3.16 52.09
CA GLY E 270 -1.90 -3.19 52.10
C GLY E 270 -1.29 -4.48 51.58
N ASP E 271 -1.81 -5.63 52.03
CA ASP E 271 -1.16 -6.91 51.79
C ASP E 271 -1.59 -7.60 50.48
N ILE E 272 -2.54 -7.06 49.74
CA ILE E 272 -3.03 -7.78 48.56
C ILE E 272 -1.93 -7.94 47.52
N GLY E 273 -1.29 -6.84 47.14
CA GLY E 273 -0.23 -6.87 46.16
C GLY E 273 0.77 -5.75 46.35
N PRO E 274 1.61 -5.87 47.38
CA PRO E 274 2.56 -4.79 47.68
C PRO E 274 3.48 -4.52 46.50
N ALA E 275 3.63 -3.23 46.17
CA ALA E 275 4.46 -2.84 45.04
C ALA E 275 5.86 -3.43 45.15
N GLU E 276 6.41 -3.48 46.37
CA GLU E 276 7.75 -4.02 46.56
C GLU E 276 7.81 -5.50 46.17
N VAL E 277 6.79 -6.26 46.54
CA VAL E 277 6.70 -7.66 46.12
C VAL E 277 6.49 -7.74 44.60
N LEU E 278 5.54 -6.96 44.09
CA LEU E 278 5.20 -7.03 42.67
C LEU E 278 6.35 -6.60 41.77
N ALA E 279 7.28 -5.79 42.28
CA ALA E 279 8.48 -5.47 41.52
C ALA E 279 9.32 -6.71 41.26
N GLN E 280 9.48 -7.56 42.29
CA GLN E 280 10.19 -8.82 42.09
C GLN E 280 9.45 -9.73 41.13
N LYS E 281 8.12 -9.68 41.15
CA LYS E 281 7.29 -10.56 40.33
C LYS E 281 7.08 -10.03 38.92
N GLY E 282 7.72 -8.92 38.56
CA GLY E 282 7.67 -8.40 37.21
C GLY E 282 6.43 -7.60 36.86
N VAL E 283 5.59 -7.27 37.84
CA VAL E 283 4.41 -6.45 37.57
C VAL E 283 4.76 -4.97 37.61
N VAL E 284 5.59 -4.57 38.56
CA VAL E 284 6.02 -3.18 38.71
C VAL E 284 7.38 -3.01 38.07
N ASP E 285 7.50 -2.05 37.14
CA ASP E 285 8.74 -1.83 36.41
C ASP E 285 9.64 -0.81 37.08
N LEU E 286 9.07 0.21 37.73
CA LEU E 286 9.82 1.26 38.40
C LEU E 286 9.27 1.47 39.80
N LEU E 287 10.13 1.35 40.80
CA LEU E 287 9.73 1.40 42.20
C LEU E 287 10.13 2.77 42.76
N ALA E 288 9.13 3.56 43.10
CA ALA E 288 9.34 4.93 43.57
C ALA E 288 9.22 4.99 45.09
N GLU E 289 9.96 5.94 45.68
CA GLU E 289 9.88 6.15 47.12
C GLU E 289 8.60 6.88 47.50
N ASN E 290 8.11 7.79 46.65
CA ASN E 290 6.95 8.59 47.00
C ASN E 290 6.26 9.06 45.72
N ASP E 291 5.09 9.68 45.91
CA ASP E 291 4.29 10.14 44.78
C ASP E 291 5.09 11.08 43.89
N ALA E 292 5.82 12.02 44.49
CA ALA E 292 6.56 13.01 43.70
C ALA E 292 7.61 12.35 42.82
N GLU E 293 8.35 11.38 43.35
CA GLU E 293 9.35 10.69 42.55
C GLU E 293 8.69 9.88 41.43
N ALA E 294 7.56 9.24 41.72
CA ALA E 294 6.84 8.51 40.69
C ALA E 294 6.41 9.44 39.56
N ASN E 295 5.95 10.64 39.91
CA ASN E 295 5.56 11.62 38.90
C ASN E 295 6.77 12.02 38.06
N GLU E 296 7.90 12.28 38.71
CA GLU E 296 9.12 12.62 37.99
C GLU E 296 9.56 11.48 37.07
N LEU E 297 9.42 10.24 37.54
CA LEU E 297 9.82 9.09 36.74
C LEU E 297 8.97 8.95 35.48
N ALA E 298 7.73 9.41 35.52
CA ALA E 298 6.89 9.41 34.33
C ALA E 298 7.46 10.36 33.28
N ARG E 299 7.84 11.57 33.70
CA ARG E 299 8.42 12.54 32.77
C ARG E 299 9.72 12.02 32.18
N ARG E 300 10.62 11.51 33.02
CA ARG E 300 11.90 10.99 32.54
C ARG E 300 11.69 9.88 31.52
N TYR E 301 10.79 8.94 31.84
CA TYR E 301 10.52 7.84 30.93
C TYR E 301 10.11 8.33 29.55
N LEU E 302 9.28 9.38 29.51
CA LEU E 302 8.76 9.86 28.23
C LEU E 302 9.85 10.54 27.39
N THR E 303 10.86 11.14 28.03
CA THR E 303 11.89 11.86 27.26
C THR E 303 12.56 10.95 26.25
N TYR E 304 12.76 9.67 26.59
CA TYR E 304 13.44 8.75 25.68
C TYR E 304 12.66 8.55 24.38
N PHE E 305 11.36 8.88 24.37
CA PHE E 305 10.52 8.71 23.20
C PHE E 305 10.19 10.02 22.51
N GLN E 306 10.88 11.10 22.87
CA GLN E 306 10.60 12.43 22.35
C GLN E 306 11.69 12.96 21.43
N GLY E 307 12.75 12.21 21.21
CA GLY E 307 13.76 12.57 20.23
C GLY E 307 15.13 12.76 20.85
N ASP E 308 16.06 13.23 20.03
CA ASP E 308 17.45 13.38 20.42
C ASP E 308 17.63 14.56 21.38
N VAL E 309 18.80 14.60 22.01
CA VAL E 309 19.12 15.59 23.03
C VAL E 309 20.50 16.18 22.73
N THR E 310 20.71 17.41 23.18
CA THR E 310 21.99 18.09 23.08
C THR E 310 22.46 18.50 24.47
N GLY E 311 23.75 18.82 24.56
CA GLY E 311 24.34 19.22 25.82
C GLY E 311 24.74 18.08 26.72
N TRP E 312 24.76 16.87 26.19
CA TRP E 312 25.11 15.68 26.95
C TRP E 312 26.59 15.68 27.35
N GLU E 313 26.91 14.88 28.36
CA GLU E 313 28.26 14.73 28.85
C GLU E 313 28.56 13.24 29.03
N ALA E 314 29.85 12.92 29.17
CA ALA E 314 30.26 11.53 29.31
C ALA E 314 31.56 11.47 30.11
N ALA E 315 31.70 10.41 30.89
CA ALA E 315 32.89 10.18 31.69
C ALA E 315 34.10 9.90 30.80
N ASP E 316 35.26 9.79 31.44
CA ASP E 316 36.50 9.43 30.74
C ASP E 316 36.40 7.98 30.26
N GLN E 317 36.23 7.79 28.95
CA GLN E 317 35.96 6.46 28.41
C GLN E 317 37.11 5.49 28.61
N ARG E 318 38.32 6.00 28.92
CA ARG E 318 39.42 5.09 29.22
C ARG E 318 39.15 4.26 30.46
N GLU E 319 38.23 4.70 31.33
CA GLU E 319 37.85 3.92 32.50
C GLU E 319 37.30 2.56 32.09
N LEU E 320 36.73 2.45 30.89
CA LEU E 320 36.13 1.19 30.46
C LEU E 320 37.18 0.11 30.24
N ARG E 321 38.45 0.47 30.09
CA ARG E 321 39.51 -0.52 29.96
C ARG E 321 39.77 -1.25 31.26
N TRP E 322 39.33 -0.69 32.39
CA TRP E 322 39.69 -1.19 33.71
C TRP E 322 38.49 -1.62 34.53
N VAL E 323 37.27 -1.59 33.98
CA VAL E 323 36.12 -2.00 34.76
C VAL E 323 36.02 -3.53 34.82
N ILE E 324 36.42 -4.21 33.75
CA ILE E 324 36.35 -5.67 33.71
C ILE E 324 37.74 -6.23 34.02
N PRO E 325 37.89 -7.04 35.07
CA PRO E 325 39.21 -7.55 35.44
C PRO E 325 39.84 -8.38 34.33
N GLN E 326 41.17 -8.21 34.18
CA GLN E 326 41.95 -9.11 33.34
C GLN E 326 41.97 -10.52 33.91
N VAL E 327 41.70 -10.66 35.21
CA VAL E 327 41.62 -11.96 35.87
C VAL E 327 40.25 -12.56 35.62
N ARG E 328 40.22 -13.77 35.04
CA ARG E 328 38.96 -14.47 34.86
C ARG E 328 38.34 -14.80 36.21
N LYS E 329 37.04 -15.11 36.17
CA LYS E 329 36.27 -15.44 37.38
C LYS E 329 35.92 -14.20 38.17
N ARG E 330 36.83 -13.23 38.23
CA ARG E 330 36.65 -12.02 39.03
C ARG E 330 35.46 -11.23 38.51
N ALA E 331 34.46 -11.03 39.37
CA ALA E 331 33.25 -10.33 38.98
C ALA E 331 33.49 -8.81 38.97
N TYR E 332 32.50 -8.09 38.46
CA TYR E 332 32.55 -6.64 38.38
C TYR E 332 31.12 -6.12 38.43
N ASP E 333 30.99 -4.81 38.63
CA ASP E 333 29.68 -4.17 38.65
C ASP E 333 29.31 -3.77 37.23
N VAL E 334 28.34 -4.48 36.65
CA VAL E 334 27.92 -4.16 35.28
C VAL E 334 27.26 -2.79 35.24
N ARG E 335 26.52 -2.42 36.30
CA ARG E 335 25.86 -1.13 36.32
C ARG E 335 26.87 0.01 36.37
N ALA E 336 28.05 -0.24 36.93
CA ALA E 336 29.12 0.75 36.86
C ALA E 336 29.62 0.91 35.44
N LEU E 337 29.77 -0.20 34.72
CA LEU E 337 30.14 -0.16 33.31
C LEU E 337 29.12 0.64 32.51
N LEU E 338 27.83 0.36 32.70
CA LEU E 338 26.78 1.02 31.94
C LEU E 338 26.80 2.53 32.15
N HIS E 339 26.98 2.97 33.40
CA HIS E 339 26.97 4.40 33.69
C HIS E 339 28.21 5.09 33.13
N LEU E 340 29.32 4.35 32.98
CA LEU E 340 30.49 4.91 32.29
C LEU E 340 30.22 5.06 30.80
N LEU E 341 29.55 4.09 30.20
CA LEU E 341 29.33 4.11 28.76
C LEU E 341 28.29 5.14 28.35
N ALA E 342 27.17 5.20 29.08
CA ALA E 342 26.07 6.07 28.69
C ALA E 342 26.36 7.52 29.06
N ASP E 343 25.65 8.43 28.41
CA ASP E 343 25.73 9.84 28.78
C ASP E 343 25.48 10.01 30.28
N THR E 344 26.20 10.93 30.89
CA THR E 344 26.08 11.14 32.32
C THR E 344 24.65 11.50 32.69
N GLY E 345 24.05 10.71 33.58
CA GLY E 345 22.72 10.98 34.07
C GLY E 345 21.59 10.48 33.21
N SER E 346 21.88 9.77 32.11
CA SER E 346 20.85 9.35 31.17
C SER E 346 20.33 7.93 31.43
N VAL E 347 20.86 7.23 32.42
CA VAL E 347 20.51 5.83 32.65
C VAL E 347 19.26 5.76 33.51
N LEU E 348 18.24 5.07 33.00
CA LEU E 348 17.02 4.76 33.74
C LEU E 348 16.75 3.26 33.60
N GLU E 349 17.17 2.49 34.61
CA GLU E 349 16.99 1.05 34.55
C GLU E 349 15.53 0.69 34.83
N LEU E 350 15.02 -0.28 34.07
CA LEU E 350 13.65 -0.73 34.19
C LEU E 350 13.62 -2.16 34.72
N ARG E 351 12.68 -2.43 35.63
CA ARG E 351 12.34 -3.79 36.02
C ARG E 351 13.52 -4.50 36.67
N ARG E 352 14.30 -3.75 37.44
CA ARG E 352 15.52 -4.29 38.04
C ARG E 352 15.23 -5.44 38.99
N ALA E 353 14.18 -5.31 39.80
CA ALA E 353 13.89 -6.32 40.81
C ALA E 353 13.50 -7.66 40.19
N PHE E 354 13.02 -7.65 38.96
CA PHE E 354 12.54 -8.85 38.29
C PHE E 354 13.63 -9.39 37.37
N ALA E 355 13.86 -10.70 37.43
CA ALA E 355 14.84 -11.36 36.59
C ALA E 355 16.16 -10.59 36.59
N PRO E 356 16.75 -10.36 37.78
CA PRO E 356 17.92 -9.47 37.85
C PRO E 356 19.11 -9.96 37.05
N GLY E 357 19.11 -11.22 36.61
CA GLY E 357 20.21 -11.73 35.82
C GLY E 357 20.39 -11.02 34.49
N LEU E 358 19.31 -10.42 33.98
CA LEU E 358 19.36 -9.69 32.72
C LEU E 358 18.86 -8.27 32.95
N LEU E 359 19.75 -7.30 32.72
CA LEU E 359 19.46 -5.90 32.94
C LEU E 359 18.81 -5.29 31.72
N THR E 360 17.81 -4.44 31.95
CA THR E 360 17.17 -3.66 30.89
C THR E 360 17.15 -2.19 31.31
N ALA E 361 17.58 -1.31 30.41
CA ALA E 361 17.66 0.10 30.76
C ALA E 361 17.49 0.97 29.52
N LEU E 362 16.81 2.10 29.70
CA LEU E 362 16.82 3.18 28.71
C LEU E 362 17.96 4.13 29.06
N VAL E 363 18.79 4.44 28.07
CA VAL E 363 19.94 5.31 28.25
C VAL E 363 20.03 6.25 27.05
N ARG E 364 21.02 7.15 27.10
CA ARG E 364 21.40 7.97 25.96
C ARG E 364 22.90 7.88 25.73
N ILE E 365 23.28 7.82 24.46
CA ILE E 365 24.68 7.80 24.06
C ILE E 365 24.84 8.88 22.99
N GLY E 366 25.66 9.89 23.28
CA GLY E 366 25.81 11.01 22.37
C GLY E 366 24.53 11.75 22.10
N GLY E 367 23.63 11.81 23.10
CA GLY E 367 22.33 12.42 22.94
C GLY E 367 21.28 11.54 22.32
N LYS E 368 21.66 10.36 21.84
CA LYS E 368 20.75 9.46 21.14
C LYS E 368 20.15 8.46 22.13
N ALA E 369 18.84 8.27 22.06
CA ALA E 369 18.16 7.34 22.95
C ALA E 369 18.43 5.89 22.53
N PHE E 370 18.89 5.09 23.49
CA PHE E 370 19.13 3.67 23.29
C PHE E 370 18.35 2.87 24.33
N GLY E 371 17.89 1.69 23.92
CA GLY E 371 17.49 0.65 24.84
C GLY E 371 18.65 -0.33 25.00
N VAL E 372 18.94 -0.71 26.24
CA VAL E 372 20.09 -1.56 26.56
C VAL E 372 19.59 -2.82 27.26
N ILE E 373 20.10 -3.97 26.81
CA ILE E 373 20.00 -5.22 27.54
C ILE E 373 21.41 -5.69 27.86
N ALA E 374 21.59 -6.31 29.03
CA ALA E 374 22.92 -6.70 29.47
C ALA E 374 22.82 -7.78 30.54
N ASN E 375 23.72 -8.76 30.46
CA ASN E 375 23.81 -9.79 31.48
C ASN E 375 24.53 -9.26 32.71
N ASP E 376 23.99 -9.58 33.89
CA ASP E 376 24.66 -9.26 35.13
C ASP E 376 25.44 -10.49 35.59
N PRO E 377 26.77 -10.51 35.47
CA PRO E 377 27.53 -11.71 35.86
C PRO E 377 27.43 -12.02 37.35
N ALA E 378 26.96 -11.08 38.17
CA ALA E 378 26.82 -11.31 39.60
C ALA E 378 25.62 -12.17 39.95
N VAL E 379 24.67 -12.34 39.02
CA VAL E 379 23.46 -13.11 39.26
C VAL E 379 23.50 -14.33 38.35
N LEU E 380 23.46 -15.52 38.94
CA LEU E 380 23.45 -16.77 38.18
C LEU E 380 24.61 -16.82 37.18
N GLY E 381 25.73 -16.20 37.53
CA GLY E 381 26.88 -16.17 36.65
C GLY E 381 26.63 -15.42 35.37
N GLY E 382 25.55 -14.66 35.30
CA GLY E 382 25.14 -14.00 34.08
C GLY E 382 24.38 -14.89 33.13
N ALA E 383 23.97 -16.07 33.56
CA ALA E 383 23.25 -17.00 32.71
C ALA E 383 21.84 -16.48 32.43
N ILE E 384 21.29 -16.93 31.30
CA ILE E 384 19.97 -16.49 30.84
C ILE E 384 18.98 -17.60 31.18
N ASP E 385 18.07 -17.31 32.11
CA ASP E 385 17.02 -18.23 32.48
C ASP E 385 15.70 -17.76 31.89
N ALA E 386 14.63 -18.52 32.19
CA ALA E 386 13.33 -18.24 31.59
C ALA E 386 12.88 -16.81 31.90
N ALA E 387 13.01 -16.39 33.15
CA ALA E 387 12.58 -15.06 33.54
C ALA E 387 13.41 -13.98 32.84
N GLY E 388 14.72 -14.19 32.73
CA GLY E 388 15.55 -13.25 32.00
C GLY E 388 15.17 -13.16 30.53
N ALA E 389 14.75 -14.29 29.95
CA ALA E 389 14.30 -14.29 28.56
C ALA E 389 13.01 -13.48 28.40
N ASP E 390 12.04 -13.69 29.28
CA ASP E 390 10.82 -12.87 29.25
C ASP E 390 11.15 -11.40 29.33
N LYS E 391 11.97 -11.02 30.32
CA LYS E 391 12.34 -9.62 30.50
C LYS E 391 12.99 -9.05 29.24
N ALA E 392 13.95 -9.78 28.67
CA ALA E 392 14.63 -9.30 27.48
C ALA E 392 13.68 -9.22 26.30
N ALA E 393 12.89 -10.27 26.08
CA ALA E 393 11.98 -10.29 24.94
C ALA E 393 10.99 -9.14 25.00
N ARG E 394 10.39 -8.91 26.17
CA ARG E 394 9.41 -7.84 26.28
C ARG E 394 10.06 -6.47 26.09
N PHE E 395 11.32 -6.34 26.49
CA PHE E 395 12.02 -5.06 26.32
C PHE E 395 12.36 -4.82 24.85
N LEU E 396 12.73 -5.87 24.12
CA LEU E 396 12.90 -5.73 22.67
C LEU E 396 11.59 -5.35 22.01
N ASN E 397 10.49 -5.96 22.46
CA ASN E 397 9.17 -5.56 22.00
C ASN E 397 8.97 -4.06 22.18
N LEU E 398 9.25 -3.54 23.37
CA LEU E 398 9.06 -2.12 23.64
C LEU E 398 9.89 -1.27 22.69
N CYS E 399 11.19 -1.54 22.59
CA CYS E 399 12.09 -0.69 21.82
C CYS E 399 11.76 -0.74 20.34
N ASP E 400 11.48 -1.94 19.81
CA ASP E 400 11.14 -2.06 18.39
C ASP E 400 9.81 -1.37 18.08
N THR E 401 8.84 -1.52 18.98
CA THR E 401 7.52 -0.91 18.76
C THR E 401 7.64 0.61 18.75
N HIS E 402 8.37 1.18 19.70
CA HIS E 402 8.52 2.63 19.80
C HIS E 402 9.76 3.14 19.10
N ARG E 403 10.40 2.31 18.27
CA ARG E 403 11.37 2.77 17.26
C ARG E 403 12.67 3.27 17.91
N LEU E 404 13.13 2.57 18.96
CA LEU E 404 14.43 2.90 19.55
C LEU E 404 15.49 1.90 19.12
N PRO E 405 16.73 2.35 18.88
CA PRO E 405 17.82 1.39 18.63
C PRO E 405 18.17 0.65 19.91
N VAL E 406 18.73 -0.55 19.74
CA VAL E 406 19.02 -1.44 20.86
C VAL E 406 20.52 -1.73 20.91
N LEU E 407 21.08 -1.66 22.11
CA LEU E 407 22.46 -2.05 22.38
C LEU E 407 22.46 -3.26 23.32
N SER E 408 23.31 -4.23 23.03
CA SER E 408 23.43 -5.45 23.82
C SER E 408 24.84 -5.56 24.36
N LEU E 409 24.97 -5.59 25.68
CA LEU E 409 26.25 -5.82 26.36
C LEU E 409 26.29 -7.31 26.76
N VAL E 410 27.12 -8.08 26.07
CA VAL E 410 27.13 -9.54 26.18
C VAL E 410 28.22 -9.94 27.15
N ASP E 411 27.83 -10.65 28.22
CA ASP E 411 28.75 -11.26 29.19
C ASP E 411 28.00 -12.42 29.84
N THR E 412 27.77 -13.48 29.08
CA THR E 412 26.93 -14.58 29.53
C THR E 412 27.62 -15.92 29.32
N PRO E 413 27.43 -16.87 30.23
CA PRO E 413 27.83 -18.26 29.96
C PRO E 413 26.83 -19.00 29.09
N GLY E 414 25.69 -18.39 28.79
CA GLY E 414 24.68 -19.00 27.95
C GLY E 414 23.39 -19.26 28.69
N PHE E 415 22.54 -20.12 28.13
CA PHE E 415 21.28 -20.45 28.76
C PHE E 415 21.51 -21.26 30.04
N MET E 416 20.68 -21.00 31.04
CA MET E 416 20.62 -21.87 32.21
C MET E 416 20.25 -23.28 31.79
N VAL E 417 20.72 -24.26 32.56
CA VAL E 417 20.43 -25.66 32.30
C VAL E 417 20.07 -26.37 33.60
N GLY E 418 19.62 -27.62 33.47
CA GLY E 418 19.25 -28.43 34.60
C GLY E 418 17.75 -28.67 34.66
N PRO E 419 17.32 -29.72 35.37
CA PRO E 419 15.88 -30.02 35.42
C PRO E 419 15.05 -28.91 36.03
N ALA E 420 15.58 -28.18 37.00
CA ALA E 420 14.81 -27.11 37.62
C ALA E 420 14.50 -26.01 36.61
N SER E 421 15.48 -25.65 35.78
CA SER E 421 15.26 -24.63 34.76
C SER E 421 14.24 -25.09 33.72
N GLU E 422 14.35 -26.34 33.26
CA GLU E 422 13.38 -26.85 32.30
C GLU E 422 11.97 -26.86 32.89
N ALA E 423 11.86 -27.06 34.20
CA ALA E 423 10.56 -27.04 34.85
C ALA E 423 9.98 -25.64 34.95
N GLU E 424 10.80 -24.61 34.73
CA GLU E 424 10.32 -23.24 34.60
C GLU E 424 9.90 -22.92 33.16
N GLY E 425 9.78 -23.93 32.30
CA GLY E 425 9.41 -23.69 30.92
C GLY E 425 10.51 -23.03 30.11
N ALA E 426 11.77 -23.29 30.45
CA ALA E 426 12.88 -22.58 29.83
C ALA E 426 12.86 -22.71 28.30
N VAL E 427 12.52 -23.89 27.79
CA VAL E 427 12.59 -24.12 26.34
C VAL E 427 11.70 -23.12 25.60
N ARG E 428 10.49 -22.89 26.11
CA ARG E 428 9.58 -21.95 25.45
C ARG E 428 9.98 -20.51 25.70
N HIS E 429 10.36 -20.17 26.93
CA HIS E 429 10.60 -18.77 27.28
C HIS E 429 11.81 -18.21 26.53
N VAL E 430 12.87 -19.00 26.36
CA VAL E 430 14.04 -18.52 25.64
C VAL E 430 13.81 -18.46 24.15
N SER E 431 12.89 -19.27 23.62
CA SER E 431 12.56 -19.17 22.20
C SER E 431 11.94 -17.82 21.86
N ARG E 432 11.32 -17.15 22.83
CA ARG E 432 10.80 -15.81 22.58
C ARG E 432 11.88 -14.88 22.04
N LEU E 433 13.12 -15.07 22.49
CA LEU E 433 14.22 -14.21 22.05
C LEU E 433 14.45 -14.33 20.56
N PHE E 434 14.57 -15.57 20.06
CA PHE E 434 14.78 -15.77 18.64
C PHE E 434 13.59 -15.29 17.83
N VAL E 435 12.38 -15.63 18.28
CA VAL E 435 11.18 -15.24 17.55
C VAL E 435 11.03 -13.73 17.54
N ARG E 436 11.28 -13.08 18.69
CA ARG E 436 11.19 -11.63 18.77
C ARG E 436 12.27 -10.97 17.93
N ALA E 437 13.53 -11.40 18.11
CA ALA E 437 14.64 -10.75 17.44
C ALA E 437 14.57 -10.93 15.92
N ALA E 438 13.92 -11.99 15.45
CA ALA E 438 13.83 -12.22 14.01
C ALA E 438 12.98 -11.19 13.29
N LYS E 439 12.15 -10.43 14.01
CA LYS E 439 11.24 -9.47 13.40
C LYS E 439 11.61 -8.03 13.71
N LEU E 440 12.77 -7.78 14.29
CA LEU E 440 13.17 -6.42 14.61
C LEU E 440 13.31 -5.61 13.33
N THR E 441 12.90 -4.34 13.40
CA THR E 441 13.10 -3.38 12.33
C THR E 441 13.80 -2.13 12.83
N VAL E 442 14.52 -2.24 13.94
CA VAL E 442 15.35 -1.16 14.47
C VAL E 442 16.81 -1.59 14.39
N PRO E 443 17.76 -0.66 14.43
CA PRO E 443 19.17 -1.05 14.50
C PRO E 443 19.45 -1.80 15.78
N PHE E 444 20.25 -2.85 15.68
CA PHE E 444 20.66 -3.65 16.83
C PHE E 444 22.17 -3.77 16.82
N PHE E 445 22.80 -3.36 17.93
CA PHE E 445 24.24 -3.41 18.08
C PHE E 445 24.59 -4.31 19.27
N ALA E 446 25.63 -5.12 19.11
CA ALA E 446 26.07 -6.04 20.15
C ALA E 446 27.52 -5.75 20.49
N VAL E 447 27.80 -5.61 21.79
CA VAL E 447 29.16 -5.43 22.30
C VAL E 447 29.44 -6.58 23.25
N VAL E 448 30.36 -7.46 22.87
CA VAL E 448 30.82 -8.52 23.76
C VAL E 448 31.87 -7.93 24.69
N THR E 449 31.50 -7.71 25.95
CA THR E 449 32.44 -7.17 26.93
C THR E 449 33.35 -8.24 27.50
N ARG E 450 32.88 -9.49 27.58
CA ARG E 450 33.65 -10.56 28.20
C ARG E 450 33.24 -11.92 27.64
N ARG E 451 32.33 -12.60 28.31
CA ARG E 451 31.94 -13.96 27.93
C ARG E 451 30.82 -13.94 26.89
N ALA E 452 30.85 -14.93 26.00
CA ALA E 452 29.81 -15.10 24.99
C ALA E 452 29.80 -16.57 24.59
N TYR E 453 28.96 -17.35 25.29
CA TYR E 453 28.97 -18.81 25.15
C TYR E 453 27.60 -19.32 24.75
N GLY E 454 27.57 -20.18 23.73
CA GLY E 454 26.41 -20.98 23.41
C GLY E 454 25.26 -20.23 22.75
N LEU E 455 24.13 -20.94 22.70
CA LEU E 455 22.92 -20.39 22.10
C LEU E 455 22.45 -19.13 22.83
N GLY E 456 22.62 -19.10 24.15
CA GLY E 456 22.25 -17.91 24.90
C GLY E 456 22.98 -16.68 24.39
N ALA E 457 24.27 -16.82 24.10
CA ALA E 457 25.04 -15.70 23.55
C ALA E 457 24.49 -15.30 22.19
N GLN E 458 24.18 -16.28 21.34
CA GLN E 458 23.54 -15.97 20.06
C GLN E 458 22.24 -15.22 20.27
N ALA E 459 21.46 -15.61 21.28
CA ALA E 459 20.21 -14.92 21.57
C ALA E 459 20.45 -13.50 22.03
N MET E 460 21.46 -13.28 22.88
CA MET E 460 21.77 -11.92 23.31
C MET E 460 22.12 -11.03 22.14
N ALA E 461 22.67 -11.61 21.06
CA ALA E 461 23.02 -10.88 19.85
C ALA E 461 21.90 -10.90 18.81
N ALA E 462 20.65 -11.06 19.25
CA ALA E 462 19.47 -11.02 18.39
C ALA E 462 19.43 -12.19 17.41
N GLY E 463 20.05 -13.32 17.76
CA GLY E 463 19.93 -14.54 16.97
C GLY E 463 21.26 -15.18 16.63
N SER E 464 22.27 -14.37 16.38
CA SER E 464 23.62 -14.85 16.11
C SER E 464 24.53 -13.63 16.16
N LEU E 465 25.84 -13.89 16.17
CA LEU E 465 26.78 -12.79 16.21
C LEU E 465 26.76 -11.95 14.93
N HIS E 466 26.09 -12.42 13.88
CA HIS E 466 25.98 -11.67 12.64
C HIS E 466 24.62 -11.02 12.45
N ALA E 467 23.67 -11.26 13.36
CA ALA E 467 22.36 -10.64 13.27
C ALA E 467 22.44 -9.13 13.49
N PRO E 468 23.25 -8.64 14.42
CA PRO E 468 23.33 -7.19 14.63
C PRO E 468 23.91 -6.48 13.42
N ALA E 469 23.60 -5.19 13.32
CA ALA E 469 24.24 -4.34 12.32
C ALA E 469 25.72 -4.16 12.62
N LEU E 470 26.11 -4.29 13.89
CA LEU E 470 27.50 -4.21 14.30
C LEU E 470 27.67 -5.10 15.53
N THR E 471 28.69 -5.96 15.50
CA THR E 471 29.04 -6.82 16.62
C THR E 471 30.53 -6.63 16.88
N VAL E 472 30.87 -6.11 18.05
CA VAL E 472 32.25 -5.88 18.42
C VAL E 472 32.53 -6.61 19.72
N SER E 473 33.80 -6.92 19.95
CA SER E 473 34.27 -7.55 21.17
C SER E 473 35.34 -6.68 21.81
N TRP E 474 35.31 -6.60 23.14
CA TRP E 474 36.42 -6.01 23.85
C TRP E 474 37.60 -6.99 23.83
N PRO E 475 38.81 -6.51 24.10
CA PRO E 475 39.98 -7.39 23.96
C PRO E 475 39.92 -8.64 24.83
N GLY E 476 39.23 -8.58 25.96
CA GLY E 476 39.09 -9.72 26.83
C GLY E 476 37.99 -10.68 26.47
N GLY E 477 37.41 -10.53 25.28
CA GLY E 477 36.32 -11.38 24.85
C GLY E 477 36.71 -12.84 24.75
N GLU E 478 35.94 -13.70 25.41
CA GLU E 478 36.15 -15.14 25.36
C GLU E 478 34.87 -15.81 24.89
N PHE E 479 34.98 -16.62 23.85
CA PHE E 479 33.83 -17.23 23.19
C PHE E 479 33.94 -18.75 23.26
N GLY E 480 32.83 -19.41 22.95
CA GLY E 480 32.80 -20.86 22.90
C GLY E 480 31.40 -21.41 23.04
N PRO E 481 31.28 -22.74 23.20
CA PRO E 481 30.00 -23.33 23.57
C PRO E 481 29.91 -23.63 25.06
N MET E 482 28.82 -24.28 25.47
CA MET E 482 28.57 -24.78 26.83
C MET E 482 29.48 -24.20 27.91
N GLY E 483 30.80 -24.31 27.74
CA GLY E 483 31.75 -23.95 28.78
C GLY E 483 33.02 -24.78 28.67
N LEU E 484 34.17 -24.12 28.68
CA LEU E 484 35.38 -24.77 28.16
C LEU E 484 35.93 -25.82 29.12
N GLU E 485 35.87 -25.57 30.43
CA GLU E 485 36.42 -26.54 31.36
C GLU E 485 35.65 -27.85 31.31
N GLY E 486 34.32 -27.78 31.34
CA GLY E 486 33.52 -29.00 31.25
C GLY E 486 33.64 -29.66 29.89
N ALA E 487 33.79 -28.86 28.83
CA ALA E 487 33.85 -29.42 27.49
C ALA E 487 35.03 -30.35 27.32
N VAL E 488 36.22 -29.91 27.76
CA VAL E 488 37.42 -30.74 27.61
C VAL E 488 37.28 -32.01 28.45
N ARG E 489 36.84 -31.87 29.70
CA ARG E 489 36.70 -33.03 30.58
C ARG E 489 35.70 -34.03 30.02
N LEU E 490 34.57 -33.53 29.52
CA LEU E 490 33.57 -34.44 28.96
C LEU E 490 34.06 -35.10 27.66
N GLY E 491 34.87 -34.40 26.86
CA GLY E 491 35.31 -34.99 25.61
C GLY E 491 36.38 -36.05 25.80
N TYR E 492 37.26 -35.85 26.78
CA TYR E 492 38.40 -36.75 26.96
C TYR E 492 38.32 -37.55 28.27
N GLU E 506 46.62 -34.74 34.58
CA GLU E 506 46.18 -33.39 34.93
C GLU E 506 46.88 -32.35 34.05
N ALA E 507 48.13 -32.64 33.68
CA ALA E 507 48.88 -31.71 32.84
C ALA E 507 48.33 -31.65 31.43
N LEU E 508 47.83 -32.79 30.91
CA LEU E 508 47.22 -32.79 29.59
C LEU E 508 45.87 -32.06 29.62
N TYR E 509 45.14 -32.18 30.72
CA TYR E 509 43.88 -31.44 30.86
C TYR E 509 44.13 -29.94 30.82
N GLN E 510 45.12 -29.46 31.59
CA GLN E 510 45.45 -28.04 31.56
C GLN E 510 45.94 -27.61 30.18
N LYS E 511 46.50 -28.54 29.41
CA LYS E 511 46.90 -28.24 28.05
C LYS E 511 45.68 -28.10 27.14
N LEU E 512 44.74 -29.04 27.24
CA LEU E 512 43.55 -29.01 26.38
C LEU E 512 42.63 -27.84 26.73
N VAL E 513 42.52 -27.49 28.01
CA VAL E 513 41.72 -26.33 28.40
C VAL E 513 42.31 -25.05 27.82
N ALA E 514 43.64 -24.90 27.92
CA ALA E 514 44.29 -23.69 27.42
C ALA E 514 44.17 -23.59 25.91
N GLN E 515 44.21 -24.71 25.20
CA GLN E 515 44.01 -24.69 23.76
C GLN E 515 42.60 -24.26 23.40
N ALA E 516 41.61 -24.72 24.17
CA ALA E 516 40.22 -24.35 23.90
C ALA E 516 39.99 -22.87 24.18
N TYR E 517 40.60 -22.34 25.25
CA TYR E 517 40.47 -20.91 25.54
C TYR E 517 41.17 -20.08 24.47
N ALA E 518 42.31 -20.57 23.97
CA ALA E 518 43.00 -19.87 22.89
C ALA E 518 42.16 -19.86 21.62
N GLN E 519 41.44 -20.95 21.36
CA GLN E 519 40.54 -21.00 20.22
C GLN E 519 39.39 -20.02 20.37
N GLY E 520 38.99 -19.72 21.60
CA GLY E 520 37.91 -18.80 21.88
C GLY E 520 38.34 -17.38 22.15
N GLU E 521 39.63 -17.07 22.03
CA GLU E 521 40.10 -15.71 22.26
C GLU E 521 39.46 -14.75 21.26
N ALA E 522 39.23 -13.52 21.72
CA ALA E 522 38.61 -12.50 20.89
C ALA E 522 39.30 -12.39 19.53
N VAL E 523 40.63 -12.35 19.52
CA VAL E 523 41.37 -12.12 18.28
C VAL E 523 41.10 -13.24 17.28
N ASN E 524 41.09 -14.49 17.76
CA ASN E 524 40.87 -15.62 16.86
C ASN E 524 39.42 -15.69 16.40
N VAL E 525 38.49 -15.31 17.27
CA VAL E 525 37.08 -15.24 16.89
C VAL E 525 36.85 -14.14 15.85
N ALA E 526 37.48 -12.98 16.05
CA ALA E 526 37.38 -11.91 15.06
C ALA E 526 38.06 -12.32 13.76
N ALA E 527 39.19 -13.02 13.85
CA ALA E 527 39.88 -13.49 12.65
C ALA E 527 39.00 -14.43 11.84
N HIS E 528 38.14 -15.20 12.51
CA HIS E 528 37.16 -16.04 11.84
C HIS E 528 35.86 -15.29 11.54
N LEU E 529 35.85 -13.97 11.69
CA LEU E 529 34.77 -13.10 11.24
C LEU E 529 33.49 -13.24 12.04
N GLU E 530 33.52 -13.91 13.19
CA GLU E 530 32.29 -14.06 13.96
C GLU E 530 31.87 -12.74 14.58
N VAL E 531 32.83 -11.85 14.84
CA VAL E 531 32.53 -10.48 15.21
C VAL E 531 33.17 -9.57 14.17
N ASP E 532 32.62 -8.36 14.05
CA ASP E 532 33.10 -7.43 13.03
C ASP E 532 34.46 -6.86 13.40
N ALA E 533 34.73 -6.67 14.69
CA ALA E 533 36.01 -6.12 15.11
C ALA E 533 36.19 -6.32 16.60
N VAL E 534 37.46 -6.37 17.01
CA VAL E 534 37.85 -6.21 18.40
C VAL E 534 38.26 -4.75 18.57
N ILE E 535 37.71 -4.08 19.59
CA ILE E 535 37.90 -2.65 19.75
C ILE E 535 38.42 -2.33 21.13
N ASP E 536 39.08 -1.19 21.22
CA ASP E 536 39.40 -0.58 22.50
C ASP E 536 38.11 -0.22 23.23
N PRO E 537 37.91 -0.68 24.47
CA PRO E 537 36.67 -0.32 25.18
C PRO E 537 36.40 1.17 25.21
N ALA E 538 37.44 2.01 25.23
CA ALA E 538 37.26 3.45 25.28
C ALA E 538 36.68 4.01 23.99
N GLU E 539 36.72 3.23 22.90
CA GLU E 539 36.19 3.64 21.62
C GLU E 539 34.79 3.10 21.36
N THR E 540 34.16 2.49 22.38
CA THR E 540 32.86 1.86 22.19
C THR E 540 31.81 2.86 21.72
N ARG E 541 31.66 3.98 22.44
CA ARG E 541 30.67 4.99 22.07
C ARG E 541 30.84 5.43 20.62
N ASN E 542 32.09 5.65 20.20
CA ASN E 542 32.35 6.12 18.85
C ASN E 542 31.89 5.10 17.81
N TRP E 543 32.23 3.82 18.01
CA TRP E 543 31.84 2.78 17.06
C TRP E 543 30.32 2.68 16.96
N LEU E 544 29.61 2.76 18.09
CA LEU E 544 28.16 2.69 18.08
C LEU E 544 27.56 3.90 17.37
N LEU E 545 28.03 5.10 17.72
CA LEU E 545 27.46 6.31 17.15
C LEU E 545 27.76 6.41 15.66
N ARG E 546 28.96 6.01 15.24
CA ARG E 546 29.25 5.96 13.82
C ARG E 546 28.31 4.99 13.11
N ALA E 547 28.04 3.84 13.76
CA ALA E 547 27.16 2.84 13.14
C ALA E 547 25.73 3.33 13.07
N LEU E 548 25.20 3.88 14.17
CA LEU E 548 23.83 4.35 14.17
C LEU E 548 23.62 5.46 13.15
N ARG E 549 24.63 6.34 13.00
CA ARG E 549 24.51 7.45 12.05
C ARG E 549 24.23 6.98 10.63
N VAL E 550 24.68 5.78 10.27
CA VAL E 550 24.45 5.24 8.93
C VAL E 550 23.49 4.06 9.02
N SER E 551 22.56 4.11 9.98
CA SER E 551 21.56 3.06 10.18
C SER E 551 20.16 3.64 10.07
N PRO E 552 19.77 4.06 8.87
CA PRO E 552 18.43 4.63 8.70
C PRO E 552 17.34 3.57 8.83
N TYR E 553 16.22 3.97 9.42
CA TYR E 553 15.07 3.10 9.56
C TYR E 553 13.83 3.97 9.76
N SER E 554 12.67 3.36 9.55
CA SER E 554 11.42 4.12 9.63
C SER E 554 11.10 4.46 11.08
N ALA E 555 10.73 5.72 11.31
CA ALA E 555 10.26 6.18 12.60
C ALA E 555 8.77 5.93 12.80
N GLN E 556 8.09 5.41 11.78
CA GLN E 556 6.67 5.12 11.87
C GLN E 556 6.43 3.86 12.69
N ARG E 557 5.36 3.89 13.49
CA ARG E 557 4.96 2.73 14.26
C ARG E 557 4.14 1.78 13.39
N ARG E 558 4.27 0.49 13.66
CA ARG E 558 3.59 -0.53 12.86
C ARG E 558 2.10 -0.52 13.17
N GLU E 559 1.29 -0.57 12.12
CA GLU E 559 -0.15 -0.65 12.28
C GLU E 559 -0.55 -2.00 12.87
N GLY E 560 -1.45 -1.97 13.85
CA GLY E 560 -1.86 -3.19 14.50
C GLY E 560 -0.80 -3.82 15.38
N GLY E 561 0.26 -3.09 15.70
CA GLY E 561 1.27 -3.60 16.60
C GLY E 561 0.88 -3.39 18.06
N LEU E 562 1.63 -4.03 18.95
CA LEU E 562 1.31 -3.97 20.36
C LEU E 562 2.56 -4.22 21.18
N VAL E 563 2.50 -3.81 22.45
CA VAL E 563 3.52 -4.12 23.44
C VAL E 563 2.91 -5.15 24.38
N ASP E 564 3.38 -6.39 24.29
CA ASP E 564 2.86 -7.46 25.10
C ASP E 564 3.12 -7.18 26.58
N PRO E 565 2.10 -7.18 27.45
CA PRO E 565 2.35 -6.95 28.88
C PRO E 565 3.30 -7.95 29.51
N TRP E 566 3.58 -9.08 28.85
CA TRP E 566 4.56 -10.03 29.35
C TRP E 566 5.50 -10.48 28.24
N ASP F 48 49.08 3.88 34.10
CA ASP F 48 47.72 3.40 34.34
C ASP F 48 46.72 4.52 34.03
N LEU F 49 45.81 4.23 33.09
CA LEU F 49 44.81 5.17 32.57
C LEU F 49 45.41 5.97 31.43
N ASP F 50 46.70 6.31 31.54
CA ASP F 50 47.48 6.71 30.39
C ASP F 50 48.19 5.53 29.74
N ALA F 51 47.79 4.31 30.10
CA ALA F 51 48.37 3.09 29.58
C ALA F 51 47.26 2.14 29.15
N LEU F 52 47.65 1.02 28.55
CA LEU F 52 46.74 -0.01 28.11
C LEU F 52 46.97 -1.29 28.93
N PRO F 53 45.91 -2.05 29.22
CA PRO F 53 46.12 -3.35 29.86
C PRO F 53 47.09 -4.21 29.06
N ALA F 54 47.96 -4.93 29.78
CA ALA F 54 48.96 -5.75 29.12
C ALA F 54 48.34 -6.84 28.26
N SER F 55 47.11 -7.26 28.56
CA SER F 55 46.45 -8.29 27.78
C SER F 55 46.06 -7.81 26.38
N TYR F 56 46.07 -6.50 26.13
CA TYR F 56 45.81 -5.99 24.79
C TYR F 56 46.96 -6.25 23.83
N ALA F 57 48.08 -6.80 24.31
CA ALA F 57 49.30 -6.82 23.53
C ALA F 57 49.15 -7.67 22.27
N ASP F 58 48.61 -8.88 22.41
CA ASP F 58 48.45 -9.75 21.26
C ASP F 58 47.54 -9.11 20.22
N TRP F 59 46.43 -8.53 20.66
CA TRP F 59 45.52 -7.86 19.75
C TRP F 59 46.22 -6.71 19.01
N GLN F 60 46.97 -5.89 19.74
CA GLN F 60 47.69 -4.79 19.11
C GLN F 60 48.72 -5.30 18.12
N ARG F 61 49.40 -6.41 18.44
CA ARG F 61 50.38 -6.96 17.53
C ARG F 61 49.73 -7.45 16.24
N ARG F 62 48.66 -8.24 16.36
CA ARG F 62 47.95 -8.70 15.17
C ARG F 62 47.43 -7.52 14.36
N LEU F 63 47.07 -6.43 15.03
CA LEU F 63 46.53 -5.27 14.33
C LEU F 63 47.62 -4.50 13.60
N ARG F 64 48.82 -4.42 14.20
CA ARG F 64 49.94 -3.76 13.53
C ARG F 64 50.28 -4.44 12.21
N ALA F 65 50.14 -5.76 12.16
CA ALA F 65 50.53 -6.51 10.96
C ALA F 65 49.71 -6.14 9.74
N THR F 66 48.54 -5.53 9.93
CA THR F 66 47.70 -5.12 8.82
C THR F 66 48.06 -3.74 8.28
N THR F 67 48.87 -2.98 9.00
CA THR F 67 49.19 -1.62 8.60
C THR F 67 50.23 -1.60 7.49
N ASP F 68 50.21 -0.54 6.70
CA ASP F 68 51.25 -0.34 5.69
C ASP F 68 52.62 -0.18 6.35
N GLU F 69 52.67 0.48 7.51
CA GLU F 69 53.94 0.73 8.18
C GLU F 69 54.67 -0.58 8.50
N ALA F 70 53.92 -1.60 8.90
CA ALA F 70 54.51 -2.88 9.28
C ALA F 70 54.88 -3.75 8.08
N ARG F 71 54.68 -3.25 6.86
CA ARG F 71 54.95 -4.03 5.65
C ARG F 71 55.69 -3.16 4.65
N PRO F 72 56.93 -2.77 4.97
CA PRO F 72 57.65 -1.84 4.09
C PRO F 72 57.88 -2.38 2.69
N ALA F 73 58.20 -3.66 2.56
CA ALA F 73 58.49 -4.23 1.25
C ALA F 73 57.31 -4.08 0.31
N ALA F 74 56.12 -4.44 0.78
CA ALA F 74 54.93 -4.33 -0.06
C ALA F 74 54.63 -2.88 -0.42
N VAL F 75 54.79 -1.97 0.55
CA VAL F 75 54.53 -0.55 0.28
C VAL F 75 55.52 -0.01 -0.75
N GLU F 76 56.80 -0.38 -0.62
CA GLU F 76 57.82 0.14 -1.53
C GLU F 76 57.54 -0.28 -2.97
N LYS F 77 57.35 -1.58 -3.19
CA LYS F 77 56.99 -2.07 -4.53
C LYS F 77 55.77 -1.33 -5.06
N ARG F 78 54.82 -1.04 -4.18
CA ARG F 78 53.60 -0.37 -4.59
C ARG F 78 53.90 1.08 -4.98
N HIS F 79 54.58 1.82 -4.11
CA HIS F 79 54.90 3.21 -4.39
C HIS F 79 55.91 3.34 -5.53
N ALA F 80 56.81 2.37 -5.67
CA ALA F 80 57.78 2.42 -6.76
C ALA F 80 57.08 2.41 -8.11
N ALA F 81 55.96 1.70 -8.22
CA ALA F 81 55.22 1.61 -9.48
C ALA F 81 54.23 2.75 -9.66
N GLY F 82 54.25 3.75 -8.79
CA GLY F 82 53.32 4.86 -8.90
C GLY F 82 51.89 4.52 -8.53
N LYS F 83 51.70 3.51 -7.69
CA LYS F 83 50.38 3.03 -7.32
C LYS F 83 50.12 3.26 -5.84
N LEU F 84 48.85 3.16 -5.46
CA LEU F 84 48.41 3.26 -4.07
C LEU F 84 48.14 1.87 -3.51
N THR F 85 48.34 1.73 -2.20
CA THR F 85 47.97 0.50 -1.51
C THR F 85 46.47 0.48 -1.26
N ALA F 86 45.98 -0.70 -0.88
CA ALA F 86 44.57 -0.81 -0.50
C ALA F 86 44.27 0.08 0.69
N ARG F 87 45.16 0.12 1.68
CA ARG F 87 44.97 1.01 2.82
C ARG F 87 44.94 2.47 2.38
N GLU F 88 45.83 2.84 1.46
CA GLU F 88 45.89 4.23 1.01
C GLU F 88 44.63 4.63 0.26
N ASN F 89 44.03 3.69 -0.48
CA ASN F 89 42.79 3.99 -1.17
C ASN F 89 41.67 4.30 -0.18
N VAL F 90 41.57 3.54 0.90
CA VAL F 90 40.51 3.79 1.88
C VAL F 90 40.72 5.14 2.55
N ALA F 91 41.95 5.46 2.92
CA ALA F 91 42.23 6.74 3.57
C ALA F 91 41.95 7.90 2.63
N ALA F 92 42.28 7.74 1.35
CA ALA F 92 42.07 8.81 0.38
C ALA F 92 40.60 8.98 0.04
N LEU F 93 39.82 7.91 0.12
CA LEU F 93 38.39 7.97 -0.19
C LEU F 93 37.60 8.51 0.99
N LEU F 94 37.82 7.94 2.18
CA LEU F 94 36.98 8.19 3.34
C LEU F 94 37.55 9.29 4.22
N ASP F 95 36.65 10.02 4.88
CA ASP F 95 37.05 11.07 5.80
C ASP F 95 37.74 10.48 7.03
N ALA F 96 38.76 11.17 7.52
CA ALA F 96 39.55 10.66 8.62
C ALA F 96 38.69 10.45 9.85
N GLY F 97 38.85 9.28 10.48
CA GLY F 97 38.16 8.97 11.72
C GLY F 97 36.77 8.41 11.56
N SER F 98 36.27 8.25 10.33
CA SER F 98 34.91 7.80 10.11
C SER F 98 34.80 6.30 9.89
N PHE F 99 35.92 5.58 9.79
CA PHE F 99 35.91 4.21 9.29
C PHE F 99 35.64 3.23 10.42
N ASN F 100 34.55 2.47 10.29
CA ASN F 100 34.32 1.27 11.09
C ASN F 100 34.74 0.07 10.24
N GLU F 101 35.88 -0.53 10.58
CA GLU F 101 36.41 -1.65 9.79
C GLU F 101 35.88 -2.97 10.30
N HIS F 102 35.40 -3.80 9.36
CA HIS F 102 34.90 -5.13 9.65
C HIS F 102 35.93 -6.15 9.15
N GLY F 103 36.39 -7.02 10.04
CA GLY F 103 37.24 -8.13 9.63
C GLY F 103 38.69 -7.79 9.43
N ALA F 104 39.20 -6.78 10.11
CA ALA F 104 40.60 -6.41 9.94
C ALA F 104 41.54 -7.56 10.29
N LEU F 105 41.21 -8.32 11.33
CA LEU F 105 42.09 -9.38 11.82
C LEU F 105 41.97 -10.67 11.05
N ALA F 106 41.22 -10.70 9.94
CA ALA F 106 41.05 -11.92 9.18
C ALA F 106 42.38 -12.36 8.57
N LEU F 107 42.52 -13.67 8.40
CA LEU F 107 43.70 -14.27 7.76
C LEU F 107 43.24 -15.34 6.77
N ALA F 108 44.19 -15.77 5.93
CA ALA F 108 43.87 -16.75 4.91
C ALA F 108 43.47 -18.08 5.53
N ALA F 109 42.60 -18.80 4.82
CA ALA F 109 42.11 -20.11 5.27
C ALA F 109 43.13 -21.20 4.94
N GLN F 110 44.34 -21.01 5.46
CA GLN F 110 45.45 -21.93 5.23
C GLN F 110 46.17 -22.25 6.53
N ARG F 111 45.43 -22.29 7.64
CA ARG F 111 46.02 -22.57 8.94
C ARG F 111 46.58 -23.98 9.05
N GLY F 112 46.13 -24.89 8.19
CA GLY F 112 46.63 -26.26 8.25
C GLY F 112 48.02 -26.43 7.67
N ARG F 113 48.41 -25.54 6.75
CA ARG F 113 49.69 -25.64 6.07
C ARG F 113 50.69 -24.57 6.47
N ARG F 114 50.28 -23.56 7.24
CA ARG F 114 51.15 -22.45 7.55
C ARG F 114 51.04 -22.09 9.02
N SER F 115 52.14 -21.56 9.54
CA SER F 115 52.17 -21.05 10.91
C SER F 115 51.31 -19.79 11.01
N GLU F 116 50.86 -19.48 12.23
CA GLU F 116 50.08 -18.27 12.44
C GLU F 116 50.92 -17.03 12.23
N GLU F 117 52.21 -17.10 12.59
CA GLU F 117 53.13 -15.99 12.31
C GLU F 117 53.38 -15.86 10.82
N GLU F 118 53.31 -16.98 10.09
CA GLU F 118 53.47 -16.96 8.64
C GLU F 118 52.21 -16.44 7.95
N LEU F 119 51.04 -16.84 8.41
CA LEU F 119 49.79 -16.31 7.86
C LEU F 119 49.70 -14.80 8.08
N LEU F 120 50.12 -14.35 9.26
CA LEU F 120 50.08 -12.92 9.57
C LEU F 120 50.92 -12.13 8.58
N ALA F 121 52.03 -12.70 8.11
CA ALA F 121 52.85 -12.06 7.10
C ALA F 121 52.27 -12.28 5.70
N LEU F 122 51.59 -13.40 5.48
CA LEU F 122 51.11 -13.75 4.15
C LEU F 122 49.80 -13.06 3.81
N SER F 123 48.88 -12.93 4.76
CA SER F 123 47.49 -12.57 4.47
C SER F 123 46.90 -11.66 5.54
N PRO F 124 47.40 -10.44 5.67
CA PRO F 124 46.74 -9.46 6.54
C PRO F 124 45.40 -9.02 5.95
N ALA F 125 44.37 -9.01 6.80
CA ALA F 125 43.00 -8.73 6.39
C ALA F 125 42.52 -9.70 5.32
N ASP F 126 43.25 -10.80 5.12
CA ASP F 126 43.01 -11.73 4.02
C ASP F 126 42.91 -11.02 2.67
N GLY F 127 43.63 -9.92 2.53
CA GLY F 127 43.74 -9.24 1.24
C GLY F 127 42.57 -8.38 0.86
N LEU F 128 41.67 -8.07 1.79
CA LEU F 128 40.50 -7.25 1.48
C LEU F 128 40.14 -6.40 2.68
N ILE F 129 40.10 -5.08 2.48
CA ILE F 129 39.67 -4.16 3.51
C ILE F 129 38.17 -3.90 3.31
N THR F 130 37.37 -4.18 4.33
CA THR F 130 35.94 -3.93 4.29
C THR F 130 35.52 -3.11 5.50
N GLY F 131 34.67 -2.12 5.25
CA GLY F 131 34.13 -1.32 6.33
C GLY F 131 33.26 -0.22 5.78
N VAL F 132 32.82 0.66 6.67
CA VAL F 132 31.96 1.77 6.30
C VAL F 132 32.48 3.04 6.96
N GLY F 133 32.50 4.12 6.20
CA GLY F 133 32.88 5.42 6.73
C GLY F 133 32.02 6.51 6.12
N THR F 134 32.58 7.71 5.96
CA THR F 134 31.90 8.80 5.29
C THR F 134 32.78 9.33 4.17
N VAL F 135 32.14 9.81 3.11
CA VAL F 135 32.82 10.39 1.96
C VAL F 135 32.23 11.76 1.71
N ASN F 136 33.10 12.76 1.53
CA ASN F 136 32.67 14.13 1.25
C ASN F 136 31.73 14.66 2.34
N ALA F 137 31.93 14.21 3.58
CA ALA F 137 31.09 14.68 4.68
C ALA F 137 31.27 16.17 4.93
N GLY F 138 32.41 16.74 4.53
CA GLY F 138 32.58 18.17 4.67
C GLY F 138 31.52 18.97 3.92
N GLN F 139 31.17 18.50 2.72
CA GLN F 139 30.16 19.18 1.90
C GLN F 139 28.77 18.61 2.10
N PHE F 140 28.64 17.31 2.43
CA PHE F 140 27.36 16.63 2.52
C PHE F 140 27.27 15.88 3.86
N PRO F 141 27.22 16.61 4.97
CA PRO F 141 27.25 15.95 6.29
C PRO F 141 26.10 14.98 6.53
N ASP F 142 24.94 15.18 5.89
CA ASP F 142 23.76 14.37 6.17
C ASP F 142 23.56 13.23 5.18
N THR F 143 24.43 13.09 4.17
CA THR F 143 24.30 12.07 3.15
C THR F 143 25.67 11.52 2.75
N ALA F 144 26.53 11.28 3.74
CA ALA F 144 27.94 10.98 3.50
C ALA F 144 28.28 9.51 3.66
N ALA F 145 27.33 8.65 4.04
CA ALA F 145 27.61 7.24 4.23
C ALA F 145 28.30 6.66 3.01
N CYS F 146 29.34 5.85 3.25
CA CYS F 146 30.05 5.20 2.15
C CYS F 146 30.73 3.94 2.64
N ALA F 147 30.32 2.79 2.10
CA ALA F 147 31.02 1.54 2.30
C ALA F 147 32.15 1.40 1.30
N VAL F 148 33.20 0.67 1.68
CA VAL F 148 34.36 0.44 0.84
C VAL F 148 34.78 -1.01 0.92
N ALA F 149 35.13 -1.59 -0.23
CA ALA F 149 35.76 -2.90 -0.31
C ALA F 149 36.98 -2.79 -1.23
N ALA F 150 38.17 -2.83 -0.64
CA ALA F 150 39.41 -2.59 -1.37
C ALA F 150 40.30 -3.81 -1.29
N TYR F 151 40.46 -4.50 -2.42
CA TYR F 151 41.38 -5.63 -2.47
C TYR F 151 42.82 -5.15 -2.38
N ASP F 152 43.64 -5.92 -1.67
CA ASP F 152 45.07 -5.61 -1.50
C ASP F 152 45.86 -6.58 -2.37
N TYR F 153 46.37 -6.08 -3.50
CA TYR F 153 47.06 -6.94 -4.45
C TYR F 153 48.37 -7.48 -3.92
N THR F 154 48.98 -6.80 -2.93
CA THR F 154 50.19 -7.33 -2.30
C THR F 154 49.91 -8.54 -1.42
N VAL F 155 48.64 -8.88 -1.21
CA VAL F 155 48.25 -10.04 -0.44
C VAL F 155 47.69 -11.06 -1.42
N LEU F 156 48.50 -12.04 -1.79
CA LEU F 156 48.03 -13.17 -2.59
C LEU F 156 47.37 -12.69 -3.89
N ALA F 157 47.99 -11.70 -4.54
CA ALA F 157 47.55 -11.22 -5.84
C ALA F 157 46.12 -10.72 -5.81
N GLY F 158 45.67 -10.21 -4.66
CA GLY F 158 44.30 -9.72 -4.54
C GLY F 158 43.25 -10.74 -4.90
N THR F 159 43.56 -12.03 -4.74
CA THR F 159 42.63 -13.08 -5.09
C THR F 159 41.48 -13.16 -4.08
N GLN F 160 40.39 -13.79 -4.50
CA GLN F 160 39.18 -13.91 -3.70
C GLN F 160 39.20 -15.25 -2.97
N GLY F 161 39.41 -15.20 -1.66
CA GLY F 161 39.54 -16.39 -0.84
C GLY F 161 38.30 -16.64 0.00
N TYR F 162 38.41 -17.69 0.82
CA TYR F 162 37.27 -18.08 1.65
C TYR F 162 36.86 -16.96 2.59
N PHE F 163 37.82 -16.43 3.35
CA PHE F 163 37.46 -15.46 4.39
C PHE F 163 37.07 -14.12 3.79
N ASN F 164 37.85 -13.61 2.83
CA ASN F 164 37.51 -12.31 2.26
C ASN F 164 36.25 -12.38 1.39
N HIS F 165 35.83 -13.58 0.98
CA HIS F 165 34.51 -13.75 0.39
C HIS F 165 33.42 -13.46 1.42
N HIS F 166 33.53 -14.06 2.60
CA HIS F 166 32.56 -13.81 3.67
C HIS F 166 32.63 -12.37 4.14
N LYS F 167 33.82 -11.78 4.17
CA LYS F 167 33.94 -10.36 4.52
C LYS F 167 33.11 -9.51 3.58
N LEU F 168 33.23 -9.76 2.27
CA LEU F 168 32.48 -9.00 1.29
C LEU F 168 30.99 -9.31 1.36
N ASP F 169 30.64 -10.57 1.66
CA ASP F 169 29.23 -10.93 1.81
C ASP F 169 28.57 -10.12 2.92
N ARG F 170 29.26 -9.97 4.05
CA ARG F 170 28.66 -9.25 5.17
C ARG F 170 28.52 -7.76 4.85
N LEU F 171 29.50 -7.20 4.13
CA LEU F 171 29.40 -5.79 3.77
C LEU F 171 28.27 -5.56 2.78
N ILE F 172 28.05 -6.51 1.86
CA ILE F 172 26.95 -6.40 0.91
C ILE F 172 25.62 -6.42 1.64
N ALA F 173 25.45 -7.38 2.55
CA ALA F 173 24.19 -7.49 3.28
C ALA F 173 23.93 -6.23 4.10
N LEU F 174 24.95 -5.69 4.75
CA LEU F 174 24.79 -4.45 5.51
C LEU F 174 24.50 -3.27 4.60
N ALA F 175 25.21 -3.17 3.47
CA ALA F 175 25.00 -2.06 2.55
C ALA F 175 23.59 -2.09 1.97
N GLY F 176 23.06 -3.29 1.70
CA GLY F 176 21.73 -3.38 1.12
C GLY F 176 20.63 -3.07 2.14
N GLN F 177 20.85 -3.46 3.39
CA GLN F 177 19.86 -3.21 4.43
C GLN F 177 19.86 -1.75 4.85
N TRP F 178 21.04 -1.17 5.05
CA TRP F 178 21.18 0.18 5.56
C TRP F 178 21.46 1.20 4.45
N LYS F 179 21.46 0.76 3.19
CA LYS F 179 21.54 1.66 2.04
C LYS F 179 22.85 2.45 2.02
N TRP F 180 23.96 1.71 2.11
CA TRP F 180 25.28 2.31 1.99
C TRP F 180 25.73 2.32 0.53
N PRO F 181 26.14 3.46 -0.02
CA PRO F 181 26.90 3.40 -1.28
C PRO F 181 28.15 2.57 -1.10
N LEU F 182 28.57 1.90 -2.17
CA LEU F 182 29.66 0.94 -2.09
C LEU F 182 30.69 1.27 -3.16
N VAL F 183 31.94 1.46 -2.74
CA VAL F 183 33.07 1.67 -3.65
C VAL F 183 33.92 0.40 -3.62
N LEU F 184 34.15 -0.19 -4.78
CA LEU F 184 34.92 -1.42 -4.91
C LEU F 184 36.22 -1.12 -5.66
N PHE F 185 37.35 -1.37 -5.00
CA PHE F 185 38.65 -1.39 -5.66
C PHE F 185 38.94 -2.85 -6.00
N ALA F 186 38.71 -3.21 -7.26
CA ALA F 186 38.54 -4.60 -7.67
C ALA F 186 39.85 -5.29 -8.08
N GLU F 187 40.98 -4.61 -8.02
CA GLU F 187 42.25 -5.21 -8.44
C GLU F 187 42.44 -6.59 -7.82
N GLY F 188 42.66 -7.59 -8.65
CA GLY F 188 42.88 -8.93 -8.17
C GLY F 188 42.74 -9.96 -9.26
N GLY F 189 43.22 -11.17 -8.96
CA GLY F 189 43.30 -12.24 -9.94
C GLY F 189 42.19 -13.27 -9.85
N GLY F 190 41.11 -12.96 -9.15
CA GLY F 190 39.97 -13.86 -9.09
C GLY F 190 40.03 -14.85 -7.94
N GLY F 191 39.33 -15.96 -8.13
CA GLY F 191 39.24 -16.97 -7.09
C GLY F 191 40.61 -17.48 -6.67
N ARG F 192 40.79 -17.69 -5.37
CA ARG F 192 42.05 -18.11 -4.79
C ARG F 192 42.14 -19.63 -4.75
N PRO F 193 43.24 -20.26 -5.21
CA PRO F 193 43.29 -21.73 -5.23
C PRO F 193 43.75 -22.38 -3.92
N GLY F 194 44.49 -21.65 -3.09
CA GLY F 194 45.16 -22.27 -1.96
C GLY F 194 44.42 -22.35 -0.63
N ASP F 195 43.09 -22.13 -0.61
CA ASP F 195 42.34 -22.14 0.65
C ASP F 195 41.86 -23.56 0.95
N THR F 196 42.74 -24.34 1.58
CA THR F 196 42.48 -25.76 1.82
C THR F 196 41.70 -26.02 3.10
N ASP F 197 41.65 -25.07 4.04
CA ASP F 197 41.07 -25.37 5.36
C ASP F 197 39.60 -25.74 5.27
N MET F 198 38.89 -25.28 4.25
CA MET F 198 37.44 -25.43 4.24
C MET F 198 37.00 -26.52 3.28
N PRO F 199 36.04 -27.35 3.67
CA PRO F 199 35.62 -28.46 2.79
C PRO F 199 34.85 -27.93 1.59
N VAL F 200 35.16 -28.45 0.41
CA VAL F 200 34.56 -27.92 -0.81
C VAL F 200 34.46 -29.02 -1.86
N ALA F 201 33.48 -28.86 -2.75
CA ALA F 201 33.34 -29.70 -3.93
C ALA F 201 33.69 -28.89 -5.18
N ALA F 202 32.77 -28.04 -5.63
CA ALA F 202 32.98 -27.18 -6.78
C ALA F 202 32.98 -25.69 -6.46
N ALA F 203 32.39 -25.28 -5.33
CA ALA F 203 32.42 -23.90 -4.87
C ALA F 203 31.62 -22.96 -5.78
N LEU F 204 30.48 -23.43 -6.28
CA LEU F 204 29.63 -22.62 -7.14
C LEU F 204 28.36 -22.17 -6.44
N VAL F 205 28.31 -22.27 -5.10
CA VAL F 205 27.19 -21.77 -4.31
C VAL F 205 27.46 -20.39 -3.73
N THR F 206 28.70 -19.91 -3.79
CA THR F 206 29.07 -18.63 -3.24
C THR F 206 28.12 -17.54 -3.76
N PRO F 207 27.36 -16.87 -2.89
CA PRO F 207 26.38 -15.87 -3.35
C PRO F 207 26.96 -14.48 -3.56
N THR F 208 28.26 -14.31 -3.38
CA THR F 208 28.86 -12.97 -3.37
C THR F 208 28.50 -12.18 -4.62
N PHE F 209 28.57 -12.81 -5.79
CA PHE F 209 28.38 -12.07 -7.05
C PHE F 209 26.91 -11.73 -7.27
N LEU F 210 26.01 -12.64 -6.88
CA LEU F 210 24.58 -12.35 -6.98
C LEU F 210 24.18 -11.22 -6.03
N ASN F 211 24.63 -11.31 -4.77
CA ASN F 211 24.23 -10.31 -3.78
C ASN F 211 24.80 -8.94 -4.11
N PHE F 212 26.05 -8.91 -4.60
CA PHE F 212 26.63 -7.64 -5.04
C PHE F 212 25.87 -7.06 -6.21
N ALA F 213 25.49 -7.91 -7.17
CA ALA F 213 24.70 -7.44 -8.30
C ALA F 213 23.33 -6.95 -7.85
N ALA F 214 22.80 -7.51 -6.76
CA ALA F 214 21.50 -7.11 -6.25
C ALA F 214 21.51 -5.70 -5.69
N LEU F 215 22.68 -5.19 -5.30
CA LEU F 215 22.75 -3.81 -4.82
C LEU F 215 22.49 -2.80 -5.93
N SER F 216 22.61 -3.21 -7.18
CA SER F 216 22.29 -2.34 -8.31
C SER F 216 20.83 -1.90 -8.23
N GLY F 217 20.61 -0.59 -8.24
CA GLY F 217 19.29 -0.03 -8.09
C GLY F 217 18.93 0.36 -6.67
N GLN F 218 19.64 -0.19 -5.68
CA GLN F 218 19.44 0.15 -4.27
C GLN F 218 20.36 1.25 -3.79
N VAL F 219 21.63 1.19 -4.19
CA VAL F 219 22.63 2.17 -3.79
C VAL F 219 23.57 2.42 -4.95
N PRO F 220 24.30 3.55 -4.93
CA PRO F 220 25.35 3.77 -5.92
C PRO F 220 26.49 2.75 -5.75
N LEU F 221 26.91 2.17 -6.87
CA LEU F 221 28.02 1.22 -6.91
C LEU F 221 29.11 1.78 -7.80
N VAL F 222 30.28 2.03 -7.21
CA VAL F 222 31.41 2.62 -7.92
C VAL F 222 32.50 1.57 -8.04
N GLY F 223 32.92 1.29 -9.26
CA GLY F 223 33.97 0.31 -9.55
C GLY F 223 35.27 1.00 -9.92
N VAL F 224 36.34 0.60 -9.23
CA VAL F 224 37.67 1.15 -9.46
C VAL F 224 38.60 0.00 -9.80
N ALA F 225 39.16 0.02 -11.02
CA ALA F 225 40.15 -0.95 -11.45
C ALA F 225 41.48 -0.25 -11.58
N ALA F 226 42.47 -0.68 -10.80
CA ALA F 226 43.82 -0.11 -10.82
C ALA F 226 44.83 -1.25 -10.93
N GLY F 227 44.90 -1.87 -12.10
CA GLY F 227 45.84 -2.96 -12.34
C GLY F 227 45.18 -4.17 -12.97
N ALA F 228 45.61 -5.37 -12.56
CA ALA F 228 44.99 -6.60 -13.03
C ALA F 228 43.65 -6.82 -12.35
N CYS F 229 42.66 -7.26 -13.13
CA CYS F 229 41.31 -7.45 -12.59
C CYS F 229 40.65 -8.58 -13.38
N PHE F 230 40.68 -9.79 -12.84
CA PHE F 230 40.30 -10.98 -13.59
C PHE F 230 39.29 -11.83 -12.83
N ALA F 231 38.45 -12.52 -13.61
CA ALA F 231 37.53 -13.54 -13.12
C ALA F 231 36.57 -12.90 -12.12
N GLY F 232 36.40 -13.45 -10.92
CA GLY F 232 35.41 -12.90 -10.00
C GLY F 232 35.64 -11.44 -9.68
N ASN F 233 36.90 -11.00 -9.66
CA ASN F 233 37.18 -9.58 -9.47
C ASN F 233 36.53 -8.74 -10.57
N ALA F 234 36.60 -9.21 -11.82
CA ALA F 234 35.98 -8.49 -12.92
C ALA F 234 34.46 -8.65 -12.91
N ALA F 235 33.95 -9.77 -12.43
CA ALA F 235 32.51 -9.98 -12.36
C ALA F 235 31.86 -8.93 -11.46
N LEU F 236 32.46 -8.67 -10.29
CA LEU F 236 31.95 -7.63 -9.42
C LEU F 236 32.04 -6.26 -10.10
N LEU F 237 33.20 -5.95 -10.67
CA LEU F 237 33.39 -4.66 -11.33
C LEU F 237 32.32 -4.41 -12.39
N GLY F 238 32.03 -5.42 -13.22
CA GLY F 238 31.08 -5.24 -14.30
C GLY F 238 29.67 -4.92 -13.84
N CYS F 239 29.36 -5.19 -12.58
CA CYS F 239 28.03 -4.95 -12.04
C CYS F 239 27.86 -3.56 -11.44
N CYS F 240 28.90 -2.72 -11.44
CA CYS F 240 28.83 -1.41 -10.83
C CYS F 240 28.14 -0.40 -11.74
N ASP F 241 27.69 0.71 -11.14
CA ASP F 241 27.09 1.78 -11.91
C ASP F 241 28.12 2.41 -12.85
N VAL F 242 29.33 2.64 -12.36
CA VAL F 242 30.38 3.29 -13.12
C VAL F 242 31.67 2.50 -12.95
N VAL F 243 32.45 2.41 -14.02
CA VAL F 243 33.73 1.69 -14.00
C VAL F 243 34.84 2.70 -14.23
N ILE F 244 35.64 2.91 -13.20
CA ILE F 244 36.83 3.75 -13.28
C ILE F 244 38.04 2.83 -13.42
N ALA F 245 38.87 3.07 -14.43
CA ALA F 245 40.04 2.24 -14.68
C ALA F 245 41.23 3.11 -15.01
N THR F 246 42.39 2.74 -14.45
CA THR F 246 43.65 3.35 -14.85
C THR F 246 44.06 2.81 -16.21
N ARG F 247 44.87 3.61 -16.92
CA ARG F 247 45.30 3.24 -18.26
C ARG F 247 46.10 1.94 -18.27
N ASP F 248 46.88 1.69 -17.22
CA ASP F 248 47.72 0.50 -17.15
C ASP F 248 46.95 -0.73 -16.68
N SER F 249 45.64 -0.63 -16.57
CA SER F 249 44.83 -1.74 -16.08
C SER F 249 44.53 -2.74 -17.20
N SER F 250 44.26 -3.97 -16.80
CA SER F 250 43.83 -5.02 -17.72
C SER F 250 42.67 -5.76 -17.07
N ILE F 251 41.54 -5.84 -17.76
CA ILE F 251 40.30 -6.35 -17.18
C ILE F 251 39.77 -7.44 -18.10
N GLY F 252 39.35 -8.57 -17.51
CA GLY F 252 38.78 -9.65 -18.28
C GLY F 252 38.12 -10.68 -17.39
N LEU F 253 37.31 -11.52 -18.02
CA LEU F 253 36.63 -12.60 -17.30
C LEU F 253 37.53 -13.78 -17.03
N GLY F 254 38.71 -13.83 -17.63
CA GLY F 254 39.65 -14.91 -17.41
C GLY F 254 41.08 -14.44 -17.47
N GLY F 255 41.90 -14.87 -16.51
CA GLY F 255 43.31 -14.54 -16.49
C GLY F 255 44.10 -15.39 -17.45
N PRO F 256 45.41 -15.14 -17.50
CA PRO F 256 46.27 -15.86 -18.46
C PRO F 256 46.14 -17.37 -18.38
N ALA F 257 46.17 -17.93 -17.16
CA ALA F 257 46.06 -19.37 -17.00
C ALA F 257 44.73 -19.89 -17.52
N MET F 258 43.65 -19.15 -17.28
CA MET F 258 42.33 -19.57 -17.73
C MET F 258 42.24 -19.53 -19.26
N ILE F 259 42.89 -18.55 -19.89
CA ILE F 259 42.86 -18.43 -21.34
C ILE F 259 43.62 -19.59 -21.97
N GLU F 260 44.89 -19.75 -21.58
CA GLU F 260 45.65 -20.94 -21.98
C GLU F 260 44.92 -22.21 -21.60
N GLY F 261 44.06 -22.17 -20.59
CA GLY F 261 43.37 -23.36 -20.13
C GLY F 261 42.35 -23.88 -21.12
N GLY F 262 41.92 -23.06 -22.08
CA GLY F 262 41.00 -23.52 -23.09
C GLY F 262 41.30 -22.98 -24.47
N GLY F 263 42.32 -23.54 -25.13
CA GLY F 263 42.53 -23.35 -26.56
C GLY F 263 43.29 -22.11 -27.00
N LEU F 264 43.05 -20.97 -26.35
CA LEU F 264 43.50 -19.69 -26.86
C LEU F 264 44.95 -19.38 -26.49
N GLY F 265 45.77 -20.42 -26.24
CA GLY F 265 47.19 -20.27 -25.99
C GLY F 265 47.57 -19.22 -24.97
N VAL F 266 48.87 -18.88 -24.93
CA VAL F 266 49.46 -18.11 -23.84
C VAL F 266 49.44 -16.63 -24.21
N VAL F 267 48.71 -15.83 -23.45
CA VAL F 267 48.64 -14.38 -23.65
C VAL F 267 49.36 -13.69 -22.49
N ALA F 268 49.74 -12.44 -22.73
CA ALA F 268 50.24 -11.60 -21.66
C ALA F 268 49.08 -11.00 -20.87
N ALA F 269 49.26 -10.87 -19.55
CA ALA F 269 48.17 -10.36 -18.73
C ALA F 269 47.74 -8.98 -19.18
N GLY F 270 48.70 -8.13 -19.55
CA GLY F 270 48.37 -6.79 -20.00
C GLY F 270 47.52 -6.74 -21.26
N ASP F 271 47.64 -7.76 -22.10
CA ASP F 271 46.94 -7.76 -23.39
C ASP F 271 45.50 -8.28 -23.30
N ILE F 272 45.08 -8.81 -22.15
CA ILE F 272 43.78 -9.48 -22.06
C ILE F 272 42.65 -8.48 -22.29
N GLY F 273 42.66 -7.37 -21.56
CA GLY F 273 41.65 -6.36 -21.71
C GLY F 273 42.18 -4.97 -21.35
N PRO F 274 43.00 -4.40 -22.23
CA PRO F 274 43.57 -3.08 -21.94
C PRO F 274 42.48 -2.04 -21.67
N ALA F 275 42.72 -1.22 -20.65
CA ALA F 275 41.72 -0.24 -20.24
C ALA F 275 41.33 0.67 -21.40
N GLU F 276 42.31 1.11 -22.19
CA GLU F 276 42.02 2.01 -23.29
C GLU F 276 41.14 1.35 -24.34
N VAL F 277 41.41 0.08 -24.65
CA VAL F 277 40.56 -0.66 -25.58
C VAL F 277 39.15 -0.79 -25.01
N LEU F 278 39.06 -1.25 -23.76
CA LEU F 278 37.75 -1.51 -23.16
C LEU F 278 36.94 -0.23 -23.03
N ALA F 279 37.60 0.92 -22.84
CA ALA F 279 36.88 2.19 -22.85
C ALA F 279 36.22 2.43 -24.19
N GLN F 280 36.91 2.11 -25.29
CA GLN F 280 36.29 2.22 -26.61
C GLN F 280 35.12 1.27 -26.77
N LYS F 281 35.20 0.10 -26.15
CA LYS F 281 34.17 -0.92 -26.29
C LYS F 281 33.03 -0.74 -25.27
N GLY F 282 33.06 0.32 -24.48
CA GLY F 282 31.97 0.64 -23.58
C GLY F 282 32.01 -0.09 -22.24
N VAL F 283 33.13 -0.71 -21.89
CA VAL F 283 33.25 -1.38 -20.60
C VAL F 283 33.78 -0.42 -19.52
N VAL F 284 34.73 0.44 -19.89
CA VAL F 284 35.31 1.41 -18.97
C VAL F 284 34.63 2.75 -19.19
N ASP F 285 34.14 3.35 -18.11
CA ASP F 285 33.42 4.61 -18.21
C ASP F 285 34.34 5.80 -17.96
N LEU F 286 35.29 5.68 -17.05
CA LEU F 286 36.22 6.75 -16.72
C LEU F 286 37.64 6.19 -16.74
N LEU F 287 38.51 6.83 -17.50
CA LEU F 287 39.88 6.38 -17.71
C LEU F 287 40.83 7.31 -16.97
N ALA F 288 41.53 6.77 -15.98
CA ALA F 288 42.40 7.57 -15.12
C ALA F 288 43.87 7.36 -15.48
N GLU F 289 44.68 8.37 -15.18
CA GLU F 289 46.11 8.30 -15.45
C GLU F 289 46.86 7.49 -14.40
N ASN F 290 46.38 7.47 -13.16
CA ASN F 290 47.08 6.78 -12.09
C ASN F 290 46.09 6.42 -10.99
N ASP F 291 46.59 5.69 -9.99
CA ASP F 291 45.74 5.28 -8.88
C ASP F 291 45.16 6.49 -8.15
N ALA F 292 45.96 7.53 -7.96
CA ALA F 292 45.49 8.69 -7.21
C ALA F 292 44.33 9.37 -7.92
N GLU F 293 44.41 9.49 -9.25
CA GLU F 293 43.32 10.11 -10.01
C GLU F 293 42.09 9.22 -10.01
N ALA F 294 42.29 7.89 -10.08
CA ALA F 294 41.15 6.97 -10.06
C ALA F 294 40.42 7.03 -8.72
N ASN F 295 41.16 7.19 -7.63
CA ASN F 295 40.54 7.36 -6.32
C ASN F 295 39.82 8.70 -6.23
N GLU F 296 40.43 9.75 -6.78
CA GLU F 296 39.79 11.06 -6.79
C GLU F 296 38.53 11.05 -7.64
N LEU F 297 38.57 10.38 -8.79
CA LEU F 297 37.39 10.32 -9.65
C LEU F 297 36.25 9.57 -8.98
N ALA F 298 36.56 8.60 -8.12
CA ALA F 298 35.53 7.92 -7.35
C ALA F 298 34.80 8.89 -6.44
N ARG F 299 35.54 9.75 -5.74
CA ARG F 299 34.92 10.74 -4.85
C ARG F 299 34.06 11.72 -5.64
N ARG F 300 34.61 12.28 -6.72
CA ARG F 300 33.86 13.26 -7.50
C ARG F 300 32.56 12.66 -8.00
N TYR F 301 32.61 11.43 -8.50
CA TYR F 301 31.42 10.76 -9.02
C TYR F 301 30.32 10.70 -7.96
N LEU F 302 30.68 10.37 -6.73
CA LEU F 302 29.66 10.18 -5.69
C LEU F 302 28.97 11.49 -5.31
N THR F 303 29.69 12.62 -5.39
CA THR F 303 29.09 13.89 -4.99
C THR F 303 27.80 14.17 -5.76
N TYR F 304 27.72 13.76 -7.02
CA TYR F 304 26.51 14.03 -7.81
C TYR F 304 25.29 13.32 -7.26
N PHE F 305 25.47 12.32 -6.40
CA PHE F 305 24.36 11.57 -5.82
C PHE F 305 24.15 11.89 -4.35
N GLN F 306 24.78 12.96 -3.85
CA GLN F 306 24.73 13.30 -2.42
C GLN F 306 23.92 14.55 -2.13
N GLY F 307 23.38 15.21 -3.15
CA GLY F 307 22.45 16.31 -2.94
C GLY F 307 22.96 17.61 -3.54
N ASP F 308 22.21 18.68 -3.26
CA ASP F 308 22.51 19.99 -3.80
C ASP F 308 23.78 20.57 -3.16
N VAL F 309 24.27 21.64 -3.77
CA VAL F 309 25.51 22.28 -3.36
C VAL F 309 25.31 23.80 -3.40
N THR F 310 26.12 24.50 -2.61
CA THR F 310 26.21 25.95 -2.65
C THR F 310 27.65 26.36 -2.95
N GLY F 311 27.83 27.62 -3.34
CA GLY F 311 29.16 28.13 -3.63
C GLY F 311 29.64 27.91 -5.03
N TRP F 312 28.75 27.54 -5.95
CA TRP F 312 29.11 27.26 -7.33
C TRP F 312 29.51 28.54 -8.07
N GLU F 313 30.16 28.35 -9.23
CA GLU F 313 30.55 29.44 -10.11
C GLU F 313 30.06 29.13 -11.53
N ALA F 314 29.99 30.17 -12.36
CA ALA F 314 29.47 29.99 -13.71
C ALA F 314 29.99 31.09 -14.62
N ALA F 315 30.22 30.73 -15.88
CA ALA F 315 30.70 31.66 -16.89
C ALA F 315 29.61 32.68 -17.25
N ASP F 316 30.01 33.67 -18.04
CA ASP F 316 29.06 34.65 -18.60
C ASP F 316 28.20 33.94 -19.63
N GLN F 317 26.90 33.84 -19.36
CA GLN F 317 26.00 33.05 -20.20
C GLN F 317 25.76 33.71 -21.55
N ARG F 318 26.07 35.00 -21.69
CA ARG F 318 25.95 35.63 -23.00
C ARG F 318 26.87 34.98 -24.02
N GLU F 319 27.87 34.23 -23.55
CA GLU F 319 28.76 33.51 -24.45
C GLU F 319 28.04 32.41 -25.22
N LEU F 320 26.94 31.89 -24.66
CA LEU F 320 26.23 30.79 -25.32
C LEU F 320 25.59 31.22 -26.63
N ARG F 321 25.41 32.53 -26.84
CA ARG F 321 24.85 33.02 -28.09
C ARG F 321 25.80 32.84 -29.26
N TRP F 322 27.08 32.63 -28.99
CA TRP F 322 28.10 32.62 -30.04
C TRP F 322 28.80 31.28 -30.17
N VAL F 323 28.33 30.24 -29.47
CA VAL F 323 28.97 28.93 -29.54
C VAL F 323 28.65 28.25 -30.87
N ILE F 324 27.40 28.37 -31.31
CA ILE F 324 26.94 27.69 -32.52
C ILE F 324 26.94 28.69 -33.66
N PRO F 325 27.75 28.49 -34.71
CA PRO F 325 27.76 29.44 -35.83
C PRO F 325 26.36 29.64 -36.41
N GLN F 326 26.06 30.89 -36.76
CA GLN F 326 24.82 31.18 -37.47
C GLN F 326 24.83 30.59 -38.87
N VAL F 327 26.02 30.35 -39.43
CA VAL F 327 26.17 29.69 -40.72
C VAL F 327 26.01 28.20 -40.53
N ARG F 328 25.08 27.59 -41.27
CA ARG F 328 24.85 26.16 -41.18
C ARG F 328 26.10 25.37 -41.59
N LYS F 329 26.15 24.12 -41.14
CA LYS F 329 27.23 23.20 -41.48
C LYS F 329 28.52 23.54 -40.74
N ARG F 330 28.82 24.83 -40.57
CA ARG F 330 29.99 25.23 -39.79
C ARG F 330 29.88 24.65 -38.38
N ALA F 331 30.82 23.78 -38.03
CA ALA F 331 30.74 22.99 -36.81
C ALA F 331 31.14 23.82 -35.59
N TYR F 332 31.01 23.20 -34.42
CA TYR F 332 31.33 23.82 -33.14
C TYR F 332 31.69 22.72 -32.16
N ASP F 333 32.29 23.12 -31.04
CA ASP F 333 32.67 22.17 -29.99
C ASP F 333 31.53 22.08 -28.98
N VAL F 334 30.83 20.94 -28.98
CA VAL F 334 29.69 20.78 -28.07
C VAL F 334 30.16 20.76 -26.62
N ARG F 335 31.36 20.22 -26.37
CA ARG F 335 31.88 20.20 -25.01
C ARG F 335 32.20 21.61 -24.52
N ALA F 336 32.51 22.53 -25.44
CA ALA F 336 32.65 23.93 -25.06
C ALA F 336 31.30 24.53 -24.69
N LEU F 337 30.26 24.24 -25.46
CA LEU F 337 28.91 24.64 -25.07
C LEU F 337 28.58 24.12 -23.68
N LEU F 338 28.82 22.82 -23.45
CA LEU F 338 28.46 22.21 -22.18
C LEU F 338 29.17 22.86 -21.01
N HIS F 339 30.48 23.12 -21.16
CA HIS F 339 31.24 23.71 -20.06
C HIS F 339 30.80 25.15 -19.79
N LEU F 340 30.31 25.86 -20.81
CA LEU F 340 29.75 27.18 -20.59
C LEU F 340 28.43 27.11 -19.83
N LEU F 341 27.57 26.14 -20.18
CA LEU F 341 26.25 26.05 -19.57
C LEU F 341 26.33 25.49 -18.15
N ALA F 342 27.17 24.49 -17.93
CA ALA F 342 27.27 23.85 -16.63
C ALA F 342 28.08 24.70 -15.65
N ASP F 343 27.90 24.43 -14.37
CA ASP F 343 28.70 25.10 -13.34
C ASP F 343 30.18 24.86 -13.58
N THR F 344 30.97 25.88 -13.26
CA THR F 344 32.42 25.80 -13.45
C THR F 344 32.97 24.61 -12.67
N GLY F 345 33.74 23.77 -13.35
CA GLY F 345 34.40 22.63 -12.74
C GLY F 345 33.48 21.45 -12.42
N SER F 346 32.21 21.52 -12.82
CA SER F 346 31.23 20.51 -12.44
C SER F 346 31.04 19.41 -13.48
N VAL F 347 31.64 19.53 -14.66
CA VAL F 347 31.38 18.56 -15.71
C VAL F 347 32.24 17.32 -15.49
N LEU F 348 31.59 16.15 -15.45
CA LEU F 348 32.26 14.87 -15.38
C LEU F 348 31.64 14.00 -16.48
N GLU F 349 32.26 14.01 -17.65
CA GLU F 349 31.75 13.23 -18.77
C GLU F 349 32.05 11.75 -18.56
N LEU F 350 31.07 10.91 -18.86
CA LEU F 350 31.17 9.47 -18.72
C LEU F 350 31.22 8.80 -20.08
N ARG F 351 32.11 7.82 -20.23
CA ARG F 351 32.04 6.87 -21.32
C ARG F 351 32.30 7.54 -22.68
N ARG F 352 33.20 8.51 -22.70
CA ARG F 352 33.41 9.30 -23.91
C ARG F 352 33.89 8.44 -25.08
N ALA F 353 34.80 7.49 -24.82
CA ALA F 353 35.39 6.70 -25.88
C ALA F 353 34.38 5.79 -26.57
N PHE F 354 33.26 5.50 -25.92
CA PHE F 354 32.24 4.60 -26.44
C PHE F 354 31.10 5.42 -27.04
N ALA F 355 30.67 5.06 -28.25
CA ALA F 355 29.61 5.76 -28.95
C ALA F 355 29.83 7.28 -28.86
N PRO F 356 30.97 7.77 -29.32
CA PRO F 356 31.30 9.19 -29.11
C PRO F 356 30.30 10.14 -29.75
N GLY F 357 29.47 9.66 -30.67
CA GLY F 357 28.43 10.50 -31.23
C GLY F 357 27.44 11.02 -30.22
N LEU F 358 27.30 10.34 -29.07
CA LEU F 358 26.36 10.74 -28.04
C LEU F 358 27.11 10.97 -26.73
N LEU F 359 27.10 12.21 -26.26
CA LEU F 359 27.77 12.57 -25.02
C LEU F 359 26.86 12.31 -23.83
N THR F 360 27.43 11.78 -22.76
CA THR F 360 26.75 11.64 -21.48
C THR F 360 27.66 12.21 -20.40
N ALA F 361 27.10 13.06 -19.53
CA ALA F 361 27.92 13.70 -18.52
C ALA F 361 27.08 14.05 -17.29
N LEU F 362 27.70 13.91 -16.12
CA LEU F 362 27.14 14.42 -14.87
C LEU F 362 27.66 15.83 -14.65
N VAL F 363 26.74 16.76 -14.38
CA VAL F 363 27.09 18.17 -14.24
C VAL F 363 26.32 18.75 -13.06
N ARG F 364 26.56 20.03 -12.81
CA ARG F 364 25.75 20.82 -11.90
C ARG F 364 25.36 22.13 -12.57
N ILE F 365 24.11 22.53 -12.36
CA ILE F 365 23.61 23.82 -12.81
C ILE F 365 22.99 24.50 -11.60
N GLY F 366 23.54 25.63 -11.19
CA GLY F 366 23.08 26.29 -9.98
C GLY F 366 23.20 25.41 -8.75
N GLY F 367 24.23 24.58 -8.69
CA GLY F 367 24.41 23.67 -7.58
C GLY F 367 23.58 22.40 -7.65
N LYS F 368 22.73 22.27 -8.66
CA LYS F 368 21.82 21.14 -8.77
C LYS F 368 22.41 20.07 -9.68
N ALA F 369 22.44 18.84 -9.22
CA ALA F 369 22.98 17.74 -10.02
C ALA F 369 22.05 17.42 -11.19
N PHE F 370 22.61 17.43 -12.40
CA PHE F 370 21.90 17.06 -13.61
C PHE F 370 22.65 15.94 -14.33
N GLY F 371 21.89 15.11 -15.02
CA GLY F 371 22.42 14.23 -16.06
C GLY F 371 22.18 14.88 -17.40
N VAL F 372 23.18 14.81 -18.28
CA VAL F 372 23.12 15.45 -19.59
C VAL F 372 23.36 14.41 -20.67
N ILE F 373 22.51 14.42 -21.69
CA ILE F 373 22.78 13.75 -22.96
C ILE F 373 22.79 14.80 -24.05
N ALA F 374 23.70 14.63 -25.02
CA ALA F 374 23.87 15.62 -26.06
C ALA F 374 24.49 14.97 -27.28
N ASN F 375 24.01 15.36 -28.47
CA ASN F 375 24.61 14.90 -29.71
C ASN F 375 25.89 15.67 -29.98
N ASP F 376 26.94 14.93 -30.40
CA ASP F 376 28.17 15.56 -30.84
C ASP F 376 28.12 15.67 -32.36
N PRO F 377 27.88 16.86 -32.92
CA PRO F 377 27.78 16.97 -34.39
C PRO F 377 29.08 16.66 -35.13
N ALA F 378 30.21 16.59 -34.42
CA ALA F 378 31.48 16.28 -35.06
C ALA F 378 31.64 14.80 -35.38
N VAL F 379 30.76 13.95 -34.87
CA VAL F 379 30.82 12.50 -35.08
C VAL F 379 29.58 12.10 -35.86
N LEU F 380 29.77 11.63 -37.09
CA LEU F 380 28.65 11.18 -37.92
C LEU F 380 27.58 12.26 -38.05
N GLY F 381 28.00 13.52 -38.02
CA GLY F 381 27.07 14.62 -38.10
C GLY F 381 26.12 14.73 -36.91
N GLY F 382 26.44 14.07 -35.81
CA GLY F 382 25.55 14.04 -34.66
C GLY F 382 24.43 13.04 -34.76
N ALA F 383 24.46 12.15 -35.74
CA ALA F 383 23.43 11.14 -35.89
C ALA F 383 23.48 10.14 -34.72
N ILE F 384 22.34 9.50 -34.49
CA ILE F 384 22.19 8.54 -33.39
C ILE F 384 22.20 7.14 -33.99
N ASP F 385 23.27 6.38 -33.72
CA ASP F 385 23.36 5.01 -34.18
C ASP F 385 23.09 4.05 -33.02
N ALA F 386 23.21 2.75 -33.32
CA ALA F 386 22.90 1.73 -32.32
C ALA F 386 23.70 1.94 -31.04
N ALA F 387 25.01 2.18 -31.17
CA ALA F 387 25.85 2.35 -29.99
C ALA F 387 25.45 3.56 -29.19
N GLY F 388 25.13 4.67 -29.86
CA GLY F 388 24.68 5.86 -29.16
C GLY F 388 23.36 5.65 -28.44
N ALA F 389 22.48 4.81 -28.99
CA ALA F 389 21.22 4.54 -28.33
C ALA F 389 21.43 3.77 -27.03
N ASP F 390 22.28 2.73 -27.07
CA ASP F 390 22.63 2.00 -25.85
C ASP F 390 23.20 2.93 -24.80
N LYS F 391 24.15 3.78 -25.20
CA LYS F 391 24.83 4.66 -24.26
C LYS F 391 23.82 5.60 -23.60
N ALA F 392 22.96 6.22 -24.40
CA ALA F 392 21.96 7.14 -23.87
C ALA F 392 20.96 6.41 -22.97
N ALA F 393 20.45 5.27 -23.42
CA ALA F 393 19.45 4.55 -22.66
C ALA F 393 19.99 4.13 -21.30
N ARG F 394 21.20 3.58 -21.25
CA ARG F 394 21.77 3.16 -19.98
C ARG F 394 22.01 4.34 -19.06
N PHE F 395 22.37 5.50 -19.62
CA PHE F 395 22.59 6.68 -18.81
C PHE F 395 21.26 7.19 -18.23
N LEU F 396 20.19 7.14 -19.02
CA LEU F 396 18.87 7.45 -18.50
C LEU F 396 18.48 6.47 -17.40
N ASN F 397 18.75 5.18 -17.62
CA ASN F 397 18.56 4.19 -16.58
C ASN F 397 19.24 4.62 -15.28
N LEU F 398 20.50 5.05 -15.38
CA LEU F 398 21.25 5.46 -14.20
C LEU F 398 20.60 6.65 -13.52
N CYS F 399 20.24 7.67 -14.29
CA CYS F 399 19.73 8.90 -13.71
C CYS F 399 18.33 8.71 -13.14
N ASP F 400 17.48 7.95 -13.82
CA ASP F 400 16.13 7.71 -13.31
C ASP F 400 16.18 6.85 -12.05
N THR F 401 17.07 5.86 -12.02
CA THR F 401 17.18 4.98 -10.87
C THR F 401 17.64 5.74 -9.64
N HIS F 402 18.66 6.59 -9.79
CA HIS F 402 19.22 7.34 -8.68
C HIS F 402 18.64 8.74 -8.57
N ARG F 403 17.52 9.01 -9.25
CA ARG F 403 16.66 10.16 -8.96
C ARG F 403 17.31 11.49 -9.36
N LEU F 404 17.98 11.52 -10.52
CA LEU F 404 18.60 12.74 -11.01
C LEU F 404 17.82 13.29 -12.19
N PRO F 405 17.60 14.61 -12.26
CA PRO F 405 16.99 15.19 -13.46
C PRO F 405 17.92 15.09 -14.66
N VAL F 406 17.32 15.12 -15.84
CA VAL F 406 18.06 14.93 -17.09
C VAL F 406 17.85 16.13 -18.00
N LEU F 407 18.95 16.60 -18.60
CA LEU F 407 18.94 17.63 -19.63
C LEU F 407 19.38 17.01 -20.96
N SER F 408 18.67 17.35 -22.03
CA SER F 408 18.97 16.85 -23.37
C SER F 408 19.27 18.03 -24.29
N LEU F 409 20.49 18.08 -24.81
CA LEU F 409 20.92 19.11 -25.75
C LEU F 409 20.85 18.52 -27.16
N VAL F 410 19.84 18.94 -27.92
CA VAL F 410 19.49 18.30 -29.19
C VAL F 410 20.12 19.09 -30.33
N ASP F 411 20.96 18.41 -31.12
CA ASP F 411 21.52 18.93 -32.36
C ASP F 411 21.84 17.71 -33.25
N THR F 412 20.80 17.05 -33.72
CA THR F 412 20.97 15.79 -34.44
C THR F 412 20.20 15.80 -35.76
N PRO F 413 20.72 15.14 -36.78
CA PRO F 413 19.93 14.90 -37.99
C PRO F 413 19.00 13.71 -37.87
N GLY F 414 19.06 12.96 -36.77
CA GLY F 414 18.17 11.83 -36.57
C GLY F 414 18.90 10.51 -36.40
N PHE F 415 18.17 9.41 -36.58
CA PHE F 415 18.78 8.09 -36.53
C PHE F 415 19.67 7.86 -37.74
N MET F 416 20.78 7.17 -37.52
CA MET F 416 21.58 6.67 -38.63
C MET F 416 20.74 5.70 -39.45
N VAL F 417 21.01 5.67 -40.77
CA VAL F 417 20.28 4.81 -41.68
C VAL F 417 21.26 4.13 -42.63
N GLY F 418 20.76 3.14 -43.36
CA GLY F 418 21.56 2.41 -44.30
C GLY F 418 21.77 0.97 -43.87
N PRO F 419 22.13 0.10 -44.83
CA PRO F 419 22.32 -1.32 -44.48
C PRO F 419 23.38 -1.57 -43.43
N ALA F 420 24.44 -0.77 -43.39
CA ALA F 420 25.46 -0.95 -42.37
C ALA F 420 24.89 -0.72 -40.98
N SER F 421 24.05 0.30 -40.82
CA SER F 421 23.46 0.60 -39.53
C SER F 421 22.46 -0.47 -39.11
N GLU F 422 21.61 -0.92 -40.04
CA GLU F 422 20.64 -1.96 -39.71
C GLU F 422 21.33 -3.24 -39.29
N ALA F 423 22.51 -3.52 -39.86
CA ALA F 423 23.25 -4.72 -39.48
C ALA F 423 23.85 -4.61 -38.09
N GLU F 424 23.93 -3.39 -37.53
CA GLU F 424 24.33 -3.19 -36.15
C GLU F 424 23.18 -3.39 -35.17
N GLY F 425 22.05 -3.90 -35.63
CA GLY F 425 20.90 -4.09 -34.76
C GLY F 425 20.16 -2.82 -34.43
N ALA F 426 20.26 -1.80 -35.29
CA ALA F 426 19.77 -0.46 -34.97
C ALA F 426 18.31 -0.48 -34.52
N VAL F 427 17.48 -1.28 -35.19
CA VAL F 427 16.04 -1.22 -34.92
C VAL F 427 15.74 -1.52 -33.46
N ARG F 428 16.42 -2.52 -32.90
CA ARG F 428 16.20 -2.85 -31.49
C ARG F 428 16.87 -1.85 -30.57
N HIS F 429 18.11 -1.46 -30.91
CA HIS F 429 18.89 -0.63 -30.00
C HIS F 429 18.29 0.76 -29.85
N VAL F 430 17.81 1.37 -30.93
CA VAL F 430 17.21 2.70 -30.80
C VAL F 430 15.86 2.62 -30.12
N SER F 431 15.16 1.49 -30.27
CA SER F 431 13.89 1.31 -29.57
C SER F 431 14.07 1.34 -28.06
N ARG F 432 15.28 1.04 -27.57
CA ARG F 432 15.54 1.12 -26.13
C ARG F 432 15.23 2.51 -25.59
N LEU F 433 15.45 3.55 -26.39
CA LEU F 433 15.19 4.91 -25.93
C LEU F 433 13.72 5.14 -25.66
N PHE F 434 12.86 4.73 -26.59
CA PHE F 434 11.43 4.93 -26.43
C PHE F 434 10.88 4.14 -25.25
N VAL F 435 11.30 2.87 -25.12
CA VAL F 435 10.84 2.04 -24.01
C VAL F 435 11.34 2.60 -22.69
N ARG F 436 12.60 3.03 -22.66
CA ARG F 436 13.19 3.60 -21.45
C ARG F 436 12.52 4.92 -21.09
N ALA F 437 12.35 5.80 -22.09
CA ALA F 437 11.83 7.14 -21.83
C ALA F 437 10.38 7.12 -21.39
N ALA F 438 9.61 6.13 -21.83
CA ALA F 438 8.21 6.04 -21.45
C ALA F 438 8.03 5.75 -19.96
N LYS F 439 9.08 5.29 -19.29
CA LYS F 439 8.99 4.89 -17.89
C LYS F 439 9.76 5.83 -16.97
N LEU F 440 10.23 6.97 -17.48
CA LEU F 440 10.92 7.94 -16.64
C LEU F 440 9.99 8.45 -15.54
N THR F 441 10.57 8.65 -14.35
CA THR F 441 9.88 9.28 -13.22
C THR F 441 10.70 10.43 -12.65
N VAL F 442 11.64 10.95 -13.43
CA VAL F 442 12.44 12.11 -13.02
C VAL F 442 12.14 13.22 -14.01
N PRO F 443 12.36 14.47 -13.61
CA PRO F 443 12.14 15.58 -14.55
C PRO F 443 13.08 15.47 -15.74
N PHE F 444 12.54 15.70 -16.94
CA PHE F 444 13.29 15.65 -18.17
C PHE F 444 13.09 16.95 -18.94
N PHE F 445 14.20 17.61 -19.29
CA PHE F 445 14.18 18.87 -20.02
C PHE F 445 14.95 18.72 -21.32
N ALA F 446 14.46 19.35 -22.38
CA ALA F 446 15.08 19.27 -23.70
C ALA F 446 15.36 20.67 -24.21
N VAL F 447 16.60 20.91 -24.63
CA VAL F 447 17.00 22.16 -25.24
C VAL F 447 17.51 21.84 -26.64
N VAL F 448 16.78 22.29 -27.66
CA VAL F 448 17.20 22.14 -29.05
C VAL F 448 18.17 23.29 -29.36
N THR F 449 19.47 22.97 -29.44
CA THR F 449 20.47 24.00 -29.71
C THR F 449 20.56 24.35 -31.18
N ARG F 450 20.34 23.38 -32.08
CA ARG F 450 20.31 23.67 -33.50
C ARG F 450 19.42 22.68 -34.23
N ARG F 451 19.98 21.57 -34.72
CA ARG F 451 19.21 20.64 -35.54
C ARG F 451 18.35 19.73 -34.69
N ALA F 452 17.15 19.42 -35.19
CA ALA F 452 16.26 18.45 -34.54
C ALA F 452 15.42 17.81 -35.65
N TYR F 453 15.84 16.65 -36.13
CA TYR F 453 15.21 16.02 -37.28
C TYR F 453 14.80 14.60 -36.96
N GLY F 454 13.56 14.25 -37.34
CA GLY F 454 13.12 12.87 -37.41
C GLY F 454 12.87 12.20 -36.07
N LEU F 455 12.63 10.90 -36.16
CA LEU F 455 12.37 10.08 -34.98
C LEU F 455 13.53 10.15 -33.99
N GLY F 456 14.76 10.28 -34.50
CA GLY F 456 15.89 10.40 -33.60
C GLY F 456 15.80 11.62 -32.72
N ALA F 457 15.34 12.74 -33.28
CA ALA F 457 15.16 13.95 -32.48
C ALA F 457 14.09 13.74 -31.42
N GLN F 458 12.98 13.08 -31.79
CA GLN F 458 11.96 12.75 -30.80
C GLN F 458 12.55 11.88 -29.69
N ALA F 459 13.42 10.94 -30.05
CA ALA F 459 14.03 10.08 -29.04
C ALA F 459 14.91 10.87 -28.09
N MET F 460 15.61 11.89 -28.60
CA MET F 460 16.41 12.75 -27.73
C MET F 460 15.54 13.54 -26.77
N ALA F 461 14.28 13.78 -27.12
CA ALA F 461 13.35 14.48 -26.26
C ALA F 461 12.45 13.52 -25.47
N ALA F 462 12.98 12.33 -25.16
CA ALA F 462 12.28 11.36 -24.31
C ALA F 462 10.98 10.86 -24.95
N GLY F 463 10.92 10.83 -26.28
CA GLY F 463 9.78 10.24 -26.97
C GLY F 463 9.14 11.18 -27.96
N SER F 464 9.05 12.45 -27.61
CA SER F 464 8.46 13.47 -28.48
C SER F 464 8.85 14.82 -27.90
N LEU F 465 8.61 15.87 -28.70
CA LEU F 465 8.95 17.22 -28.26
C LEU F 465 8.08 17.71 -27.11
N HIS F 466 6.99 16.99 -26.78
CA HIS F 466 6.14 17.34 -25.66
C HIS F 466 6.33 16.43 -24.46
N ALA F 467 7.14 15.37 -24.58
CA ALA F 467 7.41 14.51 -23.44
C ALA F 467 8.13 15.24 -22.31
N PRO F 468 9.11 16.09 -22.56
CA PRO F 468 9.79 16.76 -21.44
C PRO F 468 8.84 17.67 -20.67
N ALA F 469 9.21 17.94 -19.41
CA ALA F 469 8.49 18.93 -18.62
C ALA F 469 8.67 20.33 -19.19
N LEU F 470 9.74 20.56 -19.93
CA LEU F 470 10.00 21.83 -20.60
C LEU F 470 10.82 21.53 -21.84
N THR F 471 10.39 22.06 -22.98
CA THR F 471 11.12 21.92 -24.24
C THR F 471 11.28 23.32 -24.83
N VAL F 472 12.52 23.76 -24.97
CA VAL F 472 12.82 25.06 -25.54
C VAL F 472 13.77 24.87 -26.71
N SER F 473 13.76 25.85 -27.62
CA SER F 473 14.68 25.90 -28.74
C SER F 473 15.45 27.21 -28.71
N TRP F 474 16.72 27.15 -29.08
CA TRP F 474 17.47 28.37 -29.32
C TRP F 474 17.03 28.97 -30.66
N PRO F 475 17.31 30.25 -30.88
CA PRO F 475 16.78 30.91 -32.09
C PRO F 475 17.21 30.27 -33.38
N GLY F 476 18.37 29.62 -33.42
CA GLY F 476 18.84 28.97 -34.63
C GLY F 476 18.34 27.57 -34.83
N GLY F 477 17.35 27.14 -34.07
CA GLY F 477 16.86 25.78 -34.20
C GLY F 477 16.25 25.53 -35.56
N GLU F 478 16.55 24.37 -36.14
CA GLU F 478 15.98 23.95 -37.41
C GLU F 478 15.39 22.55 -37.26
N PHE F 479 14.12 22.41 -37.61
CA PHE F 479 13.37 21.18 -37.40
C PHE F 479 12.88 20.63 -38.73
N GLY F 480 12.47 19.36 -38.70
CA GLY F 480 11.89 18.72 -39.85
C GLY F 480 12.09 17.22 -39.76
N PRO F 481 11.67 16.49 -40.78
CA PRO F 481 12.15 15.12 -40.92
C PRO F 481 13.30 15.06 -41.90
N MET F 482 14.27 14.17 -41.67
CA MET F 482 15.36 13.91 -42.60
C MET F 482 15.99 15.16 -43.21
N GLY F 483 16.94 14.97 -44.11
CA GLY F 483 17.58 16.06 -44.82
C GLY F 483 16.63 16.78 -45.75
N LEU F 484 16.36 18.06 -45.46
CA LEU F 484 15.38 18.81 -46.24
C LEU F 484 15.78 18.88 -47.70
N GLU F 485 17.07 19.04 -48.00
CA GLU F 485 17.49 19.10 -49.40
C GLU F 485 17.15 17.81 -50.12
N GLY F 486 17.43 16.67 -49.51
CA GLY F 486 17.16 15.40 -50.17
C GLY F 486 15.68 15.09 -50.30
N ALA F 487 14.91 15.41 -49.25
CA ALA F 487 13.48 15.07 -49.26
C ALA F 487 12.75 15.81 -50.38
N VAL F 488 13.02 17.12 -50.51
CA VAL F 488 12.29 17.92 -51.48
C VAL F 488 12.65 17.51 -52.91
N ARG F 489 13.94 17.27 -53.18
CA ARG F 489 14.34 16.80 -54.51
C ARG F 489 13.61 15.52 -54.85
N LEU F 490 13.66 14.53 -53.96
CA LEU F 490 13.10 13.22 -54.23
C LEU F 490 11.59 13.18 -54.14
N GLY F 491 11.00 14.02 -53.27
CA GLY F 491 9.56 13.98 -53.10
C GLY F 491 8.82 14.57 -54.30
N TYR F 492 9.32 15.67 -54.84
CA TYR F 492 8.70 16.33 -55.98
C TYR F 492 9.37 15.96 -57.30
N ARG F 493 10.36 15.07 -57.26
CA ARG F 493 10.96 14.51 -58.47
C ARG F 493 9.96 13.62 -59.20
N ALA F 507 15.57 26.14 -60.39
CA ALA F 507 15.10 27.34 -59.70
C ALA F 507 13.88 27.04 -58.84
N LEU F 508 12.98 26.20 -59.37
CA LEU F 508 11.83 25.78 -58.59
C LEU F 508 12.25 24.92 -57.42
N TYR F 509 13.28 24.10 -57.62
CA TYR F 509 13.80 23.27 -56.53
C TYR F 509 14.26 24.12 -55.36
N GLN F 510 15.09 25.13 -55.63
CA GLN F 510 15.61 25.97 -54.56
C GLN F 510 14.51 26.71 -53.82
N LYS F 511 13.34 26.89 -54.44
CA LYS F 511 12.23 27.55 -53.77
C LYS F 511 11.61 26.64 -52.71
N LEU F 512 11.37 25.38 -53.07
CA LEU F 512 10.80 24.44 -52.11
C LEU F 512 11.80 24.08 -51.00
N VAL F 513 13.10 24.11 -51.30
CA VAL F 513 14.10 23.95 -50.25
C VAL F 513 13.94 25.05 -49.21
N ALA F 514 13.88 26.30 -49.68
CA ALA F 514 13.74 27.43 -48.77
C ALA F 514 12.40 27.39 -48.06
N GLN F 515 11.36 26.88 -48.73
CA GLN F 515 10.04 26.81 -48.14
C GLN F 515 9.97 25.72 -47.07
N ALA F 516 10.65 24.60 -47.29
CA ALA F 516 10.69 23.54 -46.29
C ALA F 516 11.48 23.97 -45.07
N TYR F 517 12.58 24.71 -45.29
CA TYR F 517 13.33 25.27 -44.17
C TYR F 517 12.50 26.28 -43.40
N ALA F 518 11.62 27.01 -44.09
CA ALA F 518 10.81 28.02 -43.42
C ALA F 518 9.80 27.38 -42.47
N GLN F 519 9.27 26.21 -42.83
CA GLN F 519 8.36 25.51 -41.93
C GLN F 519 9.08 25.01 -40.68
N GLY F 520 10.35 24.62 -40.81
CA GLY F 520 11.11 24.10 -39.71
C GLY F 520 11.82 25.13 -38.87
N GLU F 521 11.62 26.42 -39.15
CA GLU F 521 12.25 27.47 -38.35
C GLU F 521 11.76 27.41 -36.91
N ALA F 522 12.65 27.74 -35.99
CA ALA F 522 12.30 27.73 -34.57
C ALA F 522 11.01 28.50 -34.31
N VAL F 523 10.89 29.70 -34.88
CA VAL F 523 9.71 30.55 -34.61
C VAL F 523 8.44 29.85 -35.09
N ASN F 524 8.47 29.25 -36.27
CA ASN F 524 7.28 28.61 -36.81
C ASN F 524 6.96 27.33 -36.05
N VAL F 525 7.99 26.61 -35.64
CA VAL F 525 7.79 25.39 -34.86
C VAL F 525 7.18 25.74 -33.50
N ALA F 526 7.65 26.83 -32.89
CA ALA F 526 7.09 27.25 -31.61
C ALA F 526 5.66 27.76 -31.77
N ALA F 527 5.38 28.46 -32.87
CA ALA F 527 4.02 28.94 -33.13
C ALA F 527 3.05 27.77 -33.29
N HIS F 528 3.54 26.64 -33.78
CA HIS F 528 2.75 25.41 -33.83
C HIS F 528 2.86 24.59 -32.55
N LEU F 529 3.43 25.16 -31.48
CA LEU F 529 3.41 24.62 -30.13
C LEU F 529 4.25 23.36 -29.97
N GLU F 530 5.10 23.02 -30.94
CA GLU F 530 5.89 21.80 -30.83
C GLU F 530 7.00 21.95 -29.79
N VAL F 531 7.46 23.18 -29.55
CA VAL F 531 8.32 23.48 -28.41
C VAL F 531 7.59 24.51 -27.56
N ASP F 532 7.93 24.53 -26.27
CA ASP F 532 7.27 25.43 -25.34
C ASP F 532 7.65 26.89 -25.58
N ALA F 533 8.89 27.15 -26.00
CA ALA F 533 9.30 28.52 -26.21
C ALA F 533 10.60 28.53 -26.99
N VAL F 534 10.85 29.65 -27.67
CA VAL F 534 12.16 30.00 -28.19
C VAL F 534 12.78 30.97 -27.20
N ILE F 535 13.99 30.67 -26.74
CA ILE F 535 14.63 31.46 -25.69
C ILE F 535 16.00 31.96 -26.13
N ASP F 536 16.42 33.05 -25.54
CA ASP F 536 17.78 33.52 -25.63
C ASP F 536 18.71 32.47 -25.01
N PRO F 537 19.71 31.96 -25.74
CA PRO F 537 20.60 30.96 -25.15
C PRO F 537 21.17 31.36 -23.80
N ALA F 538 21.35 32.66 -23.55
CA ALA F 538 21.85 33.12 -22.26
C ALA F 538 20.84 32.89 -21.14
N GLU F 539 19.60 32.56 -21.48
CA GLU F 539 18.55 32.33 -20.49
C GLU F 539 18.31 30.85 -20.20
N THR F 540 19.13 29.96 -20.77
CA THR F 540 18.90 28.53 -20.60
C THR F 540 18.87 28.12 -19.14
N ARG F 541 19.94 28.46 -18.39
CA ARG F 541 20.01 28.10 -16.98
C ARG F 541 18.79 28.61 -16.21
N ASN F 542 18.39 29.86 -16.45
CA ASN F 542 17.26 30.42 -15.72
C ASN F 542 15.98 29.61 -15.97
N TRP F 543 15.68 29.34 -17.24
CA TRP F 543 14.50 28.54 -17.56
C TRP F 543 14.58 27.15 -16.94
N LEU F 544 15.76 26.52 -17.00
CA LEU F 544 15.91 25.16 -16.49
C LEU F 544 15.74 25.12 -14.97
N LEU F 545 16.39 26.04 -14.25
CA LEU F 545 16.30 26.05 -12.81
C LEU F 545 14.92 26.48 -12.33
N ARG F 546 14.26 27.40 -13.06
CA ARG F 546 12.88 27.72 -12.73
C ARG F 546 11.98 26.51 -12.90
N ALA F 547 12.17 25.74 -13.98
CA ALA F 547 11.36 24.55 -14.20
C ALA F 547 11.64 23.51 -13.13
N LEU F 548 12.91 23.26 -12.82
CA LEU F 548 13.26 22.28 -11.80
C LEU F 548 12.68 22.66 -10.44
N ARG F 549 12.62 23.97 -10.15
CA ARG F 549 12.12 24.40 -8.85
C ARG F 549 10.68 23.94 -8.62
N VAL F 550 9.89 23.85 -9.69
CA VAL F 550 8.48 23.50 -9.59
C VAL F 550 8.23 22.12 -10.19
N SER F 551 9.23 21.23 -10.11
CA SER F 551 9.13 19.87 -10.64
C SER F 551 9.34 18.85 -9.52
N PRO F 552 8.43 18.80 -8.55
CA PRO F 552 8.60 17.84 -7.44
C PRO F 552 8.51 16.41 -7.91
N TYR F 553 9.30 15.55 -7.26
CA TYR F 553 9.27 14.12 -7.52
C TYR F 553 9.88 13.39 -6.35
N SER F 554 9.60 12.08 -6.28
CA SER F 554 10.04 11.27 -5.16
C SER F 554 11.55 11.06 -5.20
N ALA F 555 12.19 11.22 -4.04
CA ALA F 555 13.60 10.91 -3.88
C ALA F 555 13.83 9.45 -3.54
N GLN F 556 12.76 8.68 -3.37
CA GLN F 556 12.88 7.26 -3.05
C GLN F 556 13.24 6.45 -4.28
N ARG F 557 14.08 5.44 -4.09
CA ARG F 557 14.41 4.52 -5.17
C ARG F 557 13.37 3.42 -5.26
N ARG F 558 13.15 2.94 -6.48
CA ARG F 558 12.09 1.98 -6.75
C ARG F 558 12.51 0.59 -6.30
N GLU F 559 11.62 -0.09 -5.57
CA GLU F 559 11.90 -1.39 -4.97
C GLU F 559 11.85 -2.46 -6.05
N GLY F 560 13.02 -2.95 -6.45
CA GLY F 560 13.14 -3.95 -7.49
C GLY F 560 13.74 -3.42 -8.74
N GLY F 561 14.15 -2.16 -8.75
CA GLY F 561 14.79 -1.57 -9.88
C GLY F 561 16.25 -1.96 -9.97
N LEU F 562 16.84 -1.67 -11.11
CA LEU F 562 18.23 -2.03 -11.34
C LEU F 562 18.78 -1.08 -12.39
N VAL F 563 20.10 -0.97 -12.39
CA VAL F 563 20.83 -0.27 -13.44
C VAL F 563 21.42 -1.34 -14.34
N ASP F 564 20.88 -1.46 -15.55
CA ASP F 564 21.35 -2.49 -16.47
C ASP F 564 22.82 -2.22 -16.81
N PRO F 565 23.70 -3.21 -16.67
CA PRO F 565 25.11 -3.00 -17.06
C PRO F 565 25.29 -2.57 -18.51
N TRP F 566 24.29 -2.76 -19.36
CA TRP F 566 24.38 -2.31 -20.76
C TRP F 566 23.12 -1.54 -21.14
#